data_5H7P
#
_entry.id   5H7P
#
loop_
_entity.id
_entity.type
_entity.pdbx_description
1 polymer 'Vacuolar protein sorting-associated protein VTA1'
2 polymer 'Vacuolar protein-sorting-associated protein 46'
#
loop_
_entity_poly.entity_id
_entity_poly.type
_entity_poly.pdbx_seq_one_letter_code
_entity_poly.pdbx_strand_id
1 'polypeptide(L)'
;MASNAARVVATAKDFDKVGLGIIGYYLQLYAVELILSEEDRSQEMTALATELLDTIEAFKKEIGGESEAEDSDKSLHVMN
TLIHDQEKAKIYMLNFTMSLYNEKLKQLKDGPWDVMLKRSLWCCIDLFSCILHLWKENISETSTNSLQKRIKYCKIYLSK
LAKGEIG
;
A
2 'polypeptide(L)' NVPEIKAKEVNVDDEKEDKLAQRLRALRG B
#
# COMPACT_ATOMS: atom_id res chain seq x y z
N MET A 1 3.33 11.08 -1.03
CA MET A 1 4.74 11.23 -1.47
C MET A 1 5.62 10.22 -0.73
N ALA A 2 6.90 10.46 -0.68
CA ALA A 2 7.80 9.51 0.03
C ALA A 2 7.36 9.38 1.48
N SER A 3 6.99 10.47 2.10
CA SER A 3 6.54 10.40 3.52
C SER A 3 5.26 9.56 3.59
N ASN A 4 4.42 9.65 2.59
CA ASN A 4 3.17 8.85 2.60
C ASN A 4 3.56 7.38 2.69
N ALA A 5 4.56 6.99 1.96
CA ALA A 5 5.01 5.57 1.99
C ALA A 5 5.52 5.24 3.39
N ALA A 6 6.22 6.16 4.01
CA ALA A 6 6.75 5.90 5.37
C ALA A 6 5.58 5.59 6.32
N ARG A 7 4.53 6.36 6.26
CA ARG A 7 3.37 6.09 7.15
C ARG A 7 2.81 4.70 6.84
N VAL A 8 2.78 4.34 5.59
CA VAL A 8 2.27 2.99 5.22
C VAL A 8 3.13 1.92 5.86
N VAL A 9 4.42 2.11 5.88
CA VAL A 9 5.31 1.10 6.50
C VAL A 9 4.93 0.95 7.96
N ALA A 10 4.68 2.04 8.62
CA ALA A 10 4.28 1.95 10.06
C ALA A 10 2.92 1.26 10.16
N THR A 11 1.99 1.65 9.32
CA THR A 11 0.65 1.01 9.36
C THR A 11 0.79 -0.44 8.93
N ALA A 12 1.69 -0.72 8.02
CA ALA A 12 1.87 -2.13 7.58
C ALA A 12 2.26 -2.99 8.78
N LYS A 13 3.13 -2.49 9.62
CA LYS A 13 3.54 -3.27 10.81
C LYS A 13 2.31 -3.47 11.71
N ASP A 14 1.48 -2.48 11.83
CA ASP A 14 0.26 -2.62 12.68
C ASP A 14 -0.59 -3.78 12.16
N PHE A 15 -0.76 -3.86 10.87
CA PHE A 15 -1.58 -4.96 10.29
C PHE A 15 -0.91 -6.31 10.59
N ASP A 16 0.39 -6.37 10.51
CA ASP A 16 1.09 -7.65 10.81
C ASP A 16 0.74 -8.07 12.24
N LYS A 17 0.66 -7.13 13.14
CA LYS A 17 0.31 -7.46 14.54
C LYS A 17 -1.08 -8.08 14.59
N VAL A 18 -1.93 -7.68 13.68
CA VAL A 18 -3.31 -8.24 13.67
C VAL A 18 -3.32 -9.57 12.91
N GLY A 19 -2.27 -9.85 12.17
CA GLY A 19 -2.23 -11.14 11.41
C GLY A 19 -2.86 -10.97 10.03
N LEU A 20 -2.88 -9.76 9.53
CA LEU A 20 -3.48 -9.51 8.18
C LEU A 20 -2.37 -9.52 7.13
N GLY A 21 -1.61 -10.57 7.07
CA GLY A 21 -0.50 -10.65 6.07
C GLY A 21 -1.05 -10.42 4.66
N ILE A 22 -2.29 -10.76 4.43
CA ILE A 22 -2.88 -10.58 3.09
C ILE A 22 -2.80 -9.10 2.68
N ILE A 23 -3.29 -8.22 3.53
CA ILE A 23 -3.23 -6.78 3.21
C ILE A 23 -1.77 -6.35 3.12
N GLY A 24 -0.93 -6.91 3.95
CA GLY A 24 0.51 -6.53 3.93
C GLY A 24 1.09 -6.82 2.54
N TYR A 25 0.82 -7.97 2.00
CA TYR A 25 1.37 -8.29 0.66
C TYR A 25 0.84 -7.29 -0.38
N TYR A 26 -0.44 -7.07 -0.39
CA TYR A 26 -1.03 -6.12 -1.37
C TYR A 26 -0.53 -4.69 -1.13
N LEU A 27 -0.52 -4.25 0.11
CA LEU A 27 -0.06 -2.86 0.39
C LEU A 27 1.44 -2.72 0.08
N GLN A 28 2.22 -3.74 0.33
CA GLN A 28 3.67 -3.63 0.01
C GLN A 28 3.83 -3.42 -1.50
N LEU A 29 3.04 -4.12 -2.29
CA LEU A 29 3.13 -3.93 -3.76
C LEU A 29 2.80 -2.48 -4.09
N TYR A 30 1.85 -1.91 -3.40
CA TYR A 30 1.49 -0.50 -3.65
C TYR A 30 2.67 0.40 -3.25
N ALA A 31 3.36 0.05 -2.19
CA ALA A 31 4.51 0.88 -1.74
C ALA A 31 5.57 0.98 -2.83
N VAL A 32 5.92 -0.11 -3.46
CA VAL A 32 6.95 -0.04 -4.53
C VAL A 32 6.39 0.77 -5.70
N GLU A 33 5.15 0.57 -6.05
CA GLU A 33 4.57 1.35 -7.17
C GLU A 33 4.60 2.84 -6.81
N LEU A 34 4.39 3.15 -5.56
CA LEU A 34 4.40 4.58 -5.14
C LEU A 34 5.79 5.17 -5.33
N ILE A 35 6.82 4.45 -4.97
CA ILE A 35 8.20 4.98 -5.13
C ILE A 35 8.49 5.25 -6.60
N LEU A 36 8.20 4.31 -7.45
CA LEU A 36 8.46 4.51 -8.91
C LEU A 36 7.57 5.65 -9.43
N SER A 37 6.38 5.77 -8.90
CA SER A 37 5.48 6.86 -9.36
C SER A 37 5.81 8.15 -8.60
N GLU A 38 6.78 8.08 -7.72
CA GLU A 38 7.15 9.28 -6.93
C GLU A 38 8.24 10.08 -7.67
N GLU A 39 8.26 11.37 -7.50
CA GLU A 39 9.28 12.20 -8.20
C GLU A 39 10.68 11.69 -7.84
N ASP A 40 11.62 11.87 -8.72
CA ASP A 40 13.01 11.38 -8.45
C ASP A 40 13.55 12.06 -7.18
N ARG A 41 14.11 11.27 -6.29
CA ARG A 41 14.66 11.82 -5.02
C ARG A 41 16.14 11.47 -4.91
N SER A 42 16.82 12.05 -3.96
CA SER A 42 18.27 11.76 -3.80
C SER A 42 18.49 10.26 -3.58
N GLN A 43 19.72 9.83 -3.62
CA GLN A 43 20.01 8.37 -3.44
C GLN A 43 19.44 7.87 -2.12
N GLU A 44 19.30 8.71 -1.14
CA GLU A 44 18.76 8.23 0.16
C GLU A 44 17.46 7.46 -0.08
N MET A 45 16.64 7.94 -0.98
CA MET A 45 15.37 7.22 -1.27
C MET A 45 15.70 5.84 -1.85
N THR A 46 16.71 5.75 -2.66
CA THR A 46 17.08 4.44 -3.25
C THR A 46 17.47 3.48 -2.13
N ALA A 47 18.11 3.97 -1.11
CA ALA A 47 18.50 3.08 0.02
C ALA A 47 17.23 2.54 0.68
N LEU A 48 16.26 3.39 0.88
CA LEU A 48 14.99 2.92 1.51
C LEU A 48 14.32 1.91 0.59
N ALA A 49 14.42 2.11 -0.71
CA ALA A 49 13.80 1.15 -1.66
C ALA A 49 14.44 -0.22 -1.49
N THR A 50 15.73 -0.27 -1.26
CA THR A 50 16.40 -1.58 -1.09
C THR A 50 15.88 -2.25 0.18
N GLU A 51 15.75 -1.50 1.24
CA GLU A 51 15.24 -2.09 2.50
C GLU A 51 13.84 -2.63 2.26
N LEU A 52 13.04 -1.92 1.51
CA LEU A 52 11.66 -2.40 1.21
C LEU A 52 11.76 -3.74 0.48
N LEU A 53 12.71 -3.86 -0.41
CA LEU A 53 12.85 -5.15 -1.16
C LEU A 53 13.11 -6.27 -0.15
N ASP A 54 13.92 -6.00 0.84
CA ASP A 54 14.21 -7.05 1.86
C ASP A 54 12.89 -7.44 2.53
N THR A 55 12.04 -6.48 2.77
CA THR A 55 10.74 -6.78 3.41
C THR A 55 9.94 -7.75 2.54
N ILE A 56 9.98 -7.57 1.25
CA ILE A 56 9.22 -8.49 0.35
C ILE A 56 9.72 -9.92 0.55
N GLU A 57 11.00 -10.13 0.40
CA GLU A 57 11.55 -11.49 0.60
C GLU A 57 11.32 -11.90 2.05
N ALA A 58 11.47 -10.97 2.95
CA ALA A 58 11.26 -11.29 4.39
C ALA A 58 9.77 -11.55 4.61
N PHE A 59 8.91 -10.90 3.87
CA PHE A 59 7.46 -11.12 4.03
C PHE A 59 7.13 -12.59 3.79
N LYS A 60 7.51 -13.12 2.67
CA LYS A 60 7.22 -14.56 2.41
C LYS A 60 7.93 -15.42 3.45
N LYS A 61 9.15 -15.09 3.76
CA LYS A 61 9.91 -15.88 4.78
C LYS A 61 9.53 -15.44 6.19
N GLU A 62 8.70 -14.44 6.30
CA GLU A 62 8.31 -13.96 7.66
C GLU A 62 7.87 -15.13 8.52
N ILE A 63 7.23 -16.10 7.94
CA ILE A 63 6.78 -17.28 8.74
C ILE A 63 7.99 -18.08 9.21
N GLY A 64 9.00 -18.19 8.38
CA GLY A 64 10.21 -18.97 8.78
C GLY A 64 9.87 -20.46 8.79
N GLY A 65 8.63 -20.79 8.58
CA GLY A 65 8.23 -22.22 8.56
C GLY A 65 7.79 -22.65 9.96
N GLU A 66 7.92 -21.78 10.93
CA GLU A 66 7.51 -22.15 12.31
C GLU A 66 5.99 -22.38 12.35
N SER A 67 5.23 -21.50 11.77
CA SER A 67 3.75 -21.66 11.78
C SER A 67 3.39 -22.92 10.98
N GLU A 68 4.14 -23.18 9.94
CA GLU A 68 3.86 -24.38 9.10
C GLU A 68 4.01 -25.66 9.93
N ALA A 69 4.85 -25.62 10.93
CA ALA A 69 5.06 -26.84 11.77
C ALA A 69 3.72 -27.55 12.01
N GLU A 70 2.66 -26.80 12.17
CA GLU A 70 1.34 -27.43 12.39
C GLU A 70 0.44 -27.16 11.17
N ASP A 71 -0.21 -28.16 10.66
CA ASP A 71 -1.08 -27.94 9.47
C ASP A 71 -0.29 -27.20 8.40
N SER A 72 0.89 -27.66 8.09
CA SER A 72 1.72 -26.98 7.07
C SER A 72 0.98 -26.89 5.75
N ASP A 73 0.22 -27.91 5.41
CA ASP A 73 -0.53 -27.88 4.13
C ASP A 73 -1.52 -26.72 4.12
N LYS A 74 -2.23 -26.53 5.21
CA LYS A 74 -3.22 -25.42 5.27
C LYS A 74 -2.50 -24.07 5.16
N SER A 75 -1.39 -23.92 5.80
CA SER A 75 -0.66 -22.63 5.73
C SER A 75 -0.28 -22.31 4.29
N LEU A 76 0.17 -23.27 3.55
CA LEU A 76 0.56 -23.02 2.14
C LEU A 76 -0.68 -22.64 1.33
N HIS A 77 -1.79 -23.29 1.56
CA HIS A 77 -3.03 -22.95 0.80
C HIS A 77 -3.45 -21.51 1.07
N VAL A 78 -3.44 -21.11 2.31
CA VAL A 78 -3.86 -19.71 2.65
C VAL A 78 -2.82 -18.72 2.13
N MET A 79 -1.57 -18.94 2.43
CA MET A 79 -0.50 -18.01 1.98
C MET A 79 -0.34 -18.07 0.45
N ASN A 80 -0.28 -19.25 -0.10
CA ASN A 80 -0.08 -19.38 -1.57
C ASN A 80 -1.32 -18.91 -2.35
N THR A 81 -2.48 -19.32 -1.93
CA THR A 81 -3.71 -18.92 -2.67
C THR A 81 -3.94 -17.40 -2.64
N LEU A 82 -3.85 -16.79 -1.50
CA LEU A 82 -4.11 -15.33 -1.41
C LEU A 82 -2.97 -14.52 -2.04
N ILE A 83 -1.75 -14.98 -1.93
CA ILE A 83 -0.61 -14.22 -2.50
C ILE A 83 -0.51 -14.43 -4.02
N HIS A 84 -0.68 -15.64 -4.48
CA HIS A 84 -0.55 -15.91 -5.95
C HIS A 84 -1.78 -15.41 -6.70
N ASP A 85 -2.96 -15.64 -6.19
CA ASP A 85 -4.18 -15.20 -6.92
C ASP A 85 -4.45 -13.71 -6.64
N GLN A 86 -4.21 -12.88 -7.62
CA GLN A 86 -4.44 -11.42 -7.45
C GLN A 86 -5.92 -11.16 -7.16
N GLU A 87 -6.79 -11.84 -7.85
CA GLU A 87 -8.25 -11.62 -7.62
C GLU A 87 -8.60 -11.96 -6.17
N LYS A 88 -8.04 -13.02 -5.66
CA LYS A 88 -8.31 -13.41 -4.25
C LYS A 88 -7.83 -12.28 -3.34
N ALA A 89 -6.78 -11.62 -3.72
CA ALA A 89 -6.25 -10.51 -2.87
C ALA A 89 -7.27 -9.36 -2.84
N LYS A 90 -7.81 -9.00 -3.96
CA LYS A 90 -8.78 -7.86 -3.97
C LYS A 90 -10.03 -8.17 -3.14
N ILE A 91 -10.64 -9.31 -3.33
CA ILE A 91 -11.86 -9.62 -2.55
C ILE A 91 -11.50 -9.61 -1.06
N TYR A 92 -10.35 -10.12 -0.71
CA TYR A 92 -9.97 -10.11 0.72
C TYR A 92 -9.88 -8.65 1.19
N MET A 93 -9.34 -7.80 0.35
CA MET A 93 -9.23 -6.36 0.72
C MET A 93 -10.61 -5.74 0.82
N LEU A 94 -11.49 -6.04 -0.10
CA LEU A 94 -12.85 -5.44 -0.03
C LEU A 94 -13.52 -5.88 1.28
N ASN A 95 -13.31 -7.09 1.69
CA ASN A 95 -13.93 -7.56 2.96
C ASN A 95 -13.38 -6.77 4.15
N PHE A 96 -12.09 -6.65 4.24
CA PHE A 96 -11.48 -5.89 5.37
C PHE A 96 -11.56 -4.40 5.08
N THR A 97 -11.13 -4.01 3.91
CA THR A 97 -11.16 -2.56 3.56
C THR A 97 -12.58 -2.03 3.71
N MET A 98 -13.56 -2.77 3.26
CA MET A 98 -14.96 -2.28 3.40
C MET A 98 -15.36 -2.25 4.88
N SER A 99 -15.06 -3.31 5.59
CA SER A 99 -15.41 -3.35 7.03
C SER A 99 -14.59 -2.30 7.78
N LEU A 100 -13.37 -2.08 7.37
CA LEU A 100 -12.53 -1.06 8.07
C LEU A 100 -13.15 0.32 7.91
N TYR A 101 -13.66 0.62 6.74
CA TYR A 101 -14.27 1.95 6.52
C TYR A 101 -15.53 2.12 7.38
N ASN A 102 -16.41 1.16 7.37
CA ASN A 102 -17.64 1.28 8.19
C ASN A 102 -17.28 1.38 9.67
N GLU A 103 -16.41 0.53 10.13
CA GLU A 103 -16.01 0.58 11.56
C GLU A 103 -15.30 1.90 11.83
N LYS A 104 -14.54 2.38 10.89
CA LYS A 104 -13.83 3.66 11.10
C LYS A 104 -14.86 4.79 11.31
N LEU A 105 -15.93 4.79 10.55
CA LEU A 105 -16.95 5.85 10.73
C LEU A 105 -17.48 5.77 12.16
N LYS A 106 -17.74 4.59 12.65
CA LYS A 106 -18.25 4.46 14.03
C LYS A 106 -17.21 5.04 15.00
N GLN A 107 -15.95 4.85 14.73
CA GLN A 107 -14.89 5.39 15.63
C GLN A 107 -14.98 6.92 15.63
N LEU A 108 -15.22 7.52 14.50
CA LEU A 108 -15.30 9.01 14.45
C LEU A 108 -16.51 9.46 15.28
N LYS A 109 -17.58 8.72 15.22
CA LYS A 109 -18.80 9.09 15.98
C LYS A 109 -18.64 8.72 17.46
N ASP A 110 -18.30 7.49 17.73
CA ASP A 110 -18.15 7.05 19.14
C ASP A 110 -16.76 7.40 19.66
N GLY A 111 -15.81 7.57 18.79
CA GLY A 111 -14.42 7.90 19.24
C GLY A 111 -14.13 9.39 19.02
N PRO A 112 -13.22 9.94 19.78
CA PRO A 112 -12.82 11.37 19.68
C PRO A 112 -12.08 11.67 18.38
N TRP A 113 -12.13 12.89 17.92
CA TRP A 113 -11.43 13.23 16.66
C TRP A 113 -10.01 13.71 16.98
N ASP A 114 -9.02 13.09 16.41
CA ASP A 114 -7.62 13.50 16.68
C ASP A 114 -6.84 13.54 15.37
N VAL A 115 -5.65 14.09 15.38
CA VAL A 115 -4.84 14.16 14.14
C VAL A 115 -4.56 12.75 13.62
N MET A 116 -4.44 11.80 14.52
CA MET A 116 -4.16 10.41 14.09
C MET A 116 -5.29 9.93 13.18
N LEU A 117 -6.50 10.32 13.47
CA LEU A 117 -7.64 9.89 12.60
C LEU A 117 -7.45 10.48 11.20
N LYS A 118 -6.99 11.69 11.11
CA LYS A 118 -6.78 12.31 9.78
C LYS A 118 -5.79 11.47 8.98
N ARG A 119 -4.73 11.04 9.60
CA ARG A 119 -3.74 10.21 8.89
C ARG A 119 -4.40 8.91 8.42
N SER A 120 -5.25 8.35 9.23
CA SER A 120 -5.93 7.09 8.83
C SER A 120 -6.87 7.35 7.65
N LEU A 121 -7.48 8.50 7.60
CA LEU A 121 -8.39 8.80 6.46
C LEU A 121 -7.57 8.85 5.16
N TRP A 122 -6.40 9.42 5.19
CA TRP A 122 -5.57 9.47 3.96
C TRP A 122 -5.19 8.05 3.54
N CYS A 123 -4.86 7.22 4.50
CA CYS A 123 -4.48 5.82 4.16
C CYS A 123 -5.70 5.05 3.64
N CYS A 124 -6.84 5.22 4.27
CA CYS A 124 -8.05 4.50 3.81
C CYS A 124 -8.34 4.85 2.35
N ILE A 125 -8.32 6.11 2.01
CA ILE A 125 -8.58 6.50 0.60
C ILE A 125 -7.52 5.86 -0.29
N ASP A 126 -6.31 5.80 0.16
CA ASP A 126 -5.24 5.17 -0.66
C ASP A 126 -5.60 3.72 -0.96
N LEU A 127 -6.15 3.03 0.00
CA LEU A 127 -6.52 1.60 -0.24
C LEU A 127 -7.59 1.53 -1.33
N PHE A 128 -8.58 2.38 -1.27
CA PHE A 128 -9.65 2.36 -2.30
C PHE A 128 -9.09 2.88 -3.63
N SER A 129 -8.33 3.94 -3.59
CA SER A 129 -7.77 4.50 -4.85
C SER A 129 -6.80 3.50 -5.49
N CYS A 130 -6.08 2.76 -4.68
CA CYS A 130 -5.11 1.77 -5.23
C CYS A 130 -5.86 0.64 -5.92
N ILE A 131 -6.83 0.06 -5.25
CA ILE A 131 -7.60 -1.05 -5.86
C ILE A 131 -8.35 -0.55 -7.09
N LEU A 132 -9.06 0.53 -6.94
CA LEU A 132 -9.84 1.07 -8.09
C LEU A 132 -8.91 1.47 -9.23
N HIS A 133 -7.79 2.07 -8.91
CA HIS A 133 -6.85 2.49 -10.00
C HIS A 133 -6.37 1.29 -10.80
N LEU A 134 -5.93 0.26 -10.14
CA LEU A 134 -5.44 -0.95 -10.88
C LEU A 134 -6.61 -1.64 -11.58
N TRP A 135 -7.71 -1.79 -10.91
CA TRP A 135 -8.88 -2.47 -11.54
C TRP A 135 -9.74 -1.47 -12.30
N LYS A 136 -9.33 -0.23 -12.39
CA LYS A 136 -10.14 0.79 -13.12
C LYS A 136 -10.48 0.27 -14.51
N GLU A 137 -9.57 -0.41 -15.15
CA GLU A 137 -9.84 -0.92 -16.51
C GLU A 137 -10.97 -1.96 -16.45
N ASN A 138 -11.16 -2.58 -15.32
CA ASN A 138 -12.23 -3.60 -15.18
C ASN A 138 -13.52 -2.97 -14.70
N ILE A 139 -13.52 -1.69 -14.42
CA ILE A 139 -14.77 -1.02 -13.94
C ILE A 139 -15.37 -0.20 -15.08
N SER A 140 -16.67 -0.14 -15.16
CA SER A 140 -17.32 0.65 -16.24
C SER A 140 -17.25 2.14 -15.88
N GLU A 141 -17.30 3.01 -16.86
CA GLU A 141 -17.21 4.47 -16.55
C GLU A 141 -18.33 4.86 -15.59
N THR A 142 -19.52 4.36 -15.79
CA THR A 142 -20.63 4.72 -14.86
C THR A 142 -20.41 4.03 -13.52
N SER A 143 -20.01 2.78 -13.53
CA SER A 143 -19.78 2.07 -12.26
C SER A 143 -18.70 2.82 -11.47
N THR A 144 -17.71 3.32 -12.16
CA THR A 144 -16.64 4.09 -11.47
C THR A 144 -17.26 5.35 -10.89
N ASN A 145 -18.17 5.96 -11.61
CA ASN A 145 -18.81 7.20 -11.10
C ASN A 145 -19.43 6.94 -9.73
N SER A 146 -20.13 5.85 -9.58
CA SER A 146 -20.75 5.55 -8.25
C SER A 146 -19.66 5.37 -7.20
N LEU A 147 -18.65 4.62 -7.52
CA LEU A 147 -17.55 4.40 -6.54
C LEU A 147 -16.84 5.72 -6.28
N GLN A 148 -16.61 6.50 -7.31
CA GLN A 148 -15.91 7.79 -7.12
C GLN A 148 -16.74 8.68 -6.19
N LYS A 149 -18.03 8.66 -6.31
CA LYS A 149 -18.87 9.49 -5.41
C LYS A 149 -18.65 9.02 -3.97
N ARG A 150 -18.55 7.74 -3.76
CA ARG A 150 -18.33 7.23 -2.38
C ARG A 150 -17.02 7.83 -1.85
N ILE A 151 -16.03 7.92 -2.67
CA ILE A 151 -14.73 8.50 -2.23
C ILE A 151 -14.96 9.94 -1.80
N LYS A 152 -15.76 10.66 -2.54
CA LYS A 152 -16.03 12.08 -2.18
C LYS A 152 -16.60 12.13 -0.76
N TYR A 153 -17.49 11.24 -0.43
CA TYR A 153 -18.07 11.23 0.93
C TYR A 153 -16.94 11.04 1.95
N CYS A 154 -16.05 10.13 1.69
CA CYS A 154 -14.92 9.91 2.63
C CYS A 154 -14.05 11.17 2.64
N LYS A 155 -13.71 11.66 1.47
CA LYS A 155 -12.88 12.90 1.39
C LYS A 155 -13.65 14.05 2.03
N ILE A 156 -14.95 14.06 1.89
CA ILE A 156 -15.75 15.15 2.48
C ILE A 156 -15.50 15.21 3.99
N TYR A 157 -15.54 14.10 4.66
CA TYR A 157 -15.28 14.12 6.12
C TYR A 157 -13.84 14.59 6.33
N LEU A 158 -12.95 14.15 5.49
CA LEU A 158 -11.53 14.56 5.61
C LEU A 158 -11.41 16.08 5.44
N SER A 159 -12.12 16.64 4.49
CA SER A 159 -12.04 18.11 4.26
C SER A 159 -12.63 18.85 5.47
N LYS A 160 -13.70 18.36 6.03
CA LYS A 160 -14.30 19.04 7.20
C LYS A 160 -13.29 19.05 8.36
N LEU A 161 -12.55 17.98 8.52
CA LEU A 161 -11.54 17.94 9.60
C LEU A 161 -10.44 18.95 9.30
N ALA A 162 -10.12 19.12 8.05
CA ALA A 162 -9.05 20.10 7.68
C ALA A 162 -9.49 21.50 8.10
N LYS A 163 -10.75 21.81 7.96
CA LYS A 163 -11.23 23.16 8.36
C LYS A 163 -11.48 23.18 9.88
N GLY A 164 -11.49 22.03 10.50
CA GLY A 164 -11.71 21.99 11.97
C GLY A 164 -13.21 21.87 12.26
N GLU A 165 -14.02 21.87 11.23
CA GLU A 165 -15.49 21.77 11.45
C GLU A 165 -15.93 20.30 11.34
N ILE A 166 -16.96 19.93 12.04
CA ILE A 166 -17.46 18.52 11.98
C ILE A 166 -18.87 18.50 11.40
N GLY A 167 -19.14 17.58 10.52
CA GLY A 167 -20.51 17.50 9.92
C GLY A 167 -21.56 17.73 11.00
N ASN B 1 33.43 25.52 -11.51
CA ASN B 1 34.59 25.84 -12.40
C ASN B 1 34.19 25.60 -13.86
N VAL B 2 33.50 24.53 -14.13
CA VAL B 2 33.08 24.23 -15.52
C VAL B 2 31.58 24.53 -15.68
N PRO B 3 31.21 25.53 -16.47
CA PRO B 3 29.77 25.87 -16.68
C PRO B 3 28.95 24.65 -17.08
N GLU B 4 29.58 23.64 -17.65
CA GLU B 4 28.82 22.43 -18.06
C GLU B 4 28.10 21.84 -16.85
N ILE B 5 26.92 21.32 -17.05
CA ILE B 5 26.17 20.72 -15.91
C ILE B 5 26.00 19.21 -16.14
N LYS B 6 26.26 18.42 -15.14
CA LYS B 6 26.11 16.94 -15.30
C LYS B 6 24.67 16.54 -14.98
N ALA B 7 24.15 15.55 -15.65
CA ALA B 7 22.76 15.10 -15.38
C ALA B 7 22.66 14.59 -13.94
N LYS B 8 21.57 14.88 -13.28
CA LYS B 8 21.41 14.40 -11.88
C LYS B 8 21.48 12.87 -11.85
N GLU B 9 21.00 12.24 -12.88
CA GLU B 9 21.04 10.74 -12.91
C GLU B 9 22.19 10.27 -13.78
N VAL B 10 22.61 9.04 -13.62
CA VAL B 10 23.74 8.52 -14.44
C VAL B 10 23.32 7.19 -15.09
N ASN B 11 23.82 6.93 -16.27
CA ASN B 11 23.45 5.67 -16.98
C ASN B 11 23.72 4.46 -16.09
N VAL B 12 24.78 4.49 -15.32
CA VAL B 12 25.09 3.30 -14.45
C VAL B 12 23.94 3.08 -13.46
N ASP B 13 23.45 4.13 -12.83
CA ASP B 13 22.34 3.95 -11.87
C ASP B 13 21.10 3.45 -12.63
N ASP B 14 20.92 3.91 -13.84
CA ASP B 14 19.72 3.48 -14.63
C ASP B 14 19.69 1.96 -14.79
N GLU B 15 20.81 1.36 -15.12
CA GLU B 15 20.82 -0.12 -15.30
C GLU B 15 20.64 -0.82 -13.95
N LYS B 16 21.32 -0.38 -12.93
CA LYS B 16 21.16 -1.06 -11.61
C LYS B 16 19.69 -1.01 -11.18
N GLU B 17 19.04 0.11 -11.38
CA GLU B 17 17.62 0.21 -10.98
C GLU B 17 16.79 -0.73 -11.87
N ASP B 18 17.15 -0.86 -13.11
CA ASP B 18 16.39 -1.77 -14.02
C ASP B 18 16.45 -3.19 -13.46
N LYS B 19 17.60 -3.61 -13.00
CA LYS B 19 17.71 -4.98 -12.44
C LYS B 19 16.78 -5.12 -11.24
N LEU B 20 16.77 -4.14 -10.37
CA LEU B 20 15.87 -4.21 -9.18
C LEU B 20 14.42 -4.28 -9.66
N ALA B 21 14.09 -3.51 -10.66
CA ALA B 21 12.69 -3.53 -11.17
C ALA B 21 12.39 -4.90 -11.77
N GLN B 22 13.36 -5.51 -12.40
CA GLN B 22 13.11 -6.86 -13.01
C GLN B 22 12.82 -7.86 -11.90
N ARG B 23 13.45 -7.74 -10.77
CA ARG B 23 13.19 -8.70 -9.66
C ARG B 23 11.75 -8.52 -9.18
N LEU B 24 11.31 -7.29 -9.04
CA LEU B 24 9.91 -7.06 -8.57
C LEU B 24 8.93 -7.60 -9.60
N ARG B 25 9.14 -7.31 -10.85
CA ARG B 25 8.22 -7.81 -11.90
C ARG B 25 8.23 -9.34 -11.88
N ALA B 26 9.38 -9.93 -11.65
CA ALA B 26 9.45 -11.41 -11.60
C ALA B 26 8.65 -11.88 -10.38
N LEU B 27 8.68 -11.12 -9.32
CA LEU B 27 7.93 -11.51 -8.10
C LEU B 27 6.44 -11.60 -8.45
N ARG B 28 5.96 -10.70 -9.27
CA ARG B 28 4.52 -10.73 -9.64
C ARG B 28 4.33 -11.65 -10.86
N GLY B 29 5.41 -12.07 -11.47
CA GLY B 29 5.29 -12.97 -12.65
C GLY B 29 5.56 -14.42 -12.22
N MET A 1 5.18 11.19 2.50
CA MET A 1 6.60 11.27 2.10
C MET A 1 7.33 10.00 2.55
N ALA A 2 8.64 10.01 2.58
CA ALA A 2 9.38 8.80 3.01
C ALA A 2 8.94 8.41 4.42
N SER A 3 8.74 9.39 5.27
CA SER A 3 8.30 9.06 6.66
C SER A 3 6.93 8.39 6.61
N ASN A 4 6.07 8.84 5.73
CA ASN A 4 4.73 8.21 5.63
C ASN A 4 4.93 6.73 5.33
N ALA A 5 5.88 6.42 4.50
CA ALA A 5 6.14 4.99 4.17
C ALA A 5 6.60 4.27 5.43
N ALA A 6 7.40 4.93 6.24
CA ALA A 6 7.88 4.29 7.50
C ALA A 6 6.68 3.95 8.37
N ARG A 7 5.72 4.84 8.47
CA ARG A 7 4.52 4.55 9.30
C ARG A 7 3.83 3.30 8.75
N VAL A 8 3.76 3.19 7.45
CA VAL A 8 3.10 2.00 6.85
C VAL A 8 3.86 0.75 7.27
N VAL A 9 5.17 0.83 7.33
CA VAL A 9 5.95 -0.37 7.74
C VAL A 9 5.53 -0.77 9.14
N ALA A 10 5.32 0.20 10.00
CA ALA A 10 4.88 -0.12 11.38
C ALA A 10 3.47 -0.72 11.34
N THR A 11 2.60 -0.13 10.56
CA THR A 11 1.22 -0.66 10.47
C THR A 11 1.29 -2.05 9.83
N ALA A 12 2.19 -2.26 8.90
CA ALA A 12 2.32 -3.59 8.26
C ALA A 12 2.62 -4.62 9.35
N LYS A 13 3.48 -4.29 10.27
CA LYS A 13 3.80 -5.24 11.37
C LYS A 13 2.52 -5.53 12.13
N ASP A 14 1.69 -4.54 12.33
CA ASP A 14 0.42 -4.77 13.08
C ASP A 14 -0.39 -5.84 12.35
N PHE A 15 -0.42 -5.79 11.05
CA PHE A 15 -1.18 -6.83 10.29
C PHE A 15 -0.59 -8.20 10.55
N ASP A 16 0.71 -8.31 10.59
CA ASP A 16 1.35 -9.63 10.85
C ASP A 16 0.86 -10.15 12.21
N LYS A 17 0.73 -9.28 13.16
CA LYS A 17 0.26 -9.71 14.51
C LYS A 17 -1.16 -10.29 14.38
N VAL A 18 -1.94 -9.78 13.48
CA VAL A 18 -3.32 -10.29 13.30
C VAL A 18 -3.30 -11.52 12.39
N GLY A 19 -2.22 -11.76 11.71
CA GLY A 19 -2.13 -12.95 10.82
C GLY A 19 -2.64 -12.57 9.42
N LEU A 20 -2.88 -11.31 9.20
CA LEU A 20 -3.37 -10.87 7.87
C LEU A 20 -2.19 -10.36 7.03
N GLY A 21 -1.18 -11.16 6.89
CA GLY A 21 0.01 -10.74 6.11
C GLY A 21 -0.40 -10.32 4.70
N ILE A 22 -1.52 -10.78 4.23
CA ILE A 22 -1.96 -10.41 2.86
C ILE A 22 -2.07 -8.89 2.74
N ILE A 23 -2.73 -8.26 3.68
CA ILE A 23 -2.86 -6.78 3.61
C ILE A 23 -1.49 -6.15 3.72
N GLY A 24 -0.66 -6.65 4.61
CA GLY A 24 0.70 -6.09 4.77
C GLY A 24 1.47 -6.21 3.46
N TYR A 25 1.28 -7.29 2.75
CA TYR A 25 2.01 -7.46 1.46
C TYR A 25 1.59 -6.38 0.46
N TYR A 26 0.31 -6.16 0.32
CA TYR A 26 -0.16 -5.14 -0.67
C TYR A 26 0.39 -3.76 -0.33
N LEU A 27 0.32 -3.34 0.91
CA LEU A 27 0.83 -1.98 1.25
C LEU A 27 2.35 -1.93 1.06
N GLN A 28 3.06 -3.00 1.32
CA GLN A 28 4.54 -2.96 1.11
C GLN A 28 4.81 -2.64 -0.35
N LEU A 29 4.05 -3.22 -1.25
CA LEU A 29 4.26 -2.92 -2.69
C LEU A 29 4.04 -1.42 -2.88
N TYR A 30 3.03 -0.89 -2.25
CA TYR A 30 2.76 0.56 -2.36
C TYR A 30 3.92 1.34 -1.73
N ALA A 31 4.50 0.83 -0.69
CA ALA A 31 5.63 1.54 -0.02
C ALA A 31 6.76 1.76 -1.03
N VAL A 32 7.11 0.77 -1.80
CA VAL A 32 8.20 0.97 -2.81
C VAL A 32 7.71 1.95 -3.86
N GLU A 33 6.49 1.84 -4.28
CA GLU A 33 5.98 2.80 -5.30
C GLU A 33 6.04 4.22 -4.73
N LEU A 34 5.80 4.35 -3.45
CA LEU A 34 5.84 5.70 -2.81
C LEU A 34 7.27 6.25 -2.88
N ILE A 35 8.25 5.43 -2.62
CA ILE A 35 9.66 5.91 -2.66
C ILE A 35 10.00 6.42 -4.07
N LEU A 36 9.69 5.65 -5.07
CA LEU A 36 10.00 6.08 -6.45
C LEU A 36 9.16 7.32 -6.81
N SER A 37 7.97 7.40 -6.31
CA SER A 37 7.10 8.59 -6.61
C SER A 37 7.47 9.73 -5.65
N GLU A 38 8.41 9.50 -4.78
CA GLU A 38 8.81 10.57 -3.81
C GLU A 38 10.05 11.29 -4.34
N GLU A 39 10.19 12.56 -4.00
CA GLU A 39 11.37 13.33 -4.49
C GLU A 39 12.66 12.61 -4.06
N ASP A 40 13.69 12.75 -4.85
CA ASP A 40 14.98 12.06 -4.52
C ASP A 40 15.49 12.53 -3.15
N ARG A 41 15.99 11.61 -2.37
CA ARG A 41 16.51 11.96 -1.02
C ARG A 41 17.97 11.52 -0.91
N SER A 42 18.64 11.92 0.13
CA SER A 42 20.08 11.55 0.29
C SER A 42 20.23 10.03 0.25
N GLN A 43 21.44 9.56 0.10
CA GLN A 43 21.69 8.09 0.03
C GLN A 43 21.15 7.37 1.27
N GLU A 44 21.14 8.03 2.40
CA GLU A 44 20.64 7.36 3.62
C GLU A 44 19.22 6.82 3.38
N MET A 45 18.40 7.58 2.69
CA MET A 45 17.02 7.10 2.42
C MET A 45 17.11 5.87 1.52
N THR A 46 18.03 5.85 0.60
CA THR A 46 18.17 4.69 -0.31
C THR A 46 18.46 3.43 0.51
N ALA A 47 19.29 3.55 1.52
CA ALA A 47 19.60 2.36 2.36
C ALA A 47 18.32 1.89 3.04
N LEU A 48 17.55 2.80 3.57
CA LEU A 48 16.28 2.40 4.24
C LEU A 48 15.37 1.71 3.21
N ALA A 49 15.34 2.22 2.02
CA ALA A 49 14.48 1.59 0.96
C ALA A 49 14.96 0.17 0.72
N THR A 50 16.25 -0.05 0.72
CA THR A 50 16.78 -1.41 0.50
C THR A 50 16.25 -2.34 1.60
N GLU A 51 16.21 -1.86 2.81
CA GLU A 51 15.70 -2.70 3.93
C GLU A 51 14.25 -3.08 3.65
N LEU A 52 13.47 -2.17 3.12
CA LEU A 52 12.05 -2.48 2.82
C LEU A 52 11.99 -3.60 1.79
N LEU A 53 12.84 -3.56 0.81
CA LEU A 53 12.84 -4.63 -0.22
C LEU A 53 13.10 -5.98 0.47
N ASP A 54 14.00 -5.98 1.41
CA ASP A 54 14.29 -7.25 2.14
C ASP A 54 13.02 -7.73 2.82
N THR A 55 12.25 -6.82 3.34
CA THR A 55 10.99 -7.21 4.02
C THR A 55 10.07 -7.93 3.03
N ILE A 56 9.97 -7.45 1.83
CA ILE A 56 9.11 -8.13 0.84
C ILE A 56 9.58 -9.58 0.68
N GLU A 57 10.85 -9.76 0.42
CA GLU A 57 11.37 -11.14 0.29
C GLU A 57 11.17 -11.84 1.63
N ALA A 58 11.32 -11.11 2.71
CA ALA A 58 11.12 -11.72 4.05
C ALA A 58 9.64 -12.08 4.20
N PHE A 59 8.76 -11.32 3.59
CA PHE A 59 7.31 -11.63 3.70
C PHE A 59 7.07 -13.04 3.16
N LYS A 60 7.55 -13.32 1.97
CA LYS A 60 7.35 -14.68 1.41
C LYS A 60 8.05 -15.69 2.32
N LYS A 61 9.21 -15.35 2.83
CA LYS A 61 9.96 -16.27 3.73
C LYS A 61 9.40 -16.15 5.15
N GLU A 62 8.45 -15.29 5.36
CA GLU A 62 7.88 -15.12 6.73
C GLU A 62 7.55 -16.48 7.34
N ILE A 63 7.14 -17.42 6.54
CA ILE A 63 6.80 -18.76 7.10
C ILE A 63 8.08 -19.44 7.61
N GLY A 64 9.16 -19.31 6.89
CA GLY A 64 10.43 -19.95 7.34
C GLY A 64 10.33 -21.46 7.19
N GLY A 65 9.16 -21.95 6.82
CA GLY A 65 8.98 -23.41 6.64
C GLY A 65 8.50 -24.04 7.96
N GLU A 66 8.43 -23.26 9.00
CA GLU A 66 7.97 -23.82 10.31
C GLU A 66 6.51 -24.21 10.18
N SER A 67 5.71 -23.34 9.63
CA SER A 67 4.27 -23.64 9.46
C SER A 67 4.11 -24.77 8.45
N GLU A 68 5.01 -24.87 7.51
CA GLU A 68 4.92 -25.95 6.49
C GLU A 68 5.01 -27.31 7.15
N ALA A 69 5.67 -27.40 8.28
CA ALA A 69 5.80 -28.71 8.97
C ALA A 69 4.41 -29.28 9.29
N GLU A 70 3.47 -28.43 9.64
CA GLU A 70 2.10 -28.92 9.96
C GLU A 70 1.07 -28.24 9.05
N ASP A 71 0.10 -28.98 8.58
CA ASP A 71 -0.93 -28.37 7.70
C ASP A 71 -0.24 -27.55 6.60
N SER A 72 0.79 -28.10 6.02
CA SER A 72 1.53 -27.34 4.96
C SER A 72 0.61 -27.09 3.76
N ASP A 73 -0.16 -28.06 3.37
CA ASP A 73 -1.06 -27.86 2.20
C ASP A 73 -2.05 -26.72 2.49
N LYS A 74 -2.62 -26.71 3.65
CA LYS A 74 -3.59 -25.63 3.99
C LYS A 74 -2.87 -24.29 4.17
N SER A 75 -1.76 -24.28 4.85
CA SER A 75 -1.03 -22.99 5.06
C SER A 75 -0.59 -22.41 3.72
N LEU A 76 -0.05 -23.22 2.86
CA LEU A 76 0.39 -22.70 1.53
C LEU A 76 -0.81 -22.30 0.69
N HIS A 77 -1.88 -23.05 0.76
CA HIS A 77 -3.08 -22.72 -0.06
C HIS A 77 -3.57 -21.31 0.28
N VAL A 78 -3.65 -20.98 1.54
CA VAL A 78 -4.15 -19.62 1.90
C VAL A 78 -3.12 -18.56 1.49
N MET A 79 -1.88 -18.74 1.84
CA MET A 79 -0.85 -17.73 1.47
C MET A 79 -0.62 -17.72 -0.04
N ASN A 80 -0.48 -18.86 -0.65
CA ASN A 80 -0.24 -18.88 -2.12
C ASN A 80 -1.47 -18.43 -2.90
N THR A 81 -2.63 -18.88 -2.52
CA THR A 81 -3.86 -18.49 -3.25
C THR A 81 -4.10 -16.98 -3.18
N LEU A 82 -4.01 -16.39 -2.02
CA LEU A 82 -4.25 -14.93 -1.91
C LEU A 82 -3.10 -14.13 -2.50
N ILE A 83 -1.89 -14.61 -2.36
CA ILE A 83 -0.72 -13.86 -2.90
C ILE A 83 -0.56 -14.08 -4.41
N HIS A 84 -0.72 -15.29 -4.87
CA HIS A 84 -0.54 -15.55 -6.33
C HIS A 84 -1.71 -14.97 -7.14
N ASP A 85 -2.92 -15.21 -6.74
CA ASP A 85 -4.08 -14.67 -7.51
C ASP A 85 -4.29 -13.19 -7.18
N GLN A 86 -4.03 -12.33 -8.13
CA GLN A 86 -4.22 -10.88 -7.89
C GLN A 86 -5.69 -10.59 -7.59
N GLU A 87 -6.59 -11.28 -8.23
CA GLU A 87 -8.04 -11.04 -7.98
C GLU A 87 -8.35 -11.29 -6.51
N LYS A 88 -7.81 -12.31 -5.93
CA LYS A 88 -8.07 -12.59 -4.49
C LYS A 88 -7.55 -11.42 -3.67
N ALA A 89 -6.46 -10.82 -4.09
CA ALA A 89 -5.91 -9.67 -3.33
C ALA A 89 -6.83 -8.46 -3.50
N LYS A 90 -7.31 -8.23 -4.69
CA LYS A 90 -8.20 -7.06 -4.92
C LYS A 90 -9.47 -7.19 -4.08
N ILE A 91 -10.10 -8.34 -4.12
CA ILE A 91 -11.34 -8.54 -3.33
C ILE A 91 -10.98 -8.61 -1.85
N TYR A 92 -9.96 -9.34 -1.49
CA TYR A 92 -9.57 -9.42 -0.07
C TYR A 92 -9.19 -8.02 0.41
N MET A 93 -8.41 -7.30 -0.35
CA MET A 93 -8.03 -5.92 0.05
C MET A 93 -9.27 -5.03 0.05
N LEU A 94 -10.13 -5.20 -0.93
CA LEU A 94 -11.35 -4.36 -0.98
C LEU A 94 -12.23 -4.65 0.24
N ASN A 95 -12.36 -5.90 0.60
CA ASN A 95 -13.21 -6.25 1.78
C ASN A 95 -12.64 -5.61 3.04
N PHE A 96 -11.35 -5.65 3.21
CA PHE A 96 -10.74 -5.04 4.43
C PHE A 96 -10.97 -3.54 4.41
N THR A 97 -10.75 -2.91 3.29
CA THR A 97 -10.96 -1.43 3.22
C THR A 97 -12.42 -1.09 3.52
N MET A 98 -13.33 -1.86 2.99
CA MET A 98 -14.77 -1.57 3.26
C MET A 98 -15.01 -1.65 4.77
N SER A 99 -14.41 -2.60 5.43
CA SER A 99 -14.61 -2.72 6.90
C SER A 99 -14.09 -1.46 7.58
N LEU A 100 -12.98 -0.93 7.13
CA LEU A 100 -12.44 0.30 7.77
C LEU A 100 -13.40 1.47 7.51
N TYR A 101 -13.98 1.53 6.34
CA TYR A 101 -14.91 2.65 6.04
C TYR A 101 -16.06 2.66 7.03
N ASN A 102 -16.67 1.54 7.27
CA ASN A 102 -17.81 1.51 8.23
C ASN A 102 -17.33 1.84 9.64
N GLU A 103 -16.23 1.27 10.06
CA GLU A 103 -15.72 1.54 11.43
C GLU A 103 -15.35 3.00 11.59
N LYS A 104 -14.72 3.59 10.61
CA LYS A 104 -14.34 5.02 10.75
C LYS A 104 -15.60 5.89 10.86
N LEU A 105 -16.61 5.63 10.09
CA LEU A 105 -17.84 6.46 10.19
C LEU A 105 -18.36 6.41 11.63
N LYS A 106 -18.43 5.25 12.22
CA LYS A 106 -18.93 5.16 13.61
C LYS A 106 -18.01 5.96 14.53
N GLN A 107 -16.72 5.90 14.31
CA GLN A 107 -15.78 6.65 15.18
C GLN A 107 -16.00 8.16 15.02
N LEU A 108 -16.27 8.62 13.82
CA LEU A 108 -16.50 10.07 13.62
C LEU A 108 -17.76 10.51 14.37
N LYS A 109 -18.76 9.68 14.40
CA LYS A 109 -20.03 10.06 15.10
C LYS A 109 -19.87 9.92 16.62
N ASP A 110 -19.45 8.78 17.08
CA ASP A 110 -19.30 8.57 18.54
C ASP A 110 -17.84 8.75 18.97
N GLY A 111 -16.92 8.59 18.07
CA GLY A 111 -15.48 8.73 18.46
C GLY A 111 -15.03 10.19 18.29
N PRO A 112 -14.06 10.61 19.06
CA PRO A 112 -13.51 11.99 19.00
C PRO A 112 -12.70 12.23 17.72
N TRP A 113 -12.60 13.46 17.28
CA TRP A 113 -11.83 13.75 16.05
C TRP A 113 -10.37 14.03 16.42
N ASP A 114 -9.45 13.29 15.85
CA ASP A 114 -8.01 13.52 16.17
C ASP A 114 -7.19 13.53 14.87
N VAL A 115 -5.98 14.01 14.94
CA VAL A 115 -5.12 14.04 13.72
C VAL A 115 -4.86 12.62 13.24
N MET A 116 -4.79 11.69 14.17
CA MET A 116 -4.52 10.28 13.80
C MET A 116 -5.60 9.79 12.83
N LEU A 117 -6.83 10.19 13.02
CA LEU A 117 -7.90 9.75 12.10
C LEU A 117 -7.60 10.27 10.69
N LYS A 118 -7.09 11.46 10.59
CA LYS A 118 -6.77 12.02 9.25
C LYS A 118 -5.71 11.14 8.59
N ARG A 119 -4.74 10.69 9.34
CA ARG A 119 -3.68 9.83 8.76
C ARG A 119 -4.31 8.54 8.24
N SER A 120 -5.26 8.01 8.95
CA SER A 120 -5.91 6.74 8.48
C SER A 120 -6.65 7.01 7.18
N LEU A 121 -7.21 8.17 7.02
CA LEU A 121 -7.94 8.49 5.76
C LEU A 121 -6.96 8.52 4.59
N TRP A 122 -5.81 9.10 4.79
CA TRP A 122 -4.82 9.16 3.69
C TRP A 122 -4.44 7.72 3.28
N CYS A 123 -4.25 6.87 4.24
CA CYS A 123 -3.89 5.46 3.90
C CYS A 123 -5.08 4.76 3.24
N CYS A 124 -6.26 4.94 3.77
CA CYS A 124 -7.45 4.28 3.16
C CYS A 124 -7.62 4.74 1.71
N ILE A 125 -7.55 6.02 1.47
CA ILE A 125 -7.69 6.52 0.08
C ILE A 125 -6.60 5.91 -0.80
N ASP A 126 -5.42 5.76 -0.26
CA ASP A 126 -4.31 5.17 -1.06
C ASP A 126 -4.68 3.75 -1.48
N LEU A 127 -5.30 2.99 -0.60
CA LEU A 127 -5.68 1.60 -0.96
C LEU A 127 -6.70 1.63 -2.11
N PHE A 128 -7.64 2.53 -2.05
CA PHE A 128 -8.66 2.61 -3.13
C PHE A 128 -8.02 3.19 -4.40
N SER A 129 -7.22 4.20 -4.27
CA SER A 129 -6.58 4.80 -5.47
C SER A 129 -5.55 3.84 -6.06
N CYS A 130 -4.83 3.14 -5.23
CA CYS A 130 -3.79 2.20 -5.76
C CYS A 130 -4.48 1.02 -6.46
N ILE A 131 -5.42 0.40 -5.81
CA ILE A 131 -6.12 -0.75 -6.44
C ILE A 131 -6.98 -0.27 -7.61
N LEU A 132 -7.76 0.75 -7.38
CA LEU A 132 -8.63 1.27 -8.47
C LEU A 132 -7.79 1.75 -9.64
N HIS A 133 -6.69 2.40 -9.38
CA HIS A 133 -5.84 2.89 -10.50
C HIS A 133 -5.34 1.72 -11.34
N LEU A 134 -4.81 0.69 -10.72
CA LEU A 134 -4.32 -0.47 -11.50
C LEU A 134 -5.49 -1.14 -12.23
N TRP A 135 -6.60 -1.31 -11.57
CA TRP A 135 -7.77 -1.95 -12.21
C TRP A 135 -8.61 -0.90 -12.96
N LYS A 136 -8.24 0.35 -12.88
CA LYS A 136 -9.03 1.40 -13.58
C LYS A 136 -9.24 1.03 -15.05
N GLU A 137 -8.27 0.40 -15.65
CA GLU A 137 -8.43 0.03 -17.08
C GLU A 137 -9.61 -0.93 -17.23
N ASN A 138 -9.91 -1.67 -16.20
CA ASN A 138 -11.04 -2.62 -16.26
C ASN A 138 -12.32 -1.94 -15.79
N ILE A 139 -12.25 -0.69 -15.40
CA ILE A 139 -13.47 0.01 -14.94
C ILE A 139 -13.96 0.98 -16.02
N SER A 140 -15.25 1.10 -16.18
CA SER A 140 -15.79 2.02 -17.22
C SER A 140 -15.69 3.46 -16.70
N GLU A 141 -15.63 4.42 -17.58
CA GLU A 141 -15.52 5.84 -17.13
C GLU A 141 -16.65 6.16 -16.14
N THR A 142 -17.86 5.74 -16.44
CA THR A 142 -18.99 6.03 -15.52
C THR A 142 -18.83 5.19 -14.25
N SER A 143 -18.49 3.94 -14.40
CA SER A 143 -18.31 3.07 -13.20
C SER A 143 -17.24 3.69 -12.31
N THR A 144 -16.22 4.24 -12.90
CA THR A 144 -15.14 4.89 -12.10
C THR A 144 -15.76 6.09 -11.38
N ASN A 145 -16.63 6.80 -12.05
CA ASN A 145 -17.26 7.98 -11.41
C ASN A 145 -17.93 7.56 -10.10
N SER A 146 -18.61 6.45 -10.10
CA SER A 146 -19.28 6.00 -8.85
C SER A 146 -18.22 5.68 -7.79
N LEU A 147 -17.19 4.98 -8.16
CA LEU A 147 -16.13 4.64 -7.18
C LEU A 147 -15.41 5.93 -6.77
N GLN A 148 -15.15 6.78 -7.72
CA GLN A 148 -14.47 8.07 -7.38
C GLN A 148 -15.40 8.88 -6.49
N LYS A 149 -16.68 8.78 -6.72
CA LYS A 149 -17.64 9.55 -5.87
C LYS A 149 -17.46 9.13 -4.41
N ARG A 150 -17.35 7.86 -4.16
CA ARG A 150 -17.15 7.40 -2.76
C ARG A 150 -15.86 8.01 -2.22
N ILE A 151 -14.83 8.03 -3.04
CA ILE A 151 -13.54 8.62 -2.59
C ILE A 151 -13.76 10.09 -2.24
N LYS A 152 -14.53 10.80 -3.03
CA LYS A 152 -14.79 12.22 -2.72
C LYS A 152 -15.45 12.33 -1.35
N TYR A 153 -16.32 11.43 -1.01
CA TYR A 153 -16.99 11.50 0.30
C TYR A 153 -15.93 11.39 1.41
N CYS A 154 -15.00 10.49 1.27
CA CYS A 154 -13.94 10.36 2.32
C CYS A 154 -13.09 11.63 2.33
N LYS A 155 -12.60 12.03 1.18
CA LYS A 155 -11.75 13.25 1.12
C LYS A 155 -12.60 14.48 1.50
N ILE A 156 -13.84 14.50 1.11
CA ILE A 156 -14.71 15.66 1.45
C ILE A 156 -14.78 15.85 2.96
N TYR A 157 -15.01 14.79 3.70
CA TYR A 157 -15.07 14.93 5.17
C TYR A 157 -13.70 15.40 5.66
N LEU A 158 -12.65 14.86 5.08
CA LEU A 158 -11.28 15.26 5.48
C LEU A 158 -11.09 16.76 5.23
N SER A 159 -11.59 17.25 4.12
CA SER A 159 -11.43 18.71 3.82
C SER A 159 -12.16 19.54 4.87
N LYS A 160 -13.34 19.14 5.26
CA LYS A 160 -14.09 19.92 6.28
C LYS A 160 -13.28 19.96 7.59
N LEU A 161 -12.66 18.87 7.95
CA LEU A 161 -11.85 18.86 9.20
C LEU A 161 -10.66 19.79 9.03
N ALA A 162 -10.10 19.85 7.85
CA ALA A 162 -8.93 20.75 7.61
C ALA A 162 -9.36 22.20 7.86
N LYS A 163 -10.56 22.54 7.50
CA LYS A 163 -11.04 23.93 7.71
C LYS A 163 -11.50 24.09 9.17
N GLY A 164 -11.66 23.00 9.87
CA GLY A 164 -12.10 23.08 11.29
C GLY A 164 -13.62 22.93 11.36
N GLU A 165 -14.26 22.82 10.24
CA GLU A 165 -15.75 22.68 10.23
C GLU A 165 -16.13 21.20 10.18
N ILE A 166 -17.14 20.81 10.91
CA ILE A 166 -17.57 19.38 10.90
C ILE A 166 -18.98 19.28 10.34
N GLY A 167 -19.21 18.35 9.45
CA GLY A 167 -20.58 18.20 8.86
C GLY A 167 -21.63 18.27 9.97
N ASN B 1 9.80 15.41 -22.68
CA ASN B 1 10.31 16.64 -22.04
C ASN B 1 11.11 16.28 -20.78
N VAL B 2 10.80 15.17 -20.18
CA VAL B 2 11.54 14.76 -18.95
C VAL B 2 12.98 14.42 -19.32
N PRO B 3 13.89 14.54 -18.39
CA PRO B 3 15.34 14.23 -18.63
C PRO B 3 15.52 12.93 -19.42
N GLU B 4 16.48 12.90 -20.31
CA GLU B 4 16.72 11.66 -21.10
C GLU B 4 17.02 10.50 -20.15
N ILE B 5 16.60 9.31 -20.50
CA ILE B 5 16.88 8.14 -19.62
C ILE B 5 18.38 8.04 -19.37
N LYS B 6 19.18 8.31 -20.36
CA LYS B 6 20.65 8.24 -20.18
C LYS B 6 21.08 9.18 -19.05
N ALA B 7 20.32 10.21 -18.82
CA ALA B 7 20.67 11.17 -17.72
C ALA B 7 20.85 10.42 -16.41
N LYS B 8 20.22 9.29 -16.26
CA LYS B 8 20.35 8.52 -14.99
C LYS B 8 21.84 8.24 -14.73
N GLU B 9 22.60 8.07 -15.77
CA GLU B 9 24.06 7.80 -15.59
C GLU B 9 24.73 8.99 -14.91
N VAL B 10 24.16 10.16 -15.05
CA VAL B 10 24.78 11.36 -14.42
C VAL B 10 25.04 11.09 -12.94
N ASN B 11 24.09 10.48 -12.25
CA ASN B 11 24.29 10.19 -10.81
C ASN B 11 24.26 8.67 -10.59
N VAL B 12 24.95 8.21 -9.60
CA VAL B 12 24.97 6.74 -9.32
C VAL B 12 23.66 6.33 -8.66
N ASP B 13 23.16 7.10 -7.75
CA ASP B 13 21.89 6.74 -7.06
C ASP B 13 20.76 6.60 -8.08
N ASP B 14 20.74 7.41 -9.10
CA ASP B 14 19.65 7.33 -10.10
C ASP B 14 19.59 5.94 -10.74
N GLU B 15 20.70 5.41 -11.13
CA GLU B 15 20.69 4.06 -11.77
C GLU B 15 20.33 2.98 -10.74
N LYS B 16 20.90 3.05 -9.57
CA LYS B 16 20.58 2.01 -8.54
C LYS B 16 19.07 2.01 -8.26
N GLU B 17 18.49 3.17 -8.15
CA GLU B 17 17.03 3.23 -7.88
C GLU B 17 16.27 2.64 -9.07
N ASP B 18 16.73 2.88 -10.27
CA ASP B 18 16.05 2.32 -11.45
C ASP B 18 16.04 0.79 -11.35
N LYS B 19 17.13 0.22 -10.93
CA LYS B 19 17.19 -1.27 -10.80
C LYS B 19 16.16 -1.72 -9.77
N LEU B 20 16.02 -0.99 -8.70
CA LEU B 20 15.03 -1.39 -7.65
C LEU B 20 13.63 -1.42 -8.26
N ALA B 21 13.33 -0.48 -9.11
CA ALA B 21 11.98 -0.46 -9.74
C ALA B 21 11.79 -1.73 -10.57
N GLN B 22 12.82 -2.17 -11.23
CA GLN B 22 12.70 -3.40 -12.04
C GLN B 22 12.45 -4.59 -11.11
N ARG B 23 13.04 -4.58 -9.95
CA ARG B 23 12.81 -5.71 -9.00
C ARG B 23 11.34 -5.77 -8.62
N LEU B 24 10.72 -4.65 -8.39
CA LEU B 24 9.27 -4.66 -8.03
C LEU B 24 8.46 -5.24 -9.19
N ARG B 25 8.77 -4.81 -10.39
CA ARG B 25 8.02 -5.31 -11.57
C ARG B 25 8.29 -6.80 -11.74
N ALA B 26 9.51 -7.23 -11.53
CA ALA B 26 9.83 -8.67 -11.67
C ALA B 26 9.13 -9.46 -10.57
N LEU B 27 9.14 -8.95 -9.37
CA LEU B 27 8.48 -9.66 -8.24
C LEU B 27 6.98 -9.77 -8.52
N ARG B 28 6.41 -8.75 -9.11
CA ARG B 28 4.95 -8.80 -9.42
C ARG B 28 4.73 -9.44 -10.78
N GLY B 29 5.79 -9.69 -11.51
CA GLY B 29 5.65 -10.31 -12.85
C GLY B 29 5.16 -11.76 -12.69
N MET A 1 3.95 11.17 0.17
CA MET A 1 5.40 11.47 0.24
C MET A 1 6.17 10.19 0.58
N ALA A 2 7.47 10.20 0.41
CA ALA A 2 8.27 8.98 0.71
C ALA A 2 8.07 8.61 2.19
N SER A 3 8.05 9.58 3.05
CA SER A 3 7.85 9.28 4.50
C SER A 3 6.46 8.68 4.69
N ASN A 4 5.49 9.16 3.96
CA ASN A 4 4.12 8.61 4.09
C ASN A 4 4.17 7.10 3.84
N ALA A 5 4.91 6.71 2.85
CA ALA A 5 5.04 5.26 2.55
C ALA A 5 5.72 4.56 3.72
N ALA A 6 6.71 5.19 4.30
CA ALA A 6 7.42 4.56 5.46
C ALA A 6 6.41 4.35 6.59
N ARG A 7 5.58 5.31 6.86
CA ARG A 7 4.57 5.14 7.94
C ARG A 7 3.68 3.95 7.61
N VAL A 8 3.33 3.78 6.36
CA VAL A 8 2.48 2.63 5.98
C VAL A 8 3.18 1.33 6.36
N VAL A 9 4.47 1.27 6.14
CA VAL A 9 5.21 0.03 6.47
C VAL A 9 5.09 -0.23 7.97
N ALA A 10 5.14 0.80 8.77
CA ALA A 10 5.01 0.58 10.23
C ALA A 10 3.66 -0.05 10.52
N THR A 11 2.62 0.46 9.91
CA THR A 11 1.27 -0.12 10.12
C THR A 11 1.23 -1.51 9.49
N ALA A 12 1.93 -1.69 8.40
CA ALA A 12 1.93 -3.02 7.75
C ALA A 12 2.46 -4.06 8.73
N LYS A 13 3.49 -3.75 9.46
CA LYS A 13 4.03 -4.71 10.46
C LYS A 13 2.96 -4.96 11.51
N ASP A 14 2.30 -3.92 11.96
CA ASP A 14 1.23 -4.11 12.99
C ASP A 14 0.14 -5.00 12.41
N PHE A 15 -0.20 -4.81 11.17
CA PHE A 15 -1.26 -5.65 10.54
C PHE A 15 -0.80 -7.10 10.54
N ASP A 16 0.45 -7.34 10.25
CA ASP A 16 0.95 -8.75 10.25
C ASP A 16 0.75 -9.34 11.64
N LYS A 17 0.94 -8.56 12.66
CA LYS A 17 0.73 -9.07 14.04
C LYS A 17 -0.71 -9.53 14.19
N VAL A 18 -1.61 -8.90 13.48
CA VAL A 18 -3.04 -9.30 13.56
C VAL A 18 -3.31 -10.49 12.64
N GLY A 19 -2.36 -10.84 11.81
CA GLY A 19 -2.56 -11.98 10.89
C GLY A 19 -3.17 -11.49 9.57
N LEU A 20 -3.10 -10.21 9.33
CA LEU A 20 -3.68 -9.66 8.07
C LEU A 20 -2.56 -9.52 7.03
N GLY A 21 -1.73 -10.52 6.90
CA GLY A 21 -0.61 -10.44 5.92
C GLY A 21 -1.16 -10.11 4.53
N ILE A 22 -2.32 -10.59 4.20
CA ILE A 22 -2.90 -10.30 2.86
C ILE A 22 -3.05 -8.79 2.69
N ILE A 23 -3.64 -8.14 3.66
CA ILE A 23 -3.81 -6.67 3.57
C ILE A 23 -2.44 -6.01 3.54
N GLY A 24 -1.54 -6.45 4.37
CA GLY A 24 -0.18 -5.86 4.41
C GLY A 24 0.47 -6.02 3.03
N TYR A 25 0.27 -7.13 2.39
CA TYR A 25 0.91 -7.34 1.06
C TYR A 25 0.37 -6.32 0.04
N TYR A 26 -0.91 -6.13 -0.02
CA TYR A 26 -1.48 -5.17 -1.00
C TYR A 26 -0.96 -3.75 -0.75
N LEU A 27 -0.95 -3.29 0.47
CA LEU A 27 -0.46 -1.90 0.72
C LEU A 27 1.03 -1.81 0.42
N GLN A 28 1.79 -2.85 0.65
CA GLN A 28 3.24 -2.76 0.32
C GLN A 28 3.37 -2.49 -1.17
N LEU A 29 2.55 -3.13 -1.97
CA LEU A 29 2.61 -2.87 -3.44
C LEU A 29 2.28 -1.39 -3.66
N TYR A 30 1.36 -0.88 -2.89
CA TYR A 30 1.00 0.57 -3.02
C TYR A 30 2.19 1.42 -2.58
N ALA A 31 2.91 0.97 -1.59
CA ALA A 31 4.06 1.77 -1.09
C ALA A 31 5.09 1.96 -2.21
N VAL A 32 5.42 0.93 -2.93
CA VAL A 32 6.41 1.09 -4.03
C VAL A 32 5.82 2.00 -5.10
N GLU A 33 4.57 1.82 -5.43
CA GLU A 33 3.96 2.69 -6.47
C GLU A 33 3.98 4.14 -5.96
N LEU A 34 3.82 4.33 -4.67
CA LEU A 34 3.84 5.70 -4.11
C LEU A 34 5.22 6.34 -4.32
N ILE A 35 6.27 5.60 -4.04
CA ILE A 35 7.64 6.17 -4.20
C ILE A 35 7.88 6.57 -5.65
N LEU A 36 7.54 5.72 -6.57
CA LEU A 36 7.76 6.03 -8.00
C LEU A 36 6.92 7.25 -8.40
N SER A 37 5.77 7.42 -7.79
CA SER A 37 4.91 8.60 -8.15
C SER A 37 5.56 9.88 -7.61
N GLU A 38 6.34 9.77 -6.56
CA GLU A 38 7.00 10.99 -5.99
C GLU A 38 8.03 11.53 -6.97
N GLU A 39 8.26 12.82 -6.95
CA GLU A 39 9.26 13.42 -7.87
C GLU A 39 10.62 12.75 -7.63
N ASP A 40 11.45 12.71 -8.64
CA ASP A 40 12.77 12.04 -8.46
C ASP A 40 13.52 12.70 -7.29
N ARG A 41 14.14 11.89 -6.47
CA ARG A 41 14.88 12.41 -5.30
C ARG A 41 16.34 11.96 -5.35
N SER A 42 17.17 12.50 -4.50
CA SER A 42 18.60 12.12 -4.51
C SER A 42 18.75 10.61 -4.30
N GLN A 43 19.94 10.10 -4.46
CA GLN A 43 20.17 8.64 -4.30
C GLN A 43 19.71 8.17 -2.91
N GLU A 44 19.72 9.02 -1.93
CA GLU A 44 19.29 8.58 -0.57
C GLU A 44 17.94 7.87 -0.67
N MET A 45 17.05 8.38 -1.46
CA MET A 45 15.73 7.71 -1.63
C MET A 45 15.95 6.34 -2.25
N THR A 46 16.88 6.24 -3.16
CA THR A 46 17.16 4.93 -3.81
C THR A 46 17.56 3.92 -2.74
N ALA A 47 18.34 4.34 -1.78
CA ALA A 47 18.76 3.40 -0.70
C ALA A 47 17.52 2.93 0.05
N LEU A 48 16.63 3.84 0.35
CA LEU A 48 15.39 3.45 1.07
C LEU A 48 14.57 2.51 0.19
N ALA A 49 14.58 2.74 -1.10
CA ALA A 49 13.80 1.85 -2.01
C ALA A 49 14.38 0.43 -1.93
N THR A 50 15.68 0.32 -1.86
CA THR A 50 16.29 -1.03 -1.76
C THR A 50 15.81 -1.70 -0.48
N GLU A 51 15.76 -0.98 0.60
CA GLU A 51 15.29 -1.57 1.89
C GLU A 51 13.85 -2.02 1.72
N LEU A 52 13.05 -1.23 1.04
CA LEU A 52 11.62 -1.61 0.85
C LEU A 52 11.55 -2.95 0.12
N LEU A 53 12.39 -3.14 -0.86
CA LEU A 53 12.38 -4.44 -1.60
C LEU A 53 12.70 -5.56 -0.62
N ASP A 54 13.63 -5.34 0.27
CA ASP A 54 13.99 -6.38 1.25
C ASP A 54 12.75 -6.71 2.09
N THR A 55 11.99 -5.72 2.44
CA THR A 55 10.77 -5.95 3.26
C THR A 55 9.82 -6.88 2.51
N ILE A 56 9.65 -6.68 1.24
CA ILE A 56 8.73 -7.56 0.46
C ILE A 56 9.22 -9.01 0.59
N GLU A 57 10.47 -9.25 0.29
CA GLU A 57 11.00 -10.63 0.41
C GLU A 57 10.93 -11.03 1.88
N ALA A 58 11.17 -10.10 2.76
CA ALA A 58 11.10 -10.41 4.22
C ALA A 58 9.65 -10.72 4.58
N PHE A 59 8.71 -10.09 3.93
CA PHE A 59 7.28 -10.36 4.23
C PHE A 59 6.98 -11.84 3.98
N LYS A 60 7.29 -12.33 2.81
CA LYS A 60 7.03 -13.76 2.52
C LYS A 60 7.87 -14.64 3.47
N LYS A 61 9.10 -14.27 3.67
CA LYS A 61 9.98 -15.07 4.58
C LYS A 61 9.74 -14.66 6.04
N GLU A 62 8.89 -13.69 6.26
CA GLU A 62 8.64 -13.24 7.66
C GLU A 62 8.36 -14.45 8.55
N ILE A 63 7.70 -15.45 8.04
CA ILE A 63 7.40 -16.65 8.87
C ILE A 63 8.70 -17.40 9.18
N GLY A 64 9.56 -17.50 8.20
CA GLY A 64 10.85 -18.22 8.43
C GLY A 64 10.63 -19.71 8.16
N GLY A 65 9.41 -20.11 7.92
CA GLY A 65 9.14 -21.54 7.65
C GLY A 65 8.89 -22.29 8.95
N GLU A 66 8.99 -21.61 10.07
CA GLU A 66 8.77 -22.31 11.37
C GLU A 66 7.31 -22.78 11.46
N SER A 67 6.38 -21.93 11.14
CA SER A 67 4.95 -22.34 11.19
C SER A 67 4.69 -23.39 10.11
N GLU A 68 5.37 -23.28 9.00
CA GLU A 68 5.19 -24.26 7.90
C GLU A 68 5.54 -25.66 8.37
N ALA A 69 6.43 -25.77 9.32
CA ALA A 69 6.85 -27.12 9.82
C ALA A 69 5.63 -28.05 9.87
N GLU A 70 4.47 -27.52 10.17
CA GLU A 70 3.25 -28.37 10.21
C GLU A 70 2.27 -27.89 9.14
N ASP A 71 1.74 -28.80 8.36
CA ASP A 71 0.77 -28.38 7.31
C ASP A 71 1.41 -27.28 6.46
N SER A 72 2.63 -27.47 6.03
CA SER A 72 3.30 -26.42 5.22
C SER A 72 2.51 -26.15 3.95
N ASP A 73 1.90 -27.15 3.38
CA ASP A 73 1.10 -26.94 2.14
C ASP A 73 -0.05 -25.97 2.39
N LYS A 74 -0.74 -26.13 3.48
CA LYS A 74 -1.88 -25.22 3.78
C LYS A 74 -1.39 -23.80 4.03
N SER A 75 -0.32 -23.64 4.75
CA SER A 75 0.18 -22.26 5.03
C SER A 75 0.56 -21.56 3.72
N LEU A 76 1.26 -22.25 2.86
CA LEU A 76 1.65 -21.63 1.56
C LEU A 76 0.41 -21.40 0.70
N HIS A 77 -0.53 -22.30 0.74
CA HIS A 77 -1.75 -22.15 -0.08
C HIS A 77 -2.47 -20.84 0.27
N VAL A 78 -2.62 -20.56 1.54
CA VAL A 78 -3.31 -19.30 1.93
C VAL A 78 -2.48 -18.09 1.54
N MET A 79 -1.23 -18.07 1.89
CA MET A 79 -0.37 -16.90 1.54
C MET A 79 -0.15 -16.85 0.03
N ASN A 80 0.19 -17.96 -0.56
CA ASN A 80 0.46 -17.97 -2.03
C ASN A 80 -0.83 -17.66 -2.81
N THR A 81 -1.93 -18.22 -2.42
CA THR A 81 -3.20 -17.98 -3.15
C THR A 81 -3.71 -16.55 -2.96
N LEU A 82 -3.79 -16.08 -1.75
CA LEU A 82 -4.32 -14.70 -1.52
C LEU A 82 -3.33 -13.64 -1.98
N ILE A 83 -2.06 -13.87 -1.85
CA ILE A 83 -1.06 -12.85 -2.28
C ILE A 83 -0.90 -12.84 -3.79
N HIS A 84 -0.98 -13.98 -4.42
CA HIS A 84 -0.79 -14.01 -5.90
C HIS A 84 -2.13 -13.84 -6.63
N ASP A 85 -3.22 -14.25 -6.03
CA ASP A 85 -4.53 -14.11 -6.73
C ASP A 85 -5.14 -12.74 -6.42
N GLN A 86 -5.09 -11.84 -7.37
CA GLN A 86 -5.66 -10.48 -7.13
C GLN A 86 -7.17 -10.57 -6.89
N GLU A 87 -7.84 -11.48 -7.52
CA GLU A 87 -9.31 -11.59 -7.32
C GLU A 87 -9.59 -11.86 -5.84
N LYS A 88 -8.89 -12.79 -5.26
CA LYS A 88 -9.08 -13.09 -3.81
C LYS A 88 -8.54 -11.94 -2.99
N ALA A 89 -7.48 -11.32 -3.45
CA ALA A 89 -6.88 -10.18 -2.70
C ALA A 89 -7.82 -8.97 -2.74
N LYS A 90 -8.36 -8.66 -3.88
CA LYS A 90 -9.27 -7.48 -3.97
C LYS A 90 -10.51 -7.73 -3.10
N ILE A 91 -11.12 -8.86 -3.23
CA ILE A 91 -12.33 -9.14 -2.41
C ILE A 91 -11.93 -9.29 -0.95
N TYR A 92 -10.88 -10.03 -0.69
CA TYR A 92 -10.44 -10.20 0.72
C TYR A 92 -10.04 -8.83 1.27
N MET A 93 -9.30 -8.07 0.51
CA MET A 93 -8.88 -6.72 0.98
C MET A 93 -10.09 -5.79 1.00
N LEU A 94 -10.95 -5.86 0.02
CA LEU A 94 -12.14 -4.98 0.00
C LEU A 94 -13.01 -5.26 1.22
N ASN A 95 -13.19 -6.51 1.54
CA ASN A 95 -14.03 -6.86 2.72
C ASN A 95 -13.40 -6.28 3.99
N PHE A 96 -12.13 -6.48 4.17
CA PHE A 96 -11.45 -5.93 5.38
C PHE A 96 -11.38 -4.42 5.27
N THR A 97 -10.98 -3.91 4.14
CA THR A 97 -10.88 -2.44 3.96
C THR A 97 -12.24 -1.81 4.23
N MET A 98 -13.29 -2.40 3.74
CA MET A 98 -14.65 -1.83 3.98
C MET A 98 -14.94 -1.82 5.48
N SER A 99 -14.59 -2.89 6.14
CA SER A 99 -14.85 -2.97 7.61
C SER A 99 -14.01 -1.91 8.32
N LEU A 100 -12.81 -1.67 7.88
CA LEU A 100 -11.96 -0.65 8.55
C LEU A 100 -12.61 0.73 8.44
N TYR A 101 -13.16 1.04 7.30
CA TYR A 101 -13.82 2.37 7.14
C TYR A 101 -15.02 2.49 8.06
N ASN A 102 -15.86 1.48 8.08
CA ASN A 102 -17.07 1.53 8.95
C ASN A 102 -16.65 1.66 10.41
N GLU A 103 -15.69 0.89 10.85
CA GLU A 103 -15.25 0.98 12.26
C GLU A 103 -14.62 2.34 12.50
N LYS A 104 -13.78 2.78 11.59
CA LYS A 104 -13.14 4.11 11.75
C LYS A 104 -14.23 5.18 11.72
N LEU A 105 -15.21 5.00 10.89
CA LEU A 105 -16.31 6.00 10.80
C LEU A 105 -16.91 6.20 12.19
N LYS A 106 -17.16 5.12 12.89
CA LYS A 106 -17.73 5.24 14.26
C LYS A 106 -16.74 5.99 15.14
N GLN A 107 -15.46 5.74 14.96
CA GLN A 107 -14.44 6.45 15.79
C GLN A 107 -14.56 7.96 15.56
N LEU A 108 -14.81 8.37 14.34
CA LEU A 108 -14.95 9.82 14.08
C LEU A 108 -16.16 10.35 14.83
N LYS A 109 -17.21 9.59 14.88
CA LYS A 109 -18.46 10.05 15.57
C LYS A 109 -18.28 9.97 17.09
N ASP A 110 -17.89 8.84 17.60
CA ASP A 110 -17.74 8.68 19.07
C ASP A 110 -16.31 8.97 19.50
N GLY A 111 -15.37 8.87 18.60
CA GLY A 111 -13.95 9.13 18.98
C GLY A 111 -13.58 10.58 18.67
N PRO A 112 -12.61 11.11 19.35
CA PRO A 112 -12.14 12.52 19.16
C PRO A 112 -11.49 12.71 17.78
N TRP A 113 -11.57 13.90 17.25
CA TRP A 113 -10.96 14.15 15.92
C TRP A 113 -9.56 14.75 16.09
N ASP A 114 -8.57 14.13 15.51
CA ASP A 114 -7.19 14.67 15.63
C ASP A 114 -6.51 14.62 14.26
N VAL A 115 -5.35 15.20 14.15
CA VAL A 115 -4.63 15.20 12.83
C VAL A 115 -4.28 13.76 12.46
N MET A 116 -4.03 12.93 13.42
CA MET A 116 -3.67 11.52 13.12
C MET A 116 -4.82 10.85 12.36
N LEU A 117 -6.05 11.16 12.74
CA LEU A 117 -7.20 10.56 12.03
C LEU A 117 -7.22 11.05 10.59
N LYS A 118 -6.90 12.29 10.37
CA LYS A 118 -6.89 12.82 8.97
C LYS A 118 -5.92 12.00 8.12
N ARG A 119 -4.77 11.69 8.66
CA ARG A 119 -3.79 10.88 7.89
C ARG A 119 -4.38 9.50 7.60
N SER A 120 -5.06 8.93 8.55
CA SER A 120 -5.66 7.58 8.34
C SER A 120 -6.73 7.66 7.25
N LEU A 121 -7.45 8.75 7.19
CA LEU A 121 -8.50 8.89 6.14
C LEU A 121 -7.86 8.95 4.76
N TRP A 122 -6.77 9.65 4.63
CA TRP A 122 -6.09 9.72 3.30
C TRP A 122 -5.62 8.33 2.88
N CYS A 123 -5.09 7.57 3.79
CA CYS A 123 -4.61 6.21 3.45
C CYS A 123 -5.80 5.29 3.13
N CYS A 124 -6.84 5.35 3.91
CA CYS A 124 -8.02 4.47 3.65
C CYS A 124 -8.67 4.84 2.32
N ILE A 125 -8.94 6.10 2.11
CA ILE A 125 -9.59 6.51 0.84
C ILE A 125 -8.67 6.15 -0.34
N ASP A 126 -7.40 6.41 -0.22
CA ASP A 126 -6.48 6.08 -1.34
C ASP A 126 -6.51 4.57 -1.59
N LEU A 127 -6.60 3.79 -0.56
CA LEU A 127 -6.64 2.31 -0.73
C LEU A 127 -7.88 1.93 -1.55
N PHE A 128 -8.99 2.53 -1.26
CA PHE A 128 -10.23 2.20 -2.03
C PHE A 128 -10.06 2.64 -3.48
N SER A 129 -9.52 3.82 -3.68
CA SER A 129 -9.32 4.31 -5.08
C SER A 129 -8.36 3.36 -5.81
N CYS A 130 -7.38 2.84 -5.12
CA CYS A 130 -6.42 1.92 -5.78
C CYS A 130 -7.19 0.69 -6.30
N ILE A 131 -8.07 0.16 -5.51
CA ILE A 131 -8.84 -1.03 -5.96
C ILE A 131 -9.61 -0.70 -7.23
N LEU A 132 -10.34 0.38 -7.23
CA LEU A 132 -11.13 0.74 -8.44
C LEU A 132 -10.19 1.13 -9.58
N HIS A 133 -9.11 1.79 -9.27
CA HIS A 133 -8.17 2.21 -10.35
C HIS A 133 -7.65 0.99 -11.12
N LEU A 134 -7.17 -0.01 -10.43
CA LEU A 134 -6.66 -1.21 -11.13
C LEU A 134 -7.82 -1.98 -11.77
N TRP A 135 -8.89 -2.14 -11.05
CA TRP A 135 -10.07 -2.88 -11.60
C TRP A 135 -10.97 -1.92 -12.37
N LYS A 136 -10.57 -0.68 -12.52
CA LYS A 136 -11.40 0.31 -13.26
C LYS A 136 -11.85 -0.28 -14.60
N GLU A 137 -10.97 -0.98 -15.27
CA GLU A 137 -11.34 -1.58 -16.58
C GLU A 137 -12.41 -2.67 -16.39
N ASN A 138 -12.46 -3.27 -15.24
CA ASN A 138 -13.47 -4.34 -15.01
C ASN A 138 -14.78 -3.74 -14.48
N ILE A 139 -14.80 -2.47 -14.21
CA ILE A 139 -16.05 -1.84 -13.69
C ILE A 139 -16.62 -0.87 -14.74
N SER A 140 -17.90 -0.76 -14.83
CA SER A 140 -18.52 0.15 -15.84
C SER A 140 -18.43 1.60 -15.32
N GLU A 141 -18.43 2.55 -16.21
CA GLU A 141 -18.33 3.98 -15.77
C GLU A 141 -19.49 4.31 -14.83
N THR A 142 -20.66 3.82 -15.10
CA THR A 142 -21.81 4.13 -14.21
C THR A 142 -21.63 3.39 -12.87
N SER A 143 -21.27 2.14 -12.91
CA SER A 143 -21.10 1.38 -11.64
C SER A 143 -19.95 2.00 -10.83
N THR A 144 -18.84 2.26 -11.47
CA THR A 144 -17.70 2.86 -10.74
C THR A 144 -18.13 4.24 -10.22
N ASN A 145 -18.88 4.97 -11.00
CA ASN A 145 -19.34 6.31 -10.54
C ASN A 145 -20.06 6.16 -9.20
N SER A 146 -20.90 5.18 -9.07
CA SER A 146 -21.64 5.00 -7.78
C SER A 146 -20.62 4.75 -6.66
N LEU A 147 -19.68 3.89 -6.88
CA LEU A 147 -18.66 3.64 -5.83
C LEU A 147 -17.91 4.94 -5.56
N GLN A 148 -17.63 5.69 -6.59
CA GLN A 148 -16.92 6.97 -6.40
C GLN A 148 -17.78 7.88 -5.51
N LYS A 149 -19.08 7.84 -5.66
CA LYS A 149 -19.95 8.69 -4.81
C LYS A 149 -19.74 8.31 -3.35
N ARG A 150 -19.60 7.04 -3.06
CA ARG A 150 -19.38 6.64 -1.65
C ARG A 150 -18.08 7.28 -1.17
N ILE A 151 -17.09 7.29 -2.01
CA ILE A 151 -15.80 7.91 -1.62
C ILE A 151 -16.04 9.40 -1.35
N LYS A 152 -16.88 10.03 -2.12
CA LYS A 152 -17.17 11.47 -1.87
C LYS A 152 -17.67 11.63 -0.45
N TYR A 153 -18.50 10.73 0.00
CA TYR A 153 -19.01 10.83 1.39
C TYR A 153 -17.82 10.81 2.34
N CYS A 154 -16.86 9.96 2.06
CA CYS A 154 -15.65 9.89 2.93
C CYS A 154 -14.88 11.21 2.83
N LYS A 155 -14.60 11.65 1.63
CA LYS A 155 -13.86 12.93 1.45
C LYS A 155 -14.68 14.08 2.03
N ILE A 156 -15.98 14.04 1.87
CA ILE A 156 -16.83 15.13 2.41
C ILE A 156 -16.64 15.23 3.92
N TYR A 157 -16.66 14.13 4.61
CA TYR A 157 -16.45 14.16 6.08
C TYR A 157 -15.05 14.71 6.34
N LEU A 158 -14.09 14.30 5.54
CA LEU A 158 -12.71 14.78 5.71
C LEU A 158 -12.67 16.31 5.55
N SER A 159 -13.41 16.82 4.61
CA SER A 159 -13.43 18.30 4.40
C SER A 159 -13.95 18.99 5.67
N LYS A 160 -14.96 18.43 6.29
CA LYS A 160 -15.49 19.05 7.52
C LYS A 160 -14.39 19.08 8.58
N LEU A 161 -13.61 18.02 8.66
CA LEU A 161 -12.50 18.00 9.66
C LEU A 161 -11.48 19.08 9.31
N ALA A 162 -11.29 19.32 8.03
CA ALA A 162 -10.30 20.36 7.62
C ALA A 162 -10.76 21.73 8.12
N LYS A 163 -12.05 21.98 8.13
CA LYS A 163 -12.54 23.31 8.61
C LYS A 163 -12.59 23.30 10.14
N GLY A 164 -12.47 22.14 10.74
CA GLY A 164 -12.50 22.05 12.22
C GLY A 164 -13.95 21.90 12.70
N GLU A 165 -14.89 21.98 11.80
CA GLU A 165 -16.32 21.82 12.21
C GLU A 165 -16.75 20.39 11.98
N ILE A 166 -17.18 19.70 13.01
CA ILE A 166 -17.60 18.29 12.82
C ILE A 166 -18.67 17.92 13.85
N GLY A 167 -19.58 17.07 13.48
CA GLY A 167 -20.64 16.65 14.43
C GLY A 167 -21.80 17.65 14.39
N ASN B 1 31.16 20.12 -5.87
CA ASN B 1 31.82 20.50 -7.15
C ASN B 1 33.33 20.28 -7.04
N VAL B 2 33.74 19.06 -6.82
CA VAL B 2 35.20 18.77 -6.70
C VAL B 2 35.87 18.99 -8.06
N PRO B 3 37.14 19.29 -8.07
CA PRO B 3 37.90 19.52 -9.33
C PRO B 3 37.61 18.44 -10.38
N GLU B 4 37.20 17.28 -9.95
CA GLU B 4 36.91 16.18 -10.91
C GLU B 4 35.40 16.12 -11.17
N ILE B 5 35.02 15.88 -12.41
CA ILE B 5 33.57 15.80 -12.74
C ILE B 5 33.23 14.37 -13.16
N LYS B 6 32.13 13.85 -12.69
CA LYS B 6 31.74 12.46 -13.06
C LYS B 6 31.03 12.48 -14.41
N ALA B 7 31.30 11.51 -15.25
CA ALA B 7 30.64 11.46 -16.58
C ALA B 7 30.47 10.01 -17.02
N LYS B 8 29.51 9.74 -17.86
CA LYS B 8 29.28 8.34 -18.33
C LYS B 8 29.06 7.43 -17.13
N GLU B 9 28.29 7.88 -16.16
CA GLU B 9 28.03 7.04 -14.96
C GLU B 9 26.58 7.23 -14.53
N VAL B 10 26.06 8.42 -14.64
CA VAL B 10 24.66 8.67 -14.23
C VAL B 10 23.70 7.79 -15.06
N ASN B 11 23.95 7.71 -16.34
CA ASN B 11 23.07 6.87 -17.21
C ASN B 11 23.09 5.42 -16.74
N VAL B 12 24.20 4.96 -16.22
CA VAL B 12 24.27 3.55 -15.75
C VAL B 12 23.20 3.29 -14.69
N ASP B 13 22.98 4.21 -13.79
CA ASP B 13 21.96 4.00 -12.75
C ASP B 13 20.57 3.89 -13.40
N ASP B 14 20.40 4.50 -14.54
CA ASP B 14 19.07 4.44 -15.22
C ASP B 14 18.72 2.99 -15.53
N GLU B 15 19.63 2.26 -16.10
CA GLU B 15 19.33 0.83 -16.43
C GLU B 15 19.22 0.00 -15.15
N LYS B 16 20.10 0.22 -14.19
CA LYS B 16 20.01 -0.58 -12.93
C LYS B 16 18.65 -0.35 -12.27
N GLU B 17 18.20 0.87 -12.23
CA GLU B 17 16.87 1.14 -11.61
C GLU B 17 15.77 0.49 -12.44
N ASP B 18 15.92 0.49 -13.74
CA ASP B 18 14.88 -0.14 -14.60
C ASP B 18 14.76 -1.62 -14.24
N LYS B 19 15.87 -2.27 -14.03
CA LYS B 19 15.83 -3.72 -13.68
C LYS B 19 15.09 -3.89 -12.35
N LEU B 20 15.38 -3.04 -11.39
CA LEU B 20 14.69 -3.16 -10.08
C LEU B 20 13.19 -2.97 -10.27
N ALA B 21 12.81 -2.04 -11.09
CA ALA B 21 11.35 -1.81 -11.32
C ALA B 21 10.74 -3.04 -12.00
N GLN B 22 11.41 -3.56 -12.99
CA GLN B 22 10.88 -4.77 -13.68
C GLN B 22 10.84 -5.94 -12.71
N ARG B 23 11.80 -6.02 -11.83
CA ARG B 23 11.81 -7.15 -10.85
C ARG B 23 10.55 -7.09 -10.00
N LEU B 24 10.16 -5.92 -9.56
CA LEU B 24 8.93 -5.80 -8.74
C LEU B 24 7.72 -6.21 -9.58
N ARG B 25 7.68 -5.82 -10.82
CA ARG B 25 6.52 -6.18 -11.67
C ARG B 25 6.41 -7.71 -11.75
N ALA B 26 7.53 -8.39 -11.83
CA ALA B 26 7.48 -9.87 -11.88
C ALA B 26 6.93 -10.40 -10.56
N LEU B 27 7.30 -9.79 -9.47
CA LEU B 27 6.79 -10.25 -8.14
C LEU B 27 5.27 -10.14 -8.12
N ARG B 28 4.74 -9.11 -8.70
CA ARG B 28 3.25 -8.93 -8.71
C ARG B 28 2.67 -9.66 -9.92
N GLY B 29 3.50 -10.13 -10.81
CA GLY B 29 2.99 -10.85 -12.01
C GLY B 29 1.90 -10.02 -12.68
N MET A 1 3.43 11.76 0.32
CA MET A 1 4.81 12.21 0.68
C MET A 1 5.62 11.02 1.21
N ALA A 2 6.93 11.14 1.21
CA ALA A 2 7.76 10.01 1.71
C ALA A 2 7.38 9.69 3.15
N SER A 3 7.10 10.70 3.94
CA SER A 3 6.72 10.45 5.35
C SER A 3 5.41 9.67 5.38
N ASN A 4 4.50 9.98 4.49
CA ASN A 4 3.22 9.24 4.47
C ASN A 4 3.50 7.76 4.25
N ALA A 5 4.41 7.46 3.37
CA ALA A 5 4.77 6.03 3.11
C ALA A 5 5.40 5.45 4.38
N ALA A 6 6.23 6.23 5.04
CA ALA A 6 6.89 5.73 6.28
C ALA A 6 5.81 5.37 7.32
N ARG A 7 4.84 6.21 7.50
CA ARG A 7 3.78 5.91 8.50
C ARG A 7 3.08 4.61 8.09
N VAL A 8 2.85 4.43 6.82
CA VAL A 8 2.18 3.19 6.35
C VAL A 8 3.07 1.98 6.67
N VAL A 9 4.36 2.13 6.52
CA VAL A 9 5.26 0.98 6.83
C VAL A 9 5.08 0.58 8.28
N ALA A 10 4.96 1.55 9.14
CA ALA A 10 4.77 1.22 10.59
C ALA A 10 3.41 0.53 10.77
N THR A 11 2.40 1.03 10.12
CA THR A 11 1.06 0.40 10.24
C THR A 11 1.10 -0.98 9.58
N ALA A 12 1.87 -1.12 8.54
CA ALA A 12 1.95 -2.44 7.86
C ALA A 12 2.48 -3.47 8.86
N LYS A 13 3.48 -3.12 9.62
CA LYS A 13 4.02 -4.07 10.62
C LYS A 13 2.90 -4.40 11.62
N ASP A 14 2.13 -3.41 12.01
CA ASP A 14 1.03 -3.66 12.97
C ASP A 14 0.07 -4.71 12.39
N PHE A 15 -0.22 -4.61 11.12
CA PHE A 15 -1.15 -5.60 10.50
C PHE A 15 -0.52 -7.00 10.57
N ASP A 16 0.76 -7.10 10.34
CA ASP A 16 1.41 -8.44 10.41
C ASP A 16 1.17 -9.02 11.80
N LYS A 17 1.24 -8.21 12.81
CA LYS A 17 1.00 -8.70 14.20
C LYS A 17 -0.43 -9.23 14.29
N VAL A 18 -1.33 -8.68 13.51
CA VAL A 18 -2.74 -9.14 13.55
C VAL A 18 -2.91 -10.37 12.66
N GLY A 19 -1.92 -10.68 11.87
CA GLY A 19 -2.01 -11.87 10.98
C GLY A 19 -2.64 -11.47 9.63
N LEU A 20 -2.69 -10.19 9.35
CA LEU A 20 -3.27 -9.76 8.05
C LEU A 20 -2.14 -9.55 7.04
N GLY A 21 -1.32 -10.56 6.84
CA GLY A 21 -0.20 -10.44 5.89
C GLY A 21 -0.71 -10.10 4.49
N ILE A 22 -1.89 -10.54 4.15
CA ILE A 22 -2.43 -10.25 2.79
C ILE A 22 -2.49 -8.75 2.57
N ILE A 23 -3.04 -8.02 3.50
CA ILE A 23 -3.13 -6.55 3.34
C ILE A 23 -1.72 -5.97 3.29
N GLY A 24 -0.84 -6.46 4.13
CA GLY A 24 0.55 -5.94 4.14
C GLY A 24 1.19 -6.16 2.77
N TYR A 25 0.99 -7.30 2.17
CA TYR A 25 1.60 -7.56 0.84
C TYR A 25 1.09 -6.56 -0.19
N TYR A 26 -0.19 -6.34 -0.26
CA TYR A 26 -0.72 -5.38 -1.25
C TYR A 26 -0.30 -3.95 -0.90
N LEU A 27 -0.40 -3.57 0.35
CA LEU A 27 -0.01 -2.18 0.73
C LEU A 27 1.50 -1.99 0.60
N GLN A 28 2.28 -2.98 0.91
CA GLN A 28 3.76 -2.81 0.77
C GLN A 28 4.08 -2.55 -0.70
N LEU A 29 3.43 -3.24 -1.60
CA LEU A 29 3.70 -2.99 -3.05
C LEU A 29 3.32 -1.55 -3.35
N TYR A 30 2.25 -1.07 -2.78
CA TYR A 30 1.83 0.34 -3.03
C TYR A 30 2.88 1.29 -2.43
N ALA A 31 3.45 0.91 -1.30
CA ALA A 31 4.47 1.79 -0.66
C ALA A 31 5.66 2.01 -1.60
N VAL A 32 6.16 0.98 -2.22
CA VAL A 32 7.31 1.17 -3.14
C VAL A 32 6.86 2.01 -4.34
N GLU A 33 5.70 1.75 -4.86
CA GLU A 33 5.22 2.56 -6.02
C GLU A 33 5.11 4.02 -5.57
N LEU A 34 4.74 4.25 -4.35
CA LEU A 34 4.60 5.64 -3.84
C LEU A 34 5.97 6.33 -3.84
N ILE A 35 6.99 5.65 -3.36
CA ILE A 35 8.34 6.26 -3.31
C ILE A 35 8.82 6.61 -4.73
N LEU A 36 8.64 5.71 -5.66
CA LEU A 36 9.08 5.98 -7.05
C LEU A 36 8.33 7.17 -7.63
N SER A 37 7.09 7.36 -7.24
CA SER A 37 6.32 8.52 -7.79
C SER A 37 6.86 9.82 -7.20
N GLU A 38 7.45 9.76 -6.04
CA GLU A 38 7.99 11.00 -5.41
C GLU A 38 9.20 11.50 -6.20
N GLU A 39 9.43 12.79 -6.19
CA GLU A 39 10.59 13.36 -6.93
C GLU A 39 11.87 12.70 -6.41
N ASP A 40 12.87 12.61 -7.23
CA ASP A 40 14.14 11.96 -6.78
C ASP A 40 14.67 12.67 -5.53
N ARG A 41 15.10 11.91 -4.56
CA ARG A 41 15.62 12.51 -3.30
C ARG A 41 17.05 12.03 -3.07
N SER A 42 17.72 12.59 -2.10
CA SER A 42 19.13 12.18 -1.83
C SER A 42 19.19 10.67 -1.55
N GLN A 43 20.37 10.13 -1.45
CA GLN A 43 20.52 8.67 -1.22
C GLN A 43 19.78 8.24 0.04
N GLU A 44 19.62 9.11 1.00
CA GLU A 44 18.90 8.71 2.24
C GLU A 44 17.58 8.04 1.87
N MET A 45 16.86 8.61 0.94
CA MET A 45 15.57 7.99 0.54
C MET A 45 15.86 6.65 -0.15
N THR A 46 16.92 6.59 -0.92
CA THR A 46 17.28 5.33 -1.59
C THR A 46 17.50 4.24 -0.54
N ALA A 47 18.13 4.58 0.54
CA ALA A 47 18.37 3.56 1.60
C ALA A 47 17.02 3.08 2.15
N LEU A 48 16.11 3.99 2.34
CA LEU A 48 14.77 3.58 2.86
C LEU A 48 14.09 2.66 1.83
N ALA A 49 14.28 2.93 0.57
CA ALA A 49 13.65 2.07 -0.47
C ALA A 49 14.22 0.66 -0.36
N THR A 50 15.49 0.54 -0.12
CA THR A 50 16.11 -0.80 -0.01
C THR A 50 15.49 -1.54 1.18
N GLU A 51 15.28 -0.85 2.28
CA GLU A 51 14.68 -1.52 3.46
C GLU A 51 13.27 -2.00 3.12
N LEU A 52 12.51 -1.20 2.43
CA LEU A 52 11.13 -1.62 2.06
C LEU A 52 11.20 -2.91 1.23
N LEU A 53 12.12 -2.98 0.31
CA LEU A 53 12.25 -4.20 -0.53
C LEU A 53 12.56 -5.39 0.38
N ASP A 54 13.36 -5.19 1.38
CA ASP A 54 13.70 -6.30 2.30
C ASP A 54 12.42 -6.82 2.94
N THR A 55 11.55 -5.92 3.30
CA THR A 55 10.26 -6.35 3.92
C THR A 55 9.49 -7.23 2.94
N ILE A 56 9.46 -6.87 1.70
CA ILE A 56 8.72 -7.69 0.70
C ILE A 56 9.36 -9.08 0.61
N GLU A 57 10.65 -9.13 0.39
CA GLU A 57 11.34 -10.44 0.30
C GLU A 57 11.18 -11.16 1.65
N ALA A 58 11.27 -10.43 2.72
CA ALA A 58 11.10 -11.05 4.05
C ALA A 58 9.64 -11.47 4.24
N PHE A 59 8.73 -10.75 3.64
CA PHE A 59 7.29 -11.11 3.77
C PHE A 59 7.07 -12.53 3.26
N LYS A 60 7.47 -12.81 2.05
CA LYS A 60 7.28 -14.20 1.52
C LYS A 60 8.10 -15.18 2.36
N LYS A 61 9.29 -14.82 2.72
CA LYS A 61 10.14 -15.73 3.55
C LYS A 61 9.77 -15.59 5.02
N GLU A 62 8.87 -14.71 5.33
CA GLU A 62 8.48 -14.52 6.76
C GLU A 62 8.17 -15.87 7.40
N ILE A 63 7.60 -16.77 6.65
CA ILE A 63 7.29 -18.11 7.22
C ILE A 63 8.55 -18.96 7.29
N GLY A 64 9.38 -18.90 6.30
CA GLY A 64 10.63 -19.71 6.32
C GLY A 64 10.27 -21.18 6.12
N GLY A 65 9.01 -21.47 5.93
CA GLY A 65 8.58 -22.88 5.72
C GLY A 65 8.10 -23.45 7.06
N GLU A 66 8.29 -22.73 8.12
CA GLU A 66 7.83 -23.24 9.45
C GLU A 66 6.31 -23.28 9.49
N SER A 67 5.67 -22.24 9.04
CA SER A 67 4.17 -22.22 9.05
C SER A 67 3.65 -23.36 8.18
N GLU A 68 4.38 -23.72 7.15
CA GLU A 68 3.91 -24.82 6.26
C GLU A 68 3.73 -26.09 7.09
N ALA A 69 4.52 -26.25 8.11
CA ALA A 69 4.39 -27.47 8.96
C ALA A 69 2.95 -27.57 9.48
N GLU A 70 2.48 -28.77 9.69
CA GLU A 70 1.08 -28.96 10.19
C GLU A 70 0.09 -28.32 9.21
N ASP A 71 -0.74 -29.13 8.60
CA ASP A 71 -1.75 -28.57 7.65
C ASP A 71 -1.04 -27.71 6.60
N SER A 72 0.02 -28.20 6.03
CA SER A 72 0.76 -27.40 5.02
C SER A 72 -0.15 -27.08 3.84
N ASP A 73 -1.02 -27.98 3.48
CA ASP A 73 -1.92 -27.72 2.32
C ASP A 73 -2.78 -26.49 2.60
N LYS A 74 -3.33 -26.40 3.79
CA LYS A 74 -4.20 -25.22 4.12
C LYS A 74 -3.37 -23.94 4.21
N SER A 75 -2.23 -24.00 4.84
CA SER A 75 -1.40 -22.76 4.97
C SER A 75 -0.93 -22.30 3.59
N LEU A 76 -0.52 -23.20 2.76
CA LEU A 76 -0.06 -22.82 1.39
C LEU A 76 -1.24 -22.31 0.57
N HIS A 77 -2.38 -22.91 0.73
CA HIS A 77 -3.56 -22.47 -0.05
C HIS A 77 -3.90 -21.01 0.27
N VAL A 78 -3.92 -20.65 1.52
CA VAL A 78 -4.25 -19.25 1.88
C VAL A 78 -3.13 -18.31 1.43
N MET A 79 -1.91 -18.63 1.75
CA MET A 79 -0.78 -17.74 1.34
C MET A 79 -0.60 -17.77 -0.18
N ASN A 80 -0.61 -18.93 -0.76
CA ASN A 80 -0.41 -19.04 -2.23
C ASN A 80 -1.60 -18.48 -3.00
N THR A 81 -2.80 -18.83 -2.62
CA THR A 81 -3.99 -18.35 -3.37
C THR A 81 -4.17 -16.83 -3.26
N LEU A 82 -4.11 -16.28 -2.07
CA LEU A 82 -4.32 -14.82 -1.93
C LEU A 82 -3.14 -14.02 -2.50
N ILE A 83 -1.94 -14.53 -2.40
CA ILE A 83 -0.76 -13.79 -2.92
C ILE A 83 -0.65 -13.93 -4.45
N HIS A 84 -0.85 -15.11 -4.97
CA HIS A 84 -0.71 -15.32 -6.43
C HIS A 84 -1.90 -14.73 -7.20
N ASP A 85 -3.11 -15.00 -6.78
CA ASP A 85 -4.28 -14.46 -7.52
C ASP A 85 -4.57 -13.02 -7.09
N GLN A 86 -4.38 -12.08 -7.96
CA GLN A 86 -4.64 -10.66 -7.62
C GLN A 86 -6.11 -10.46 -7.27
N GLU A 87 -6.99 -11.13 -7.96
CA GLU A 87 -8.45 -10.96 -7.68
C GLU A 87 -8.74 -11.35 -6.23
N LYS A 88 -8.15 -12.42 -5.76
CA LYS A 88 -8.38 -12.84 -4.36
C LYS A 88 -7.86 -11.75 -3.42
N ALA A 89 -6.84 -11.06 -3.83
CA ALA A 89 -6.28 -9.98 -2.98
C ALA A 89 -7.24 -8.79 -2.94
N LYS A 90 -7.76 -8.40 -4.07
CA LYS A 90 -8.70 -7.23 -4.08
C LYS A 90 -9.94 -7.53 -3.27
N ILE A 91 -10.56 -8.65 -3.49
CA ILE A 91 -11.79 -8.98 -2.72
C ILE A 91 -11.43 -9.08 -1.24
N TYR A 92 -10.32 -9.67 -0.95
CA TYR A 92 -9.90 -9.78 0.48
C TYR A 92 -9.68 -8.37 1.02
N MET A 93 -9.00 -7.53 0.27
CA MET A 93 -8.77 -6.14 0.73
C MET A 93 -10.09 -5.37 0.75
N LEU A 94 -10.91 -5.56 -0.25
CA LEU A 94 -12.20 -4.83 -0.28
C LEU A 94 -13.01 -5.21 0.97
N ASN A 95 -12.98 -6.46 1.34
CA ASN A 95 -13.73 -6.89 2.55
C ASN A 95 -13.16 -6.17 3.77
N PHE A 96 -11.87 -6.08 3.87
CA PHE A 96 -11.24 -5.40 5.03
C PHE A 96 -11.61 -3.92 5.02
N THR A 97 -11.58 -3.30 3.87
CA THR A 97 -11.94 -1.86 3.80
C THR A 97 -13.39 -1.66 4.26
N MET A 98 -14.28 -2.51 3.85
CA MET A 98 -15.69 -2.36 4.28
C MET A 98 -15.80 -2.49 5.79
N SER A 99 -15.10 -3.43 6.36
CA SER A 99 -15.15 -3.62 7.84
C SER A 99 -14.32 -2.52 8.51
N LEU A 100 -13.21 -2.17 7.93
CA LEU A 100 -12.35 -1.12 8.53
C LEU A 100 -13.05 0.25 8.42
N TYR A 101 -13.62 0.53 7.28
CA TYR A 101 -14.31 1.84 7.11
C TYR A 101 -15.49 1.94 8.08
N ASN A 102 -16.27 0.91 8.18
CA ASN A 102 -17.44 0.95 9.10
C ASN A 102 -16.95 1.20 10.53
N GLU A 103 -15.89 0.55 10.91
CA GLU A 103 -15.37 0.73 12.30
C GLU A 103 -14.96 2.19 12.51
N LYS A 104 -14.34 2.79 11.53
CA LYS A 104 -13.93 4.22 11.67
C LYS A 104 -15.16 5.10 11.89
N LEU A 105 -16.22 4.85 11.17
CA LEU A 105 -17.44 5.69 11.34
C LEU A 105 -17.91 5.58 12.79
N LYS A 106 -17.91 4.39 13.34
CA LYS A 106 -18.35 4.22 14.75
C LYS A 106 -17.40 5.00 15.68
N GLN A 107 -16.13 4.98 15.39
CA GLN A 107 -15.16 5.71 16.25
C GLN A 107 -15.47 7.21 16.25
N LEU A 108 -15.83 7.75 15.12
CA LEU A 108 -16.14 9.21 15.07
C LEU A 108 -17.41 9.47 15.89
N LYS A 109 -18.36 8.59 15.84
CA LYS A 109 -19.62 8.80 16.62
C LYS A 109 -19.40 8.45 18.08
N ASP A 110 -18.90 7.28 18.35
CA ASP A 110 -18.67 6.86 19.76
C ASP A 110 -17.33 7.40 20.26
N GLY A 111 -16.42 7.70 19.38
CA GLY A 111 -15.09 8.21 19.83
C GLY A 111 -14.99 9.71 19.56
N PRO A 112 -14.15 10.39 20.30
CA PRO A 112 -13.94 11.86 20.15
C PRO A 112 -13.26 12.21 18.81
N TRP A 113 -13.48 13.39 18.32
CA TRP A 113 -12.86 13.79 17.04
C TRP A 113 -11.49 14.42 17.30
N ASP A 114 -10.44 13.81 16.81
CA ASP A 114 -9.08 14.38 17.03
C ASP A 114 -8.30 14.33 15.71
N VAL A 115 -7.16 14.96 15.66
CA VAL A 115 -6.35 14.96 14.42
C VAL A 115 -5.89 13.53 14.10
N MET A 116 -5.67 12.74 15.12
CA MET A 116 -5.21 11.35 14.89
C MET A 116 -6.25 10.60 14.05
N LEU A 117 -7.52 10.84 14.30
CA LEU A 117 -8.57 10.15 13.50
C LEU A 117 -8.48 10.61 12.06
N LYS A 118 -8.18 11.86 11.84
CA LYS A 118 -8.08 12.36 10.44
C LYS A 118 -6.98 11.59 9.71
N ARG A 119 -5.88 11.35 10.36
CA ARG A 119 -4.77 10.60 9.71
C ARG A 119 -5.25 9.18 9.38
N SER A 120 -5.97 8.57 10.27
CA SER A 120 -6.47 7.19 10.01
C SER A 120 -7.42 7.21 8.82
N LEU A 121 -8.24 8.23 8.73
CA LEU A 121 -9.20 8.31 7.59
C LEU A 121 -8.42 8.40 6.28
N TRP A 122 -7.37 9.18 6.25
CA TRP A 122 -6.57 9.30 5.00
C TRP A 122 -6.02 7.92 4.63
N CYS A 123 -5.62 7.15 5.60
CA CYS A 123 -5.07 5.80 5.30
C CYS A 123 -6.16 4.95 4.62
N CYS A 124 -7.36 5.00 5.13
CA CYS A 124 -8.46 4.19 4.51
C CYS A 124 -8.69 4.67 3.08
N ILE A 125 -8.79 5.96 2.88
CA ILE A 125 -9.02 6.48 1.51
C ILE A 125 -7.85 6.05 0.63
N ASP A 126 -6.65 6.04 1.17
CA ASP A 126 -5.48 5.62 0.36
C ASP A 126 -5.68 4.18 -0.13
N LEU A 127 -6.22 3.33 0.70
CA LEU A 127 -6.45 1.91 0.27
C LEU A 127 -7.43 1.91 -0.90
N PHE A 128 -8.45 2.71 -0.83
CA PHE A 128 -9.45 2.76 -1.93
C PHE A 128 -8.80 3.38 -3.19
N SER A 129 -8.06 4.43 -3.02
CA SER A 129 -7.42 5.09 -4.19
C SER A 129 -6.46 4.12 -4.89
N CYS A 130 -5.68 3.39 -4.15
CA CYS A 130 -4.72 2.44 -4.78
C CYS A 130 -5.46 1.29 -5.46
N ILE A 131 -6.37 0.66 -4.75
CA ILE A 131 -7.12 -0.47 -5.36
C ILE A 131 -7.95 0.01 -6.56
N LEU A 132 -8.72 1.04 -6.37
CA LEU A 132 -9.55 1.55 -7.49
C LEU A 132 -8.67 2.07 -8.63
N HIS A 133 -7.59 2.72 -8.31
CA HIS A 133 -6.71 3.26 -9.39
C HIS A 133 -6.21 2.12 -10.28
N LEU A 134 -5.69 1.07 -9.70
CA LEU A 134 -5.19 -0.06 -10.53
C LEU A 134 -6.37 -0.72 -11.25
N TRP A 135 -7.46 -0.92 -10.56
CA TRP A 135 -8.64 -1.56 -11.20
C TRP A 135 -9.51 -0.50 -11.90
N LYS A 136 -9.12 0.74 -11.85
CA LYS A 136 -9.94 1.80 -12.51
C LYS A 136 -10.22 1.43 -13.96
N GLU A 137 -9.27 0.82 -14.63
CA GLU A 137 -9.50 0.44 -16.04
C GLU A 137 -10.65 -0.56 -16.12
N ASN A 138 -10.89 -1.29 -15.07
CA ASN A 138 -12.00 -2.28 -15.09
C ASN A 138 -13.30 -1.62 -14.62
N ILE A 139 -13.23 -0.38 -14.22
CA ILE A 139 -14.47 0.32 -13.75
C ILE A 139 -14.94 1.30 -14.82
N SER A 140 -16.22 1.41 -15.02
CA SER A 140 -16.75 2.36 -16.04
C SER A 140 -16.68 3.78 -15.47
N GLU A 141 -16.62 4.77 -16.32
CA GLU A 141 -16.54 6.16 -15.79
C GLU A 141 -17.71 6.42 -14.85
N THR A 142 -18.89 5.99 -15.21
CA THR A 142 -20.05 6.20 -14.30
C THR A 142 -19.89 5.30 -13.08
N SER A 143 -19.50 4.07 -13.29
CA SER A 143 -19.32 3.15 -12.14
C SER A 143 -18.27 3.74 -11.20
N THR A 144 -17.26 4.36 -11.76
CA THR A 144 -16.22 4.98 -10.91
C THR A 144 -16.88 6.09 -10.09
N ASN A 145 -17.79 6.80 -10.70
CA ASN A 145 -18.49 7.89 -9.96
C ASN A 145 -19.18 7.31 -8.73
N SER A 146 -19.78 6.17 -8.86
CA SER A 146 -20.47 5.55 -7.70
C SER A 146 -19.44 5.25 -6.59
N LEU A 147 -18.37 4.59 -6.94
CA LEU A 147 -17.34 4.28 -5.91
C LEU A 147 -16.72 5.59 -5.42
N GLN A 148 -16.43 6.49 -6.32
CA GLN A 148 -15.85 7.79 -5.90
C GLN A 148 -16.89 8.55 -5.07
N LYS A 149 -18.16 8.38 -5.38
CA LYS A 149 -19.21 9.08 -4.61
C LYS A 149 -19.13 8.65 -3.14
N ARG A 150 -18.98 7.37 -2.88
CA ARG A 150 -18.89 6.91 -1.48
C ARG A 150 -17.65 7.54 -0.84
N ILE A 151 -16.57 7.57 -1.56
CA ILE A 151 -15.32 8.19 -1.03
C ILE A 151 -15.59 9.66 -0.73
N LYS A 152 -16.34 10.32 -1.59
CA LYS A 152 -16.65 11.74 -1.36
C LYS A 152 -17.35 11.87 0.00
N TYR A 153 -18.23 10.95 0.30
CA TYR A 153 -18.94 11.00 1.60
C TYR A 153 -17.91 10.96 2.72
N CYS A 154 -16.92 10.12 2.59
CA CYS A 154 -15.86 10.05 3.65
C CYS A 154 -15.16 11.41 3.72
N LYS A 155 -14.72 11.92 2.60
CA LYS A 155 -14.05 13.24 2.59
C LYS A 155 -15.01 14.32 3.08
N ILE A 156 -16.28 14.18 2.78
CA ILE A 156 -17.27 15.20 3.22
C ILE A 156 -17.24 15.35 4.74
N TYR A 157 -17.29 14.25 5.45
CA TYR A 157 -17.26 14.36 6.93
C TYR A 157 -15.90 14.93 7.34
N LEU A 158 -14.87 14.51 6.68
CA LEU A 158 -13.51 15.02 7.00
C LEU A 158 -13.48 16.54 6.83
N SER A 159 -14.08 17.04 5.79
CA SER A 159 -14.08 18.51 5.57
C SER A 159 -14.85 19.19 6.71
N LYS A 160 -15.91 18.59 7.17
CA LYS A 160 -16.68 19.20 8.28
C LYS A 160 -15.80 19.27 9.52
N LEU A 161 -15.00 18.28 9.77
CA LEU A 161 -14.11 18.31 10.97
C LEU A 161 -13.12 19.48 10.80
N ALA A 162 -12.67 19.70 9.60
CA ALA A 162 -11.71 20.82 9.37
C ALA A 162 -12.38 22.15 9.73
N LYS A 163 -13.65 22.28 9.44
CA LYS A 163 -14.36 23.54 9.77
C LYS A 163 -14.77 23.52 11.24
N GLY A 164 -14.66 22.39 11.89
CA GLY A 164 -15.05 22.30 13.33
C GLY A 164 -16.52 21.91 13.44
N GLU A 165 -17.16 21.67 12.34
CA GLU A 165 -18.60 21.27 12.38
C GLU A 165 -18.73 19.75 12.37
N ILE A 166 -19.64 19.21 13.13
CA ILE A 166 -19.82 17.74 13.15
C ILE A 166 -21.21 17.38 12.61
N GLY A 167 -21.29 16.40 11.75
CA GLY A 167 -22.61 16.01 11.19
C GLY A 167 -23.54 15.58 12.32
N ASN B 1 32.65 4.41 -24.37
CA ASN B 1 33.37 5.71 -24.28
C ASN B 1 33.42 6.36 -25.66
N VAL B 2 32.31 6.81 -26.16
CA VAL B 2 32.30 7.45 -27.51
C VAL B 2 33.06 8.78 -27.44
N PRO B 3 33.61 9.22 -28.54
CA PRO B 3 34.37 10.50 -28.62
C PRO B 3 33.53 11.70 -28.19
N GLU B 4 32.23 11.58 -28.25
CA GLU B 4 31.35 12.72 -27.85
C GLU B 4 30.91 12.52 -26.39
N ILE B 5 30.84 13.58 -25.64
CA ILE B 5 30.42 13.47 -24.21
C ILE B 5 29.08 14.17 -24.02
N LYS B 6 28.15 13.55 -23.34
CA LYS B 6 26.82 14.19 -23.12
C LYS B 6 26.87 15.03 -21.85
N ALA B 7 26.11 16.10 -21.81
CA ALA B 7 26.12 16.97 -20.60
C ALA B 7 25.64 16.17 -19.39
N LYS B 8 24.77 15.21 -19.61
CA LYS B 8 24.27 14.39 -18.47
C LYS B 8 25.37 13.42 -18.02
N GLU B 9 25.63 13.35 -16.74
CA GLU B 9 26.68 12.43 -16.23
C GLU B 9 26.02 11.22 -15.57
N VAL B 10 26.56 10.05 -15.78
CA VAL B 10 25.98 8.83 -15.17
C VAL B 10 26.99 8.20 -14.20
N ASN B 11 26.56 7.79 -13.05
CA ASN B 11 27.50 7.17 -12.07
C ASN B 11 27.19 5.68 -11.94
N VAL B 12 28.12 4.91 -11.46
CA VAL B 12 27.88 3.45 -11.30
C VAL B 12 26.70 3.22 -10.36
N ASP B 13 26.61 3.99 -9.32
CA ASP B 13 25.47 3.82 -8.37
C ASP B 13 24.15 4.00 -9.12
N ASP B 14 24.14 4.87 -10.10
CA ASP B 14 22.87 5.11 -10.87
C ASP B 14 22.36 3.81 -11.49
N GLU B 15 23.22 3.06 -12.14
CA GLU B 15 22.76 1.81 -12.77
C GLU B 15 22.37 0.79 -11.69
N LYS B 16 23.11 0.71 -10.62
CA LYS B 16 22.76 -0.26 -9.55
C LYS B 16 21.33 0.02 -9.07
N GLU B 17 20.99 1.28 -8.91
CA GLU B 17 19.62 1.61 -8.44
C GLU B 17 18.62 1.18 -9.52
N ASP B 18 18.96 1.37 -10.76
CA ASP B 18 18.03 0.95 -11.85
C ASP B 18 17.77 -0.55 -11.74
N LYS B 19 18.79 -1.31 -11.46
CA LYS B 19 18.61 -2.78 -11.33
C LYS B 19 17.63 -3.07 -10.18
N LEU B 20 17.74 -2.34 -9.11
CA LEU B 20 16.82 -2.58 -7.96
C LEU B 20 15.38 -2.37 -8.44
N ALA B 21 15.14 -1.34 -9.22
CA ALA B 21 13.76 -1.09 -9.71
C ALA B 21 13.35 -2.22 -10.65
N GLN B 22 14.26 -2.70 -11.46
CA GLN B 22 13.91 -3.80 -12.40
C GLN B 22 13.59 -5.06 -11.59
N ARG B 23 14.27 -5.26 -10.50
CA ARG B 23 13.98 -6.47 -9.66
C ARG B 23 12.55 -6.40 -9.14
N LEU B 24 12.13 -5.24 -8.70
CA LEU B 24 10.74 -5.12 -8.17
C LEU B 24 9.74 -5.38 -9.30
N ARG B 25 9.97 -4.83 -10.45
CA ARG B 25 9.02 -5.05 -11.58
C ARG B 25 8.97 -6.55 -11.88
N ALA B 26 10.08 -7.23 -11.78
CA ALA B 26 10.08 -8.69 -12.05
C ALA B 26 9.25 -9.38 -10.97
N LEU B 27 9.29 -8.87 -9.77
CA LEU B 27 8.50 -9.47 -8.66
C LEU B 27 7.02 -9.40 -9.03
N ARG B 28 6.60 -8.33 -9.62
CA ARG B 28 5.16 -8.19 -10.00
C ARG B 28 4.95 -8.81 -11.39
N GLY B 29 6.02 -9.13 -12.07
CA GLY B 29 5.88 -9.74 -13.43
C GLY B 29 5.94 -8.63 -14.49
N MET A 1 5.28 12.76 1.13
CA MET A 1 6.71 12.67 0.70
C MET A 1 7.30 11.35 1.18
N ALA A 2 8.61 11.28 1.30
CA ALA A 2 9.24 10.01 1.76
C ALA A 2 8.71 9.66 3.14
N SER A 3 8.47 10.64 3.97
CA SER A 3 7.94 10.34 5.34
C SER A 3 6.55 9.71 5.21
N ASN A 4 5.75 10.19 4.29
CA ASN A 4 4.39 9.59 4.11
C ASN A 4 4.55 8.11 3.80
N ALA A 5 5.47 7.79 2.94
CA ALA A 5 5.71 6.37 2.59
C ALA A 5 6.23 5.65 3.83
N ALA A 6 7.08 6.30 4.58
CA ALA A 6 7.62 5.66 5.81
C ALA A 6 6.48 5.38 6.78
N ARG A 7 5.54 6.28 6.88
CA ARG A 7 4.38 6.04 7.79
C ARG A 7 3.66 4.78 7.35
N VAL A 8 3.46 4.61 6.07
CA VAL A 8 2.77 3.39 5.58
C VAL A 8 3.62 2.16 5.90
N VAL A 9 4.92 2.27 5.79
CA VAL A 9 5.79 1.10 6.09
C VAL A 9 5.59 0.72 7.55
N ALA A 10 5.46 1.68 8.41
CA ALA A 10 5.26 1.37 9.86
C ALA A 10 3.90 0.69 10.01
N THR A 11 2.91 1.15 9.30
CA THR A 11 1.57 0.52 9.40
C THR A 11 1.61 -0.85 8.74
N ALA A 12 2.39 -1.00 7.71
CA ALA A 12 2.47 -2.32 7.03
C ALA A 12 2.95 -3.37 8.04
N LYS A 13 3.97 -3.06 8.77
CA LYS A 13 4.47 -4.02 9.79
C LYS A 13 3.38 -4.26 10.82
N ASP A 14 2.68 -3.21 11.21
CA ASP A 14 1.58 -3.37 12.20
C ASP A 14 0.53 -4.33 11.64
N PHE A 15 0.27 -4.23 10.37
CA PHE A 15 -0.74 -5.14 9.75
C PHE A 15 -0.28 -6.59 9.90
N ASP A 16 0.97 -6.86 9.64
CA ASP A 16 1.47 -8.25 9.78
C ASP A 16 1.24 -8.72 11.21
N LYS A 17 1.45 -7.85 12.16
CA LYS A 17 1.25 -8.23 13.60
C LYS A 17 -0.21 -8.66 13.80
N VAL A 18 -1.11 -8.11 13.04
CA VAL A 18 -2.55 -8.47 13.20
C VAL A 18 -2.85 -9.76 12.42
N GLY A 19 -1.91 -10.21 11.63
CA GLY A 19 -2.15 -11.46 10.85
C GLY A 19 -2.77 -11.10 9.50
N LEU A 20 -2.69 -9.87 9.10
CA LEU A 20 -3.28 -9.45 7.79
C LEU A 20 -2.17 -9.47 6.73
N GLY A 21 -1.45 -10.55 6.65
CA GLY A 21 -0.36 -10.63 5.63
C GLY A 21 -0.92 -10.34 4.24
N ILE A 22 -2.12 -10.74 3.97
CA ILE A 22 -2.71 -10.49 2.64
C ILE A 22 -2.80 -8.98 2.41
N ILE A 23 -3.40 -8.28 3.32
CA ILE A 23 -3.52 -6.81 3.16
C ILE A 23 -2.13 -6.19 3.22
N GLY A 24 -1.30 -6.67 4.12
CA GLY A 24 0.08 -6.12 4.24
C GLY A 24 0.82 -6.30 2.91
N TYR A 25 0.62 -7.41 2.25
CA TYR A 25 1.31 -7.64 0.96
C TYR A 25 0.84 -6.65 -0.10
N TYR A 26 -0.44 -6.48 -0.25
CA TYR A 26 -0.95 -5.53 -1.28
C TYR A 26 -0.51 -4.10 -0.97
N LEU A 27 -0.67 -3.66 0.25
CA LEU A 27 -0.27 -2.27 0.58
C LEU A 27 1.26 -2.15 0.50
N GLN A 28 1.97 -3.22 0.78
CA GLN A 28 3.45 -3.14 0.68
C GLN A 28 3.80 -2.78 -0.77
N LEU A 29 3.10 -3.38 -1.71
CA LEU A 29 3.36 -3.05 -3.14
C LEU A 29 3.05 -1.57 -3.34
N TYR A 30 2.04 -1.08 -2.69
CA TYR A 30 1.69 0.36 -2.82
C TYR A 30 2.84 1.22 -2.27
N ALA A 31 3.44 0.79 -1.19
CA ALA A 31 4.56 1.60 -0.59
C ALA A 31 5.71 1.72 -1.59
N VAL A 32 6.12 0.65 -2.22
CA VAL A 32 7.24 0.76 -3.20
C VAL A 32 6.81 1.70 -4.33
N GLU A 33 5.58 1.65 -4.74
CA GLU A 33 5.13 2.57 -5.82
C GLU A 33 5.32 4.01 -5.37
N LEU A 34 5.12 4.26 -4.10
CA LEU A 34 5.31 5.65 -3.58
C LEU A 34 6.78 6.04 -3.70
N ILE A 35 7.68 5.16 -3.36
CA ILE A 35 9.13 5.48 -3.45
C ILE A 35 9.51 5.79 -4.91
N LEU A 36 9.11 4.96 -5.82
CA LEU A 36 9.45 5.20 -7.25
C LEU A 36 8.73 6.46 -7.73
N SER A 37 7.54 6.70 -7.25
CA SER A 37 6.78 7.92 -7.66
C SER A 37 7.29 9.11 -6.86
N GLU A 38 8.22 8.89 -5.97
CA GLU A 38 8.76 10.01 -5.15
C GLU A 38 9.95 10.65 -5.85
N GLU A 39 10.16 11.92 -5.64
CA GLU A 39 11.30 12.61 -6.30
C GLU A 39 12.61 11.91 -5.93
N ASP A 40 13.58 11.95 -6.79
CA ASP A 40 14.88 11.28 -6.49
C ASP A 40 15.48 11.84 -5.21
N ARG A 41 15.92 10.96 -4.33
CA ARG A 41 16.52 11.41 -3.04
C ARG A 41 17.94 10.88 -2.93
N SER A 42 18.68 11.33 -1.94
CA SER A 42 20.08 10.87 -1.78
C SER A 42 20.12 9.34 -1.64
N GLN A 43 21.29 8.78 -1.66
CA GLN A 43 21.43 7.30 -1.57
C GLN A 43 20.76 6.77 -0.31
N GLU A 44 20.66 7.54 0.73
CA GLU A 44 20.02 7.04 1.97
C GLU A 44 18.65 6.45 1.63
N MET A 45 17.92 7.11 0.77
CA MET A 45 16.58 6.57 0.37
C MET A 45 16.77 5.27 -0.40
N THR A 46 17.78 5.20 -1.23
CA THR A 46 18.01 3.96 -2.00
C THR A 46 18.26 2.79 -1.05
N ALA A 47 18.95 3.04 0.04
CA ALA A 47 19.20 1.95 1.02
C ALA A 47 17.87 1.50 1.60
N LEU A 48 17.03 2.44 1.97
CA LEU A 48 15.70 2.07 2.54
C LEU A 48 14.89 1.32 1.47
N ALA A 49 15.01 1.73 0.23
CA ALA A 49 14.24 1.04 -0.84
C ALA A 49 14.68 -0.42 -0.89
N THR A 50 15.95 -0.67 -0.74
CA THR A 50 16.43 -2.07 -0.77
C THR A 50 15.79 -2.84 0.39
N GLU A 51 15.68 -2.23 1.53
CA GLU A 51 15.06 -2.94 2.69
C GLU A 51 13.61 -3.30 2.36
N LEU A 52 12.90 -2.42 1.71
CA LEU A 52 11.47 -2.72 1.36
C LEU A 52 11.43 -3.95 0.46
N LEU A 53 12.30 -4.04 -0.51
CA LEU A 53 12.30 -5.23 -1.41
C LEU A 53 12.58 -6.48 -0.57
N ASP A 54 13.48 -6.37 0.37
CA ASP A 54 13.79 -7.55 1.23
C ASP A 54 12.52 -8.00 1.94
N THR A 55 11.74 -7.05 2.40
CA THR A 55 10.49 -7.41 3.11
C THR A 55 9.57 -8.20 2.18
N ILE A 56 9.47 -7.80 0.94
CA ILE A 56 8.60 -8.54 -0.01
C ILE A 56 9.08 -9.99 -0.09
N GLU A 57 10.34 -10.18 -0.35
CA GLU A 57 10.88 -11.56 -0.42
C GLU A 57 10.68 -12.20 0.94
N ALA A 58 10.83 -11.44 1.98
CA ALA A 58 10.63 -11.98 3.35
C ALA A 58 9.16 -12.38 3.52
N PHE A 59 8.27 -11.65 2.88
CA PHE A 59 6.82 -12.00 2.99
C PHE A 59 6.62 -13.42 2.49
N LYS A 60 7.10 -13.73 1.31
CA LYS A 60 6.93 -15.11 0.79
C LYS A 60 7.65 -16.08 1.72
N LYS A 61 8.80 -15.69 2.22
CA LYS A 61 9.57 -16.57 3.15
C LYS A 61 9.00 -16.43 4.56
N GLU A 62 8.02 -15.60 4.74
CA GLU A 62 7.43 -15.38 6.09
C GLU A 62 7.15 -16.72 6.77
N ILE A 63 6.81 -17.73 6.01
CA ILE A 63 6.52 -19.05 6.64
C ILE A 63 7.80 -19.62 7.25
N GLY A 64 8.91 -19.50 6.56
CA GLY A 64 10.18 -20.02 7.12
C GLY A 64 10.16 -21.55 7.08
N GLY A 65 9.04 -22.12 6.71
CA GLY A 65 8.93 -23.60 6.65
C GLY A 65 8.36 -24.13 7.97
N GLU A 66 8.18 -23.27 8.93
CA GLU A 66 7.61 -23.73 10.23
C GLU A 66 6.18 -24.22 10.03
N SER A 67 5.38 -23.47 9.33
CA SER A 67 3.98 -23.91 9.09
C SER A 67 4.00 -25.18 8.23
N GLU A 68 4.96 -25.29 7.36
CA GLU A 68 5.05 -26.48 6.49
C GLU A 68 5.22 -27.74 7.35
N ALA A 69 5.80 -27.60 8.51
CA ALA A 69 6.01 -28.79 9.38
C ALA A 69 4.65 -29.40 9.76
N GLU A 70 3.68 -28.59 10.05
CA GLU A 70 2.34 -29.13 10.42
C GLU A 70 1.24 -28.36 9.68
N ASP A 71 0.18 -29.02 9.33
CA ASP A 71 -0.94 -28.35 8.61
C ASP A 71 -0.36 -27.52 7.46
N SER A 72 0.58 -28.06 6.74
CA SER A 72 1.18 -27.32 5.61
C SER A 72 0.13 -27.03 4.54
N ASP A 73 -0.75 -27.95 4.30
CA ASP A 73 -1.79 -27.73 3.26
C ASP A 73 -2.65 -26.53 3.63
N LYS A 74 -3.02 -26.40 4.87
CA LYS A 74 -3.86 -25.25 5.29
C LYS A 74 -3.09 -23.94 5.17
N SER A 75 -1.88 -23.89 5.66
CA SER A 75 -1.09 -22.63 5.57
C SER A 75 -0.80 -22.29 4.11
N LEU A 76 -0.45 -23.26 3.33
CA LEU A 76 -0.16 -22.99 1.89
C LEU A 76 -1.45 -22.64 1.16
N HIS A 77 -2.53 -23.26 1.50
CA HIS A 77 -3.82 -22.97 0.81
C HIS A 77 -4.20 -21.50 0.99
N VAL A 78 -4.09 -20.98 2.18
CA VAL A 78 -4.46 -19.56 2.41
C VAL A 78 -3.44 -18.64 1.72
N MET A 79 -2.17 -18.86 1.96
CA MET A 79 -1.15 -18.00 1.33
C MET A 79 -1.09 -18.24 -0.19
N ASN A 80 -1.09 -19.47 -0.60
CA ASN A 80 -1.01 -19.77 -2.05
C ASN A 80 -2.26 -19.29 -2.79
N THR A 81 -3.42 -19.55 -2.24
CA THR A 81 -4.67 -19.13 -2.92
C THR A 81 -4.83 -17.61 -2.94
N LEU A 82 -4.66 -16.95 -1.83
CA LEU A 82 -4.86 -15.47 -1.81
C LEU A 82 -3.71 -14.75 -2.51
N ILE A 83 -2.51 -15.26 -2.43
CA ILE A 83 -1.37 -14.56 -3.08
C ILE A 83 -1.35 -14.83 -4.59
N HIS A 84 -1.58 -16.04 -4.99
CA HIS A 84 -1.54 -16.37 -6.45
C HIS A 84 -2.80 -15.85 -7.15
N ASP A 85 -3.96 -16.12 -6.62
CA ASP A 85 -5.21 -15.65 -7.29
C ASP A 85 -5.48 -14.19 -6.91
N GLN A 86 -5.26 -13.29 -7.82
CA GLN A 86 -5.50 -11.85 -7.51
C GLN A 86 -6.98 -11.63 -7.19
N GLU A 87 -7.86 -12.34 -7.84
CA GLU A 87 -9.32 -12.15 -7.57
C GLU A 87 -9.61 -12.45 -6.09
N LYS A 88 -9.05 -13.49 -5.57
CA LYS A 88 -9.29 -13.81 -4.13
C LYS A 88 -8.75 -12.67 -3.28
N ALA A 89 -7.66 -12.09 -3.70
CA ALA A 89 -7.09 -10.95 -2.91
C ALA A 89 -7.98 -9.72 -3.07
N LYS A 90 -8.51 -9.50 -4.25
CA LYS A 90 -9.37 -8.30 -4.46
C LYS A 90 -10.58 -8.32 -3.51
N ILE A 91 -11.27 -9.41 -3.41
CA ILE A 91 -12.46 -9.44 -2.50
C ILE A 91 -11.96 -9.45 -1.05
N TYR A 92 -10.90 -10.16 -0.77
CA TYR A 92 -10.39 -10.18 0.62
C TYR A 92 -9.98 -8.76 1.01
N MET A 93 -9.31 -8.08 0.12
CA MET A 93 -8.89 -6.68 0.41
C MET A 93 -10.11 -5.77 0.43
N LEU A 94 -11.05 -6.00 -0.46
CA LEU A 94 -12.26 -5.14 -0.49
C LEU A 94 -13.01 -5.28 0.83
N ASN A 95 -13.12 -6.48 1.33
CA ASN A 95 -13.84 -6.68 2.62
C ASN A 95 -13.09 -5.94 3.74
N PHE A 96 -11.79 -6.04 3.77
CA PHE A 96 -11.01 -5.34 4.84
C PHE A 96 -11.23 -3.83 4.71
N THR A 97 -11.19 -3.32 3.51
CA THR A 97 -11.37 -1.85 3.34
C THR A 97 -12.73 -1.43 3.91
N MET A 98 -13.76 -2.18 3.66
CA MET A 98 -15.09 -1.82 4.19
C MET A 98 -15.05 -1.85 5.72
N SER A 99 -14.43 -2.85 6.29
CA SER A 99 -14.35 -2.92 7.78
C SER A 99 -13.37 -1.85 8.27
N LEU A 100 -12.31 -1.63 7.55
CA LEU A 100 -11.33 -0.60 7.97
C LEU A 100 -11.99 0.78 7.94
N TYR A 101 -12.75 1.04 6.92
CA TYR A 101 -13.43 2.36 6.82
C TYR A 101 -14.38 2.55 8.01
N ASN A 102 -15.11 1.53 8.34
CA ASN A 102 -16.05 1.67 9.49
C ASN A 102 -15.28 2.04 10.75
N GLU A 103 -14.13 1.43 10.94
CA GLU A 103 -13.32 1.75 12.15
C GLU A 103 -12.92 3.23 12.12
N LYS A 104 -12.55 3.73 10.97
CA LYS A 104 -12.14 5.16 10.89
C LYS A 104 -13.32 6.05 11.29
N LEU A 105 -14.51 5.73 10.87
CA LEU A 105 -15.68 6.57 11.23
C LEU A 105 -15.79 6.63 12.75
N LYS A 106 -15.66 5.50 13.41
CA LYS A 106 -15.75 5.49 14.88
C LYS A 106 -14.63 6.37 15.48
N GLN A 107 -13.47 6.33 14.90
CA GLN A 107 -12.34 7.16 15.43
C GLN A 107 -12.70 8.64 15.34
N LEU A 108 -13.29 9.05 14.26
CA LEU A 108 -13.65 10.49 14.11
C LEU A 108 -14.71 10.84 15.17
N LYS A 109 -15.62 9.93 15.43
CA LYS A 109 -16.69 10.20 16.42
C LYS A 109 -16.14 10.02 17.85
N ASP A 110 -15.54 8.90 18.12
CA ASP A 110 -15.00 8.66 19.48
C ASP A 110 -13.61 9.30 19.63
N GLY A 111 -12.93 9.53 18.53
CA GLY A 111 -11.57 10.14 18.62
C GLY A 111 -11.63 11.62 18.23
N PRO A 112 -10.69 12.40 18.70
CA PRO A 112 -10.62 13.85 18.40
C PRO A 112 -10.24 14.11 16.94
N TRP A 113 -10.64 15.24 16.41
CA TRP A 113 -10.30 15.53 15.00
C TRP A 113 -8.96 16.27 14.91
N ASP A 114 -7.97 15.64 14.35
CA ASP A 114 -6.64 16.30 14.22
C ASP A 114 -6.09 16.06 12.82
N VAL A 115 -4.99 16.68 12.48
CA VAL A 115 -4.41 16.48 11.12
C VAL A 115 -4.04 15.02 10.94
N MET A 116 -3.63 14.36 11.99
CA MET A 116 -3.25 12.93 11.88
C MET A 116 -4.45 12.11 11.39
N LEU A 117 -5.63 12.45 11.85
CA LEU A 117 -6.83 11.70 11.41
C LEU A 117 -7.03 11.91 9.90
N LYS A 118 -6.80 13.11 9.43
CA LYS A 118 -6.96 13.37 7.97
C LYS A 118 -6.04 12.45 7.19
N ARG A 119 -4.83 12.29 7.65
CA ARG A 119 -3.87 11.40 6.93
C ARG A 119 -4.41 9.98 6.92
N SER A 120 -4.99 9.55 8.02
CA SER A 120 -5.54 8.15 8.08
C SER A 120 -6.63 7.99 7.03
N LEU A 121 -7.47 8.97 6.86
CA LEU A 121 -8.56 8.85 5.85
C LEU A 121 -7.95 8.73 4.45
N TRP A 122 -6.93 9.50 4.18
CA TRP A 122 -6.30 9.42 2.83
C TRP A 122 -5.76 8.01 2.60
N CYS A 123 -5.22 7.40 3.62
CA CYS A 123 -4.68 6.02 3.46
C CYS A 123 -5.81 5.06 3.09
N CYS A 124 -6.91 5.13 3.77
CA CYS A 124 -8.05 4.22 3.45
C CYS A 124 -8.53 4.48 2.02
N ILE A 125 -8.72 5.72 1.66
CA ILE A 125 -9.18 6.04 0.30
C ILE A 125 -8.17 5.52 -0.71
N ASP A 126 -6.90 5.62 -0.41
CA ASP A 126 -5.86 5.12 -1.34
C ASP A 126 -6.03 3.61 -1.56
N LEU A 127 -6.32 2.88 -0.52
CA LEU A 127 -6.50 1.41 -0.69
C LEU A 127 -7.67 1.13 -1.63
N PHE A 128 -8.76 1.82 -1.46
CA PHE A 128 -9.94 1.57 -2.33
C PHE A 128 -9.64 2.10 -3.74
N SER A 129 -9.06 3.25 -3.85
CA SER A 129 -8.76 3.82 -5.19
C SER A 129 -7.72 2.95 -5.91
N CYS A 130 -6.80 2.39 -5.19
CA CYS A 130 -5.77 1.53 -5.85
C CYS A 130 -6.42 0.25 -6.39
N ILE A 131 -7.19 -0.42 -5.57
CA ILE A 131 -7.85 -1.66 -6.03
C ILE A 131 -8.89 -1.34 -7.09
N LEU A 132 -9.71 -0.35 -6.84
CA LEU A 132 -10.76 0.01 -7.83
C LEU A 132 -10.09 0.48 -9.13
N HIS A 133 -9.03 1.22 -9.03
CA HIS A 133 -8.35 1.70 -10.28
C HIS A 133 -7.91 0.51 -11.13
N LEU A 134 -7.24 -0.44 -10.54
CA LEU A 134 -6.78 -1.62 -11.32
C LEU A 134 -8.00 -2.41 -11.83
N TRP A 135 -8.98 -2.59 -10.98
CA TRP A 135 -10.19 -3.35 -11.39
C TRP A 135 -11.20 -2.41 -12.07
N LYS A 136 -10.91 -1.14 -12.13
CA LYS A 136 -11.87 -0.19 -12.76
C LYS A 136 -12.30 -0.72 -14.13
N GLU A 137 -11.39 -1.31 -14.86
CA GLU A 137 -11.75 -1.83 -16.21
C GLU A 137 -12.76 -2.96 -16.06
N ASN A 138 -12.76 -3.63 -14.94
CA ASN A 138 -13.71 -4.75 -14.73
C ASN A 138 -15.02 -4.23 -14.11
N ILE A 139 -15.09 -2.96 -13.81
CA ILE A 139 -16.34 -2.40 -13.22
C ILE A 139 -17.08 -1.60 -14.29
N SER A 140 -18.39 -1.58 -14.23
CA SER A 140 -19.17 -0.81 -15.25
C SER A 140 -19.11 0.68 -14.90
N GLU A 141 -19.28 1.54 -15.85
CA GLU A 141 -19.22 3.00 -15.57
C GLU A 141 -20.26 3.37 -14.52
N THR A 142 -21.42 2.77 -14.58
CA THR A 142 -22.47 3.10 -13.57
C THR A 142 -22.11 2.45 -12.23
N SER A 143 -21.71 1.21 -12.25
CA SER A 143 -21.34 0.52 -10.98
C SER A 143 -20.14 1.21 -10.33
N THR A 144 -19.13 1.52 -11.11
CA THR A 144 -17.94 2.20 -10.53
C THR A 144 -18.37 3.57 -10.02
N ASN A 145 -19.22 4.24 -10.73
CA ASN A 145 -19.68 5.58 -10.27
C ASN A 145 -20.26 5.45 -8.86
N SER A 146 -21.03 4.42 -8.61
CA SER A 146 -21.61 4.23 -7.26
C SER A 146 -20.47 4.06 -6.25
N LEU A 147 -19.48 3.30 -6.58
CA LEU A 147 -18.34 3.11 -5.64
C LEU A 147 -17.68 4.46 -5.40
N GLN A 148 -17.58 5.26 -6.43
CA GLN A 148 -16.97 6.60 -6.27
C GLN A 148 -17.83 7.42 -5.29
N LYS A 149 -19.13 7.24 -5.34
CA LYS A 149 -20.01 8.00 -4.41
C LYS A 149 -19.66 7.62 -2.98
N ARG A 150 -19.39 6.37 -2.71
CA ARG A 150 -19.04 5.98 -1.33
C ARG A 150 -17.76 6.72 -0.93
N ILE A 151 -16.82 6.77 -1.83
CA ILE A 151 -15.55 7.50 -1.54
C ILE A 151 -15.87 8.97 -1.37
N LYS A 152 -16.77 9.48 -2.17
CA LYS A 152 -17.14 10.92 -2.07
C LYS A 152 -17.65 11.17 -0.64
N TYR A 153 -18.43 10.25 -0.12
CA TYR A 153 -18.94 10.43 1.27
C TYR A 153 -17.75 10.56 2.21
N CYS A 154 -16.75 9.74 2.01
CA CYS A 154 -15.54 9.82 2.89
C CYS A 154 -14.90 11.20 2.69
N LYS A 155 -14.68 11.59 1.47
CA LYS A 155 -14.07 12.92 1.21
C LYS A 155 -15.01 14.03 1.70
N ILE A 156 -16.30 13.81 1.63
CA ILE A 156 -17.26 14.85 2.09
C ILE A 156 -16.99 15.17 3.57
N TYR A 157 -16.88 14.18 4.39
CA TYR A 157 -16.60 14.45 5.83
C TYR A 157 -15.23 15.13 5.92
N LEU A 158 -14.28 14.63 5.18
CA LEU A 158 -12.92 15.23 5.19
C LEU A 158 -12.99 16.69 4.75
N SER A 159 -13.78 16.97 3.74
CA SER A 159 -13.90 18.37 3.26
C SER A 159 -14.47 19.25 4.36
N LYS A 160 -15.45 18.76 5.08
CA LYS A 160 -16.05 19.58 6.16
C LYS A 160 -14.98 19.90 7.20
N LEU A 161 -14.11 18.97 7.49
CA LEU A 161 -13.04 19.23 8.49
C LEU A 161 -12.11 20.31 7.93
N ALA A 162 -11.88 20.30 6.64
CA ALA A 162 -10.99 21.33 6.05
C ALA A 162 -11.62 22.71 6.27
N LYS A 163 -12.92 22.81 6.20
CA LYS A 163 -13.58 24.13 6.43
C LYS A 163 -13.72 24.37 7.93
N GLY A 164 -13.47 23.36 8.72
CA GLY A 164 -13.58 23.54 10.20
C GLY A 164 -14.99 23.15 10.66
N GLU A 165 -15.84 22.75 9.75
CA GLU A 165 -17.21 22.36 10.14
C GLU A 165 -17.29 20.84 10.35
N ILE A 166 -18.05 20.40 11.32
CA ILE A 166 -18.19 18.94 11.57
C ILE A 166 -19.63 18.51 11.35
N GLY A 167 -19.85 17.42 10.68
CA GLY A 167 -21.25 16.96 10.44
C GLY A 167 -21.94 16.69 11.77
N ASN B 1 33.39 21.98 -21.20
CA ASN B 1 32.47 23.03 -21.71
C ASN B 1 31.62 23.56 -20.56
N VAL B 2 30.68 22.77 -20.08
CA VAL B 2 29.82 23.23 -18.96
C VAL B 2 30.14 22.40 -17.71
N PRO B 3 29.88 22.95 -16.55
CA PRO B 3 30.14 22.26 -15.26
C PRO B 3 29.39 20.92 -15.14
N GLU B 4 29.98 19.96 -14.51
CA GLU B 4 29.30 18.64 -14.36
C GLU B 4 27.96 18.83 -13.66
N ILE B 5 26.97 18.06 -14.04
CA ILE B 5 25.63 18.19 -13.41
C ILE B 5 25.30 16.91 -12.63
N LYS B 6 24.78 17.04 -11.44
CA LYS B 6 24.44 15.84 -10.63
C LYS B 6 25.70 14.99 -10.43
N ALA B 7 26.79 15.61 -10.06
CA ALA B 7 28.04 14.83 -9.84
C ALA B 7 27.82 13.80 -8.73
N LYS B 8 26.99 14.12 -7.77
CA LYS B 8 26.73 13.16 -6.66
C LYS B 8 26.21 11.85 -7.24
N GLU B 9 25.43 11.92 -8.29
CA GLU B 9 24.88 10.67 -8.89
C GLU B 9 25.77 10.25 -10.07
N VAL B 10 26.00 8.96 -10.20
CA VAL B 10 26.86 8.48 -11.32
C VAL B 10 25.99 7.72 -12.34
N ASN B 11 26.29 7.87 -13.59
CA ASN B 11 25.49 7.16 -14.62
C ASN B 11 25.34 5.69 -14.24
N VAL B 12 26.36 5.11 -13.68
CA VAL B 12 26.28 3.68 -13.28
C VAL B 12 25.19 3.51 -12.22
N ASP B 13 25.11 4.42 -11.28
CA ASP B 13 24.07 4.32 -10.22
C ASP B 13 22.69 4.38 -10.87
N ASP B 14 22.54 5.15 -11.91
CA ASP B 14 21.22 5.29 -12.57
C ASP B 14 20.72 3.92 -13.06
N GLU B 15 21.57 3.16 -13.71
CA GLU B 15 21.13 1.84 -14.21
C GLU B 15 20.88 0.87 -13.04
N LYS B 16 21.71 0.87 -12.04
CA LYS B 16 21.49 -0.06 -10.90
C LYS B 16 20.12 0.23 -10.28
N GLU B 17 19.77 1.47 -10.14
CA GLU B 17 18.44 1.80 -9.55
C GLU B 17 17.34 1.31 -10.50
N ASP B 18 17.54 1.46 -11.78
CA ASP B 18 16.51 0.99 -12.75
C ASP B 18 16.36 -0.52 -12.63
N LYS B 19 17.45 -1.22 -12.44
CA LYS B 19 17.37 -2.71 -12.32
C LYS B 19 16.51 -3.07 -11.11
N LEU B 20 16.69 -2.39 -10.01
CA LEU B 20 15.87 -2.70 -8.81
C LEU B 20 14.40 -2.46 -9.12
N ALA B 21 14.10 -1.39 -9.80
CA ALA B 21 12.69 -1.10 -10.16
C ALA B 21 12.18 -2.18 -11.12
N GLN B 22 13.00 -2.57 -12.05
CA GLN B 22 12.58 -3.62 -13.03
C GLN B 22 12.37 -4.93 -12.27
N ARG B 23 13.18 -5.19 -11.28
CA ARG B 23 13.02 -6.45 -10.51
C ARG B 23 11.64 -6.47 -9.86
N LEU B 24 11.22 -5.38 -9.29
CA LEU B 24 9.87 -5.33 -8.66
C LEU B 24 8.80 -5.60 -9.72
N ARG B 25 8.95 -4.99 -10.87
CA ARG B 25 7.95 -5.22 -11.95
C ARG B 25 7.93 -6.71 -12.28
N ALA B 26 9.07 -7.34 -12.27
CA ALA B 26 9.11 -8.80 -12.57
C ALA B 26 8.39 -9.54 -11.45
N LEU B 27 8.50 -9.04 -10.23
CA LEU B 27 7.81 -9.71 -9.09
C LEU B 27 6.31 -9.73 -9.36
N ARG B 28 5.78 -8.68 -9.92
CA ARG B 28 4.33 -8.64 -10.22
C ARG B 28 4.09 -9.03 -11.68
N GLY B 29 5.14 -9.30 -12.40
CA GLY B 29 4.98 -9.69 -13.83
C GLY B 29 5.12 -11.21 -13.98
N MET A 1 3.49 11.52 -0.29
CA MET A 1 4.83 11.90 0.25
C MET A 1 5.55 10.64 0.72
N ALA A 2 6.86 10.62 0.61
CA ALA A 2 7.62 9.43 1.05
C ALA A 2 7.34 9.16 2.53
N SER A 3 7.23 10.20 3.31
CA SER A 3 6.94 10.01 4.76
C SER A 3 5.57 9.36 4.93
N ASN A 4 4.63 9.75 4.12
CA ASN A 4 3.28 9.15 4.24
C ASN A 4 3.40 7.64 4.02
N ALA A 5 4.21 7.24 3.09
CA ALA A 5 4.40 5.79 2.85
C ALA A 5 5.04 5.16 4.08
N ALA A 6 5.96 5.86 4.69
CA ALA A 6 6.63 5.32 5.91
C ALA A 6 5.59 5.06 7.00
N ARG A 7 4.68 5.98 7.20
CA ARG A 7 3.64 5.77 8.25
C ARG A 7 2.85 4.51 7.90
N VAL A 8 2.51 4.34 6.66
CA VAL A 8 1.74 3.13 6.26
C VAL A 8 2.58 1.89 6.53
N VAL A 9 3.87 1.97 6.34
CA VAL A 9 4.73 0.80 6.59
C VAL A 9 4.60 0.41 8.05
N ALA A 10 4.54 1.37 8.93
CA ALA A 10 4.39 1.05 10.37
C ALA A 10 3.03 0.38 10.60
N THR A 11 2.00 0.91 10.02
CA THR A 11 0.66 0.30 10.19
C THR A 11 0.67 -1.07 9.51
N ALA A 12 1.42 -1.21 8.45
CA ALA A 12 1.47 -2.52 7.75
C ALA A 12 1.99 -3.58 8.72
N LYS A 13 3.00 -3.26 9.48
CA LYS A 13 3.53 -4.26 10.45
C LYS A 13 2.41 -4.57 11.44
N ASP A 14 1.68 -3.58 11.86
CA ASP A 14 0.56 -3.83 12.81
C ASP A 14 -0.44 -4.80 12.17
N PHE A 15 -0.67 -4.64 10.89
CA PHE A 15 -1.62 -5.55 10.20
C PHE A 15 -1.10 -6.99 10.28
N ASP A 16 0.17 -7.17 10.09
CA ASP A 16 0.74 -8.55 10.16
C ASP A 16 0.45 -9.13 11.55
N LYS A 17 0.55 -8.30 12.57
CA LYS A 17 0.26 -8.79 13.95
C LYS A 17 -1.17 -9.31 14.01
N VAL A 18 -2.05 -8.73 13.22
CA VAL A 18 -3.47 -9.18 13.25
C VAL A 18 -3.63 -10.40 12.33
N GLY A 19 -2.63 -10.73 11.58
CA GLY A 19 -2.73 -11.91 10.66
C GLY A 19 -3.27 -11.46 9.31
N LEU A 20 -3.23 -10.19 9.03
CA LEU A 20 -3.72 -9.69 7.73
C LEU A 20 -2.55 -9.55 6.75
N GLY A 21 -1.74 -10.58 6.66
CA GLY A 21 -0.56 -10.51 5.75
C GLY A 21 -1.00 -10.26 4.31
N ILE A 22 -2.19 -10.67 3.94
CA ILE A 22 -2.64 -10.45 2.54
C ILE A 22 -2.60 -8.96 2.20
N ILE A 23 -3.26 -8.15 2.98
CA ILE A 23 -3.25 -6.70 2.69
C ILE A 23 -1.83 -6.15 2.88
N GLY A 24 -1.11 -6.68 3.82
CA GLY A 24 0.28 -6.19 4.04
C GLY A 24 1.09 -6.39 2.76
N TYR A 25 0.94 -7.51 2.11
CA TYR A 25 1.71 -7.74 0.86
C TYR A 25 1.28 -6.76 -0.23
N TYR A 26 0.00 -6.61 -0.44
CA TYR A 26 -0.46 -5.67 -1.51
C TYR A 26 -0.25 -4.21 -1.07
N LEU A 27 -0.52 -3.89 0.17
CA LEU A 27 -0.33 -2.48 0.62
C LEU A 27 1.17 -2.15 0.62
N GLN A 28 2.01 -3.08 0.97
CA GLN A 28 3.47 -2.79 0.96
C GLN A 28 3.90 -2.52 -0.49
N LEU A 29 3.39 -3.27 -1.42
CA LEU A 29 3.76 -3.03 -2.85
C LEU A 29 3.36 -1.60 -3.21
N TYR A 30 2.24 -1.15 -2.73
CA TYR A 30 1.81 0.24 -3.03
C TYR A 30 2.78 1.23 -2.38
N ALA A 31 3.29 0.90 -1.23
CA ALA A 31 4.23 1.84 -0.53
C ALA A 31 5.48 2.05 -1.39
N VAL A 32 6.05 1.01 -1.93
CA VAL A 32 7.27 1.20 -2.78
C VAL A 32 6.88 2.00 -4.02
N GLU A 33 5.79 1.67 -4.64
CA GLU A 33 5.37 2.44 -5.84
C GLU A 33 5.15 3.90 -5.44
N LEU A 34 4.66 4.12 -4.24
CA LEU A 34 4.42 5.52 -3.77
C LEU A 34 5.75 6.26 -3.68
N ILE A 35 6.76 5.64 -3.13
CA ILE A 35 8.08 6.31 -3.00
C ILE A 35 8.64 6.65 -4.38
N LEU A 36 8.54 5.74 -5.30
CA LEU A 36 9.06 5.99 -6.67
C LEU A 36 8.33 7.19 -7.28
N SER A 37 7.08 7.37 -6.94
CA SER A 37 6.32 8.52 -7.50
C SER A 37 6.84 9.83 -6.89
N GLU A 38 7.43 9.74 -5.72
CA GLU A 38 7.96 10.96 -5.05
C GLU A 38 9.14 11.52 -5.85
N GLU A 39 9.35 12.81 -5.80
CA GLU A 39 10.47 13.42 -6.55
C GLU A 39 11.78 12.74 -6.14
N ASP A 40 12.74 12.69 -7.03
CA ASP A 40 14.02 12.01 -6.70
C ASP A 40 14.63 12.63 -5.44
N ARG A 41 15.12 11.81 -4.56
CA ARG A 41 15.73 12.30 -3.30
C ARG A 41 17.18 11.80 -3.20
N SER A 42 17.92 12.28 -2.25
CA SER A 42 19.34 11.84 -2.12
C SER A 42 19.40 10.32 -1.97
N GLN A 43 20.57 9.77 -2.03
CA GLN A 43 20.73 8.29 -1.92
C GLN A 43 20.10 7.77 -0.62
N GLU A 44 20.01 8.58 0.39
CA GLU A 44 19.42 8.09 1.67
C GLU A 44 18.05 7.46 1.38
N MET A 45 17.27 8.08 0.54
CA MET A 45 15.93 7.50 0.21
C MET A 45 16.15 6.18 -0.54
N THR A 46 17.12 6.13 -1.40
CA THR A 46 17.39 4.89 -2.15
C THR A 46 17.69 3.75 -1.17
N ALA A 47 18.43 4.04 -0.13
CA ALA A 47 18.75 2.98 0.86
C ALA A 47 17.45 2.50 1.51
N LEU A 48 16.58 3.42 1.85
CA LEU A 48 15.28 3.01 2.47
C LEU A 48 14.47 2.19 1.47
N ALA A 49 14.54 2.52 0.22
CA ALA A 49 13.78 1.74 -0.80
C ALA A 49 14.30 0.31 -0.85
N THR A 50 15.59 0.15 -0.77
CA THR A 50 16.18 -1.22 -0.79
C THR A 50 15.67 -2.01 0.41
N GLU A 51 15.62 -1.38 1.56
CA GLU A 51 15.15 -2.10 2.77
C GLU A 51 13.68 -2.51 2.59
N LEU A 52 12.87 -1.65 2.03
CA LEU A 52 11.44 -1.98 1.82
C LEU A 52 11.34 -3.21 0.91
N LEU A 53 12.13 -3.26 -0.13
CA LEU A 53 12.09 -4.44 -1.04
C LEU A 53 12.46 -5.69 -0.24
N ASP A 54 13.41 -5.57 0.64
CA ASP A 54 13.80 -6.75 1.46
C ASP A 54 12.60 -7.23 2.25
N THR A 55 11.82 -6.30 2.74
CA THR A 55 10.61 -6.68 3.53
C THR A 55 9.68 -7.51 2.65
N ILE A 56 9.51 -7.13 1.41
CA ILE A 56 8.61 -7.91 0.51
C ILE A 56 9.13 -9.35 0.44
N GLU A 57 10.39 -9.52 0.13
CA GLU A 57 10.94 -10.90 0.06
C GLU A 57 10.84 -11.49 1.46
N ALA A 58 11.05 -10.69 2.47
CA ALA A 58 10.95 -11.19 3.86
C ALA A 58 9.48 -11.52 4.16
N PHE A 59 8.56 -10.81 3.56
CA PHE A 59 7.13 -11.10 3.81
C PHE A 59 6.83 -12.55 3.42
N LYS A 60 7.16 -12.94 2.22
CA LYS A 60 6.90 -14.35 1.81
C LYS A 60 7.69 -15.30 2.71
N LYS A 61 8.93 -14.98 2.98
CA LYS A 61 9.77 -15.86 3.85
C LYS A 61 9.51 -15.55 5.33
N GLU A 62 8.67 -14.60 5.61
CA GLU A 62 8.40 -14.24 7.04
C GLU A 62 8.11 -15.51 7.84
N ILE A 63 7.45 -16.47 7.25
CA ILE A 63 7.14 -17.72 8.01
C ILE A 63 8.43 -18.50 8.26
N GLY A 64 9.30 -18.57 7.30
CA GLY A 64 10.56 -19.32 7.48
C GLY A 64 10.31 -20.80 7.24
N GLY A 65 9.07 -21.17 7.03
CA GLY A 65 8.75 -22.60 6.78
C GLY A 65 8.45 -23.31 8.10
N GLU A 66 8.63 -22.64 9.20
CA GLU A 66 8.36 -23.29 10.51
C GLU A 66 6.86 -23.58 10.65
N SER A 67 6.03 -22.63 10.34
CA SER A 67 4.56 -22.87 10.44
C SER A 67 4.14 -23.90 9.40
N GLU A 68 4.78 -23.88 8.26
CA GLU A 68 4.43 -24.83 7.18
C GLU A 68 4.67 -26.27 7.66
N ALA A 69 5.62 -26.47 8.54
CA ALA A 69 5.91 -27.84 9.04
C ALA A 69 4.59 -28.60 9.24
N GLU A 70 3.57 -27.93 9.68
CA GLU A 70 2.26 -28.61 9.90
C GLU A 70 1.25 -28.10 8.86
N ASP A 71 0.55 -28.97 8.20
CA ASP A 71 -0.45 -28.52 7.19
C ASP A 71 0.23 -27.55 6.22
N SER A 72 1.38 -27.90 5.73
CA SER A 72 2.10 -26.99 4.78
C SER A 72 1.23 -26.69 3.57
N ASP A 73 0.51 -27.66 3.09
CA ASP A 73 -0.35 -27.43 1.89
C ASP A 73 -1.37 -26.33 2.18
N LYS A 74 -1.98 -26.36 3.32
CA LYS A 74 -2.99 -25.31 3.65
C LYS A 74 -2.33 -23.94 3.76
N SER A 75 -1.17 -23.86 4.38
CA SER A 75 -0.50 -22.53 4.53
C SER A 75 -0.10 -22.00 3.15
N LEU A 76 0.42 -22.85 2.31
CA LEU A 76 0.84 -22.40 0.96
C LEU A 76 -0.40 -22.03 0.13
N HIS A 77 -1.45 -22.78 0.28
CA HIS A 77 -2.69 -22.50 -0.51
C HIS A 77 -3.21 -21.09 -0.19
N VAL A 78 -3.26 -20.73 1.06
CA VAL A 78 -3.78 -19.38 1.42
C VAL A 78 -2.83 -18.29 0.93
N MET A 79 -1.56 -18.42 1.21
CA MET A 79 -0.60 -17.38 0.76
C MET A 79 -0.45 -17.39 -0.76
N ASN A 80 -0.29 -18.54 -1.34
CA ASN A 80 -0.11 -18.59 -2.82
C ASN A 80 -1.40 -18.19 -3.55
N THR A 81 -2.53 -18.60 -3.06
CA THR A 81 -3.81 -18.26 -3.75
C THR A 81 -4.14 -16.78 -3.64
N LEU A 82 -4.09 -16.21 -2.46
CA LEU A 82 -4.45 -14.78 -2.31
C LEU A 82 -3.33 -13.86 -2.83
N ILE A 83 -2.11 -14.25 -2.70
CA ILE A 83 -0.99 -13.39 -3.17
C ILE A 83 -0.85 -13.46 -4.70
N HIS A 84 -1.08 -14.60 -5.29
CA HIS A 84 -0.92 -14.71 -6.76
C HIS A 84 -2.24 -14.38 -7.49
N ASP A 85 -3.36 -14.65 -6.88
CA ASP A 85 -4.65 -14.34 -7.57
C ASP A 85 -5.05 -12.89 -7.32
N GLN A 86 -4.96 -12.06 -8.32
CA GLN A 86 -5.31 -10.63 -8.17
C GLN A 86 -6.78 -10.46 -7.79
N GLU A 87 -7.67 -11.24 -8.34
CA GLU A 87 -9.12 -11.09 -8.03
C GLU A 87 -9.37 -11.38 -6.55
N LYS A 88 -8.85 -12.47 -6.06
CA LYS A 88 -9.07 -12.80 -4.61
C LYS A 88 -8.43 -11.71 -3.76
N ALA A 89 -7.36 -11.14 -4.21
CA ALA A 89 -6.68 -10.09 -3.42
C ALA A 89 -7.57 -8.85 -3.33
N LYS A 90 -8.16 -8.44 -4.41
CA LYS A 90 -9.01 -7.22 -4.35
C LYS A 90 -10.21 -7.42 -3.43
N ILE A 91 -10.93 -8.50 -3.57
CA ILE A 91 -12.12 -8.70 -2.69
C ILE A 91 -11.65 -8.83 -1.24
N TYR A 92 -10.56 -9.51 -1.01
CA TYR A 92 -10.08 -9.66 0.38
C TYR A 92 -9.73 -8.26 0.91
N MET A 93 -9.07 -7.48 0.10
CA MET A 93 -8.70 -6.10 0.53
C MET A 93 -9.96 -5.24 0.60
N LEU A 94 -10.83 -5.35 -0.36
CA LEU A 94 -12.07 -4.54 -0.34
C LEU A 94 -12.87 -4.91 0.92
N ASN A 95 -12.89 -6.17 1.25
CA ASN A 95 -13.65 -6.60 2.46
C ASN A 95 -13.07 -5.92 3.70
N PHE A 96 -11.77 -5.90 3.82
CA PHE A 96 -11.15 -5.25 5.01
C PHE A 96 -11.44 -3.75 5.00
N THR A 97 -11.23 -3.10 3.88
CA THR A 97 -11.50 -1.65 3.80
C THR A 97 -12.96 -1.37 4.11
N MET A 98 -13.85 -2.18 3.61
CA MET A 98 -15.30 -1.96 3.87
C MET A 98 -15.55 -2.01 5.38
N SER A 99 -14.91 -2.92 6.07
CA SER A 99 -15.11 -3.02 7.53
C SER A 99 -14.59 -1.75 8.21
N LEU A 100 -13.51 -1.20 7.72
CA LEU A 100 -12.97 0.03 8.34
C LEU A 100 -13.94 1.19 8.15
N TYR A 101 -14.54 1.29 7.00
CA TYR A 101 -15.50 2.41 6.77
C TYR A 101 -16.66 2.31 7.75
N ASN A 102 -17.23 1.15 7.87
CA ASN A 102 -18.38 0.98 8.82
C ASN A 102 -17.90 1.13 10.27
N GLU A 103 -16.81 0.50 10.62
CA GLU A 103 -16.32 0.59 12.03
C GLU A 103 -15.91 2.02 12.36
N LYS A 104 -15.16 2.66 11.50
CA LYS A 104 -14.73 4.06 11.78
C LYS A 104 -15.96 4.96 11.78
N LEU A 105 -16.90 4.70 10.92
CA LEU A 105 -18.13 5.55 10.87
C LEU A 105 -18.79 5.57 12.24
N LYS A 106 -19.01 4.42 12.84
CA LYS A 106 -19.65 4.38 14.18
C LYS A 106 -18.76 5.10 15.20
N GLN A 107 -17.47 4.93 15.11
CA GLN A 107 -16.57 5.60 16.09
C GLN A 107 -16.74 7.12 16.01
N LEU A 108 -16.87 7.65 14.83
CA LEU A 108 -17.05 9.13 14.71
C LEU A 108 -18.39 9.53 15.32
N LYS A 109 -19.40 8.73 15.13
CA LYS A 109 -20.74 9.07 15.68
C LYS A 109 -20.77 8.82 17.20
N ASP A 110 -20.39 7.63 17.61
CA ASP A 110 -20.41 7.32 19.06
C ASP A 110 -19.11 7.75 19.72
N GLY A 111 -18.06 7.89 18.98
CA GLY A 111 -16.76 8.30 19.59
C GLY A 111 -16.50 9.79 19.35
N PRO A 112 -15.71 10.40 20.19
CA PRO A 112 -15.37 11.85 20.08
C PRO A 112 -14.46 12.13 18.88
N TRP A 113 -14.50 13.32 18.36
CA TRP A 113 -13.64 13.66 17.19
C TRP A 113 -12.32 14.24 17.67
N ASP A 114 -11.21 13.66 17.27
CA ASP A 114 -9.90 14.19 17.70
C ASP A 114 -8.97 14.23 16.48
N VAL A 115 -7.88 14.95 16.57
CA VAL A 115 -6.95 15.02 15.42
C VAL A 115 -6.41 13.62 15.12
N MET A 116 -6.24 12.83 16.14
CA MET A 116 -5.72 11.45 15.93
C MET A 116 -6.67 10.67 15.01
N LEU A 117 -7.95 10.81 15.24
CA LEU A 117 -8.93 10.09 14.39
C LEU A 117 -8.86 10.62 12.96
N LYS A 118 -8.65 11.90 12.81
CA LYS A 118 -8.57 12.48 11.44
C LYS A 118 -7.44 11.79 10.68
N ARG A 119 -6.32 11.61 11.31
CA ARG A 119 -5.19 10.93 10.62
C ARG A 119 -5.60 9.50 10.27
N SER A 120 -6.31 8.86 11.14
CA SER A 120 -6.74 7.45 10.85
C SER A 120 -7.63 7.43 9.61
N LEU A 121 -8.49 8.40 9.45
CA LEU A 121 -9.37 8.43 8.26
C LEU A 121 -8.53 8.60 7.00
N TRP A 122 -7.53 9.45 7.05
CA TRP A 122 -6.68 9.65 5.84
C TRP A 122 -5.99 8.34 5.47
N CYS A 123 -5.56 7.57 6.44
CA CYS A 123 -4.90 6.28 6.11
C CYS A 123 -5.92 5.38 5.41
N CYS A 124 -7.12 5.33 5.90
CA CYS A 124 -8.15 4.48 5.24
C CYS A 124 -8.32 4.92 3.80
N ILE A 125 -8.42 6.20 3.57
CA ILE A 125 -8.58 6.70 2.18
C ILE A 125 -7.38 6.28 1.35
N ASP A 126 -6.21 6.28 1.93
CA ASP A 126 -5.00 5.87 1.17
C ASP A 126 -5.20 4.45 0.64
N LEU A 127 -5.74 3.58 1.45
CA LEU A 127 -5.97 2.18 0.98
C LEU A 127 -6.96 2.20 -0.18
N PHE A 128 -8.01 2.98 -0.07
CA PHE A 128 -8.99 3.05 -1.18
C PHE A 128 -8.32 3.63 -2.43
N SER A 129 -7.53 4.65 -2.26
CA SER A 129 -6.86 5.26 -3.44
C SER A 129 -5.86 4.26 -4.04
N CYS A 130 -5.23 3.47 -3.22
CA CYS A 130 -4.25 2.48 -3.75
C CYS A 130 -5.00 1.39 -4.52
N ILE A 131 -6.02 0.83 -3.93
CA ILE A 131 -6.79 -0.23 -4.62
C ILE A 131 -7.52 0.37 -5.82
N LEU A 132 -8.13 1.49 -5.64
CA LEU A 132 -8.88 2.13 -6.76
C LEU A 132 -7.93 2.45 -7.91
N HIS A 133 -6.75 2.95 -7.61
CA HIS A 133 -5.79 3.29 -8.69
C HIS A 133 -5.31 2.04 -9.43
N LEU A 134 -4.88 1.03 -8.73
CA LEU A 134 -4.38 -0.20 -9.40
C LEU A 134 -5.51 -0.88 -10.18
N TRP A 135 -6.65 -1.03 -9.57
CA TRP A 135 -7.78 -1.72 -10.26
C TRP A 135 -8.60 -0.70 -11.07
N LYS A 136 -8.16 0.54 -11.13
CA LYS A 136 -8.93 1.55 -11.89
C LYS A 136 -9.28 1.02 -13.28
N GLU A 137 -8.35 0.38 -13.93
CA GLU A 137 -8.65 -0.17 -15.28
C GLU A 137 -9.65 -1.32 -15.16
N ASN A 138 -9.74 -1.91 -14.01
CA ASN A 138 -10.68 -3.04 -13.82
C ASN A 138 -12.06 -2.53 -13.38
N ILE A 139 -12.19 -1.25 -13.14
CA ILE A 139 -13.51 -0.69 -12.71
C ILE A 139 -14.08 0.20 -13.82
N SER A 140 -15.38 0.17 -13.98
CA SER A 140 -16.02 1.00 -15.05
C SER A 140 -16.09 2.45 -14.57
N GLU A 141 -16.16 3.38 -15.49
CA GLU A 141 -16.23 4.82 -15.09
C GLU A 141 -17.45 5.04 -14.19
N THR A 142 -18.58 4.49 -14.54
CA THR A 142 -19.78 4.68 -13.67
C THR A 142 -19.57 3.92 -12.36
N SER A 143 -19.08 2.72 -12.45
CA SER A 143 -18.83 1.94 -11.21
C SER A 143 -17.83 2.70 -10.36
N THR A 144 -16.92 3.40 -10.99
CA THR A 144 -15.93 4.20 -10.24
C THR A 144 -16.69 5.31 -9.51
N ASN A 145 -17.68 5.87 -10.14
CA ASN A 145 -18.48 6.94 -9.49
C ASN A 145 -19.04 6.41 -8.17
N SER A 146 -19.54 5.21 -8.18
CA SER A 146 -20.11 4.64 -6.93
C SER A 146 -19.00 4.54 -5.87
N LEU A 147 -17.90 3.94 -6.22
CA LEU A 147 -16.78 3.82 -5.24
C LEU A 147 -16.27 5.21 -4.90
N GLN A 148 -16.16 6.07 -5.88
CA GLN A 148 -15.68 7.44 -5.60
C GLN A 148 -16.71 8.16 -4.74
N LYS A 149 -17.97 7.83 -4.92
CA LYS A 149 -19.03 8.49 -4.10
C LYS A 149 -18.78 8.18 -2.62
N ARG A 150 -18.47 6.95 -2.30
CA ARG A 150 -18.20 6.61 -0.87
C ARG A 150 -16.97 7.39 -0.42
N ILE A 151 -15.97 7.46 -1.25
CA ILE A 151 -14.75 8.22 -0.86
C ILE A 151 -15.13 9.68 -0.65
N LYS A 152 -16.02 10.19 -1.48
CA LYS A 152 -16.44 11.60 -1.32
C LYS A 152 -17.02 11.78 0.09
N TYR A 153 -17.77 10.81 0.55
CA TYR A 153 -18.35 10.91 1.92
C TYR A 153 -17.20 11.06 2.91
N CYS A 154 -16.16 10.30 2.74
CA CYS A 154 -15.00 10.41 3.67
C CYS A 154 -14.37 11.80 3.52
N LYS A 155 -14.10 12.20 2.31
CA LYS A 155 -13.50 13.55 2.09
C LYS A 155 -14.47 14.61 2.62
N ILE A 156 -15.75 14.38 2.46
CA ILE A 156 -16.75 15.35 2.96
C ILE A 156 -16.57 15.56 4.46
N TYR A 157 -16.38 14.50 5.19
CA TYR A 157 -16.20 14.64 6.66
C TYR A 157 -14.93 15.45 6.95
N LEU A 158 -13.86 15.17 6.25
CA LEU A 158 -12.60 15.93 6.49
C LEU A 158 -12.84 17.41 6.22
N SER A 159 -13.61 17.74 5.20
CA SER A 159 -13.87 19.17 4.90
C SER A 159 -14.62 19.84 6.06
N LYS A 160 -15.61 19.17 6.59
CA LYS A 160 -16.37 19.77 7.73
C LYS A 160 -15.43 19.99 8.91
N LEU A 161 -14.55 19.06 9.16
CA LEU A 161 -13.60 19.23 10.30
C LEU A 161 -12.73 20.47 10.05
N ALA A 162 -12.36 20.70 8.82
CA ALA A 162 -11.52 21.89 8.51
C ALA A 162 -12.30 23.15 8.83
N LYS A 163 -13.58 23.16 8.56
CA LYS A 163 -14.40 24.37 8.86
C LYS A 163 -14.79 24.36 10.33
N GLY A 164 -14.52 23.30 11.03
CA GLY A 164 -14.88 23.23 12.48
C GLY A 164 -16.30 22.67 12.63
N GLU A 165 -16.91 22.25 11.56
CA GLU A 165 -18.28 21.71 11.64
C GLU A 165 -18.23 20.18 11.77
N ILE A 166 -19.14 19.61 12.52
CA ILE A 166 -19.16 18.14 12.70
C ILE A 166 -20.44 17.57 12.10
N GLY A 167 -20.34 16.49 11.36
CA GLY A 167 -21.55 15.89 10.75
C GLY A 167 -22.49 15.39 11.86
N ASN B 1 32.60 21.82 -28.66
CA ASN B 1 31.30 22.55 -28.70
C ASN B 1 30.36 21.97 -27.66
N VAL B 2 29.25 21.43 -28.09
CA VAL B 2 28.27 20.84 -27.12
C VAL B 2 28.89 19.59 -26.48
N PRO B 3 28.46 19.26 -25.29
CA PRO B 3 28.98 18.06 -24.57
C PRO B 3 28.75 16.77 -25.35
N GLU B 4 29.66 15.83 -25.24
CA GLU B 4 29.50 14.55 -25.98
C GLU B 4 29.02 13.47 -25.01
N ILE B 5 28.14 12.62 -25.44
CA ILE B 5 27.63 11.54 -24.54
C ILE B 5 28.81 10.72 -24.01
N LYS B 6 29.75 10.43 -24.85
CA LYS B 6 30.94 9.64 -24.39
C LYS B 6 31.64 10.38 -23.26
N ALA B 7 31.67 11.69 -23.34
CA ALA B 7 32.35 12.48 -22.26
C ALA B 7 31.64 12.25 -20.93
N LYS B 8 30.35 12.06 -20.97
CA LYS B 8 29.60 11.83 -19.69
C LYS B 8 29.81 10.39 -19.23
N GLU B 9 30.16 10.22 -17.98
CA GLU B 9 30.38 8.83 -17.46
C GLU B 9 29.27 8.48 -16.48
N VAL B 10 28.82 7.24 -16.49
CA VAL B 10 27.75 6.82 -15.55
C VAL B 10 28.34 5.87 -14.50
N ASN B 11 27.98 6.05 -13.27
CA ASN B 11 28.52 5.15 -12.20
C ASN B 11 27.85 3.78 -12.29
N VAL B 12 28.50 2.77 -11.80
CA VAL B 12 27.91 1.40 -11.83
C VAL B 12 26.68 1.35 -10.92
N ASP B 13 26.72 2.03 -9.82
CA ASP B 13 25.56 2.01 -8.89
C ASP B 13 24.29 2.46 -9.63
N ASP B 14 24.42 3.35 -10.57
CA ASP B 14 23.23 3.83 -11.31
C ASP B 14 22.48 2.66 -11.94
N GLU B 15 23.16 1.80 -12.63
CA GLU B 15 22.46 0.64 -13.26
C GLU B 15 21.98 -0.33 -12.18
N LYS B 16 22.76 -0.53 -11.14
CA LYS B 16 22.31 -1.46 -10.07
C LYS B 16 20.97 -0.98 -9.51
N GLU B 17 20.81 0.30 -9.33
CA GLU B 17 19.53 0.81 -8.79
C GLU B 17 18.42 0.58 -9.82
N ASP B 18 18.72 0.77 -11.07
CA ASP B 18 17.68 0.54 -12.11
C ASP B 18 17.22 -0.91 -12.06
N LYS B 19 18.15 -1.82 -11.88
CA LYS B 19 17.78 -3.26 -11.81
C LYS B 19 16.87 -3.49 -10.60
N LEU B 20 17.16 -2.84 -9.50
CA LEU B 20 16.31 -3.03 -8.28
C LEU B 20 14.87 -2.64 -8.62
N ALA B 21 14.68 -1.57 -9.34
CA ALA B 21 13.30 -1.14 -9.70
C ALA B 21 12.68 -2.20 -10.62
N GLN B 22 13.43 -2.68 -11.57
CA GLN B 22 12.88 -3.71 -12.50
C GLN B 22 12.58 -4.98 -11.72
N ARG B 23 13.38 -5.29 -10.74
CA ARG B 23 13.13 -6.52 -9.94
C ARG B 23 11.76 -6.40 -9.26
N LEU B 24 11.46 -5.25 -8.73
CA LEU B 24 10.13 -5.07 -8.07
C LEU B 24 9.02 -5.28 -9.10
N ARG B 25 9.17 -4.69 -10.26
CA ARG B 25 8.13 -4.85 -11.30
C ARG B 25 7.99 -6.34 -11.66
N ALA B 26 9.08 -7.06 -11.68
CA ALA B 26 9.01 -8.50 -12.01
C ALA B 26 8.24 -9.22 -10.89
N LEU B 27 8.43 -8.81 -9.67
CA LEU B 27 7.72 -9.46 -8.54
C LEU B 27 6.21 -9.28 -8.74
N ARG B 28 5.80 -8.14 -9.22
CA ARG B 28 4.35 -7.90 -9.43
C ARG B 28 3.95 -8.39 -10.83
N GLY B 29 4.92 -8.75 -11.63
CA GLY B 29 4.60 -9.23 -13.01
C GLY B 29 4.68 -10.76 -13.04
N MET A 1 4.49 11.65 1.87
CA MET A 1 5.95 11.91 1.95
C MET A 1 6.69 10.60 2.23
N ALA A 2 7.99 10.60 2.10
CA ALA A 2 8.76 9.35 2.35
C ALA A 2 8.51 8.89 3.79
N SER A 3 8.45 9.81 4.71
CA SER A 3 8.20 9.41 6.12
C SER A 3 6.81 8.79 6.23
N ASN A 4 5.87 9.31 5.51
CA ASN A 4 4.49 8.75 5.56
C ASN A 4 4.57 7.28 5.15
N ALA A 5 5.38 6.98 4.17
CA ALA A 5 5.52 5.57 3.73
C ALA A 5 6.13 4.75 4.88
N ALA A 6 7.08 5.33 5.58
CA ALA A 6 7.72 4.60 6.70
C ALA A 6 6.65 4.25 7.75
N ARG A 7 5.78 5.17 8.04
CA ARG A 7 4.72 4.89 9.05
C ARG A 7 3.87 3.71 8.55
N VAL A 8 3.57 3.69 7.28
CA VAL A 8 2.76 2.58 6.72
C VAL A 8 3.52 1.27 6.85
N VAL A 9 4.81 1.30 6.65
CA VAL A 9 5.61 0.05 6.76
C VAL A 9 5.47 -0.50 8.17
N ALA A 10 5.46 0.36 9.15
CA ALA A 10 5.31 -0.11 10.55
C ALA A 10 3.92 -0.73 10.71
N THR A 11 2.93 -0.10 10.14
CA THR A 11 1.56 -0.65 10.25
C THR A 11 1.47 -1.92 9.41
N ALA A 12 2.18 -1.98 8.32
CA ALA A 12 2.15 -3.20 7.47
C ALA A 12 2.55 -4.40 8.33
N LYS A 13 3.60 -4.25 9.09
CA LYS A 13 4.05 -5.37 9.96
C LYS A 13 2.96 -5.68 10.99
N ASP A 14 2.35 -4.66 11.55
CA ASP A 14 1.28 -4.89 12.56
C ASP A 14 0.14 -5.70 11.94
N PHE A 15 -0.24 -5.36 10.74
CA PHE A 15 -1.35 -6.12 10.07
C PHE A 15 -0.93 -7.57 9.89
N ASP A 16 0.30 -7.82 9.51
CA ASP A 16 0.74 -9.22 9.33
C ASP A 16 0.58 -9.98 10.66
N LYS A 17 0.85 -9.31 11.75
CA LYS A 17 0.70 -9.96 13.08
C LYS A 17 -0.75 -10.40 13.26
N VAL A 18 -1.67 -9.67 12.69
CA VAL A 18 -3.11 -10.03 12.84
C VAL A 18 -3.49 -11.08 11.79
N GLY A 19 -2.56 -11.46 10.95
CA GLY A 19 -2.87 -12.47 9.90
C GLY A 19 -3.40 -11.77 8.66
N LEU A 20 -3.33 -10.47 8.64
CA LEU A 20 -3.82 -9.70 7.46
C LEU A 20 -2.64 -9.39 6.54
N GLY A 21 -1.68 -10.28 6.47
CA GLY A 21 -0.49 -10.04 5.61
C GLY A 21 -0.94 -9.62 4.21
N ILE A 22 -2.05 -10.10 3.75
CA ILE A 22 -2.53 -9.73 2.40
C ILE A 22 -2.70 -8.22 2.32
N ILE A 23 -3.36 -7.63 3.28
CA ILE A 23 -3.56 -6.16 3.26
C ILE A 23 -2.20 -5.48 3.39
N GLY A 24 -1.38 -5.95 4.31
CA GLY A 24 -0.04 -5.34 4.49
C GLY A 24 0.76 -5.43 3.20
N TYR A 25 0.59 -6.51 2.48
CA TYR A 25 1.34 -6.66 1.21
C TYR A 25 0.93 -5.60 0.18
N TYR A 26 -0.35 -5.41 -0.02
CA TYR A 26 -0.79 -4.41 -1.04
C TYR A 26 -0.33 -2.99 -0.65
N LEU A 27 -0.53 -2.60 0.57
CA LEU A 27 -0.10 -1.23 0.96
C LEU A 27 1.42 -1.14 0.86
N GLN A 28 2.11 -2.23 1.13
CA GLN A 28 3.59 -2.19 1.02
C GLN A 28 3.95 -1.83 -0.42
N LEU A 29 3.23 -2.38 -1.37
CA LEU A 29 3.50 -2.04 -2.79
C LEU A 29 3.27 -0.54 -2.97
N TYR A 30 2.29 -0.01 -2.30
CA TYR A 30 2.02 1.45 -2.40
C TYR A 30 3.21 2.21 -1.81
N ALA A 31 3.81 1.70 -0.77
CA ALA A 31 4.96 2.41 -0.14
C ALA A 31 6.10 2.56 -1.14
N VAL A 32 6.44 1.51 -1.86
CA VAL A 32 7.55 1.64 -2.85
C VAL A 32 7.13 2.62 -3.95
N GLU A 33 5.90 2.54 -4.40
CA GLU A 33 5.46 3.49 -5.44
C GLU A 33 5.56 4.92 -4.90
N LEU A 34 5.28 5.09 -3.64
CA LEU A 34 5.36 6.45 -3.03
C LEU A 34 6.80 6.96 -3.09
N ILE A 35 7.76 6.12 -2.80
CA ILE A 35 9.17 6.56 -2.84
C ILE A 35 9.55 6.98 -4.25
N LEU A 36 9.22 6.17 -5.22
CA LEU A 36 9.55 6.53 -6.63
C LEU A 36 8.78 7.79 -7.03
N SER A 37 7.58 7.94 -6.53
CA SER A 37 6.78 9.15 -6.87
C SER A 37 7.20 10.29 -5.96
N GLU A 38 8.13 10.03 -5.08
CA GLU A 38 8.59 11.08 -4.13
C GLU A 38 9.75 11.87 -4.76
N GLU A 39 9.90 13.11 -4.40
CA GLU A 39 11.00 13.92 -4.99
C GLU A 39 12.33 13.23 -4.71
N ASP A 40 13.30 13.41 -5.56
CA ASP A 40 14.62 12.74 -5.35
C ASP A 40 15.20 13.16 -4.00
N ARG A 41 15.72 12.21 -3.27
CA ARG A 41 16.31 12.50 -1.94
C ARG A 41 17.77 12.05 -1.92
N SER A 42 18.50 12.42 -0.90
CA SER A 42 19.93 12.02 -0.82
C SER A 42 20.06 10.49 -0.88
N GLN A 43 21.25 10.00 -0.99
CA GLN A 43 21.46 8.52 -1.07
C GLN A 43 20.85 7.83 0.15
N GLU A 44 20.77 8.51 1.26
CA GLU A 44 20.19 7.85 2.47
C GLU A 44 18.85 7.22 2.12
N MET A 45 18.06 7.87 1.32
CA MET A 45 16.75 7.29 0.93
C MET A 45 16.99 6.02 0.11
N THR A 46 18.00 6.02 -0.72
CA THR A 46 18.27 4.80 -1.54
C THR A 46 18.55 3.61 -0.62
N ALA A 47 19.24 3.85 0.47
CA ALA A 47 19.53 2.74 1.41
C ALA A 47 18.22 2.25 2.01
N LEU A 48 17.35 3.15 2.37
CA LEU A 48 16.04 2.75 2.95
C LEU A 48 15.24 1.99 1.89
N ALA A 49 15.35 2.38 0.64
CA ALA A 49 14.60 1.67 -0.43
C ALA A 49 15.06 0.21 -0.48
N THR A 50 16.34 -0.02 -0.38
CA THR A 50 16.84 -1.42 -0.42
C THR A 50 16.26 -2.18 0.75
N GLU A 51 16.22 -1.59 1.91
CA GLU A 51 15.65 -2.28 3.10
C GLU A 51 14.18 -2.58 2.83
N LEU A 52 13.48 -1.67 2.20
CA LEU A 52 12.05 -1.91 1.91
C LEU A 52 11.90 -3.17 1.06
N LEU A 53 12.77 -3.35 0.10
CA LEU A 53 12.69 -4.56 -0.75
C LEU A 53 12.88 -5.80 0.12
N ASP A 54 13.80 -5.73 1.05
CA ASP A 54 14.03 -6.88 1.96
C ASP A 54 12.76 -7.16 2.75
N THR A 55 12.08 -6.11 3.16
CA THR A 55 10.82 -6.29 3.93
C THR A 55 9.80 -7.06 3.10
N ILE A 56 9.71 -6.78 1.83
CA ILE A 56 8.73 -7.51 0.99
C ILE A 56 9.05 -9.00 0.98
N GLU A 57 10.26 -9.35 0.62
CA GLU A 57 10.65 -10.79 0.62
C GLU A 57 10.62 -11.30 2.04
N ALA A 58 11.05 -10.50 2.98
CA ALA A 58 11.03 -10.94 4.40
C ALA A 58 9.58 -11.00 4.88
N PHE A 59 8.73 -10.17 4.33
CA PHE A 59 7.30 -10.19 4.75
C PHE A 59 6.71 -11.57 4.47
N LYS A 60 6.81 -12.04 3.25
CA LYS A 60 6.25 -13.38 2.94
C LYS A 60 6.94 -14.44 3.80
N LYS A 61 8.24 -14.38 3.89
CA LYS A 61 8.99 -15.37 4.72
C LYS A 61 9.01 -14.97 6.18
N GLU A 62 8.44 -13.85 6.52
CA GLU A 62 8.46 -13.41 7.94
C GLU A 62 8.04 -14.56 8.85
N ILE A 63 7.10 -15.36 8.42
CA ILE A 63 6.66 -16.50 9.27
C ILE A 63 7.76 -17.57 9.30
N GLY A 64 8.42 -17.77 8.20
CA GLY A 64 9.50 -18.79 8.15
C GLY A 64 8.87 -20.18 8.09
N GLY A 65 7.58 -20.26 8.22
CA GLY A 65 6.91 -21.59 8.16
C GLY A 65 6.88 -22.23 9.54
N GLU A 66 7.52 -21.62 10.50
CA GLU A 66 7.54 -22.20 11.88
C GLU A 66 6.13 -22.14 12.47
N SER A 67 5.49 -21.01 12.36
CA SER A 67 4.12 -20.87 12.91
C SER A 67 3.14 -21.70 12.08
N GLU A 68 3.29 -21.66 10.77
CA GLU A 68 2.38 -22.45 9.91
C GLU A 68 2.60 -23.94 10.17
N ALA A 69 3.84 -24.31 10.43
CA ALA A 69 4.21 -25.74 10.71
C ALA A 69 3.05 -26.69 10.38
N GLU A 70 2.07 -26.75 11.22
CA GLU A 70 0.91 -27.66 10.96
C GLU A 70 0.30 -27.32 9.60
N ASP A 71 -0.01 -28.31 8.81
CA ASP A 71 -0.61 -28.03 7.48
C ASP A 71 0.21 -26.93 6.78
N SER A 72 1.51 -27.06 6.82
CA SER A 72 2.37 -26.02 6.18
C SER A 72 2.01 -25.88 4.70
N ASP A 73 1.73 -26.96 4.02
CA ASP A 73 1.39 -26.86 2.57
C ASP A 73 0.15 -25.98 2.40
N LYS A 74 -0.84 -26.17 3.23
CA LYS A 74 -2.07 -25.34 3.12
C LYS A 74 -1.72 -23.87 3.37
N SER A 75 -0.86 -23.62 4.33
CA SER A 75 -0.46 -22.22 4.64
C SER A 75 0.19 -21.58 3.41
N LEU A 76 1.03 -22.31 2.72
CA LEU A 76 1.69 -21.73 1.52
C LEU A 76 0.61 -21.37 0.49
N HIS A 77 -0.39 -22.19 0.37
CA HIS A 77 -1.46 -21.91 -0.61
C HIS A 77 -2.15 -20.59 -0.26
N VAL A 78 -2.43 -20.37 1.00
CA VAL A 78 -3.10 -19.10 1.39
C VAL A 78 -2.20 -17.90 1.06
N MET A 79 -0.95 -17.95 1.45
CA MET A 79 -0.05 -16.81 1.16
C MET A 79 0.18 -16.71 -0.35
N ASN A 80 0.45 -17.80 -0.99
CA ASN A 80 0.70 -17.77 -2.46
C ASN A 80 -0.59 -17.46 -3.22
N THR A 81 -1.68 -18.09 -2.85
CA THR A 81 -2.95 -17.87 -3.58
C THR A 81 -3.44 -16.41 -3.44
N LEU A 82 -3.49 -15.89 -2.25
CA LEU A 82 -3.99 -14.50 -2.08
C LEU A 82 -2.98 -13.48 -2.64
N ILE A 83 -1.72 -13.76 -2.52
CA ILE A 83 -0.69 -12.80 -3.01
C ILE A 83 -0.52 -12.91 -4.54
N HIS A 84 -0.50 -14.10 -5.06
CA HIS A 84 -0.29 -14.26 -6.54
C HIS A 84 -1.51 -13.75 -7.33
N ASP A 85 -2.71 -14.07 -6.91
CA ASP A 85 -3.89 -13.59 -7.67
C ASP A 85 -4.21 -12.14 -7.31
N GLN A 86 -3.97 -11.23 -8.24
CA GLN A 86 -4.25 -9.79 -7.99
C GLN A 86 -5.75 -9.56 -7.73
N GLU A 87 -6.59 -10.19 -8.48
CA GLU A 87 -8.06 -9.99 -8.28
C GLU A 87 -8.47 -10.50 -6.90
N LYS A 88 -7.92 -11.60 -6.49
CA LYS A 88 -8.27 -12.14 -5.15
C LYS A 88 -7.85 -11.11 -4.11
N ALA A 89 -6.82 -10.36 -4.41
CA ALA A 89 -6.36 -9.32 -3.46
C ALA A 89 -7.39 -8.18 -3.44
N LYS A 90 -7.89 -7.79 -4.58
CA LYS A 90 -8.88 -6.67 -4.61
C LYS A 90 -10.14 -7.07 -3.86
N ILE A 91 -10.68 -8.22 -4.14
CA ILE A 91 -11.92 -8.63 -3.43
C ILE A 91 -11.60 -8.78 -1.94
N TYR A 92 -10.45 -9.33 -1.63
CA TYR A 92 -10.07 -9.47 -0.20
C TYR A 92 -9.85 -8.08 0.39
N MET A 93 -9.12 -7.24 -0.30
CA MET A 93 -8.87 -5.87 0.21
C MET A 93 -10.17 -5.06 0.18
N LEU A 94 -10.97 -5.23 -0.83
CA LEU A 94 -12.25 -4.46 -0.90
C LEU A 94 -13.11 -4.82 0.31
N ASN A 95 -13.14 -6.07 0.67
CA ASN A 95 -13.94 -6.48 1.86
C ASN A 95 -13.36 -5.83 3.11
N PHE A 96 -12.06 -5.84 3.23
CA PHE A 96 -11.41 -5.22 4.43
C PHE A 96 -11.71 -3.72 4.46
N THR A 97 -11.61 -3.07 3.33
CA THR A 97 -11.87 -1.61 3.29
C THR A 97 -13.32 -1.34 3.71
N MET A 98 -14.25 -2.10 3.20
CA MET A 98 -15.67 -1.87 3.58
C MET A 98 -15.84 -2.14 5.08
N SER A 99 -15.25 -3.20 5.57
CA SER A 99 -15.37 -3.51 7.02
C SER A 99 -14.58 -2.48 7.83
N LEU A 100 -13.40 -2.15 7.38
CA LEU A 100 -12.57 -1.16 8.14
C LEU A 100 -13.27 0.20 8.13
N TYR A 101 -13.85 0.58 7.03
CA TYR A 101 -14.54 1.90 6.97
C TYR A 101 -15.72 1.92 7.95
N ASN A 102 -16.48 0.86 7.99
CA ASN A 102 -17.64 0.82 8.92
C ASN A 102 -17.15 0.99 10.36
N GLU A 103 -16.07 0.35 10.70
CA GLU A 103 -15.54 0.48 12.09
C GLU A 103 -15.16 1.94 12.35
N LYS A 104 -14.60 2.60 11.38
CA LYS A 104 -14.22 4.02 11.58
C LYS A 104 -15.46 4.86 11.85
N LEU A 105 -16.52 4.63 11.13
CA LEU A 105 -17.75 5.42 11.35
C LEU A 105 -18.19 5.26 12.81
N LYS A 106 -18.17 4.06 13.32
CA LYS A 106 -18.57 3.86 14.73
C LYS A 106 -17.61 4.63 15.64
N GLN A 107 -16.36 4.64 15.31
CA GLN A 107 -15.37 5.37 16.15
C GLN A 107 -15.70 6.86 16.16
N LEU A 108 -16.06 7.41 15.03
CA LEU A 108 -16.39 8.86 14.98
C LEU A 108 -17.62 9.15 15.85
N LYS A 109 -18.58 8.26 15.85
CA LYS A 109 -19.81 8.49 16.66
C LYS A 109 -19.56 8.21 18.14
N ASP A 110 -19.04 7.05 18.45
CA ASP A 110 -18.80 6.71 19.88
C ASP A 110 -17.35 7.03 20.27
N GLY A 111 -16.47 7.11 19.32
CA GLY A 111 -15.05 7.40 19.66
C GLY A 111 -14.77 8.91 19.55
N PRO A 112 -13.82 9.39 20.30
CA PRO A 112 -13.44 10.84 20.28
C PRO A 112 -12.75 11.23 18.97
N TRP A 113 -12.82 12.48 18.60
CA TRP A 113 -12.17 12.92 17.34
C TRP A 113 -10.73 13.37 17.63
N ASP A 114 -9.77 12.75 16.99
CA ASP A 114 -8.35 13.16 17.23
C ASP A 114 -7.63 13.27 15.88
N VAL A 115 -6.49 13.90 15.87
CA VAL A 115 -5.73 14.03 14.59
C VAL A 115 -5.32 12.65 14.11
N MET A 116 -5.07 11.75 15.02
CA MET A 116 -4.65 10.37 14.63
C MET A 116 -5.72 9.74 13.74
N LEU A 117 -6.97 9.94 14.06
CA LEU A 117 -8.06 9.34 13.25
C LEU A 117 -8.02 9.95 11.84
N LYS A 118 -7.72 11.21 11.74
CA LYS A 118 -7.66 11.86 10.40
C LYS A 118 -6.58 11.18 9.56
N ARG A 119 -5.46 10.90 10.16
CA ARG A 119 -4.35 10.24 9.40
C ARG A 119 -4.83 8.86 8.90
N SER A 120 -5.50 8.13 9.74
CA SER A 120 -5.99 6.78 9.32
C SER A 120 -7.00 6.95 8.19
N LEU A 121 -7.82 7.97 8.25
CA LEU A 121 -8.83 8.19 7.19
C LEU A 121 -8.12 8.37 5.85
N TRP A 122 -7.04 9.12 5.84
CA TRP A 122 -6.31 9.33 4.56
C TRP A 122 -5.74 7.99 4.08
N CYS A 123 -5.24 7.19 4.97
CA CYS A 123 -4.68 5.87 4.56
C CYS A 123 -5.80 4.99 4.00
N CYS A 124 -6.95 5.01 4.63
CA CYS A 124 -8.08 4.16 4.14
C CYS A 124 -8.47 4.60 2.73
N ILE A 125 -8.66 5.88 2.51
CA ILE A 125 -9.04 6.35 1.16
C ILE A 125 -7.94 5.98 0.16
N ASP A 126 -6.70 6.14 0.54
CA ASP A 126 -5.59 5.81 -0.39
C ASP A 126 -5.68 4.33 -0.78
N LEU A 127 -6.02 3.48 0.15
CA LEU A 127 -6.12 2.04 -0.17
C LEU A 127 -7.22 1.81 -1.22
N PHE A 128 -8.36 2.41 -1.02
CA PHE A 128 -9.47 2.23 -1.99
C PHE A 128 -9.15 2.99 -3.28
N SER A 129 -8.65 4.19 -3.15
CA SER A 129 -8.33 5.00 -4.37
C SER A 129 -7.20 4.34 -5.16
N CYS A 130 -6.21 3.80 -4.49
CA CYS A 130 -5.08 3.16 -5.22
C CYS A 130 -5.56 1.92 -5.97
N ILE A 131 -6.26 1.05 -5.30
CA ILE A 131 -6.76 -0.18 -5.98
C ILE A 131 -7.67 0.21 -7.14
N LEU A 132 -8.58 1.12 -6.91
CA LEU A 132 -9.50 1.54 -7.99
C LEU A 132 -8.68 2.16 -9.14
N HIS A 133 -7.65 2.88 -8.82
CA HIS A 133 -6.82 3.52 -9.89
C HIS A 133 -6.29 2.45 -10.84
N LEU A 134 -5.72 1.40 -10.32
CA LEU A 134 -5.17 0.34 -11.22
C LEU A 134 -6.28 -0.28 -12.06
N TRP A 135 -7.38 -0.63 -11.43
CA TRP A 135 -8.49 -1.26 -12.17
C TRP A 135 -9.45 -0.18 -12.70
N LYS A 136 -9.12 1.07 -12.53
CA LYS A 136 -10.02 2.15 -13.02
C LYS A 136 -10.32 1.92 -14.51
N GLU A 137 -9.38 1.41 -15.24
CA GLU A 137 -9.62 1.16 -16.68
C GLU A 137 -10.74 0.13 -16.84
N ASN A 138 -10.91 -0.72 -15.86
CA ASN A 138 -11.97 -1.76 -15.95
C ASN A 138 -13.28 -1.21 -15.39
N ILE A 139 -13.29 0.00 -14.90
CA ILE A 139 -14.55 0.57 -14.33
C ILE A 139 -15.17 1.53 -15.35
N SER A 140 -16.47 1.51 -15.49
CA SER A 140 -17.14 2.43 -16.44
C SER A 140 -17.22 3.82 -15.82
N GLU A 141 -17.31 4.84 -16.62
CA GLU A 141 -17.39 6.22 -16.07
C GLU A 141 -18.52 6.31 -15.05
N THR A 142 -19.67 5.76 -15.37
CA THR A 142 -20.80 5.82 -14.39
C THR A 142 -20.49 4.92 -13.19
N SER A 143 -19.98 3.74 -13.44
CA SER A 143 -19.65 2.83 -12.30
C SER A 143 -18.65 3.54 -11.39
N THR A 144 -17.70 4.22 -11.97
CA THR A 144 -16.71 4.95 -11.15
C THR A 144 -17.45 6.00 -10.33
N ASN A 145 -18.45 6.62 -10.90
CA ASN A 145 -19.22 7.65 -10.16
C ASN A 145 -19.79 7.03 -8.88
N SER A 146 -20.29 5.83 -8.97
CA SER A 146 -20.85 5.18 -7.75
C SER A 146 -19.76 4.99 -6.71
N LEU A 147 -18.66 4.41 -7.09
CA LEU A 147 -17.54 4.22 -6.12
C LEU A 147 -16.99 5.58 -5.71
N GLN A 148 -16.83 6.47 -6.64
CA GLN A 148 -16.32 7.82 -6.31
C GLN A 148 -17.32 8.51 -5.39
N LYS A 149 -18.58 8.27 -5.59
CA LYS A 149 -19.61 8.90 -4.70
C LYS A 149 -19.34 8.47 -3.27
N ARG A 150 -19.06 7.20 -3.06
CA ARG A 150 -18.79 6.72 -1.68
C ARG A 150 -17.57 7.47 -1.13
N ILE A 151 -16.58 7.70 -1.95
CA ILE A 151 -15.38 8.43 -1.47
C ILE A 151 -15.79 9.83 -1.02
N LYS A 152 -16.64 10.49 -1.77
CA LYS A 152 -17.08 11.85 -1.36
C LYS A 152 -17.72 11.77 0.03
N TYR A 153 -18.46 10.73 0.29
CA TYR A 153 -19.09 10.61 1.63
C TYR A 153 -18.00 10.57 2.69
N CYS A 154 -16.95 9.84 2.45
CA CYS A 154 -15.85 9.76 3.45
C CYS A 154 -15.16 11.13 3.52
N LYS A 155 -14.78 11.67 2.40
CA LYS A 155 -14.11 13.00 2.40
C LYS A 155 -15.08 14.06 2.94
N ILE A 156 -16.35 13.93 2.64
CA ILE A 156 -17.33 14.92 3.12
C ILE A 156 -17.32 14.98 4.65
N TYR A 157 -17.37 13.86 5.30
CA TYR A 157 -17.33 13.88 6.79
C TYR A 157 -15.98 14.44 7.22
N LEU A 158 -14.93 14.04 6.56
CA LEU A 158 -13.58 14.54 6.92
C LEU A 158 -13.54 16.06 6.80
N SER A 159 -14.15 16.60 5.78
CA SER A 159 -14.16 18.08 5.62
C SER A 159 -14.87 18.71 6.82
N LYS A 160 -15.96 18.12 7.24
CA LYS A 160 -16.70 18.68 8.40
C LYS A 160 -15.79 18.67 9.64
N LEU A 161 -14.99 17.64 9.81
CA LEU A 161 -14.08 17.61 10.98
C LEU A 161 -13.09 18.76 10.87
N ALA A 162 -12.67 19.08 9.67
CA ALA A 162 -11.71 20.20 9.50
C ALA A 162 -12.38 21.50 9.96
N LYS A 163 -13.65 21.64 9.73
CA LYS A 163 -14.36 22.87 10.16
C LYS A 163 -14.73 22.75 11.64
N GLY A 164 -14.61 21.58 12.19
CA GLY A 164 -14.95 21.39 13.64
C GLY A 164 -16.41 20.99 13.78
N GLU A 165 -17.10 20.85 12.68
CA GLU A 165 -18.54 20.46 12.76
C GLU A 165 -18.68 18.95 12.60
N ILE A 166 -19.59 18.35 13.32
CA ILE A 166 -19.78 16.88 13.22
C ILE A 166 -21.17 16.58 12.66
N GLY A 167 -21.25 15.68 11.71
CA GLY A 167 -22.58 15.36 11.12
C GLY A 167 -23.52 14.87 12.22
N ASN B 1 39.66 12.60 -24.05
CA ASN B 1 39.69 11.55 -25.12
C ASN B 1 38.28 11.38 -25.69
N VAL B 2 37.94 10.20 -26.12
CA VAL B 2 36.59 9.97 -26.69
C VAL B 2 35.54 10.11 -25.58
N PRO B 3 34.33 10.46 -25.94
CA PRO B 3 33.22 10.64 -24.97
C PRO B 3 32.94 9.36 -24.16
N GLU B 4 32.54 9.51 -22.93
CA GLU B 4 32.26 8.31 -22.09
C GLU B 4 31.21 7.43 -22.78
N ILE B 5 31.32 6.14 -22.66
CA ILE B 5 30.33 5.24 -23.32
C ILE B 5 28.92 5.60 -22.86
N LYS B 6 28.76 5.95 -21.61
CA LYS B 6 27.41 6.32 -21.11
C LYS B 6 27.14 7.80 -21.40
N ALA B 7 25.95 8.14 -21.80
CA ALA B 7 25.63 9.57 -22.10
C ALA B 7 25.61 10.37 -20.79
N LYS B 8 26.16 11.56 -20.81
CA LYS B 8 26.16 12.39 -19.58
C LYS B 8 24.73 12.66 -19.14
N GLU B 9 23.82 12.76 -20.07
CA GLU B 9 22.40 13.03 -19.70
C GLU B 9 21.91 11.97 -18.72
N VAL B 10 22.41 10.76 -18.83
CA VAL B 10 21.96 9.68 -17.91
C VAL B 10 23.10 9.35 -16.94
N ASN B 11 22.79 9.17 -15.69
CA ASN B 11 23.84 8.84 -14.69
C ASN B 11 23.84 7.33 -14.41
N VAL B 12 24.93 6.81 -13.93
CA VAL B 12 24.99 5.35 -13.64
C VAL B 12 23.96 4.99 -12.56
N ASP B 13 23.86 5.79 -11.54
CA ASP B 13 22.89 5.48 -10.45
C ASP B 13 21.46 5.54 -11.01
N ASP B 14 21.23 6.34 -12.01
CA ASP B 14 19.86 6.45 -12.60
C ASP B 14 19.42 5.09 -13.13
N GLU B 15 20.26 4.42 -13.86
CA GLU B 15 19.88 3.10 -14.41
C GLU B 15 19.78 2.06 -13.29
N LYS B 16 20.69 2.06 -12.36
CA LYS B 16 20.62 1.06 -11.27
C LYS B 16 19.28 1.20 -10.54
N GLU B 17 18.86 2.41 -10.28
CA GLU B 17 17.57 2.60 -9.58
C GLU B 17 16.43 2.11 -10.48
N ASP B 18 16.53 2.34 -11.76
CA ASP B 18 15.46 1.86 -12.68
C ASP B 18 15.39 0.34 -12.61
N LYS B 19 16.51 -0.32 -12.54
CA LYS B 19 16.51 -1.80 -12.46
C LYS B 19 15.76 -2.25 -11.21
N LEU B 20 16.00 -1.60 -10.10
CA LEU B 20 15.30 -1.99 -8.85
C LEU B 20 13.79 -1.85 -9.04
N ALA B 21 13.37 -0.80 -9.70
CA ALA B 21 11.91 -0.60 -9.93
C ALA B 21 11.38 -1.77 -10.76
N GLN B 22 12.13 -2.21 -11.74
CA GLN B 22 11.67 -3.34 -12.57
C GLN B 22 11.58 -4.60 -11.71
N ARG B 23 12.47 -4.74 -10.76
CA ARG B 23 12.43 -5.94 -9.88
C ARG B 23 11.09 -5.98 -9.15
N LEU B 24 10.65 -4.85 -8.64
CA LEU B 24 9.34 -4.84 -7.92
C LEU B 24 8.24 -5.21 -8.90
N ARG B 25 8.28 -4.70 -10.09
CA ARG B 25 7.22 -5.02 -11.09
C ARG B 25 7.21 -6.54 -11.31
N ALA B 26 8.35 -7.16 -11.29
CA ALA B 26 8.40 -8.63 -11.48
C ALA B 26 7.71 -9.30 -10.29
N LEU B 27 7.87 -8.75 -9.11
CA LEU B 27 7.22 -9.34 -7.92
C LEU B 27 5.70 -9.32 -8.12
N ARG B 28 5.19 -8.27 -8.71
CA ARG B 28 3.73 -8.18 -8.94
C ARG B 28 3.38 -8.84 -10.28
N GLY B 29 4.37 -9.20 -11.05
CA GLY B 29 4.11 -9.84 -12.37
C GLY B 29 3.50 -8.81 -13.33
N MET A 1 3.07 13.87 -1.53
CA MET A 1 3.00 12.70 -2.46
C MET A 1 4.04 11.66 -2.06
N ALA A 2 5.29 11.93 -2.31
CA ALA A 2 6.35 10.95 -1.93
C ALA A 2 6.30 10.70 -0.43
N SER A 3 6.08 11.74 0.35
CA SER A 3 6.01 11.55 1.82
C SER A 3 4.83 10.66 2.15
N ASN A 4 3.72 10.83 1.46
CA ASN A 4 2.54 9.98 1.74
C ASN A 4 2.95 8.51 1.57
N ALA A 5 3.74 8.23 0.58
CA ALA A 5 4.20 6.83 0.37
C ALA A 5 5.06 6.41 1.56
N ALA A 6 5.88 7.30 2.04
CA ALA A 6 6.75 6.95 3.20
C ALA A 6 5.89 6.54 4.39
N ARG A 7 4.87 7.29 4.70
CA ARG A 7 4.00 6.93 5.85
C ARG A 7 3.37 5.57 5.59
N VAL A 8 2.98 5.30 4.38
CA VAL A 8 2.37 3.98 4.07
C VAL A 8 3.38 2.87 4.33
N VAL A 9 4.61 3.09 4.00
CA VAL A 9 5.64 2.04 4.24
C VAL A 9 5.69 1.77 5.74
N ALA A 10 5.65 2.80 6.54
CA ALA A 10 5.70 2.60 8.02
C ALA A 10 4.42 1.88 8.46
N THR A 11 3.29 2.31 7.96
CA THR A 11 2.02 1.64 8.34
C THR A 11 2.04 0.21 7.81
N ALA A 12 2.63 0.00 6.67
CA ALA A 12 2.68 -1.39 6.11
C ALA A 12 3.42 -2.28 7.10
N LYS A 13 4.50 -1.80 7.66
CA LYS A 13 5.25 -2.62 8.65
C LYS A 13 4.33 -2.93 9.83
N ASP A 14 3.53 -1.99 10.24
CA ASP A 14 2.60 -2.24 11.37
C ASP A 14 1.70 -3.42 11.04
N PHE A 15 1.23 -3.48 9.82
CA PHE A 15 0.35 -4.62 9.42
C PHE A 15 1.13 -5.93 9.53
N ASP A 16 2.38 -5.93 9.15
CA ASP A 16 3.19 -7.17 9.24
C ASP A 16 3.19 -7.63 10.70
N LYS A 17 3.30 -6.72 11.61
CA LYS A 17 3.29 -7.10 13.06
C LYS A 17 1.95 -7.77 13.39
N VAL A 18 0.91 -7.37 12.71
CA VAL A 18 -0.43 -7.97 12.99
C VAL A 18 -0.56 -9.29 12.20
N GLY A 19 0.30 -9.52 11.25
CA GLY A 19 0.23 -10.77 10.46
C GLY A 19 -0.67 -10.56 9.23
N LEU A 20 -0.97 -9.33 8.91
CA LEU A 20 -1.83 -9.06 7.73
C LEU A 20 -0.94 -8.78 6.51
N GLY A 21 -0.04 -9.67 6.22
CA GLY A 21 0.88 -9.45 5.07
C GLY A 21 0.07 -9.30 3.78
N ILE A 22 -1.09 -9.88 3.70
CA ILE A 22 -1.90 -9.77 2.46
C ILE A 22 -2.17 -8.30 2.16
N ILE A 23 -2.61 -7.55 3.13
CA ILE A 23 -2.87 -6.11 2.89
C ILE A 23 -1.54 -5.43 2.56
N GLY A 24 -0.50 -5.79 3.26
CA GLY A 24 0.83 -5.19 2.99
C GLY A 24 1.24 -5.49 1.55
N TYR A 25 1.00 -6.68 1.09
CA TYR A 25 1.39 -7.02 -0.31
C TYR A 25 0.67 -6.10 -1.31
N TYR A 26 -0.61 -5.93 -1.17
CA TYR A 26 -1.34 -5.06 -2.13
C TYR A 26 -0.92 -3.60 -1.98
N LEU A 27 -0.86 -3.10 -0.77
CA LEU A 27 -0.47 -1.68 -0.58
C LEU A 27 1.00 -1.47 -0.95
N GLN A 28 1.86 -2.41 -0.67
CA GLN A 28 3.29 -2.23 -1.06
C GLN A 28 3.37 -2.07 -2.58
N LEU A 29 2.61 -2.84 -3.30
CA LEU A 29 2.63 -2.71 -4.79
C LEU A 29 2.16 -1.30 -5.14
N TYR A 30 1.18 -0.80 -4.44
CA TYR A 30 0.68 0.57 -4.72
C TYR A 30 1.79 1.58 -4.40
N ALA A 31 2.55 1.32 -3.37
CA ALA A 31 3.63 2.28 -2.98
C ALA A 31 4.64 2.43 -4.12
N VAL A 32 5.08 1.35 -4.71
CA VAL A 32 6.06 1.47 -5.82
C VAL A 32 5.40 2.20 -6.99
N GLU A 33 4.18 1.89 -7.28
CA GLU A 33 3.49 2.59 -8.41
C GLU A 33 3.40 4.08 -8.08
N LEU A 34 3.21 4.40 -6.83
CA LEU A 34 3.10 5.84 -6.44
C LEU A 34 4.42 6.56 -6.72
N ILE A 35 5.53 5.94 -6.41
CA ILE A 35 6.85 6.60 -6.66
C ILE A 35 7.03 6.82 -8.16
N LEU A 36 6.80 5.81 -8.95
CA LEU A 36 6.97 5.95 -10.43
C LEU A 36 5.92 6.93 -10.96
N SER A 37 4.73 6.92 -10.42
CA SER A 37 3.69 7.85 -10.89
C SER A 37 4.03 9.25 -10.39
N GLU A 38 4.83 9.33 -9.37
CA GLU A 38 5.23 10.63 -8.80
C GLU A 38 6.43 11.18 -9.59
N GLU A 39 6.56 12.48 -9.65
CA GLU A 39 7.71 13.08 -10.41
C GLU A 39 9.02 12.51 -9.88
N ASP A 40 10.02 12.42 -10.72
CA ASP A 40 11.32 11.85 -10.28
C ASP A 40 11.89 12.65 -9.11
N ARG A 41 12.40 11.97 -8.12
CA ARG A 41 12.98 12.64 -6.93
C ARG A 41 14.44 12.21 -6.76
N SER A 42 15.15 12.85 -5.86
CA SER A 42 16.57 12.50 -5.65
C SER A 42 16.73 11.02 -5.29
N GLN A 43 17.94 10.53 -5.29
CA GLN A 43 18.21 9.10 -4.99
C GLN A 43 17.64 8.71 -3.61
N GLU A 44 17.47 9.65 -2.72
CA GLU A 44 16.95 9.28 -1.37
C GLU A 44 15.72 8.38 -1.53
N MET A 45 14.83 8.72 -2.40
CA MET A 45 13.62 7.86 -2.60
C MET A 45 14.06 6.53 -3.21
N THR A 46 15.06 6.55 -4.04
CA THR A 46 15.54 5.29 -4.66
C THR A 46 15.97 4.32 -3.55
N ALA A 47 16.64 4.81 -2.56
CA ALA A 47 17.07 3.91 -1.45
C ALA A 47 15.84 3.40 -0.71
N LEU A 48 14.90 4.26 -0.46
CA LEU A 48 13.65 3.83 0.24
C LEU A 48 12.95 2.77 -0.61
N ALA A 49 12.94 2.96 -1.91
CA ALA A 49 12.27 1.96 -2.80
C ALA A 49 13.00 0.63 -2.69
N THR A 50 14.30 0.65 -2.59
CA THR A 50 15.06 -0.62 -2.47
C THR A 50 14.61 -1.36 -1.21
N GLU A 51 14.44 -0.65 -0.13
CA GLU A 51 13.99 -1.32 1.12
C GLU A 51 12.62 -1.95 0.89
N LEU A 52 11.76 -1.28 0.18
CA LEU A 52 10.41 -1.83 -0.09
C LEU A 52 10.56 -3.15 -0.86
N LEU A 53 11.47 -3.20 -1.79
CA LEU A 53 11.68 -4.46 -2.57
C LEU A 53 12.07 -5.58 -1.61
N ASP A 54 12.91 -5.27 -0.65
CA ASP A 54 13.34 -6.31 0.32
C ASP A 54 12.11 -6.84 1.05
N THR A 55 11.21 -5.97 1.39
CA THR A 55 9.98 -6.40 2.11
C THR A 55 9.21 -7.39 1.25
N ILE A 56 9.08 -7.12 -0.02
CA ILE A 56 8.33 -8.06 -0.92
C ILE A 56 9.05 -9.41 -0.94
N GLU A 57 10.30 -9.40 -1.27
CA GLU A 57 11.06 -10.68 -1.30
C GLU A 57 11.05 -11.29 0.11
N ALA A 58 11.15 -10.45 1.11
CA ALA A 58 11.13 -10.95 2.51
C ALA A 58 9.75 -11.52 2.81
N PHE A 59 8.71 -10.94 2.24
CA PHE A 59 7.34 -11.45 2.50
C PHE A 59 7.26 -12.92 2.06
N LYS A 60 7.62 -13.20 0.84
CA LYS A 60 7.57 -14.63 0.39
C LYS A 60 8.48 -15.47 1.28
N LYS A 61 9.62 -14.92 1.64
CA LYS A 61 10.56 -15.68 2.52
C LYS A 61 10.14 -15.54 3.98
N GLU A 62 9.10 -14.79 4.24
CA GLU A 62 8.65 -14.60 5.64
C GLU A 62 8.54 -15.95 6.35
N ILE A 63 8.20 -16.99 5.65
CA ILE A 63 8.08 -18.31 6.31
C ILE A 63 9.46 -18.78 6.76
N GLY A 64 10.46 -18.60 5.95
CA GLY A 64 11.83 -19.03 6.33
C GLY A 64 11.93 -20.56 6.32
N GLY A 65 10.83 -21.22 6.07
CA GLY A 65 10.85 -22.71 6.05
C GLY A 65 10.45 -23.24 7.43
N GLU A 66 10.27 -22.38 8.39
CA GLU A 66 9.87 -22.86 9.75
C GLU A 66 8.50 -23.52 9.67
N SER A 67 7.57 -22.89 9.01
CA SER A 67 6.21 -23.50 8.87
C SER A 67 6.31 -24.71 7.96
N GLU A 68 7.24 -24.68 7.05
CA GLU A 68 7.41 -25.82 6.11
C GLU A 68 7.62 -27.12 6.90
N ALA A 69 8.18 -27.01 8.07
CA ALA A 69 8.42 -28.24 8.89
C ALA A 69 7.08 -28.87 9.27
N GLU A 70 6.11 -28.08 9.64
CA GLU A 70 4.78 -28.63 10.02
C GLU A 70 3.66 -27.83 9.36
N ASP A 71 2.59 -28.48 9.00
CA ASP A 71 1.46 -27.76 8.35
C ASP A 71 2.01 -26.91 7.19
N SER A 72 2.94 -27.45 6.45
CA SER A 72 3.50 -26.68 5.31
C SER A 72 2.42 -26.40 4.28
N ASP A 73 1.55 -27.34 4.06
CA ASP A 73 0.45 -27.12 3.06
C ASP A 73 -0.42 -25.95 3.52
N LYS A 74 -0.73 -25.88 4.78
CA LYS A 74 -1.58 -24.78 5.28
C LYS A 74 -0.90 -23.43 5.02
N SER A 75 0.36 -23.31 5.33
CA SER A 75 1.06 -22.02 5.10
C SER A 75 1.10 -21.70 3.61
N LEU A 76 1.35 -22.68 2.80
CA LEU A 76 1.39 -22.43 1.33
C LEU A 76 -0.01 -22.12 0.81
N HIS A 77 -1.01 -22.78 1.32
CA HIS A 77 -2.40 -22.52 0.85
C HIS A 77 -2.77 -21.06 1.07
N VAL A 78 -2.49 -20.52 2.23
CA VAL A 78 -2.85 -19.11 2.48
C VAL A 78 -1.98 -18.17 1.64
N MET A 79 -0.69 -18.36 1.66
CA MET A 79 0.20 -17.49 0.85
C MET A 79 0.00 -17.75 -0.64
N ASN A 80 -0.04 -19.00 -1.02
CA ASN A 80 -0.21 -19.33 -2.47
C ASN A 80 -1.57 -18.90 -2.98
N THR A 81 -2.61 -19.15 -2.24
CA THR A 81 -3.98 -18.78 -2.71
C THR A 81 -4.20 -17.26 -2.72
N LEU A 82 -3.87 -16.59 -1.65
CA LEU A 82 -4.11 -15.11 -1.61
C LEU A 82 -3.12 -14.36 -2.50
N ILE A 83 -1.92 -14.83 -2.62
CA ILE A 83 -0.91 -14.09 -3.45
C ILE A 83 -1.13 -14.37 -4.94
N HIS A 84 -1.40 -15.59 -5.30
CA HIS A 84 -1.57 -15.92 -6.75
C HIS A 84 -2.93 -15.44 -7.27
N ASP A 85 -4.00 -15.72 -6.58
CA ASP A 85 -5.34 -15.29 -7.08
C ASP A 85 -5.63 -13.84 -6.66
N GLN A 86 -5.65 -12.95 -7.60
CA GLN A 86 -5.93 -11.52 -7.28
C GLN A 86 -7.32 -11.37 -6.68
N GLU A 87 -8.27 -12.14 -7.14
CA GLU A 87 -9.66 -12.01 -6.59
C GLU A 87 -9.64 -12.29 -5.08
N LYS A 88 -8.89 -13.26 -4.66
CA LYS A 88 -8.83 -13.55 -3.20
C LYS A 88 -8.24 -12.34 -2.48
N ALA A 89 -7.37 -11.62 -3.14
CA ALA A 89 -6.77 -10.43 -2.50
C ALA A 89 -7.80 -9.30 -2.39
N LYS A 90 -8.55 -9.07 -3.43
CA LYS A 90 -9.56 -7.97 -3.37
C LYS A 90 -10.62 -8.27 -2.30
N ILE A 91 -11.16 -9.45 -2.30
CA ILE A 91 -12.20 -9.78 -1.29
C ILE A 91 -11.55 -9.70 0.10
N TYR A 92 -10.36 -10.19 0.23
CA TYR A 92 -9.68 -10.12 1.56
C TYR A 92 -9.48 -8.64 1.91
N MET A 93 -9.01 -7.86 0.98
CA MET A 93 -8.79 -6.41 1.26
C MET A 93 -10.14 -5.72 1.42
N LEU A 94 -11.10 -6.06 0.62
CA LEU A 94 -12.43 -5.40 0.73
C LEU A 94 -12.99 -5.68 2.12
N ASN A 95 -12.83 -6.88 2.60
CA ASN A 95 -13.33 -7.22 3.96
C ASN A 95 -12.62 -6.33 4.99
N PHE A 96 -11.33 -6.18 4.85
CA PHE A 96 -10.56 -5.35 5.82
C PHE A 96 -11.00 -3.89 5.68
N THR A 97 -11.06 -3.38 4.48
CA THR A 97 -11.48 -1.97 4.29
C THR A 97 -12.91 -1.78 4.78
N MET A 98 -13.77 -2.71 4.50
CA MET A 98 -15.18 -2.58 4.96
C MET A 98 -15.20 -2.50 6.49
N SER A 99 -14.39 -3.29 7.14
CA SER A 99 -14.36 -3.26 8.63
C SER A 99 -13.91 -1.88 9.10
N LEU A 100 -12.91 -1.33 8.45
CA LEU A 100 -12.43 0.02 8.86
C LEU A 100 -13.49 1.07 8.56
N TYR A 101 -14.18 0.94 7.46
CA TYR A 101 -15.22 1.95 7.13
C TYR A 101 -16.25 2.04 8.26
N ASN A 102 -16.73 0.92 8.71
CA ASN A 102 -17.73 0.94 9.82
C ASN A 102 -17.06 1.43 11.12
N GLU A 103 -15.89 0.93 11.40
CA GLU A 103 -15.19 1.34 12.66
C GLU A 103 -14.83 2.82 12.62
N LYS A 104 -14.32 3.31 11.53
CA LYS A 104 -13.95 4.75 11.47
C LYS A 104 -15.18 5.64 11.67
N LEU A 105 -16.27 5.34 11.01
CA LEU A 105 -17.48 6.19 11.19
C LEU A 105 -17.85 6.22 12.68
N LYS A 106 -17.98 5.07 13.29
CA LYS A 106 -18.31 5.05 14.74
C LYS A 106 -17.19 5.72 15.52
N GLN A 107 -15.97 5.54 15.10
CA GLN A 107 -14.83 6.16 15.82
C GLN A 107 -14.97 7.68 15.82
N LEU A 108 -15.37 8.26 14.72
CA LEU A 108 -15.54 9.74 14.69
C LEU A 108 -16.67 10.14 15.63
N LYS A 109 -17.71 9.36 15.69
CA LYS A 109 -18.86 9.70 16.57
C LYS A 109 -18.51 9.39 18.03
N ASP A 110 -18.08 8.19 18.30
CA ASP A 110 -17.75 7.81 19.70
C ASP A 110 -16.31 8.18 20.03
N GLY A 111 -15.46 8.31 19.05
CA GLY A 111 -14.04 8.66 19.33
C GLY A 111 -13.80 10.16 19.14
N PRO A 112 -12.80 10.68 19.80
CA PRO A 112 -12.44 12.13 19.72
C PRO A 112 -11.85 12.49 18.35
N TRP A 113 -11.98 13.73 17.95
CA TRP A 113 -11.43 14.13 16.63
C TRP A 113 -10.03 14.72 16.81
N ASP A 114 -9.04 14.07 16.26
CA ASP A 114 -7.65 14.59 16.38
C ASP A 114 -6.96 14.51 15.01
N VAL A 115 -5.81 15.13 14.87
CA VAL A 115 -5.10 15.09 13.58
C VAL A 115 -4.71 13.66 13.24
N MET A 116 -4.42 12.87 14.24
CA MET A 116 -4.02 11.45 13.99
C MET A 116 -5.15 10.72 13.27
N LEU A 117 -6.37 10.97 13.66
CA LEU A 117 -7.52 10.28 12.99
C LEU A 117 -7.63 10.77 11.55
N LYS A 118 -7.40 12.03 11.32
CA LYS A 118 -7.49 12.56 9.93
C LYS A 118 -6.53 11.79 9.03
N ARG A 119 -5.32 11.61 9.47
CA ARG A 119 -4.33 10.87 8.64
C ARG A 119 -4.80 9.43 8.44
N SER A 120 -5.38 8.83 9.44
CA SER A 120 -5.85 7.43 9.31
C SER A 120 -6.93 7.35 8.22
N LEU A 121 -7.81 8.32 8.18
CA LEU A 121 -8.89 8.28 7.15
C LEU A 121 -8.29 8.40 5.75
N TRP A 122 -7.34 9.28 5.56
CA TRP A 122 -6.72 9.42 4.22
C TRP A 122 -6.05 8.10 3.82
N CYS A 123 -5.45 7.42 4.75
CA CYS A 123 -4.80 6.13 4.42
C CYS A 123 -5.87 5.09 4.08
N CYS A 124 -6.90 5.01 4.88
CA CYS A 124 -7.98 4.01 4.61
C CYS A 124 -8.69 4.36 3.29
N ILE A 125 -9.07 5.60 3.13
CA ILE A 125 -9.77 6.00 1.88
C ILE A 125 -8.86 5.74 0.68
N ASP A 126 -7.60 6.06 0.81
CA ASP A 126 -6.66 5.83 -0.33
C ASP A 126 -6.64 4.34 -0.66
N LEU A 127 -6.68 3.51 0.35
CA LEU A 127 -6.65 2.04 0.10
C LEU A 127 -7.88 1.65 -0.74
N PHE A 128 -9.02 2.19 -0.41
CA PHE A 128 -10.25 1.86 -1.19
C PHE A 128 -10.10 2.35 -2.62
N SER A 129 -9.59 3.53 -2.80
CA SER A 129 -9.41 4.07 -4.18
C SER A 129 -8.44 3.20 -4.96
N CYS A 130 -7.41 2.71 -4.32
CA CYS A 130 -6.42 1.86 -5.04
C CYS A 130 -7.12 0.60 -5.56
N ILE A 131 -7.84 -0.08 -4.72
CA ILE A 131 -8.54 -1.31 -5.16
C ILE A 131 -9.55 -0.95 -6.25
N LEU A 132 -10.31 0.08 -6.04
CA LEU A 132 -11.31 0.50 -7.05
C LEU A 132 -10.61 0.92 -8.35
N HIS A 133 -9.50 1.60 -8.24
CA HIS A 133 -8.78 2.05 -9.46
C HIS A 133 -8.44 0.84 -10.34
N LEU A 134 -7.86 -0.17 -9.78
CA LEU A 134 -7.51 -1.37 -10.59
C LEU A 134 -8.78 -2.07 -11.07
N TRP A 135 -9.75 -2.21 -10.19
CA TRP A 135 -11.01 -2.89 -10.58
C TRP A 135 -12.00 -1.90 -11.19
N LYS A 136 -11.62 -0.65 -11.33
CA LYS A 136 -12.55 0.35 -11.91
C LYS A 136 -13.07 -0.15 -13.26
N GLU A 137 -12.23 -0.81 -14.01
CA GLU A 137 -12.67 -1.32 -15.34
C GLU A 137 -13.79 -2.35 -15.16
N ASN A 138 -13.83 -2.98 -14.01
CA ASN A 138 -14.90 -4.00 -13.77
C ASN A 138 -16.13 -3.33 -13.17
N ILE A 139 -16.07 -2.06 -12.91
CA ILE A 139 -17.25 -1.35 -12.34
C ILE A 139 -17.94 -0.55 -13.43
N SER A 140 -19.25 -0.47 -13.40
CA SER A 140 -19.98 0.30 -14.44
C SER A 140 -19.87 1.80 -14.10
N GLU A 141 -19.89 2.63 -15.09
CA GLU A 141 -19.77 4.09 -14.82
C GLU A 141 -20.91 4.54 -13.90
N THR A 142 -22.10 4.06 -14.12
CA THR A 142 -23.24 4.47 -13.24
C THR A 142 -23.06 3.85 -11.86
N SER A 143 -22.74 2.59 -11.79
CA SER A 143 -22.55 1.94 -10.47
C SER A 143 -21.36 2.58 -9.75
N THR A 144 -20.31 2.87 -10.48
CA THR A 144 -19.14 3.52 -9.83
C THR A 144 -19.51 4.95 -9.47
N ASN A 145 -20.23 5.63 -10.31
CA ASN A 145 -20.61 7.03 -9.99
C ASN A 145 -21.20 7.07 -8.58
N SER A 146 -22.07 6.15 -8.28
CA SER A 146 -22.64 6.12 -6.91
C SER A 146 -21.50 5.84 -5.93
N LEU A 147 -20.62 4.96 -6.30
CA LEU A 147 -19.47 4.63 -5.42
C LEU A 147 -18.56 5.86 -5.27
N GLN A 148 -18.36 6.60 -6.34
CA GLN A 148 -17.49 7.81 -6.23
C GLN A 148 -18.11 8.73 -5.17
N LYS A 149 -19.41 8.80 -5.14
CA LYS A 149 -20.09 9.67 -4.13
C LYS A 149 -19.75 9.18 -2.73
N ARG A 150 -19.76 7.89 -2.51
CA ARG A 150 -19.44 7.38 -1.15
C ARG A 150 -18.05 7.87 -0.75
N ILE A 151 -17.11 7.83 -1.66
CA ILE A 151 -15.74 8.32 -1.34
C ILE A 151 -15.84 9.82 -1.09
N LYS A 152 -16.58 10.51 -1.91
CA LYS A 152 -16.74 11.98 -1.72
C LYS A 152 -17.29 12.24 -0.32
N TYR A 153 -18.19 11.40 0.12
CA TYR A 153 -18.76 11.58 1.48
C TYR A 153 -17.63 11.53 2.51
N CYS A 154 -16.72 10.60 2.36
CA CYS A 154 -15.59 10.52 3.32
C CYS A 154 -14.73 11.78 3.19
N LYS A 155 -14.35 12.13 1.98
CA LYS A 155 -13.54 13.36 1.79
C LYS A 155 -14.33 14.56 2.30
N ILE A 156 -15.62 14.55 2.12
CA ILE A 156 -16.45 15.68 2.60
C ILE A 156 -16.30 15.83 4.10
N TYR A 157 -16.29 14.75 4.83
CA TYR A 157 -16.16 14.85 6.31
C TYR A 157 -14.80 15.47 6.63
N LEU A 158 -13.76 15.06 5.95
CA LEU A 158 -12.42 15.63 6.22
C LEU A 158 -12.45 17.14 5.93
N SER A 159 -13.11 17.55 4.88
CA SER A 159 -13.16 19.00 4.55
C SER A 159 -13.88 19.76 5.66
N LYS A 160 -14.95 19.22 6.19
CA LYS A 160 -15.68 19.92 7.27
C LYS A 160 -14.74 20.09 8.48
N LEU A 161 -13.95 19.10 8.78
CA LEU A 161 -13.02 19.22 9.94
C LEU A 161 -12.00 20.33 9.64
N ALA A 162 -11.59 20.44 8.40
CA ALA A 162 -10.60 21.49 8.04
C ALA A 162 -11.21 22.86 8.32
N LYS A 163 -12.48 23.01 8.08
CA LYS A 163 -13.14 24.33 8.34
C LYS A 163 -13.57 24.38 9.81
N GLY A 164 -13.40 23.32 10.54
CA GLY A 164 -13.79 23.31 11.97
C GLY A 164 -15.21 22.75 12.11
N GLU A 165 -15.83 22.40 11.03
CA GLU A 165 -17.22 21.86 11.11
C GLU A 165 -17.17 20.33 11.14
N ILE A 166 -18.10 19.72 11.83
CA ILE A 166 -18.13 18.23 11.90
C ILE A 166 -19.41 17.71 11.26
N GLY A 167 -19.31 16.70 10.45
CA GLY A 167 -20.53 16.15 9.79
C GLY A 167 -21.27 15.24 10.77
N ASN B 1 39.94 13.09 3.08
CA ASN B 1 40.50 13.60 1.80
C ASN B 1 40.04 12.74 0.64
N VAL B 2 38.75 12.62 0.44
CA VAL B 2 38.25 11.79 -0.67
C VAL B 2 38.61 12.43 -2.01
N PRO B 3 38.74 11.64 -3.05
CA PRO B 3 39.10 12.15 -4.41
C PRO B 3 38.05 13.13 -4.95
N GLU B 4 38.48 14.13 -5.67
CA GLU B 4 37.51 15.10 -6.23
C GLU B 4 36.50 14.37 -7.12
N ILE B 5 36.94 13.34 -7.78
CA ILE B 5 36.01 12.57 -8.67
C ILE B 5 35.80 11.17 -8.08
N LYS B 6 34.59 10.69 -8.06
CA LYS B 6 34.32 9.34 -7.51
C LYS B 6 34.59 8.28 -8.58
N ALA B 7 35.11 7.15 -8.18
CA ALA B 7 35.40 6.07 -9.19
C ALA B 7 34.10 5.64 -9.86
N LYS B 8 33.01 5.71 -9.16
CA LYS B 8 31.71 5.29 -9.77
C LYS B 8 31.08 6.48 -10.50
N GLU B 9 30.40 6.23 -11.58
CA GLU B 9 29.75 7.34 -12.33
C GLU B 9 28.25 7.34 -12.07
N VAL B 10 27.62 8.49 -12.14
CA VAL B 10 26.16 8.56 -11.89
C VAL B 10 25.41 7.84 -13.02
N ASN B 11 25.95 7.88 -14.21
CA ASN B 11 25.27 7.20 -15.35
C ASN B 11 25.08 5.72 -15.03
N VAL B 12 26.02 5.13 -14.33
CA VAL B 12 25.89 3.69 -13.99
C VAL B 12 24.64 3.48 -13.13
N ASP B 13 24.39 4.37 -12.21
CA ASP B 13 23.19 4.22 -11.34
C ASP B 13 21.92 4.21 -12.20
N ASP B 14 21.92 4.97 -13.27
CA ASP B 14 20.71 5.03 -14.14
C ASP B 14 20.33 3.63 -14.63
N GLU B 15 21.29 2.89 -15.13
CA GLU B 15 20.97 1.51 -15.63
C GLU B 15 20.61 0.60 -14.46
N LYS B 16 21.28 0.73 -13.34
CA LYS B 16 20.95 -0.14 -12.18
C LYS B 16 19.50 0.10 -11.76
N GLU B 17 19.07 1.33 -11.75
CA GLU B 17 17.67 1.63 -11.36
C GLU B 17 16.72 1.03 -12.41
N ASP B 18 17.09 1.08 -13.65
CA ASP B 18 16.21 0.50 -14.71
C ASP B 18 16.03 -1.00 -14.45
N LYS B 19 17.09 -1.67 -14.07
CA LYS B 19 16.99 -3.13 -13.80
C LYS B 19 16.03 -3.36 -12.64
N LEU B 20 16.10 -2.55 -11.62
CA LEU B 20 15.19 -2.71 -10.45
C LEU B 20 13.74 -2.61 -10.93
N ALA B 21 13.46 -1.68 -11.81
CA ALA B 21 12.07 -1.53 -12.31
C ALA B 21 11.66 -2.81 -13.06
N GLN B 22 12.55 -3.37 -13.83
CA GLN B 22 12.21 -4.61 -14.57
C GLN B 22 11.93 -5.74 -13.58
N ARG B 23 12.64 -5.77 -12.49
CA ARG B 23 12.41 -6.85 -11.49
C ARG B 23 10.99 -6.74 -10.94
N LEU B 24 10.55 -5.54 -10.65
CA LEU B 24 9.17 -5.38 -10.12
C LEU B 24 8.16 -5.86 -11.17
N ARG B 25 8.37 -5.51 -12.41
CA ARG B 25 7.43 -5.95 -13.47
C ARG B 25 7.43 -7.47 -13.54
N ALA B 26 8.56 -8.10 -13.32
CA ALA B 26 8.61 -9.58 -13.37
C ALA B 26 7.77 -10.13 -12.20
N LEU B 27 7.82 -9.48 -11.07
CA LEU B 27 7.03 -9.94 -9.90
C LEU B 27 5.54 -9.92 -10.27
N ARG B 28 5.12 -8.93 -11.01
CA ARG B 28 3.69 -8.86 -11.42
C ARG B 28 3.51 -9.51 -12.79
N GLY B 29 4.57 -9.97 -13.38
CA GLY B 29 4.47 -10.62 -14.71
C GLY B 29 4.35 -12.13 -14.54
N MET A 1 4.41 13.13 1.67
CA MET A 1 5.06 12.44 0.52
C MET A 1 5.94 11.31 1.04
N ALA A 2 7.22 11.52 1.12
CA ALA A 2 8.13 10.45 1.62
C ALA A 2 7.71 10.06 3.05
N SER A 3 7.40 11.03 3.86
CA SER A 3 6.97 10.71 5.25
C SER A 3 5.67 9.91 5.20
N ASN A 4 4.79 10.23 4.28
CA ASN A 4 3.52 9.48 4.19
C ASN A 4 3.85 8.00 3.98
N ALA A 5 4.85 7.72 3.19
CA ALA A 5 5.24 6.30 2.95
C ALA A 5 5.75 5.72 4.27
N ALA A 6 6.51 6.49 5.01
CA ALA A 6 7.04 5.98 6.31
C ALA A 6 5.88 5.64 7.23
N ARG A 7 4.88 6.48 7.28
CA ARG A 7 3.71 6.19 8.15
C ARG A 7 3.06 4.88 7.71
N VAL A 8 2.99 4.64 6.43
CA VAL A 8 2.37 3.39 5.95
C VAL A 8 3.17 2.20 6.49
N VAL A 9 4.47 2.31 6.50
CA VAL A 9 5.28 1.18 7.01
C VAL A 9 4.94 0.93 8.48
N ALA A 10 4.71 1.98 9.22
CA ALA A 10 4.36 1.79 10.66
C ALA A 10 3.06 0.99 10.75
N THR A 11 2.09 1.33 9.95
CA THR A 11 0.81 0.58 9.99
C THR A 11 1.03 -0.82 9.43
N ALA A 12 1.89 -0.95 8.46
CA ALA A 12 2.15 -2.29 7.87
C ALA A 12 2.64 -3.23 8.98
N LYS A 13 3.54 -2.76 9.80
CA LYS A 13 4.05 -3.62 10.91
C LYS A 13 2.89 -3.95 11.86
N ASP A 14 2.08 -2.98 12.17
CA ASP A 14 0.93 -3.23 13.09
C ASP A 14 0.02 -4.30 12.49
N PHE A 15 -0.22 -4.23 11.20
CA PHE A 15 -1.09 -5.23 10.56
C PHE A 15 -0.48 -6.62 10.71
N ASP A 16 0.81 -6.73 10.54
CA ASP A 16 1.46 -8.06 10.69
C ASP A 16 1.19 -8.59 12.09
N LYS A 17 1.21 -7.72 13.07
CA LYS A 17 0.95 -8.16 14.46
C LYS A 17 -0.47 -8.74 14.55
N VAL A 18 -1.36 -8.25 13.73
CA VAL A 18 -2.76 -8.77 13.76
C VAL A 18 -2.85 -10.04 12.92
N GLY A 19 -1.87 -10.32 12.11
CA GLY A 19 -1.92 -11.55 11.27
C GLY A 19 -2.61 -11.26 9.94
N LEU A 20 -2.59 -10.03 9.51
CA LEU A 20 -3.23 -9.69 8.21
C LEU A 20 -2.16 -9.70 7.11
N GLY A 21 -1.46 -10.79 6.97
CA GLY A 21 -0.39 -10.86 5.92
C GLY A 21 -1.00 -10.57 4.55
N ILE A 22 -2.24 -10.89 4.34
CA ILE A 22 -2.87 -10.63 3.03
C ILE A 22 -2.80 -9.15 2.71
N ILE A 23 -3.29 -8.32 3.59
CA ILE A 23 -3.25 -6.86 3.35
C ILE A 23 -1.79 -6.41 3.30
N GLY A 24 -0.97 -6.98 4.15
CA GLY A 24 0.47 -6.60 4.17
C GLY A 24 1.09 -6.85 2.80
N TYR A 25 0.82 -7.99 2.21
CA TYR A 25 1.41 -8.26 0.87
C TYR A 25 0.93 -7.21 -0.14
N TYR A 26 -0.34 -6.95 -0.19
CA TYR A 26 -0.86 -5.95 -1.14
C TYR A 26 -0.35 -4.55 -0.78
N LEU A 27 -0.36 -4.21 0.48
CA LEU A 27 0.11 -2.84 0.87
C LEU A 27 1.62 -2.72 0.67
N GLN A 28 2.37 -3.76 0.91
CA GLN A 28 3.85 -3.67 0.70
C GLN A 28 4.11 -3.38 -0.78
N LEU A 29 3.37 -4.02 -1.66
CA LEU A 29 3.56 -3.75 -3.11
C LEU A 29 3.25 -2.28 -3.38
N TYR A 30 2.24 -1.75 -2.74
CA TYR A 30 1.91 -0.32 -2.95
C TYR A 30 3.03 0.55 -2.39
N ALA A 31 3.63 0.14 -1.30
CA ALA A 31 4.73 0.94 -0.70
C ALA A 31 5.85 1.13 -1.71
N VAL A 32 6.26 0.09 -2.40
CA VAL A 32 7.35 0.27 -3.40
C VAL A 32 6.82 1.13 -4.54
N GLU A 33 5.66 0.84 -5.04
CA GLU A 33 5.10 1.67 -6.14
C GLU A 33 4.90 3.10 -5.62
N LEU A 34 4.57 3.23 -4.37
CA LEU A 34 4.35 4.58 -3.78
C LEU A 34 5.64 5.39 -3.87
N ILE A 35 6.76 4.80 -3.52
CA ILE A 35 8.05 5.53 -3.60
C ILE A 35 8.36 5.90 -5.05
N LEU A 36 8.21 4.96 -5.95
CA LEU A 36 8.49 5.24 -7.37
C LEU A 36 7.52 6.31 -7.88
N SER A 37 6.31 6.30 -7.42
CA SER A 37 5.32 7.32 -7.86
C SER A 37 5.69 8.66 -7.19
N GLU A 38 6.38 8.58 -6.10
CA GLU A 38 6.79 9.81 -5.37
C GLU A 38 7.84 10.56 -6.18
N GLU A 39 7.89 11.86 -6.05
CA GLU A 39 8.90 12.66 -6.81
C GLU A 39 10.30 12.12 -6.52
N ASP A 40 11.21 12.25 -7.46
CA ASP A 40 12.58 11.72 -7.24
C ASP A 40 13.20 12.37 -6.00
N ARG A 41 13.76 11.57 -5.13
CA ARG A 41 14.38 12.09 -3.89
C ARG A 41 15.85 11.66 -3.84
N SER A 42 16.60 12.19 -2.91
CA SER A 42 18.04 11.84 -2.82
C SER A 42 18.22 10.33 -2.65
N GLN A 43 19.44 9.87 -2.80
CA GLN A 43 19.73 8.41 -2.69
C GLN A 43 19.24 7.85 -1.34
N GLU A 44 19.13 8.68 -0.33
CA GLU A 44 18.69 8.15 0.99
C GLU A 44 17.40 7.34 0.80
N MET A 45 16.51 7.79 -0.05
CA MET A 45 15.27 7.02 -0.28
C MET A 45 15.63 5.69 -0.95
N THR A 46 16.62 5.69 -1.79
CA THR A 46 17.02 4.44 -2.47
C THR A 46 17.41 3.40 -1.42
N ALA A 47 18.13 3.80 -0.41
CA ALA A 47 18.53 2.83 0.65
C ALA A 47 17.28 2.34 1.36
N LEU A 48 16.36 3.23 1.64
CA LEU A 48 15.11 2.81 2.32
C LEU A 48 14.38 1.79 1.45
N ALA A 49 14.39 1.98 0.15
CA ALA A 49 13.70 1.03 -0.76
C ALA A 49 14.37 -0.34 -0.68
N THR A 50 15.68 -0.37 -0.54
CA THR A 50 16.37 -1.68 -0.45
C THR A 50 15.92 -2.43 0.79
N GLU A 51 15.80 -1.74 1.89
CA GLU A 51 15.35 -2.40 3.14
C GLU A 51 13.95 -2.98 2.91
N LEU A 52 13.10 -2.24 2.24
CA LEU A 52 11.73 -2.75 1.98
C LEU A 52 11.82 -4.00 1.11
N LEU A 53 12.73 -4.03 0.17
CA LEU A 53 12.87 -5.22 -0.70
C LEU A 53 13.18 -6.43 0.17
N ASP A 54 14.02 -6.25 1.15
CA ASP A 54 14.36 -7.39 2.06
C ASP A 54 13.08 -7.85 2.76
N THR A 55 12.25 -6.92 3.14
CA THR A 55 10.99 -7.29 3.83
C THR A 55 10.13 -8.17 2.91
N ILE A 56 10.11 -7.89 1.64
CA ILE A 56 9.29 -8.72 0.71
C ILE A 56 9.74 -10.18 0.81
N GLU A 57 11.01 -10.42 0.66
CA GLU A 57 11.50 -11.82 0.75
C GLU A 57 11.25 -12.30 2.17
N ALA A 58 11.40 -11.43 3.14
CA ALA A 58 11.15 -11.83 4.55
C ALA A 58 9.66 -12.10 4.72
N PHE A 59 8.83 -11.40 4.00
CA PHE A 59 7.36 -11.61 4.12
C PHE A 59 7.04 -13.06 3.75
N LYS A 60 7.44 -13.51 2.60
CA LYS A 60 7.15 -14.91 2.21
C LYS A 60 7.83 -15.87 3.19
N LYS A 61 9.07 -15.58 3.54
CA LYS A 61 9.81 -16.47 4.49
C LYS A 61 9.43 -16.11 5.92
N GLU A 62 8.62 -15.12 6.12
CA GLU A 62 8.23 -14.73 7.51
C GLU A 62 7.79 -15.96 8.28
N ILE A 63 7.15 -16.89 7.64
CA ILE A 63 6.71 -18.12 8.36
C ILE A 63 7.92 -18.95 8.75
N GLY A 64 8.92 -19.00 7.91
CA GLY A 64 10.14 -19.80 8.23
C GLY A 64 9.81 -21.29 8.12
N GLY A 65 8.55 -21.60 7.89
CA GLY A 65 8.16 -23.03 7.75
C GLY A 65 7.78 -23.60 9.13
N GLU A 66 8.01 -22.84 10.17
CA GLU A 66 7.66 -23.34 11.53
C GLU A 66 6.14 -23.51 11.65
N SER A 67 5.39 -22.54 11.22
CA SER A 67 3.91 -22.64 11.31
C SER A 67 3.43 -23.79 10.43
N GLU A 68 4.09 -24.00 9.31
CA GLU A 68 3.69 -25.09 8.40
C GLU A 68 3.85 -26.44 9.09
N ALA A 69 4.77 -26.55 10.01
CA ALA A 69 4.98 -27.85 10.72
C ALA A 69 3.63 -28.49 11.02
N GLU A 70 2.66 -27.71 11.36
CA GLU A 70 1.31 -28.27 11.67
C GLU A 70 0.33 -27.87 10.56
N ASP A 71 -0.40 -28.82 10.02
CA ASP A 71 -1.36 -28.47 8.95
C ASP A 71 -0.63 -27.69 7.85
N SER A 72 0.51 -28.19 7.43
CA SER A 72 1.29 -27.47 6.38
C SER A 72 0.43 -27.25 5.13
N ASP A 73 -0.37 -28.21 4.78
CA ASP A 73 -1.22 -28.07 3.56
C ASP A 73 -2.13 -26.86 3.69
N LYS A 74 -2.75 -26.68 4.83
CA LYS A 74 -3.66 -25.52 5.01
C LYS A 74 -2.87 -24.21 4.97
N SER A 75 -1.71 -24.17 5.57
CA SER A 75 -0.91 -22.91 5.57
C SER A 75 -0.52 -22.53 4.14
N LEU A 76 -0.06 -23.48 3.37
CA LEU A 76 0.33 -23.16 1.96
C LEU A 76 -0.90 -22.75 1.16
N HIS A 77 -2.01 -23.41 1.38
CA HIS A 77 -3.25 -23.06 0.64
C HIS A 77 -3.65 -21.62 0.94
N VAL A 78 -3.64 -21.24 2.19
CA VAL A 78 -4.04 -19.85 2.54
C VAL A 78 -2.99 -18.85 2.06
N MET A 79 -1.74 -19.09 2.35
CA MET A 79 -0.67 -18.16 1.91
C MET A 79 -0.51 -18.19 0.39
N ASN A 80 -0.45 -19.37 -0.18
CA ASN A 80 -0.26 -19.48 -1.65
C ASN A 80 -1.49 -18.97 -2.41
N THR A 81 -2.66 -19.34 -1.99
CA THR A 81 -3.89 -18.92 -2.71
C THR A 81 -4.10 -17.40 -2.66
N LEU A 82 -3.99 -16.80 -1.50
CA LEU A 82 -4.23 -15.33 -1.41
C LEU A 82 -3.08 -14.54 -2.02
N ILE A 83 -1.87 -15.03 -1.92
CA ILE A 83 -0.72 -14.28 -2.49
C ILE A 83 -0.63 -14.46 -4.00
N HIS A 84 -0.98 -15.62 -4.51
CA HIS A 84 -0.88 -15.85 -5.97
C HIS A 84 -2.20 -15.45 -6.68
N ASP A 85 -3.32 -15.58 -6.03
CA ASP A 85 -4.60 -15.22 -6.70
C ASP A 85 -4.90 -13.73 -6.48
N GLN A 86 -4.71 -12.93 -7.50
CA GLN A 86 -4.99 -11.47 -7.36
C GLN A 86 -6.46 -11.24 -7.04
N GLU A 87 -7.34 -11.99 -7.65
CA GLU A 87 -8.80 -11.80 -7.38
C GLU A 87 -9.09 -12.12 -5.91
N LYS A 88 -8.49 -13.15 -5.38
CA LYS A 88 -8.72 -13.49 -3.96
C LYS A 88 -8.24 -12.32 -3.10
N ALA A 89 -7.19 -11.67 -3.52
CA ALA A 89 -6.67 -10.52 -2.74
C ALA A 89 -7.64 -9.33 -2.86
N LYS A 90 -8.12 -9.07 -4.05
CA LYS A 90 -9.06 -7.92 -4.22
C LYS A 90 -10.31 -8.13 -3.37
N ILE A 91 -10.90 -9.29 -3.44
CA ILE A 91 -12.13 -9.54 -2.63
C ILE A 91 -11.74 -9.54 -1.16
N TYR A 92 -10.62 -10.13 -0.83
CA TYR A 92 -10.20 -10.15 0.60
C TYR A 92 -9.99 -8.70 1.06
N MET A 93 -9.30 -7.91 0.29
CA MET A 93 -9.09 -6.49 0.67
C MET A 93 -10.43 -5.76 0.71
N LEU A 94 -11.32 -6.09 -0.19
CA LEU A 94 -12.65 -5.40 -0.17
C LEU A 94 -13.34 -5.72 1.15
N ASN A 95 -13.23 -6.93 1.61
CA ASN A 95 -13.87 -7.31 2.89
C ASN A 95 -13.26 -6.45 4.01
N PHE A 96 -11.98 -6.30 4.01
CA PHE A 96 -11.32 -5.48 5.07
C PHE A 96 -11.73 -4.01 4.90
N THR A 97 -11.61 -3.50 3.70
CA THR A 97 -11.99 -2.08 3.47
C THR A 97 -13.47 -1.91 3.75
N MET A 98 -14.28 -2.81 3.28
CA MET A 98 -15.74 -2.70 3.54
C MET A 98 -15.98 -2.72 5.05
N SER A 99 -15.38 -3.66 5.73
CA SER A 99 -15.54 -3.73 7.20
C SER A 99 -14.93 -2.48 7.83
N LEU A 100 -13.78 -2.08 7.35
CA LEU A 100 -13.12 -0.87 7.90
C LEU A 100 -14.01 0.35 7.62
N TYR A 101 -14.63 0.40 6.48
CA TYR A 101 -15.49 1.56 6.15
C TYR A 101 -16.59 1.70 7.20
N ASN A 102 -17.27 0.63 7.50
CA ASN A 102 -18.35 0.70 8.52
C ASN A 102 -17.73 1.01 9.88
N GLU A 103 -16.68 0.32 10.22
CA GLU A 103 -16.01 0.58 11.53
C GLU A 103 -15.46 2.00 11.53
N LYS A 104 -15.01 2.47 10.41
CA LYS A 104 -14.45 3.85 10.35
C LYS A 104 -15.53 4.85 10.76
N LEU A 105 -16.73 4.68 10.27
CA LEU A 105 -17.82 5.62 10.65
C LEU A 105 -18.06 5.54 12.16
N LYS A 106 -18.09 4.34 12.69
CA LYS A 106 -18.32 4.19 14.15
C LYS A 106 -17.21 4.88 14.95
N GLN A 107 -15.99 4.76 14.50
CA GLN A 107 -14.86 5.42 15.24
C GLN A 107 -15.06 6.94 15.25
N LEU A 108 -15.48 7.50 14.16
CA LEU A 108 -15.68 8.98 14.13
C LEU A 108 -16.82 9.36 15.08
N LYS A 109 -17.85 8.55 15.15
CA LYS A 109 -18.98 8.87 16.06
C LYS A 109 -18.64 8.49 17.50
N ASP A 110 -18.22 7.27 17.71
CA ASP A 110 -17.88 6.82 19.08
C ASP A 110 -16.45 7.23 19.45
N GLY A 111 -15.61 7.45 18.47
CA GLY A 111 -14.21 7.83 18.79
C GLY A 111 -14.01 9.33 18.61
N PRO A 112 -13.12 9.93 19.38
CA PRO A 112 -12.82 11.38 19.29
C PRO A 112 -12.03 11.73 18.02
N TRP A 113 -12.14 12.94 17.55
CA TRP A 113 -11.40 13.33 16.33
C TRP A 113 -10.05 13.93 16.72
N ASP A 114 -8.97 13.30 16.34
CA ASP A 114 -7.63 13.83 16.68
C ASP A 114 -6.74 13.76 15.43
N VAL A 115 -5.53 14.26 15.52
CA VAL A 115 -4.62 14.21 14.34
C VAL A 115 -4.37 12.75 13.95
N MET A 116 -4.29 11.88 14.92
CA MET A 116 -4.05 10.44 14.61
C MET A 116 -5.20 9.92 13.75
N LEU A 117 -6.40 10.33 14.04
CA LEU A 117 -7.57 9.87 13.22
C LEU A 117 -7.43 10.43 11.81
N LYS A 118 -6.96 11.64 11.68
CA LYS A 118 -6.80 12.23 10.33
C LYS A 118 -5.89 11.34 9.51
N ARG A 119 -4.82 10.86 10.09
CA ARG A 119 -3.89 9.98 9.35
C ARG A 119 -4.63 8.70 8.96
N SER A 120 -5.46 8.20 9.82
CA SER A 120 -6.22 6.95 9.51
C SER A 120 -7.14 7.21 8.31
N LEU A 121 -7.76 8.35 8.25
CA LEU A 121 -8.67 8.65 7.11
C LEU A 121 -7.87 8.66 5.80
N TRP A 122 -6.70 9.24 5.81
CA TRP A 122 -5.89 9.27 4.56
C TRP A 122 -5.52 7.83 4.16
N CYS A 123 -5.20 7.01 5.11
CA CYS A 123 -4.83 5.60 4.77
C CYS A 123 -6.05 4.85 4.23
N CYS A 124 -7.19 5.02 4.84
CA CYS A 124 -8.41 4.31 4.37
C CYS A 124 -8.68 4.68 2.90
N ILE A 125 -8.64 5.94 2.58
CA ILE A 125 -8.89 6.36 1.18
C ILE A 125 -7.85 5.73 0.26
N ASP A 126 -6.62 5.67 0.71
CA ASP A 126 -5.56 5.08 -0.15
C ASP A 126 -5.90 3.62 -0.46
N LEU A 127 -6.39 2.88 0.51
CA LEU A 127 -6.75 1.46 0.25
C LEU A 127 -7.85 1.39 -0.81
N PHE A 128 -8.82 2.25 -0.72
CA PHE A 128 -9.94 2.22 -1.71
C PHE A 128 -9.42 2.76 -3.05
N SER A 129 -8.67 3.82 -3.03
CA SER A 129 -8.15 4.39 -4.30
C SER A 129 -7.07 3.47 -4.90
N CYS A 130 -6.32 2.80 -4.07
CA CYS A 130 -5.26 1.91 -4.61
C CYS A 130 -5.90 0.71 -5.32
N ILE A 131 -6.83 0.06 -4.67
CA ILE A 131 -7.48 -1.11 -5.31
C ILE A 131 -8.31 -0.63 -6.50
N LEU A 132 -9.03 0.44 -6.33
CA LEU A 132 -9.86 0.96 -7.44
C LEU A 132 -8.97 1.39 -8.61
N HIS A 133 -7.86 1.99 -8.33
CA HIS A 133 -6.95 2.45 -9.43
C HIS A 133 -6.47 1.25 -10.25
N LEU A 134 -6.00 0.22 -9.60
CA LEU A 134 -5.52 -0.97 -10.36
C LEU A 134 -6.68 -1.62 -11.11
N TRP A 135 -7.80 -1.78 -10.45
CA TRP A 135 -8.98 -2.41 -11.12
C TRP A 135 -9.80 -1.36 -11.86
N LYS A 136 -9.36 -0.13 -11.87
CA LYS A 136 -10.13 0.94 -12.56
C LYS A 136 -10.41 0.52 -14.00
N GLU A 137 -9.49 -0.15 -14.63
CA GLU A 137 -9.72 -0.59 -16.04
C GLU A 137 -10.92 -1.54 -16.09
N ASN A 138 -11.21 -2.21 -15.00
CA ASN A 138 -12.35 -3.15 -15.00
C ASN A 138 -13.63 -2.43 -14.57
N ILE A 139 -13.53 -1.16 -14.23
CA ILE A 139 -14.74 -0.41 -13.79
C ILE A 139 -15.20 0.52 -14.92
N SER A 140 -16.49 0.65 -15.09
CA SER A 140 -17.02 1.55 -16.16
C SER A 140 -16.90 3.00 -15.68
N GLU A 141 -16.84 3.93 -16.59
CA GLU A 141 -16.71 5.36 -16.18
C GLU A 141 -17.86 5.72 -15.23
N THR A 142 -19.05 5.28 -15.51
CA THR A 142 -20.19 5.61 -14.59
C THR A 142 -20.04 4.81 -13.30
N SER A 143 -19.71 3.55 -13.41
CA SER A 143 -19.54 2.72 -12.18
C SER A 143 -18.46 3.35 -11.31
N THR A 144 -17.41 3.84 -11.92
CA THR A 144 -16.35 4.50 -11.13
C THR A 144 -16.93 5.74 -10.45
N ASN A 145 -17.78 6.44 -11.14
CA ASN A 145 -18.39 7.66 -10.54
C ASN A 145 -19.06 7.29 -9.22
N SER A 146 -19.81 6.22 -9.20
CA SER A 146 -20.49 5.82 -7.93
C SER A 146 -19.42 5.54 -6.86
N LEU A 147 -18.41 4.80 -7.20
CA LEU A 147 -17.34 4.50 -6.21
C LEU A 147 -16.62 5.80 -5.83
N GLN A 148 -16.39 6.64 -6.80
CA GLN A 148 -15.70 7.92 -6.51
C GLN A 148 -16.59 8.76 -5.58
N LYS A 149 -17.88 8.70 -5.77
CA LYS A 149 -18.78 9.49 -4.88
C LYS A 149 -18.62 8.99 -3.44
N ARG A 150 -18.47 7.70 -3.25
CA ARG A 150 -18.30 7.19 -1.87
C ARG A 150 -17.03 7.80 -1.28
N ILE A 151 -16.00 7.86 -2.06
CA ILE A 151 -14.73 8.47 -1.57
C ILE A 151 -14.98 9.96 -1.30
N LYS A 152 -15.77 10.59 -2.12
CA LYS A 152 -16.08 12.02 -1.92
C LYS A 152 -16.70 12.19 -0.53
N TYR A 153 -17.56 11.28 -0.16
CA TYR A 153 -18.20 11.37 1.19
C TYR A 153 -17.09 11.32 2.25
N CYS A 154 -16.13 10.44 2.07
CA CYS A 154 -15.02 10.36 3.06
C CYS A 154 -14.24 11.67 3.03
N LYS A 155 -13.84 12.12 1.88
CA LYS A 155 -13.08 13.39 1.79
C LYS A 155 -13.94 14.55 2.30
N ILE A 156 -15.22 14.50 2.02
CA ILE A 156 -16.12 15.60 2.48
C ILE A 156 -16.06 15.70 4.00
N TYR A 157 -16.17 14.60 4.69
CA TYR A 157 -16.10 14.65 6.17
C TYR A 157 -14.72 15.16 6.56
N LEU A 158 -13.70 14.70 5.87
CA LEU A 158 -12.32 15.15 6.17
C LEU A 158 -12.24 16.67 6.00
N SER A 159 -12.86 17.20 4.99
CA SER A 159 -12.83 18.67 4.78
C SER A 159 -13.49 19.36 5.97
N LYS A 160 -14.54 18.78 6.50
CA LYS A 160 -15.21 19.40 7.66
C LYS A 160 -14.22 19.49 8.82
N LEU A 161 -13.43 18.46 9.01
CA LEU A 161 -12.43 18.49 10.12
C LEU A 161 -11.39 19.59 9.83
N ALA A 162 -11.06 19.79 8.58
CA ALA A 162 -10.07 20.83 8.23
C ALA A 162 -10.60 22.20 8.67
N LYS A 163 -11.88 22.42 8.53
CA LYS A 163 -12.47 23.72 8.94
C LYS A 163 -12.70 23.71 10.45
N GLY A 164 -12.60 22.57 11.08
CA GLY A 164 -12.81 22.50 12.55
C GLY A 164 -14.28 22.17 12.83
N GLU A 165 -15.08 22.06 11.81
CA GLU A 165 -16.53 21.74 12.03
C GLU A 165 -16.75 20.24 11.90
N ILE A 166 -17.56 19.67 12.76
CA ILE A 166 -17.84 18.21 12.69
C ILE A 166 -19.32 17.98 12.36
N GLY A 167 -19.60 17.09 11.44
CA GLY A 167 -21.02 16.84 11.07
C GLY A 167 -21.68 18.13 10.61
N ASN B 1 28.03 26.36 -29.79
CA ASN B 1 29.47 26.37 -29.41
C ASN B 1 29.60 26.22 -27.89
N VAL B 2 28.50 26.07 -27.21
CA VAL B 2 28.55 25.92 -25.73
C VAL B 2 29.21 24.57 -25.38
N PRO B 3 30.12 24.54 -24.44
CA PRO B 3 30.81 23.27 -24.05
C PRO B 3 29.85 22.27 -23.41
N GLU B 4 30.06 21.00 -23.65
CA GLU B 4 29.16 19.97 -23.06
C GLU B 4 29.84 19.32 -21.85
N ILE B 5 29.11 19.12 -20.79
CA ILE B 5 29.70 18.50 -19.57
C ILE B 5 28.88 17.28 -19.18
N LYS B 6 29.53 16.20 -18.80
CA LYS B 6 28.77 14.98 -18.41
C LYS B 6 28.36 15.08 -16.94
N ALA B 7 27.18 14.65 -16.61
CA ALA B 7 26.72 14.73 -15.19
C ALA B 7 27.57 13.79 -14.33
N LYS B 8 27.81 14.15 -13.11
CA LYS B 8 28.63 13.27 -12.22
C LYS B 8 27.99 11.90 -12.12
N GLU B 9 26.68 11.85 -12.15
CA GLU B 9 25.98 10.53 -12.05
C GLU B 9 26.45 9.63 -13.20
N VAL B 10 26.53 8.36 -12.96
CA VAL B 10 26.99 7.43 -14.03
C VAL B 10 25.78 6.65 -14.59
N ASN B 11 25.72 6.51 -15.88
CA ASN B 11 24.57 5.78 -16.50
C ASN B 11 24.46 4.38 -15.88
N VAL B 12 25.56 3.80 -15.48
CA VAL B 12 25.51 2.44 -14.88
C VAL B 12 24.56 2.44 -13.69
N ASP B 13 24.63 3.44 -12.86
CA ASP B 13 23.71 3.48 -11.68
C ASP B 13 22.26 3.50 -12.15
N ASP B 14 22.00 4.16 -13.25
CA ASP B 14 20.61 4.24 -13.78
C ASP B 14 20.06 2.85 -14.08
N GLU B 15 20.82 2.03 -14.74
CA GLU B 15 20.31 0.67 -15.08
C GLU B 15 20.15 -0.17 -13.80
N LYS B 16 21.06 -0.08 -12.88
CA LYS B 16 20.93 -0.90 -11.64
C LYS B 16 19.61 -0.56 -10.96
N GLU B 17 19.25 0.70 -10.92
CA GLU B 17 17.96 1.09 -10.28
C GLU B 17 16.81 0.50 -11.09
N ASP B 18 16.91 0.54 -12.39
CA ASP B 18 15.82 -0.02 -13.24
C ASP B 18 15.70 -1.51 -12.97
N LYS B 19 16.81 -2.19 -12.80
CA LYS B 19 16.77 -3.65 -12.52
C LYS B 19 15.98 -3.89 -11.23
N LEU B 20 16.21 -3.08 -10.22
CA LEU B 20 15.48 -3.27 -8.94
C LEU B 20 13.98 -3.15 -9.20
N ALA B 21 13.58 -2.20 -10.01
CA ALA B 21 12.13 -2.04 -10.30
C ALA B 21 11.64 -3.27 -11.06
N GLN B 22 12.40 -3.72 -12.02
CA GLN B 22 11.99 -4.92 -12.79
C GLN B 22 11.97 -6.13 -11.86
N ARG B 23 12.88 -6.18 -10.92
CA ARG B 23 12.91 -7.34 -9.98
C ARG B 23 11.57 -7.42 -9.25
N LEU B 24 11.06 -6.31 -8.80
CA LEU B 24 9.75 -6.33 -8.09
C LEU B 24 8.67 -6.82 -9.06
N ARG B 25 8.71 -6.35 -10.28
CA ARG B 25 7.69 -6.79 -11.27
C ARG B 25 7.78 -8.30 -11.42
N ALA B 26 8.97 -8.84 -11.42
CA ALA B 26 9.11 -10.32 -11.54
C ALA B 26 8.52 -10.98 -10.30
N LEU B 27 8.66 -10.35 -9.16
CA LEU B 27 8.11 -10.94 -7.91
C LEU B 27 6.60 -11.12 -8.06
N ARG B 28 5.95 -10.17 -8.69
CA ARG B 28 4.47 -10.28 -8.88
C ARG B 28 4.17 -10.73 -10.31
N GLY B 29 5.19 -11.01 -11.08
CA GLY B 29 4.97 -11.45 -12.49
C GLY B 29 4.90 -12.97 -12.53
N MET A 1 4.90 11.10 0.91
CA MET A 1 6.28 11.38 1.38
C MET A 1 6.96 10.07 1.79
N ALA A 2 8.25 10.02 1.74
CA ALA A 2 8.97 8.77 2.13
C ALA A 2 8.62 8.44 3.58
N SER A 3 8.56 9.43 4.43
CA SER A 3 8.21 9.17 5.85
C SER A 3 6.80 8.61 5.93
N ASN A 4 5.90 9.10 5.11
CA ASN A 4 4.52 8.57 5.13
C ASN A 4 4.58 7.06 4.87
N ALA A 5 5.43 6.66 3.97
CA ALA A 5 5.57 5.21 3.68
C ALA A 5 6.08 4.50 4.93
N ALA A 6 6.99 5.11 5.64
CA ALA A 6 7.52 4.47 6.87
C ALA A 6 6.37 4.24 7.86
N ARG A 7 5.51 5.21 8.02
CA ARG A 7 4.37 5.04 8.95
C ARG A 7 3.53 3.85 8.49
N VAL A 8 3.35 3.69 7.21
CA VAL A 8 2.54 2.55 6.70
C VAL A 8 3.21 1.25 7.14
N VAL A 9 4.51 1.20 7.10
CA VAL A 9 5.20 -0.04 7.52
C VAL A 9 4.89 -0.33 8.98
N ALA A 10 4.81 0.70 9.79
CA ALA A 10 4.48 0.47 11.22
C ALA A 10 3.11 -0.19 11.31
N THR A 11 2.17 0.31 10.58
CA THR A 11 0.81 -0.29 10.59
C THR A 11 0.88 -1.68 9.97
N ALA A 12 1.70 -1.84 8.96
CA ALA A 12 1.82 -3.16 8.31
C ALA A 12 2.25 -4.19 9.36
N LYS A 13 3.17 -3.84 10.20
CA LYS A 13 3.62 -4.79 11.25
C LYS A 13 2.44 -5.11 12.17
N ASP A 14 1.70 -4.10 12.55
CA ASP A 14 0.53 -4.35 13.45
C ASP A 14 -0.46 -5.28 12.73
N PHE A 15 -0.69 -5.05 11.47
CA PHE A 15 -1.64 -5.91 10.71
C PHE A 15 -1.10 -7.34 10.70
N ASP A 16 0.18 -7.51 10.53
CA ASP A 16 0.76 -8.88 10.51
C ASP A 16 0.43 -9.56 11.84
N LYS A 17 0.48 -8.82 12.91
CA LYS A 17 0.17 -9.41 14.25
C LYS A 17 -1.27 -9.92 14.22
N VAL A 18 -2.13 -9.29 13.46
CA VAL A 18 -3.54 -9.73 13.39
C VAL A 18 -3.67 -10.89 12.39
N GLY A 19 -2.64 -11.15 11.64
CA GLY A 19 -2.71 -12.26 10.64
C GLY A 19 -3.24 -11.73 9.31
N LEU A 20 -3.21 -10.44 9.12
CA LEU A 20 -3.70 -9.86 7.84
C LEU A 20 -2.50 -9.63 6.91
N GLY A 21 -1.67 -10.61 6.77
CA GLY A 21 -0.47 -10.45 5.88
C GLY A 21 -0.91 -10.03 4.48
N ILE A 22 -2.06 -10.48 4.05
CA ILE A 22 -2.54 -10.12 2.68
C ILE A 22 -2.63 -8.60 2.56
N ILE A 23 -3.28 -7.96 3.50
CA ILE A 23 -3.40 -6.49 3.43
C ILE A 23 -2.01 -5.86 3.53
N GLY A 24 -1.18 -6.38 4.40
CA GLY A 24 0.19 -5.82 4.55
C GLY A 24 0.93 -5.93 3.21
N TYR A 25 0.75 -7.01 2.52
CA TYR A 25 1.46 -7.17 1.21
C TYR A 25 1.01 -6.09 0.23
N TYR A 26 -0.26 -5.87 0.10
CA TYR A 26 -0.76 -4.85 -0.85
C TYR A 26 -0.23 -3.45 -0.50
N LEU A 27 -0.28 -3.07 0.75
CA LEU A 27 0.21 -1.70 1.10
C LEU A 27 1.72 -1.61 0.87
N GLN A 28 2.45 -2.68 1.08
CA GLN A 28 3.91 -2.61 0.83
C GLN A 28 4.12 -2.24 -0.65
N LEU A 29 3.32 -2.82 -1.52
CA LEU A 29 3.45 -2.46 -2.95
C LEU A 29 3.15 -0.98 -3.10
N TYR A 30 2.20 -0.49 -2.35
CA TYR A 30 1.86 0.95 -2.41
C TYR A 30 3.03 1.77 -1.85
N ALA A 31 3.69 1.26 -0.84
CA ALA A 31 4.83 2.02 -0.23
C ALA A 31 5.91 2.26 -1.29
N VAL A 32 6.27 1.27 -2.05
CA VAL A 32 7.33 1.48 -3.08
C VAL A 32 6.78 2.46 -4.12
N GLU A 33 5.56 2.31 -4.53
CA GLU A 33 5.01 3.25 -5.55
C GLU A 33 5.02 4.66 -4.95
N LEU A 34 4.79 4.77 -3.67
CA LEU A 34 4.79 6.12 -3.02
C LEU A 34 6.17 6.75 -3.11
N ILE A 35 7.21 6.00 -2.82
CA ILE A 35 8.58 6.56 -2.89
C ILE A 35 8.89 7.05 -4.30
N LEU A 36 8.58 6.26 -5.28
CA LEU A 36 8.85 6.68 -6.69
C LEU A 36 8.00 7.90 -7.05
N SER A 37 6.82 7.99 -6.51
CA SER A 37 5.94 9.16 -6.82
C SER A 37 6.50 10.42 -6.15
N GLU A 38 7.22 10.25 -5.08
CA GLU A 38 7.79 11.43 -4.37
C GLU A 38 9.01 11.97 -5.14
N GLU A 39 9.26 13.24 -5.05
CA GLU A 39 10.42 13.83 -5.76
C GLU A 39 11.70 13.11 -5.34
N ASP A 40 12.67 13.04 -6.21
CA ASP A 40 13.93 12.33 -5.86
C ASP A 40 14.54 12.94 -4.59
N ARG A 41 15.06 12.11 -3.73
CA ARG A 41 15.67 12.60 -2.47
C ARG A 41 17.13 12.15 -2.39
N SER A 42 17.86 12.66 -1.44
CA SER A 42 19.29 12.27 -1.32
C SER A 42 19.40 10.75 -1.16
N GLN A 43 20.60 10.23 -1.22
CA GLN A 43 20.81 8.76 -1.10
C GLN A 43 20.19 8.23 0.20
N GLU A 44 20.11 9.03 1.22
CA GLU A 44 19.51 8.53 2.49
C GLU A 44 18.17 7.87 2.20
N MET A 45 17.38 8.45 1.34
CA MET A 45 16.06 7.83 1.02
C MET A 45 16.31 6.49 0.33
N THR A 46 17.33 6.41 -0.48
CA THR A 46 17.64 5.14 -1.18
C THR A 46 17.89 4.03 -0.15
N ALA A 47 18.58 4.35 0.91
CA ALA A 47 18.84 3.32 1.95
C ALA A 47 17.51 2.90 2.56
N LEU A 48 16.65 3.83 2.84
CA LEU A 48 15.32 3.48 3.42
C LEU A 48 14.57 2.58 2.44
N ALA A 49 14.66 2.87 1.16
CA ALA A 49 13.96 2.04 0.16
C ALA A 49 14.54 0.62 0.18
N THR A 50 15.82 0.49 0.34
CA THR A 50 16.43 -0.86 0.37
C THR A 50 15.85 -1.65 1.53
N GLU A 51 15.68 -1.03 2.67
CA GLU A 51 15.10 -1.75 3.83
C GLU A 51 13.68 -2.20 3.48
N LEU A 52 12.94 -1.37 2.79
CA LEU A 52 11.56 -1.75 2.41
C LEU A 52 11.60 -3.00 1.54
N LEU A 53 12.55 -3.08 0.64
CA LEU A 53 12.64 -4.29 -0.22
C LEU A 53 12.88 -5.51 0.64
N ASP A 54 13.69 -5.38 1.66
CA ASP A 54 13.95 -6.54 2.55
C ASP A 54 12.65 -6.99 3.19
N THR A 55 11.82 -6.06 3.59
CA THR A 55 10.52 -6.42 4.21
C THR A 55 9.68 -7.23 3.21
N ILE A 56 9.67 -6.83 1.97
CA ILE A 56 8.87 -7.58 0.96
C ILE A 56 9.36 -9.02 0.90
N GLU A 57 10.63 -9.22 0.75
CA GLU A 57 11.18 -10.60 0.70
C GLU A 57 10.89 -11.26 2.04
N ALA A 58 10.98 -10.51 3.11
CA ALA A 58 10.70 -11.08 4.45
C ALA A 58 9.22 -11.48 4.51
N PHE A 59 8.37 -10.73 3.86
CA PHE A 59 6.93 -11.08 3.86
C PHE A 59 6.74 -12.49 3.29
N LYS A 60 7.24 -12.73 2.11
CA LYS A 60 7.10 -14.08 1.51
C LYS A 60 7.82 -15.10 2.40
N LYS A 61 8.97 -14.73 2.89
CA LYS A 61 9.75 -15.66 3.77
C LYS A 61 9.22 -15.58 5.21
N GLU A 62 8.27 -14.73 5.45
CA GLU A 62 7.74 -14.59 6.83
C GLU A 62 7.40 -15.98 7.39
N ILE A 63 6.95 -16.87 6.57
CA ILE A 63 6.62 -18.23 7.07
C ILE A 63 7.89 -18.96 7.49
N GLY A 64 8.94 -18.83 6.71
CA GLY A 64 10.21 -19.50 7.05
C GLY A 64 10.05 -21.02 6.83
N GLY A 65 8.86 -21.45 6.51
CA GLY A 65 8.62 -22.90 6.28
C GLY A 65 8.20 -23.56 7.60
N GLU A 66 8.29 -22.85 8.69
CA GLU A 66 7.89 -23.45 9.99
C GLU A 66 6.37 -23.65 10.02
N SER A 67 5.63 -22.66 9.64
CA SER A 67 4.15 -22.81 9.64
C SER A 67 3.73 -23.79 8.54
N GLU A 68 4.48 -23.82 7.47
CA GLU A 68 4.16 -24.75 6.36
C GLU A 68 4.12 -26.19 6.86
N ALA A 69 4.94 -26.51 7.83
CA ALA A 69 4.95 -27.90 8.35
C ALA A 69 3.58 -28.27 8.93
N GLU A 70 2.93 -27.33 9.57
CA GLU A 70 1.59 -27.63 10.15
C GLU A 70 0.53 -27.12 9.18
N ASP A 71 -0.50 -27.90 8.92
CA ASP A 71 -1.55 -27.44 7.98
C ASP A 71 -0.85 -26.93 6.71
N SER A 72 0.13 -27.66 6.25
CA SER A 72 0.88 -27.22 5.04
C SER A 72 -0.06 -27.04 3.85
N ASP A 73 -0.96 -27.95 3.66
CA ASP A 73 -1.89 -27.82 2.49
C ASP A 73 -2.74 -26.55 2.64
N LYS A 74 -3.31 -26.35 3.79
CA LYS A 74 -4.17 -25.14 3.98
C LYS A 74 -3.30 -23.88 4.07
N SER A 75 -2.21 -23.94 4.78
CA SER A 75 -1.34 -22.73 4.92
C SER A 75 -0.86 -22.27 3.55
N LEU A 76 -0.41 -23.17 2.73
CA LEU A 76 0.08 -22.78 1.38
C LEU A 76 -1.10 -22.32 0.52
N HIS A 77 -2.23 -22.96 0.66
CA HIS A 77 -3.42 -22.57 -0.15
C HIS A 77 -3.81 -21.13 0.16
N VAL A 78 -3.87 -20.77 1.41
CA VAL A 78 -4.27 -19.37 1.76
C VAL A 78 -3.18 -18.38 1.34
N MET A 79 -1.95 -18.64 1.69
CA MET A 79 -0.86 -17.71 1.31
C MET A 79 -0.64 -17.73 -0.20
N ASN A 80 -0.58 -18.89 -0.78
CA ASN A 80 -0.34 -18.99 -2.25
C ASN A 80 -1.54 -18.46 -3.04
N THR A 81 -2.73 -18.82 -2.65
CA THR A 81 -3.93 -18.38 -3.41
C THR A 81 -4.16 -16.85 -3.30
N LEU A 82 -4.10 -16.32 -2.11
CA LEU A 82 -4.36 -14.85 -1.95
C LEU A 82 -3.20 -14.02 -2.53
N ILE A 83 -1.99 -14.51 -2.44
CA ILE A 83 -0.84 -13.73 -2.96
C ILE A 83 -0.73 -13.86 -4.48
N HIS A 84 -0.92 -15.04 -5.00
CA HIS A 84 -0.80 -15.23 -6.48
C HIS A 84 -2.02 -14.68 -7.21
N ASP A 85 -3.21 -15.01 -6.77
CA ASP A 85 -4.42 -14.51 -7.48
C ASP A 85 -4.76 -13.09 -7.02
N GLN A 86 -4.54 -12.12 -7.87
CA GLN A 86 -4.85 -10.71 -7.50
C GLN A 86 -6.34 -10.55 -7.22
N GLU A 87 -7.17 -11.26 -7.94
CA GLU A 87 -8.64 -11.14 -7.72
C GLU A 87 -8.98 -11.47 -6.27
N LYS A 88 -8.37 -12.50 -5.73
CA LYS A 88 -8.65 -12.86 -4.32
C LYS A 88 -8.19 -11.71 -3.42
N ALA A 89 -7.13 -11.06 -3.79
CA ALA A 89 -6.63 -9.92 -2.98
C ALA A 89 -7.58 -8.74 -3.13
N LYS A 90 -8.02 -8.46 -4.33
CA LYS A 90 -8.94 -7.31 -4.54
C LYS A 90 -10.22 -7.50 -3.72
N ILE A 91 -10.80 -8.65 -3.81
CA ILE A 91 -12.04 -8.91 -3.02
C ILE A 91 -11.69 -8.98 -1.54
N TYR A 92 -10.60 -9.63 -1.22
CA TYR A 92 -10.20 -9.72 0.22
C TYR A 92 -9.92 -8.31 0.74
N MET A 93 -9.15 -7.54 0.02
CA MET A 93 -8.86 -6.15 0.46
C MET A 93 -10.14 -5.33 0.43
N LEU A 94 -10.98 -5.55 -0.55
CA LEU A 94 -12.24 -4.78 -0.63
C LEU A 94 -13.08 -5.06 0.63
N ASN A 95 -13.11 -6.30 1.05
CA ASN A 95 -13.89 -6.64 2.26
C ASN A 95 -13.31 -5.89 3.46
N PHE A 96 -12.01 -5.84 3.57
CA PHE A 96 -11.37 -5.13 4.72
C PHE A 96 -11.73 -3.65 4.66
N THR A 97 -11.60 -3.03 3.52
CA THR A 97 -11.93 -1.59 3.40
C THR A 97 -13.42 -1.38 3.71
N MET A 98 -14.26 -2.23 3.19
CA MET A 98 -15.71 -2.07 3.46
C MET A 98 -15.97 -2.26 4.95
N SER A 99 -15.41 -3.28 5.52
CA SER A 99 -15.62 -3.53 6.98
C SER A 99 -14.90 -2.45 7.79
N LEU A 100 -13.71 -2.10 7.39
CA LEU A 100 -12.94 -1.06 8.12
C LEU A 100 -13.62 0.30 7.96
N TYR A 101 -14.11 0.59 6.80
CA TYR A 101 -14.77 1.92 6.57
C TYR A 101 -16.01 2.05 7.46
N ASN A 102 -16.87 1.07 7.48
CA ASN A 102 -18.09 1.18 8.31
C ASN A 102 -17.70 1.25 9.79
N GLU A 103 -16.83 0.39 10.23
CA GLU A 103 -16.41 0.42 11.65
C GLU A 103 -15.72 1.75 11.95
N LYS A 104 -14.95 2.25 11.03
CA LYS A 104 -14.25 3.54 11.26
C LYS A 104 -15.27 4.65 11.49
N LEU A 105 -16.33 4.67 10.72
CA LEU A 105 -17.36 5.74 10.91
C LEU A 105 -17.92 5.64 12.32
N LYS A 106 -18.19 4.45 12.78
CA LYS A 106 -18.74 4.31 14.15
C LYS A 106 -17.74 4.87 15.15
N GLN A 107 -16.48 4.67 14.91
CA GLN A 107 -15.44 5.21 15.85
C GLN A 107 -15.52 6.73 15.87
N LEU A 108 -15.76 7.34 14.75
CA LEU A 108 -15.85 8.84 14.72
C LEU A 108 -17.04 9.28 15.57
N LYS A 109 -18.13 8.56 15.51
CA LYS A 109 -19.33 8.95 16.30
C LYS A 109 -19.16 8.54 17.76
N ASP A 110 -18.85 7.30 18.01
CA ASP A 110 -18.69 6.82 19.41
C ASP A 110 -17.29 7.15 19.93
N GLY A 111 -16.34 7.35 19.05
CA GLY A 111 -14.95 7.65 19.50
C GLY A 111 -14.66 9.14 19.32
N PRO A 112 -13.74 9.67 20.10
CA PRO A 112 -13.34 11.10 20.03
C PRO A 112 -12.59 11.42 18.72
N TRP A 113 -12.63 12.65 18.29
CA TRP A 113 -11.93 13.01 17.04
C TRP A 113 -10.52 13.49 17.36
N ASP A 114 -9.53 12.89 16.77
CA ASP A 114 -8.12 13.31 17.03
C ASP A 114 -7.36 13.41 15.71
N VAL A 115 -6.20 14.03 15.73
CA VAL A 115 -5.41 14.16 14.48
C VAL A 115 -4.99 12.77 13.98
N MET A 116 -4.79 11.86 14.89
CA MET A 116 -4.36 10.49 14.49
C MET A 116 -5.44 9.89 13.59
N LEU A 117 -6.69 10.13 13.88
CA LEU A 117 -7.77 9.57 13.03
C LEU A 117 -7.66 10.19 11.63
N LYS A 118 -7.32 11.44 11.55
CA LYS A 118 -7.21 12.09 10.22
C LYS A 118 -6.15 11.36 9.39
N ARG A 119 -5.05 11.00 10.02
CA ARG A 119 -3.98 10.27 9.29
C ARG A 119 -4.52 8.93 8.80
N SER A 120 -5.30 8.27 9.62
CA SER A 120 -5.87 6.96 9.22
C SER A 120 -6.85 7.16 8.05
N LEU A 121 -7.54 8.26 8.04
CA LEU A 121 -8.50 8.52 6.93
C LEU A 121 -7.73 8.66 5.61
N TRP A 122 -6.63 9.34 5.63
CA TRP A 122 -5.84 9.50 4.37
C TRP A 122 -5.35 8.13 3.91
N CYS A 123 -4.91 7.30 4.82
CA CYS A 123 -4.43 5.95 4.43
C CYS A 123 -5.62 5.10 3.95
N CYS A 124 -6.73 5.19 4.63
CA CYS A 124 -7.91 4.37 4.21
C CYS A 124 -8.35 4.78 2.80
N ILE A 125 -8.49 6.06 2.56
CA ILE A 125 -8.92 6.51 1.21
C ILE A 125 -7.87 6.07 0.18
N ASP A 126 -6.62 6.20 0.51
CA ASP A 126 -5.55 5.79 -0.44
C ASP A 126 -5.67 4.29 -0.74
N LEU A 127 -5.99 3.50 0.24
CA LEU A 127 -6.13 2.04 0.01
C LEU A 127 -7.24 1.78 -1.01
N PHE A 128 -8.35 2.45 -0.86
CA PHE A 128 -9.47 2.26 -1.82
C PHE A 128 -9.08 2.84 -3.17
N SER A 129 -8.49 4.01 -3.17
CA SER A 129 -8.09 4.64 -4.46
C SER A 129 -7.06 3.75 -5.17
N CYS A 130 -6.17 3.15 -4.45
CA CYS A 130 -5.15 2.29 -5.10
C CYS A 130 -5.85 1.11 -5.78
N ILE A 131 -6.72 0.43 -5.07
CA ILE A 131 -7.44 -0.72 -5.67
C ILE A 131 -8.31 -0.22 -6.83
N LEU A 132 -8.99 0.87 -6.63
CA LEU A 132 -9.86 1.42 -7.70
C LEU A 132 -9.03 1.81 -8.93
N HIS A 133 -7.87 2.38 -8.71
CA HIS A 133 -7.04 2.79 -9.87
C HIS A 133 -6.63 1.58 -10.70
N LEU A 134 -6.13 0.55 -10.07
CA LEU A 134 -5.70 -0.65 -10.84
C LEU A 134 -6.92 -1.32 -11.50
N TRP A 135 -7.99 -1.46 -10.78
CA TRP A 135 -9.21 -2.11 -11.35
C TRP A 135 -10.07 -1.09 -12.09
N LYS A 136 -9.63 0.13 -12.16
CA LYS A 136 -10.44 1.17 -12.86
C LYS A 136 -10.77 0.71 -14.28
N GLU A 137 -9.85 0.05 -14.91
CA GLU A 137 -10.10 -0.44 -16.30
C GLU A 137 -11.17 -1.54 -16.28
N ASN A 138 -11.32 -2.23 -15.18
CA ASN A 138 -12.32 -3.33 -15.12
C ASN A 138 -13.68 -2.78 -14.67
N ILE A 139 -13.75 -1.53 -14.29
CA ILE A 139 -15.05 -0.96 -13.83
C ILE A 139 -15.55 0.07 -14.85
N SER A 140 -16.84 0.17 -15.00
CA SER A 140 -17.42 1.13 -15.99
C SER A 140 -17.36 2.55 -15.42
N GLU A 141 -17.33 3.54 -16.26
CA GLU A 141 -17.25 4.94 -15.78
C GLU A 141 -18.45 5.25 -14.88
N THR A 142 -19.63 4.80 -15.23
CA THR A 142 -20.81 5.10 -14.38
C THR A 142 -20.65 4.37 -13.04
N SER A 143 -20.27 3.12 -13.08
CA SER A 143 -20.09 2.37 -11.81
C SER A 143 -19.02 3.09 -10.99
N THR A 144 -18.00 3.57 -11.64
CA THR A 144 -16.93 4.32 -10.91
C THR A 144 -17.57 5.54 -10.25
N ASN A 145 -18.48 6.16 -10.95
CA ASN A 145 -19.14 7.37 -10.38
C ASN A 145 -19.76 7.01 -9.03
N SER A 146 -20.43 5.89 -8.95
CA SER A 146 -21.07 5.50 -7.67
C SER A 146 -20.00 5.34 -6.58
N LEU A 147 -18.97 4.58 -6.87
CA LEU A 147 -17.89 4.40 -5.84
C LEU A 147 -17.19 5.74 -5.62
N GLN A 148 -16.99 6.50 -6.66
CA GLN A 148 -16.31 7.81 -6.48
C GLN A 148 -17.15 8.72 -5.60
N LYS A 149 -18.45 8.68 -5.76
CA LYS A 149 -19.31 9.54 -4.88
C LYS A 149 -19.12 9.10 -3.43
N ARG A 150 -19.02 7.83 -3.19
CA ARG A 150 -18.82 7.36 -1.79
C ARG A 150 -17.53 7.99 -1.24
N ILE A 151 -16.52 8.06 -2.05
CA ILE A 151 -15.25 8.68 -1.59
C ILE A 151 -15.52 10.14 -1.22
N LYS A 152 -16.31 10.82 -1.99
CA LYS A 152 -16.62 12.24 -1.67
C LYS A 152 -17.21 12.31 -0.26
N TYR A 153 -18.08 11.39 0.06
CA TYR A 153 -18.69 11.39 1.41
C TYR A 153 -17.56 11.29 2.45
N CYS A 154 -16.60 10.46 2.20
CA CYS A 154 -15.47 10.33 3.17
C CYS A 154 -14.75 11.67 3.24
N LYS A 155 -14.40 12.23 2.11
CA LYS A 155 -13.71 13.54 2.10
C LYS A 155 -14.62 14.60 2.71
N ILE A 156 -15.90 14.49 2.52
CA ILE A 156 -16.83 15.49 3.09
C ILE A 156 -16.66 15.56 4.60
N TYR A 157 -16.64 14.44 5.26
CA TYR A 157 -16.47 14.46 6.73
C TYR A 157 -15.08 15.05 7.03
N LEU A 158 -14.11 14.67 6.25
CA LEU A 158 -12.74 15.20 6.44
C LEU A 158 -12.75 16.72 6.28
N SER A 159 -13.49 17.22 5.33
CA SER A 159 -13.54 18.70 5.12
C SER A 159 -14.10 19.38 6.38
N LYS A 160 -15.12 18.81 6.97
CA LYS A 160 -15.69 19.44 8.20
C LYS A 160 -14.62 19.47 9.29
N LEU A 161 -13.86 18.43 9.42
CA LEU A 161 -12.79 18.42 10.46
C LEU A 161 -11.74 19.47 10.11
N ALA A 162 -11.48 19.65 8.85
CA ALA A 162 -10.46 20.66 8.44
C ALA A 162 -10.91 22.05 8.91
N LYS A 163 -12.19 22.31 8.86
CA LYS A 163 -12.69 23.64 9.31
C LYS A 163 -12.83 23.63 10.84
N GLY A 164 -12.74 22.48 11.44
CA GLY A 164 -12.85 22.40 12.93
C GLY A 164 -14.30 22.12 13.32
N GLU A 165 -15.18 22.07 12.35
CA GLU A 165 -16.62 21.80 12.68
C GLU A 165 -16.91 20.32 12.52
N ILE A 166 -17.75 19.77 13.36
CA ILE A 166 -18.10 18.32 13.25
C ILE A 166 -19.58 18.17 12.94
N GLY A 167 -19.93 17.32 12.03
CA GLY A 167 -21.36 17.13 11.68
C GLY A 167 -21.83 18.29 10.80
N ASN B 1 20.88 6.33 -29.01
CA ASN B 1 22.33 6.38 -28.72
C ASN B 1 22.88 7.75 -29.12
N VAL B 2 22.99 8.66 -28.20
CA VAL B 2 23.52 10.01 -28.55
C VAL B 2 25.01 9.88 -28.90
N PRO B 3 25.47 10.53 -29.96
CA PRO B 3 26.90 10.46 -30.37
C PRO B 3 27.83 11.11 -29.35
N GLU B 4 29.03 10.60 -29.21
CA GLU B 4 29.98 11.18 -28.22
C GLU B 4 29.24 11.52 -26.92
N ILE B 5 29.26 10.63 -25.97
CA ILE B 5 28.56 10.90 -24.67
C ILE B 5 29.57 10.81 -23.53
N LYS B 6 29.52 11.74 -22.62
CA LYS B 6 30.48 11.71 -21.47
C LYS B 6 29.90 10.86 -20.34
N ALA B 7 30.72 10.10 -19.67
CA ALA B 7 30.22 9.25 -18.55
C ALA B 7 29.69 10.15 -17.43
N LYS B 8 30.18 11.36 -17.34
CA LYS B 8 29.71 12.28 -16.27
C LYS B 8 28.20 12.46 -16.39
N GLU B 9 27.67 12.41 -17.58
CA GLU B 9 26.21 12.58 -17.76
C GLU B 9 25.47 11.56 -16.88
N VAL B 10 26.02 10.38 -16.73
CA VAL B 10 25.37 9.34 -15.89
C VAL B 10 26.28 8.99 -14.72
N ASN B 11 25.72 8.84 -13.55
CA ASN B 11 26.55 8.52 -12.36
C ASN B 11 26.42 7.02 -12.06
N VAL B 12 27.40 6.45 -11.40
CA VAL B 12 27.33 5.00 -11.07
C VAL B 12 26.11 4.73 -10.18
N ASP B 13 25.87 5.58 -9.22
CA ASP B 13 24.70 5.36 -8.33
C ASP B 13 23.41 5.38 -9.15
N ASP B 14 23.36 6.19 -10.18
CA ASP B 14 22.14 6.27 -11.02
C ASP B 14 21.79 4.90 -11.60
N GLU B 15 22.75 4.21 -12.14
CA GLU B 15 22.45 2.87 -12.74
C GLU B 15 22.11 1.87 -11.63
N LYS B 16 22.82 1.87 -10.54
CA LYS B 16 22.50 0.90 -9.46
C LYS B 16 21.04 1.10 -9.00
N GLU B 17 20.61 2.31 -8.88
CA GLU B 17 19.21 2.56 -8.45
C GLU B 17 18.26 2.05 -9.53
N ASP B 18 18.61 2.23 -10.77
CA ASP B 18 17.73 1.74 -11.87
C ASP B 18 17.58 0.22 -11.75
N LYS B 19 18.66 -0.45 -11.44
CA LYS B 19 18.59 -1.93 -11.31
C LYS B 19 17.62 -2.30 -10.20
N LEU B 20 17.67 -1.59 -9.09
CA LEU B 20 16.75 -1.90 -7.97
C LEU B 20 15.30 -1.76 -8.45
N ALA B 21 15.02 -0.75 -9.24
CA ALA B 21 13.64 -0.56 -9.74
C ALA B 21 13.24 -1.76 -10.61
N GLN B 22 14.14 -2.21 -11.45
CA GLN B 22 13.81 -3.38 -12.31
C GLN B 22 13.59 -4.61 -11.44
N ARG B 23 14.33 -4.74 -10.38
CA ARG B 23 14.16 -5.91 -9.50
C ARG B 23 12.74 -5.92 -8.94
N LEU B 24 12.24 -4.78 -8.53
CA LEU B 24 10.85 -4.72 -7.99
C LEU B 24 9.87 -5.13 -9.09
N ARG B 25 10.08 -4.66 -10.28
CA ARG B 25 9.15 -5.02 -11.39
C ARG B 25 9.16 -6.54 -11.56
N ALA B 26 10.30 -7.15 -11.39
CA ALA B 26 10.37 -8.64 -11.52
C ALA B 26 9.53 -9.27 -10.41
N LEU B 27 9.55 -8.68 -9.24
CA LEU B 27 8.76 -9.23 -8.10
C LEU B 27 7.29 -9.24 -8.50
N ARG B 28 6.84 -8.22 -9.18
CA ARG B 28 5.40 -8.17 -9.59
C ARG B 28 5.24 -8.89 -10.93
N GLY B 29 6.33 -9.22 -11.57
CA GLY B 29 6.23 -9.93 -12.88
C GLY B 29 5.90 -11.40 -12.64
N MET A 1 3.34 12.18 -0.53
CA MET A 1 4.74 12.28 -1.03
C MET A 1 5.52 11.02 -0.62
N ALA A 2 6.82 11.04 -0.77
CA ALA A 2 7.62 9.85 -0.39
C ALA A 2 7.36 9.54 1.09
N SER A 3 7.24 10.55 1.91
CA SER A 3 6.97 10.30 3.35
C SER A 3 5.62 9.62 3.50
N ASN A 4 4.66 9.98 2.71
CA ASN A 4 3.33 9.35 2.82
C ASN A 4 3.49 7.84 2.59
N ALA A 5 4.31 7.47 1.64
CA ALA A 5 4.54 6.03 1.38
C ALA A 5 5.20 5.41 2.62
N ALA A 6 6.11 6.13 3.23
CA ALA A 6 6.79 5.60 4.44
C ALA A 6 5.75 5.39 5.55
N ARG A 7 4.83 6.30 5.69
CA ARG A 7 3.80 6.14 6.74
C ARG A 7 3.03 4.85 6.49
N VAL A 8 2.70 4.58 5.26
CA VAL A 8 1.96 3.32 4.95
C VAL A 8 2.81 2.13 5.37
N VAL A 9 4.10 2.22 5.19
CA VAL A 9 4.97 1.09 5.60
C VAL A 9 4.80 0.85 7.09
N ALA A 10 4.65 1.90 7.84
CA ALA A 10 4.46 1.73 9.31
C ALA A 10 3.16 0.94 9.52
N THR A 11 2.14 1.26 8.79
CA THR A 11 0.86 0.53 8.93
C THR A 11 1.06 -0.90 8.40
N ALA A 12 1.85 -1.04 7.37
CA ALA A 12 2.09 -2.40 6.81
C ALA A 12 2.64 -3.30 7.91
N LYS A 13 3.58 -2.82 8.67
CA LYS A 13 4.15 -3.63 9.77
C LYS A 13 3.04 -3.93 10.78
N ASP A 14 2.19 -2.96 11.04
CA ASP A 14 1.09 -3.19 12.01
C ASP A 14 0.21 -4.36 11.53
N PHE A 15 -0.07 -4.41 10.25
CA PHE A 15 -0.91 -5.51 9.73
C PHE A 15 -0.21 -6.85 9.95
N ASP A 16 1.08 -6.89 9.74
CA ASP A 16 1.82 -8.17 9.95
C ASP A 16 1.62 -8.62 11.40
N LYS A 17 1.64 -7.71 12.31
CA LYS A 17 1.44 -8.06 13.75
C LYS A 17 0.05 -8.67 13.92
N VAL A 18 -0.90 -8.24 13.13
CA VAL A 18 -2.29 -8.78 13.26
C VAL A 18 -2.40 -10.09 12.48
N GLY A 19 -1.44 -10.38 11.63
CA GLY A 19 -1.50 -11.63 10.84
C GLY A 19 -2.24 -11.39 9.53
N LEU A 20 -2.48 -10.15 9.19
CA LEU A 20 -3.19 -9.84 7.93
C LEU A 20 -2.17 -9.55 6.83
N GLY A 21 -1.25 -10.46 6.61
CA GLY A 21 -0.21 -10.24 5.57
C GLY A 21 -0.87 -9.97 4.22
N ILE A 22 -2.04 -10.50 3.99
CA ILE A 22 -2.72 -10.28 2.70
C ILE A 22 -2.91 -8.78 2.47
N ILE A 23 -3.45 -8.09 3.43
CA ILE A 23 -3.66 -6.62 3.27
C ILE A 23 -2.30 -5.95 3.11
N GLY A 24 -1.35 -6.33 3.92
CA GLY A 24 0.01 -5.72 3.82
C GLY A 24 0.58 -5.99 2.42
N TYR A 25 0.34 -7.14 1.90
CA TYR A 25 0.88 -7.47 0.55
C TYR A 25 0.33 -6.50 -0.50
N TYR A 26 -0.95 -6.27 -0.51
CA TYR A 26 -1.55 -5.35 -1.52
C TYR A 26 -1.04 -3.92 -1.34
N LEU A 27 -1.03 -3.40 -0.14
CA LEU A 27 -0.56 -1.99 0.06
C LEU A 27 0.96 -1.91 -0.16
N GLN A 28 1.70 -2.92 0.21
CA GLN A 28 3.17 -2.84 -0.02
C GLN A 28 3.43 -2.69 -1.52
N LEU A 29 2.69 -3.40 -2.34
CA LEU A 29 2.88 -3.25 -3.81
C LEU A 29 2.54 -1.82 -4.20
N TYR A 30 1.51 -1.27 -3.61
CA TYR A 30 1.13 0.13 -3.94
C TYR A 30 2.22 1.07 -3.44
N ALA A 31 2.83 0.76 -2.32
CA ALA A 31 3.89 1.64 -1.76
C ALA A 31 5.03 1.79 -2.78
N VAL A 32 5.47 0.71 -3.36
CA VAL A 32 6.58 0.82 -4.36
C VAL A 32 6.06 1.56 -5.59
N GLU A 33 4.89 1.24 -6.04
CA GLU A 33 4.35 1.96 -7.23
C GLU A 33 4.23 3.44 -6.90
N LEU A 34 3.91 3.74 -5.67
CA LEU A 34 3.79 5.17 -5.26
C LEU A 34 5.13 5.88 -5.41
N ILE A 35 6.19 5.28 -4.93
CA ILE A 35 7.53 5.93 -5.03
C ILE A 35 7.90 6.17 -6.49
N LEU A 36 7.68 5.21 -7.33
CA LEU A 36 8.01 5.37 -8.77
C LEU A 36 7.17 6.50 -9.38
N SER A 37 5.96 6.67 -8.94
CA SER A 37 5.11 7.76 -9.50
C SER A 37 5.61 9.12 -9.01
N GLU A 38 6.25 9.13 -7.87
CA GLU A 38 6.78 10.42 -7.32
C GLU A 38 7.92 10.95 -8.20
N GLU A 39 8.08 12.25 -8.26
CA GLU A 39 9.17 12.83 -9.08
C GLU A 39 10.51 12.26 -8.63
N ASP A 40 11.46 12.17 -9.52
CA ASP A 40 12.78 11.60 -9.14
C ASP A 40 13.38 12.38 -7.97
N ARG A 41 13.92 11.69 -7.02
CA ARG A 41 14.54 12.35 -5.83
C ARG A 41 16.00 11.92 -5.72
N SER A 42 16.74 12.54 -4.83
CA SER A 42 18.19 12.18 -4.68
C SER A 42 18.32 10.69 -4.38
N GLN A 43 19.52 10.17 -4.47
CA GLN A 43 19.75 8.72 -4.23
C GLN A 43 19.23 8.30 -2.85
N GLU A 44 19.30 9.17 -1.87
CA GLU A 44 18.80 8.78 -0.52
C GLU A 44 17.40 8.20 -0.64
N MET A 45 16.57 8.81 -1.43
CA MET A 45 15.18 8.26 -1.61
C MET A 45 15.28 6.91 -2.29
N THR A 46 16.17 6.77 -3.23
CA THR A 46 16.33 5.49 -3.95
C THR A 46 16.69 4.39 -2.94
N ALA A 47 17.53 4.70 -2.00
CA ALA A 47 17.92 3.68 -0.98
C ALA A 47 16.67 3.26 -0.23
N LEU A 48 15.85 4.20 0.16
CA LEU A 48 14.61 3.84 0.90
C LEU A 48 13.74 2.94 0.02
N ALA A 49 13.67 3.25 -1.25
CA ALA A 49 12.84 2.42 -2.17
C ALA A 49 13.42 1.02 -2.25
N THR A 50 14.72 0.90 -2.25
CA THR A 50 15.35 -0.44 -2.32
C THR A 50 14.93 -1.26 -1.11
N GLU A 51 14.89 -0.65 0.05
CA GLU A 51 14.46 -1.39 1.27
C GLU A 51 13.02 -1.85 1.11
N LEU A 52 12.17 -1.03 0.54
CA LEU A 52 10.76 -1.42 0.36
C LEU A 52 10.68 -2.68 -0.50
N LEU A 53 11.42 -2.74 -1.57
CA LEU A 53 11.39 -3.95 -2.43
C LEU A 53 11.86 -5.14 -1.61
N ASP A 54 12.84 -4.94 -0.76
CA ASP A 54 13.33 -6.05 0.09
C ASP A 54 12.18 -6.56 0.94
N THR A 55 11.35 -5.66 1.40
CA THR A 55 10.19 -6.07 2.23
C THR A 55 9.30 -7.01 1.42
N ILE A 56 9.08 -6.70 0.17
CA ILE A 56 8.21 -7.59 -0.65
C ILE A 56 8.83 -8.99 -0.66
N GLU A 57 10.08 -9.10 -1.00
CA GLU A 57 10.74 -10.43 -0.99
C GLU A 57 10.67 -10.96 0.44
N ALA A 58 10.82 -10.10 1.40
CA ALA A 58 10.75 -10.53 2.82
C ALA A 58 9.32 -10.99 3.13
N PHE A 59 8.35 -10.38 2.49
CA PHE A 59 6.94 -10.79 2.73
C PHE A 59 6.79 -12.27 2.40
N LYS A 60 7.22 -12.67 1.23
CA LYS A 60 7.11 -14.11 0.86
C LYS A 60 7.92 -14.94 1.85
N LYS A 61 9.06 -14.43 2.25
CA LYS A 61 9.91 -15.18 3.23
C LYS A 61 9.40 -14.93 4.66
N GLU A 62 8.37 -14.13 4.78
CA GLU A 62 7.83 -13.83 6.13
C GLU A 62 7.63 -15.12 6.93
N ILE A 63 7.30 -16.18 6.28
CA ILE A 63 7.09 -17.46 7.02
C ILE A 63 8.43 -17.95 7.58
N GLY A 64 9.48 -17.84 6.82
CA GLY A 64 10.80 -18.30 7.33
C GLY A 64 10.81 -19.83 7.37
N GLY A 65 9.72 -20.43 6.99
CA GLY A 65 9.66 -21.93 7.00
C GLY A 65 9.04 -22.41 8.31
N GLU A 66 8.75 -21.50 9.21
CA GLU A 66 8.16 -21.92 10.51
C GLU A 66 6.78 -22.56 10.27
N SER A 67 5.96 -21.92 9.48
CA SER A 67 4.61 -22.51 9.20
C SER A 67 4.79 -23.81 8.43
N GLU A 68 5.80 -23.89 7.61
CA GLU A 68 6.05 -25.13 6.83
C GLU A 68 6.28 -26.31 7.77
N ALA A 69 6.79 -26.04 8.95
CA ALA A 69 7.05 -27.15 9.91
C ALA A 69 5.74 -27.85 10.28
N GLU A 70 4.69 -27.09 10.47
CA GLU A 70 3.39 -27.71 10.84
C GLU A 70 2.26 -27.09 10.02
N ASP A 71 1.27 -27.87 9.67
CA ASP A 71 0.14 -27.33 8.87
C ASP A 71 0.69 -26.55 7.68
N SER A 72 1.70 -27.07 7.04
CA SER A 72 2.29 -26.36 5.88
C SER A 72 1.26 -26.24 4.74
N ASP A 73 0.47 -27.26 4.54
CA ASP A 73 -0.53 -27.21 3.45
C ASP A 73 -1.51 -26.05 3.71
N LYS A 74 -1.95 -25.89 4.92
CA LYS A 74 -2.91 -24.80 5.23
C LYS A 74 -2.22 -23.44 5.11
N SER A 75 -1.06 -23.29 5.69
CA SER A 75 -0.36 -21.98 5.62
C SER A 75 -0.02 -21.64 4.17
N LEU A 76 0.48 -22.59 3.44
CA LEU A 76 0.84 -22.33 2.01
C LEU A 76 -0.42 -22.10 1.18
N HIS A 77 -1.45 -22.85 1.45
CA HIS A 77 -2.71 -22.69 0.66
C HIS A 77 -3.28 -21.28 0.83
N VAL A 78 -3.32 -20.78 2.04
CA VAL A 78 -3.88 -19.42 2.26
C VAL A 78 -2.95 -18.37 1.64
N MET A 79 -1.68 -18.44 1.90
CA MET A 79 -0.74 -17.44 1.33
C MET A 79 -0.64 -17.61 -0.19
N ASN A 80 -0.48 -18.81 -0.65
CA ASN A 80 -0.34 -19.04 -2.12
C ASN A 80 -1.65 -18.70 -2.84
N THR A 81 -2.76 -19.07 -2.27
CA THR A 81 -4.06 -18.81 -2.94
C THR A 81 -4.40 -17.31 -2.93
N LEU A 82 -4.30 -16.66 -1.80
CA LEU A 82 -4.66 -15.21 -1.74
C LEU A 82 -3.60 -14.36 -2.45
N ILE A 83 -2.36 -14.75 -2.39
CA ILE A 83 -1.29 -13.94 -3.04
C ILE A 83 -1.25 -14.21 -4.54
N HIS A 84 -1.39 -15.44 -4.95
CA HIS A 84 -1.33 -15.76 -6.41
C HIS A 84 -2.55 -15.18 -7.14
N ASP A 85 -3.73 -15.38 -6.63
CA ASP A 85 -4.94 -14.86 -7.33
C ASP A 85 -5.23 -13.43 -6.86
N GLN A 86 -5.10 -12.48 -7.75
CA GLN A 86 -5.37 -11.06 -7.37
C GLN A 86 -6.83 -10.90 -6.95
N GLU A 87 -7.74 -11.60 -7.59
CA GLU A 87 -9.17 -11.46 -7.22
C GLU A 87 -9.37 -11.88 -5.76
N LYS A 88 -8.73 -12.93 -5.34
CA LYS A 88 -8.88 -13.37 -3.92
C LYS A 88 -8.34 -12.25 -3.02
N ALA A 89 -7.35 -11.55 -3.47
CA ALA A 89 -6.79 -10.45 -2.64
C ALA A 89 -7.80 -9.30 -2.56
N LYS A 90 -8.43 -8.97 -3.64
CA LYS A 90 -9.42 -7.85 -3.62
C LYS A 90 -10.62 -8.22 -2.76
N ILE A 91 -11.19 -9.38 -2.94
CA ILE A 91 -12.36 -9.75 -2.11
C ILE A 91 -11.94 -9.84 -0.65
N TYR A 92 -10.83 -10.47 -0.38
CA TYR A 92 -10.35 -10.56 1.02
C TYR A 92 -10.03 -9.15 1.50
N MET A 93 -9.34 -8.39 0.70
CA MET A 93 -8.99 -7.00 1.10
C MET A 93 -10.24 -6.14 1.16
N LEU A 94 -11.12 -6.28 0.22
CA LEU A 94 -12.36 -5.45 0.23
C LEU A 94 -13.16 -5.78 1.49
N ASN A 95 -13.23 -7.03 1.86
CA ASN A 95 -13.99 -7.41 3.08
C ASN A 95 -13.39 -6.71 4.30
N PHE A 96 -12.09 -6.78 4.44
CA PHE A 96 -11.44 -6.11 5.60
C PHE A 96 -11.49 -4.60 5.40
N THR A 97 -11.17 -4.14 4.24
CA THR A 97 -11.19 -2.67 3.98
C THR A 97 -12.58 -2.11 4.27
N MET A 98 -13.61 -2.79 3.85
CA MET A 98 -14.98 -2.28 4.13
C MET A 98 -15.26 -2.33 5.63
N SER A 99 -14.88 -3.41 6.27
CA SER A 99 -15.11 -3.52 7.74
C SER A 99 -14.23 -2.50 8.45
N LEU A 100 -13.04 -2.29 7.95
CA LEU A 100 -12.13 -1.31 8.61
C LEU A 100 -12.74 0.08 8.52
N TYR A 101 -13.31 0.42 7.39
CA TYR A 101 -13.93 1.76 7.24
C TYR A 101 -15.06 1.93 8.26
N ASN A 102 -15.86 0.92 8.41
CA ASN A 102 -16.98 1.01 9.39
C ASN A 102 -16.42 1.29 10.79
N GLU A 103 -15.35 0.65 11.13
CA GLU A 103 -14.75 0.88 12.48
C GLU A 103 -14.31 2.34 12.61
N LYS A 104 -13.76 2.90 11.57
CA LYS A 104 -13.32 4.32 11.65
C LYS A 104 -14.53 5.22 11.95
N LEU A 105 -15.64 4.96 11.31
CA LEU A 105 -16.84 5.79 11.57
C LEU A 105 -17.21 5.71 13.05
N LYS A 106 -17.22 4.53 13.61
CA LYS A 106 -17.58 4.38 15.04
C LYS A 106 -16.60 5.18 15.90
N GLN A 107 -15.34 5.16 15.55
CA GLN A 107 -14.33 5.91 16.36
C GLN A 107 -14.66 7.40 16.34
N LEU A 108 -15.08 7.92 15.22
CA LEU A 108 -15.41 9.37 15.16
C LEU A 108 -16.57 9.68 16.10
N LYS A 109 -17.59 8.85 16.08
CA LYS A 109 -18.76 9.09 16.96
C LYS A 109 -18.46 8.63 18.39
N ASP A 110 -18.02 7.40 18.53
CA ASP A 110 -17.71 6.87 19.89
C ASP A 110 -16.36 7.41 20.37
N GLY A 111 -15.50 7.80 19.46
CA GLY A 111 -14.17 8.32 19.88
C GLY A 111 -14.05 9.82 19.57
N PRO A 112 -13.19 10.51 20.28
CA PRO A 112 -12.98 11.97 20.08
C PRO A 112 -12.31 12.26 18.74
N TRP A 113 -12.51 13.44 18.21
CA TRP A 113 -11.88 13.78 16.91
C TRP A 113 -10.48 14.34 17.14
N ASP A 114 -9.48 13.71 16.57
CA ASP A 114 -8.09 14.20 16.75
C ASP A 114 -7.37 14.19 15.41
N VAL A 115 -6.24 14.84 15.32
CA VAL A 115 -5.50 14.86 14.03
C VAL A 115 -5.06 13.44 13.67
N MET A 116 -4.78 12.64 14.67
CA MET A 116 -4.33 11.25 14.41
C MET A 116 -5.42 10.50 13.62
N LEU A 117 -6.66 10.70 13.99
CA LEU A 117 -7.75 10.01 13.27
C LEU A 117 -7.83 10.53 11.83
N LYS A 118 -7.58 11.80 11.64
CA LYS A 118 -7.64 12.37 10.26
C LYS A 118 -6.64 11.61 9.38
N ARG A 119 -5.46 11.37 9.88
CA ARG A 119 -4.45 10.63 9.07
C ARG A 119 -4.95 9.22 8.81
N SER A 120 -5.55 8.60 9.79
CA SER A 120 -6.05 7.22 9.60
C SER A 120 -7.11 7.22 8.50
N LEU A 121 -7.94 8.21 8.46
CA LEU A 121 -9.00 8.26 7.41
C LEU A 121 -8.34 8.37 6.03
N TRP A 122 -7.31 9.17 5.92
CA TRP A 122 -6.63 9.30 4.60
C TRP A 122 -6.10 7.94 4.16
N CYS A 123 -5.57 7.18 5.07
CA CYS A 123 -5.04 5.84 4.69
C CYS A 123 -6.18 4.95 4.17
N CYS A 124 -7.30 4.97 4.84
CA CYS A 124 -8.45 4.13 4.38
C CYS A 124 -8.87 4.57 2.98
N ILE A 125 -9.01 5.85 2.77
CA ILE A 125 -9.42 6.34 1.43
C ILE A 125 -8.38 5.90 0.41
N ASP A 126 -7.12 5.93 0.78
CA ASP A 126 -6.06 5.50 -0.16
C ASP A 126 -6.33 4.07 -0.60
N LEU A 127 -6.74 3.23 0.31
CA LEU A 127 -7.02 1.82 -0.06
C LEU A 127 -8.16 1.78 -1.09
N PHE A 128 -9.18 2.57 -0.88
CA PHE A 128 -10.31 2.57 -1.86
C PHE A 128 -9.84 3.13 -3.20
N SER A 129 -9.07 4.19 -3.17
CA SER A 129 -8.59 4.80 -4.45
C SER A 129 -7.68 3.81 -5.18
N CYS A 130 -6.80 3.15 -4.48
CA CYS A 130 -5.89 2.19 -5.15
C CYS A 130 -6.68 0.98 -5.66
N ILE A 131 -7.49 0.39 -4.83
CA ILE A 131 -8.27 -0.80 -5.25
C ILE A 131 -9.29 -0.40 -6.33
N LEU A 132 -10.05 0.63 -6.09
CA LEU A 132 -11.07 1.05 -7.08
C LEU A 132 -10.39 1.56 -8.36
N HIS A 133 -9.33 2.31 -8.23
CA HIS A 133 -8.64 2.84 -9.44
C HIS A 133 -8.13 1.69 -10.31
N LEU A 134 -7.44 0.75 -9.73
CA LEU A 134 -6.90 -0.39 -10.53
C LEU A 134 -8.08 -1.21 -11.08
N TRP A 135 -9.05 -1.47 -10.27
CA TRP A 135 -10.22 -2.27 -10.74
C TRP A 135 -11.27 -1.36 -11.38
N LYS A 136 -11.01 -0.08 -11.45
CA LYS A 136 -12.01 0.85 -12.06
C LYS A 136 -12.41 0.35 -13.44
N GLU A 137 -11.49 -0.18 -14.19
CA GLU A 137 -11.83 -0.68 -15.56
C GLU A 137 -12.85 -1.82 -15.45
N ASN A 138 -12.86 -2.50 -14.33
CA ASN A 138 -13.82 -3.63 -14.16
C ASN A 138 -15.14 -3.11 -13.57
N ILE A 139 -15.20 -1.86 -13.23
CA ILE A 139 -16.46 -1.31 -12.66
C ILE A 139 -17.18 -0.46 -13.71
N SER A 140 -18.49 -0.46 -13.71
CA SER A 140 -19.24 0.33 -14.71
C SER A 140 -19.22 1.80 -14.30
N GLU A 141 -19.38 2.69 -15.24
CA GLU A 141 -19.35 4.14 -14.90
C GLU A 141 -20.43 4.44 -13.86
N THR A 142 -21.57 3.83 -13.96
CA THR A 142 -22.64 4.08 -12.95
C THR A 142 -22.27 3.40 -11.63
N SER A 143 -21.83 2.18 -11.68
CA SER A 143 -21.47 1.46 -10.42
C SER A 143 -20.29 2.17 -9.76
N THR A 144 -19.28 2.51 -10.52
CA THR A 144 -18.11 3.22 -9.92
C THR A 144 -18.58 4.54 -9.34
N ASN A 145 -19.48 5.20 -10.02
CA ASN A 145 -19.99 6.50 -9.51
C ASN A 145 -20.58 6.28 -8.11
N SER A 146 -21.30 5.22 -7.91
CA SER A 146 -21.89 4.96 -6.57
C SER A 146 -20.77 4.80 -5.54
N LEU A 147 -19.74 4.05 -5.86
CA LEU A 147 -18.63 3.88 -4.90
C LEU A 147 -17.99 5.24 -4.63
N GLN A 148 -17.87 6.05 -5.64
CA GLN A 148 -17.28 7.40 -5.44
C GLN A 148 -18.16 8.19 -4.47
N LYS A 149 -19.45 8.03 -4.56
CA LYS A 149 -20.35 8.77 -3.64
C LYS A 149 -20.07 8.38 -2.19
N ARG A 150 -19.86 7.10 -1.95
CA ARG A 150 -19.58 6.66 -0.55
C ARG A 150 -18.27 7.31 -0.08
N ILE A 151 -17.29 7.33 -0.94
CA ILE A 151 -16.00 7.95 -0.57
C ILE A 151 -16.21 9.45 -0.36
N LYS A 152 -16.99 10.07 -1.19
CA LYS A 152 -17.25 11.51 -1.03
C LYS A 152 -17.85 11.74 0.36
N TYR A 153 -18.72 10.87 0.77
CA TYR A 153 -19.34 11.00 2.12
C TYR A 153 -18.23 11.00 3.16
N CYS A 154 -17.26 10.14 3.02
CA CYS A 154 -16.15 10.12 4.00
C CYS A 154 -15.38 11.45 3.91
N LYS A 155 -15.03 11.86 2.73
CA LYS A 155 -14.29 13.15 2.57
C LYS A 155 -15.18 14.28 3.08
N ILE A 156 -16.47 14.19 2.89
CA ILE A 156 -17.38 15.25 3.36
C ILE A 156 -17.23 15.43 4.88
N TYR A 157 -17.26 14.36 5.61
CA TYR A 157 -17.09 14.49 7.09
C TYR A 157 -15.70 15.04 7.36
N LEU A 158 -14.73 14.56 6.62
CA LEU A 158 -13.33 15.05 6.80
C LEU A 158 -13.29 16.56 6.53
N SER A 159 -13.99 17.01 5.53
CA SER A 159 -14.00 18.46 5.23
C SER A 159 -14.54 19.21 6.45
N LYS A 160 -15.55 18.67 7.08
CA LYS A 160 -16.11 19.35 8.27
C LYS A 160 -15.02 19.44 9.34
N LEU A 161 -14.20 18.43 9.46
CA LEU A 161 -13.11 18.48 10.47
C LEU A 161 -12.19 19.64 10.13
N ALA A 162 -11.95 19.88 8.87
CA ALA A 162 -11.06 21.00 8.47
C ALA A 162 -11.69 22.32 8.94
N LYS A 163 -12.99 22.43 8.85
CA LYS A 163 -13.65 23.68 9.28
C LYS A 163 -13.82 23.67 10.81
N GLY A 164 -13.61 22.54 11.42
CA GLY A 164 -13.77 22.45 12.90
C GLY A 164 -15.22 22.11 13.26
N GLU A 165 -16.04 21.89 12.28
CA GLU A 165 -17.46 21.56 12.56
C GLU A 165 -17.64 20.04 12.58
N ILE A 166 -18.52 19.55 13.43
CA ILE A 166 -18.76 18.08 13.50
C ILE A 166 -20.21 17.78 13.14
N GLY A 167 -20.43 16.80 12.31
CA GLY A 167 -21.83 16.46 11.91
C GLY A 167 -22.56 17.72 11.44
N ASN B 1 35.27 14.18 -23.54
CA ASN B 1 36.63 14.74 -23.76
C ASN B 1 37.41 14.76 -22.45
N VAL B 2 36.90 15.43 -21.46
CA VAL B 2 37.61 15.49 -20.15
C VAL B 2 37.60 14.10 -19.50
N PRO B 3 38.65 13.71 -18.83
CA PRO B 3 38.72 12.37 -18.17
C PRO B 3 37.62 12.17 -17.13
N GLU B 4 37.04 11.00 -17.10
CA GLU B 4 35.95 10.72 -16.12
C GLU B 4 36.50 10.77 -14.69
N ILE B 5 37.75 10.48 -14.51
CA ILE B 5 38.33 10.49 -13.14
C ILE B 5 38.02 11.82 -12.45
N LYS B 6 38.16 12.91 -13.13
CA LYS B 6 37.86 14.23 -12.51
C LYS B 6 36.40 14.25 -12.03
N ALA B 7 35.53 13.61 -12.75
CA ALA B 7 34.09 13.60 -12.35
C ALA B 7 33.77 12.27 -11.67
N LYS B 8 32.86 12.29 -10.72
CA LYS B 8 32.50 11.03 -10.02
C LYS B 8 31.47 10.27 -10.84
N GLU B 9 31.58 8.97 -10.88
CA GLU B 9 30.60 8.16 -11.67
C GLU B 9 29.18 8.43 -11.15
N VAL B 10 28.22 8.47 -12.04
CA VAL B 10 26.82 8.72 -11.59
C VAL B 10 25.85 8.03 -12.56
N ASN B 11 26.13 8.11 -13.83
CA ASN B 11 25.23 7.46 -14.83
C ASN B 11 25.07 5.98 -14.48
N VAL B 12 26.09 5.38 -13.92
CA VAL B 12 26.01 3.93 -13.57
C VAL B 12 24.83 3.69 -12.62
N ASP B 13 24.64 4.55 -11.67
CA ASP B 13 23.52 4.35 -10.71
C ASP B 13 22.19 4.44 -11.46
N ASP B 14 22.15 5.16 -12.55
CA ASP B 14 20.88 5.29 -13.32
C ASP B 14 20.43 3.92 -13.81
N GLU B 15 21.33 3.17 -14.38
CA GLU B 15 20.94 1.82 -14.88
C GLU B 15 20.65 0.87 -13.71
N LYS B 16 21.45 0.90 -12.68
CA LYS B 16 21.18 -0.01 -11.53
C LYS B 16 19.78 0.25 -10.98
N GLU B 17 19.40 1.49 -10.85
CA GLU B 17 18.05 1.80 -10.32
C GLU B 17 17.00 1.32 -11.32
N ASP B 18 17.27 1.45 -12.59
CA ASP B 18 16.28 0.99 -13.61
C ASP B 18 16.09 -0.52 -13.47
N LYS B 19 17.16 -1.24 -13.22
CA LYS B 19 17.05 -2.71 -13.07
C LYS B 19 16.16 -3.03 -11.87
N LEU B 20 16.31 -2.32 -10.80
CA LEU B 20 15.46 -2.58 -9.61
C LEU B 20 13.99 -2.40 -9.98
N ALA B 21 13.69 -1.37 -10.72
CA ALA B 21 12.28 -1.14 -11.13
C ALA B 21 11.83 -2.28 -12.04
N GLN B 22 12.69 -2.72 -12.92
CA GLN B 22 12.32 -3.84 -13.83
C GLN B 22 12.09 -5.10 -12.99
N ARG B 23 12.86 -5.28 -11.94
CA ARG B 23 12.68 -6.49 -11.09
C ARG B 23 11.26 -6.50 -10.53
N LEU B 24 10.79 -5.37 -10.07
CA LEU B 24 9.41 -5.33 -9.51
C LEU B 24 8.41 -5.65 -10.63
N ARG B 25 8.62 -5.10 -11.79
CA ARG B 25 7.67 -5.36 -12.92
C ARG B 25 7.63 -6.87 -13.20
N ALA B 26 8.75 -7.53 -13.08
CA ALA B 26 8.76 -9.00 -13.32
C ALA B 26 7.91 -9.68 -12.24
N LEU B 27 8.01 -9.20 -11.03
CA LEU B 27 7.20 -9.80 -9.92
C LEU B 27 5.72 -9.66 -10.25
N ARG B 28 5.33 -8.54 -10.81
CA ARG B 28 3.90 -8.33 -11.14
C ARG B 28 3.62 -8.89 -12.54
N GLY B 29 4.64 -9.30 -13.24
CA GLY B 29 4.43 -9.87 -14.61
C GLY B 29 4.32 -11.39 -14.53
N MET A 1 5.03 11.04 -0.87
CA MET A 1 6.43 11.35 -0.47
C MET A 1 7.13 10.07 -0.01
N ALA A 2 8.42 9.99 -0.16
CA ALA A 2 9.14 8.77 0.26
C ALA A 2 8.90 8.53 1.75
N SER A 3 8.90 9.57 2.54
CA SER A 3 8.66 9.40 4.00
C SER A 3 7.24 8.87 4.20
N ASN A 4 6.32 9.30 3.39
CA ASN A 4 4.92 8.81 3.53
C ASN A 4 4.92 7.28 3.40
N ALA A 5 5.67 6.80 2.46
CA ALA A 5 5.75 5.32 2.26
C ALA A 5 6.38 4.68 3.50
N ALA A 6 7.38 5.32 4.07
CA ALA A 6 8.02 4.75 5.28
C ALA A 6 6.98 4.64 6.40
N ARG A 7 6.15 5.63 6.56
CA ARG A 7 5.12 5.57 7.62
C ARG A 7 4.23 4.35 7.36
N VAL A 8 3.88 4.13 6.12
CA VAL A 8 3.02 2.97 5.79
C VAL A 8 3.75 1.69 6.20
N VAL A 9 5.04 1.65 6.04
CA VAL A 9 5.78 0.43 6.43
C VAL A 9 5.59 0.21 7.92
N ALA A 10 5.56 1.27 8.69
CA ALA A 10 5.35 1.10 10.15
C ALA A 10 3.99 0.44 10.36
N THR A 11 2.98 0.89 9.65
CA THR A 11 1.63 0.28 9.80
C THR A 11 1.67 -1.13 9.24
N ALA A 12 2.46 -1.36 8.22
CA ALA A 12 2.54 -2.72 7.62
C ALA A 12 2.99 -3.70 8.70
N LYS A 13 3.99 -3.35 9.45
CA LYS A 13 4.47 -4.26 10.53
C LYS A 13 3.34 -4.46 11.55
N ASP A 14 2.69 -3.39 11.93
CA ASP A 14 1.57 -3.52 12.92
C ASP A 14 0.48 -4.40 12.34
N PHE A 15 0.20 -4.22 11.07
CA PHE A 15 -0.86 -5.05 10.43
C PHE A 15 -0.45 -6.52 10.48
N ASP A 16 0.79 -6.81 10.24
CA ASP A 16 1.23 -8.24 10.29
C ASP A 16 0.96 -8.78 11.70
N LYS A 17 1.16 -7.97 12.70
CA LYS A 17 0.90 -8.43 14.09
C LYS A 17 -0.57 -8.81 14.22
N VAL A 18 -1.42 -8.18 13.44
CA VAL A 18 -2.87 -8.49 13.52
C VAL A 18 -3.18 -9.72 12.65
N GLY A 19 -2.24 -10.14 11.85
CA GLY A 19 -2.48 -11.33 10.99
C GLY A 19 -3.07 -10.90 9.65
N LEU A 20 -2.95 -9.64 9.32
CA LEU A 20 -3.49 -9.15 8.02
C LEU A 20 -2.38 -9.15 6.97
N GLY A 21 -1.73 -10.27 6.79
CA GLY A 21 -0.63 -10.33 5.78
C GLY A 21 -1.15 -9.92 4.41
N ILE A 22 -2.37 -10.24 4.10
CA ILE A 22 -2.93 -9.87 2.77
C ILE A 22 -2.92 -8.34 2.61
N ILE A 23 -3.47 -7.64 3.57
CA ILE A 23 -3.50 -6.16 3.48
C ILE A 23 -2.07 -5.62 3.53
N GLY A 24 -1.26 -6.14 4.42
CA GLY A 24 0.15 -5.66 4.52
C GLY A 24 0.86 -5.88 3.18
N TYR A 25 0.59 -6.97 2.53
CA TYR A 25 1.27 -7.23 1.22
C TYR A 25 0.86 -6.19 0.19
N TYR A 26 -0.40 -5.91 0.06
CA TYR A 26 -0.86 -4.92 -0.95
C TYR A 26 -0.25 -3.54 -0.70
N LEU A 27 -0.27 -3.06 0.50
CA LEU A 27 0.30 -1.71 0.77
C LEU A 27 1.81 -1.72 0.55
N GLN A 28 2.49 -2.78 0.87
CA GLN A 28 3.96 -2.81 0.63
C GLN A 28 4.20 -2.59 -0.86
N LEU A 29 3.40 -3.19 -1.70
CA LEU A 29 3.58 -2.99 -3.16
C LEU A 29 3.36 -1.51 -3.46
N TYR A 30 2.42 -0.90 -2.80
CA TYR A 30 2.14 0.54 -3.02
C TYR A 30 3.35 1.37 -2.56
N ALA A 31 3.97 0.98 -1.48
CA ALA A 31 5.14 1.75 -0.98
C ALA A 31 6.26 1.77 -2.03
N VAL A 32 6.58 0.64 -2.61
CA VAL A 32 7.65 0.62 -3.65
C VAL A 32 7.18 1.41 -4.86
N GLU A 33 5.98 1.20 -5.30
CA GLU A 33 5.49 1.96 -6.48
C GLU A 33 5.53 3.46 -6.17
N LEU A 34 5.28 3.82 -4.94
CA LEU A 34 5.32 5.26 -4.55
C LEU A 34 6.74 5.80 -4.74
N ILE A 35 7.73 5.04 -4.34
CA ILE A 35 9.13 5.50 -4.48
C ILE A 35 9.48 5.67 -5.96
N LEU A 36 9.15 4.70 -6.76
CA LEU A 36 9.46 4.81 -8.23
C LEU A 36 8.68 5.99 -8.81
N SER A 37 7.50 6.24 -8.33
CA SER A 37 6.70 7.38 -8.85
C SER A 37 7.12 8.66 -8.11
N GLU A 38 8.04 8.52 -7.20
CA GLU A 38 8.52 9.69 -6.42
C GLU A 38 9.63 10.41 -7.18
N GLU A 39 9.76 11.69 -7.00
CA GLU A 39 10.84 12.45 -7.71
C GLU A 39 12.19 11.81 -7.40
N ASP A 40 13.14 11.91 -8.30
CA ASP A 40 14.47 11.29 -8.07
C ASP A 40 15.09 11.84 -6.78
N ARG A 41 15.53 10.96 -5.94
CA ARG A 41 16.16 11.38 -4.65
C ARG A 41 17.58 10.82 -4.57
N SER A 42 18.35 11.24 -3.60
CA SER A 42 19.74 10.73 -3.49
C SER A 42 19.74 9.21 -3.38
N GLN A 43 20.87 8.60 -3.61
CA GLN A 43 20.95 7.11 -3.54
C GLN A 43 20.51 6.59 -2.17
N GLU A 44 20.66 7.38 -1.13
CA GLU A 44 20.26 6.89 0.22
C GLU A 44 18.82 6.37 0.17
N MET A 45 17.93 7.10 -0.43
CA MET A 45 16.52 6.62 -0.51
C MET A 45 16.46 5.39 -1.42
N THR A 46 17.24 5.38 -2.47
CA THR A 46 17.24 4.23 -3.39
C THR A 46 17.63 2.97 -2.61
N ALA A 47 18.60 3.09 -1.74
CA ALA A 47 19.02 1.89 -0.95
C ALA A 47 17.86 1.45 -0.07
N LEU A 48 17.17 2.39 0.52
CA LEU A 48 16.01 2.02 1.38
C LEU A 48 14.98 1.26 0.54
N ALA A 49 14.77 1.67 -0.68
CA ALA A 49 13.78 0.98 -1.55
C ALA A 49 14.25 -0.45 -1.80
N THR A 50 15.53 -0.65 -1.97
CA THR A 50 16.04 -2.02 -2.22
C THR A 50 15.71 -2.89 -1.00
N GLU A 51 15.86 -2.36 0.18
CA GLU A 51 15.53 -3.16 1.39
C GLU A 51 14.05 -3.52 1.36
N LEU A 52 13.22 -2.62 0.91
CA LEU A 52 11.76 -2.92 0.85
C LEU A 52 11.52 -4.14 -0.04
N LEU A 53 12.20 -4.19 -1.16
CA LEU A 53 12.01 -5.36 -2.07
C LEU A 53 12.44 -6.62 -1.32
N ASP A 54 13.49 -6.54 -0.55
CA ASP A 54 13.95 -7.73 0.21
C ASP A 54 12.82 -8.18 1.13
N THR A 55 12.13 -7.24 1.72
CA THR A 55 11.01 -7.59 2.64
C THR A 55 9.96 -8.38 1.86
N ILE A 56 9.66 -7.99 0.65
CA ILE A 56 8.65 -8.72 -0.15
C ILE A 56 9.13 -10.16 -0.37
N GLU A 57 10.31 -10.31 -0.91
CA GLU A 57 10.84 -11.69 -1.13
C GLU A 57 11.00 -12.37 0.22
N ALA A 58 11.45 -11.64 1.21
CA ALA A 58 11.62 -12.23 2.57
C ALA A 58 10.24 -12.52 3.15
N PHE A 59 9.26 -11.73 2.81
CA PHE A 59 7.89 -11.96 3.35
C PHE A 59 7.40 -13.35 2.95
N LYS A 60 7.42 -13.67 1.69
CA LYS A 60 6.96 -15.02 1.27
C LYS A 60 7.87 -16.09 1.88
N LYS A 61 9.16 -15.87 1.84
CA LYS A 61 10.11 -16.87 2.42
C LYS A 61 10.25 -16.67 3.92
N GLU A 62 9.60 -15.69 4.47
CA GLU A 62 9.73 -15.45 5.94
C GLU A 62 9.51 -16.76 6.69
N ILE A 63 8.61 -17.58 6.22
CA ILE A 63 8.35 -18.88 6.90
C ILE A 63 9.45 -19.88 6.55
N GLY A 64 9.86 -19.91 5.31
CA GLY A 64 10.92 -20.87 4.89
C GLY A 64 10.31 -22.26 4.69
N GLY A 65 9.06 -22.42 5.01
CA GLY A 65 8.40 -23.74 4.84
C GLY A 65 8.61 -24.60 6.08
N GLU A 66 9.44 -24.17 6.98
CA GLU A 66 9.68 -24.97 8.22
C GLU A 66 8.43 -24.98 9.10
N SER A 67 7.80 -23.85 9.24
CA SER A 67 6.57 -23.77 10.08
C SER A 67 5.48 -24.69 9.52
N GLU A 68 5.57 -25.02 8.26
CA GLU A 68 4.52 -25.90 7.66
C GLU A 68 4.37 -27.16 8.50
N ALA A 69 5.40 -27.56 9.18
CA ALA A 69 5.30 -28.78 10.03
C ALA A 69 4.13 -28.62 10.99
N GLU A 70 3.79 -27.39 11.32
CA GLU A 70 2.66 -27.15 12.27
C GLU A 70 1.47 -26.56 11.50
N ASP A 71 0.38 -26.35 12.17
CA ASP A 71 -0.83 -25.78 11.49
C ASP A 71 -0.42 -24.65 10.56
N SER A 72 0.78 -24.14 10.71
CA SER A 72 1.22 -23.02 9.84
C SER A 72 0.96 -23.41 8.38
N ASP A 73 1.05 -24.67 8.06
CA ASP A 73 0.79 -25.10 6.66
C ASP A 73 -0.62 -24.67 6.28
N LYS A 74 -1.56 -24.83 7.18
CA LYS A 74 -2.94 -24.39 6.88
C LYS A 74 -2.92 -22.89 6.61
N SER A 75 -2.15 -22.18 7.39
CA SER A 75 -2.04 -20.71 7.18
C SER A 75 -1.50 -20.45 5.78
N LEU A 76 -0.59 -21.25 5.32
CA LEU A 76 -0.02 -21.05 3.96
C LEU A 76 -1.15 -21.16 2.94
N HIS A 77 -2.05 -22.09 3.14
CA HIS A 77 -3.17 -22.25 2.17
C HIS A 77 -3.98 -20.96 2.14
N VAL A 78 -4.28 -20.41 3.29
CA VAL A 78 -5.07 -19.14 3.32
C VAL A 78 -4.23 -18.00 2.77
N MET A 79 -3.02 -17.86 3.24
CA MET A 79 -2.16 -16.74 2.75
C MET A 79 -1.80 -16.94 1.28
N ASN A 80 -1.43 -18.13 0.90
CA ASN A 80 -1.06 -18.39 -0.51
C ASN A 80 -2.25 -18.16 -1.44
N THR A 81 -3.42 -18.57 -1.03
CA THR A 81 -4.61 -18.40 -1.89
C THR A 81 -4.93 -16.91 -2.11
N LEU A 82 -4.96 -16.14 -1.07
CA LEU A 82 -5.29 -14.69 -1.22
C LEU A 82 -4.13 -13.93 -1.86
N ILE A 83 -2.92 -14.32 -1.58
CA ILE A 83 -1.74 -13.60 -2.16
C ILE A 83 -1.52 -14.01 -3.61
N HIS A 84 -1.65 -15.27 -3.92
CA HIS A 84 -1.42 -15.72 -5.33
C HIS A 84 -2.50 -15.17 -6.26
N ASP A 85 -3.75 -15.29 -5.90
CA ASP A 85 -4.84 -14.79 -6.80
C ASP A 85 -5.04 -13.29 -6.58
N GLN A 86 -4.77 -12.48 -7.57
CA GLN A 86 -4.97 -11.02 -7.43
C GLN A 86 -6.44 -10.71 -7.17
N GLU A 87 -7.34 -11.42 -7.79
CA GLU A 87 -8.79 -11.16 -7.57
C GLU A 87 -9.13 -11.38 -6.11
N LYS A 88 -8.65 -12.44 -5.52
CA LYS A 88 -8.94 -12.69 -4.09
C LYS A 88 -8.34 -11.57 -3.25
N ALA A 89 -7.23 -11.03 -3.67
CA ALA A 89 -6.59 -9.93 -2.91
C ALA A 89 -7.43 -8.66 -3.04
N LYS A 90 -7.95 -8.40 -4.22
CA LYS A 90 -8.77 -7.17 -4.41
C LYS A 90 -10.05 -7.25 -3.57
N ILE A 91 -10.74 -8.35 -3.64
CA ILE A 91 -11.98 -8.50 -2.85
C ILE A 91 -11.64 -8.59 -1.36
N TYR A 92 -10.58 -9.28 -1.03
CA TYR A 92 -10.19 -9.38 0.40
C TYR A 92 -9.97 -7.98 0.95
N MET A 93 -9.27 -7.16 0.20
CA MET A 93 -9.03 -5.76 0.66
C MET A 93 -10.36 -5.01 0.71
N LEU A 94 -11.23 -5.26 -0.23
CA LEU A 94 -12.54 -4.56 -0.22
C LEU A 94 -13.29 -4.91 1.07
N ASN A 95 -13.22 -6.14 1.48
CA ASN A 95 -13.93 -6.54 2.72
C ASN A 95 -13.31 -5.85 3.94
N PHE A 96 -12.01 -5.92 4.06
CA PHE A 96 -11.34 -5.27 5.23
C PHE A 96 -11.22 -3.76 4.98
N THR A 97 -10.74 -3.37 3.84
CA THR A 97 -10.61 -1.92 3.58
C THR A 97 -11.96 -1.26 3.82
N MET A 98 -13.02 -1.87 3.38
CA MET A 98 -14.37 -1.28 3.62
C MET A 98 -14.63 -1.29 5.13
N SER A 99 -14.24 -2.34 5.80
CA SER A 99 -14.46 -2.40 7.26
C SER A 99 -13.64 -1.30 7.95
N LEU A 100 -12.49 -0.98 7.43
CA LEU A 100 -11.67 0.09 8.06
C LEU A 100 -12.43 1.42 7.97
N TYR A 101 -13.03 1.71 6.84
CA TYR A 101 -13.78 2.99 6.72
C TYR A 101 -14.92 3.01 7.73
N ASN A 102 -15.63 1.94 7.85
CA ASN A 102 -16.77 1.91 8.82
C ASN A 102 -16.24 2.19 10.22
N GLU A 103 -15.10 1.66 10.56
CA GLU A 103 -14.53 1.89 11.91
C GLU A 103 -14.26 3.38 12.09
N LYS A 104 -13.75 4.04 11.10
CA LYS A 104 -13.47 5.50 11.23
C LYS A 104 -14.78 6.25 11.51
N LEU A 105 -15.84 5.88 10.84
CA LEU A 105 -17.14 6.57 11.09
C LEU A 105 -17.50 6.44 12.56
N LYS A 106 -17.38 5.26 13.12
CA LYS A 106 -17.73 5.06 14.55
C LYS A 106 -16.81 5.91 15.42
N GLN A 107 -15.54 5.98 15.09
CA GLN A 107 -14.59 6.77 15.91
C GLN A 107 -15.00 8.25 15.91
N LEU A 108 -15.40 8.78 14.79
CA LEU A 108 -15.82 10.20 14.75
C LEU A 108 -17.11 10.38 15.56
N LYS A 109 -17.98 9.42 15.49
CA LYS A 109 -19.28 9.52 16.24
C LYS A 109 -19.06 9.28 17.73
N ASP A 110 -18.42 8.20 18.09
CA ASP A 110 -18.19 7.90 19.53
C ASP A 110 -16.79 8.33 19.96
N GLY A 111 -15.88 8.44 19.04
CA GLY A 111 -14.49 8.83 19.41
C GLY A 111 -14.24 10.30 19.06
N PRO A 112 -13.31 10.92 19.74
CA PRO A 112 -12.94 12.35 19.50
C PRO A 112 -12.23 12.54 18.16
N TRP A 113 -12.32 13.71 17.58
CA TRP A 113 -11.65 13.95 16.28
C TRP A 113 -10.22 14.44 16.52
N ASP A 114 -9.24 13.75 15.99
CA ASP A 114 -7.83 14.18 16.18
C ASP A 114 -7.10 14.09 14.85
N VAL A 115 -5.95 14.71 14.76
CA VAL A 115 -5.17 14.68 13.49
C VAL A 115 -4.79 13.23 13.17
N MET A 116 -4.58 12.42 14.16
CA MET A 116 -4.19 11.01 13.91
C MET A 116 -5.28 10.30 13.10
N LEU A 117 -6.52 10.56 13.40
CA LEU A 117 -7.62 9.90 12.64
C LEU A 117 -7.59 10.37 11.18
N LYS A 118 -7.30 11.63 10.96
CA LYS A 118 -7.26 12.14 9.56
C LYS A 118 -6.18 11.40 8.77
N ARG A 119 -5.03 11.18 9.36
CA ARG A 119 -3.94 10.47 8.64
C ARG A 119 -4.37 9.05 8.32
N SER A 120 -5.00 8.38 9.26
CA SER A 120 -5.45 6.99 9.00
C SER A 120 -6.48 6.98 7.88
N LEU A 121 -7.36 7.94 7.86
CA LEU A 121 -8.40 7.98 6.79
C LEU A 121 -7.72 8.15 5.43
N TRP A 122 -6.71 8.98 5.35
CA TRP A 122 -6.02 9.17 4.05
C TRP A 122 -5.42 7.84 3.59
N CYS A 123 -4.89 7.06 4.51
CA CYS A 123 -4.31 5.76 4.12
C CYS A 123 -5.41 4.86 3.54
N CYS A 124 -6.55 4.81 4.16
CA CYS A 124 -7.64 3.95 3.63
C CYS A 124 -8.05 4.43 2.23
N ILE A 125 -8.25 5.71 2.07
CA ILE A 125 -8.63 6.23 0.73
C ILE A 125 -7.52 5.90 -0.26
N ASP A 126 -6.29 5.95 0.17
CA ASP A 126 -5.17 5.63 -0.75
C ASP A 126 -5.34 4.20 -1.26
N LEU A 127 -5.77 3.31 -0.40
CA LEU A 127 -5.98 1.90 -0.85
C LEU A 127 -7.06 1.86 -1.92
N PHE A 128 -8.10 2.63 -1.75
CA PHE A 128 -9.19 2.65 -2.77
C PHE A 128 -8.65 3.18 -4.10
N SER A 129 -7.86 4.23 -4.05
CA SER A 129 -7.32 4.80 -5.31
C SER A 129 -6.46 3.75 -6.02
N CYS A 130 -5.64 3.04 -5.28
CA CYS A 130 -4.77 2.01 -5.93
C CYS A 130 -5.62 0.86 -6.46
N ILE A 131 -6.50 0.33 -5.66
CA ILE A 131 -7.34 -0.80 -6.13
C ILE A 131 -8.23 -0.36 -7.30
N LEU A 132 -8.92 0.73 -7.16
CA LEU A 132 -9.81 1.19 -8.27
C LEU A 132 -8.97 1.62 -9.47
N HIS A 133 -7.86 2.27 -9.24
CA HIS A 133 -7.01 2.72 -10.40
C HIS A 133 -6.52 1.52 -11.19
N LEU A 134 -5.96 0.54 -10.53
CA LEU A 134 -5.46 -0.66 -11.27
C LEU A 134 -6.63 -1.41 -11.90
N TRP A 135 -7.70 -1.56 -11.19
CA TRP A 135 -8.88 -2.30 -11.72
C TRP A 135 -9.78 -1.33 -12.50
N LYS A 136 -9.41 -0.08 -12.59
CA LYS A 136 -10.27 0.91 -13.32
C LYS A 136 -10.61 0.37 -14.72
N GLU A 137 -9.69 -0.30 -15.35
CA GLU A 137 -9.99 -0.84 -16.71
C GLU A 137 -11.10 -1.89 -16.61
N ASN A 138 -11.27 -2.49 -15.46
CA ASN A 138 -12.32 -3.52 -15.30
C ASN A 138 -13.62 -2.88 -14.80
N ILE A 139 -13.63 -1.61 -14.53
CA ILE A 139 -14.87 -0.96 -14.04
C ILE A 139 -15.50 -0.14 -15.18
N SER A 140 -16.80 -0.19 -15.29
CA SER A 140 -17.48 0.58 -16.37
C SER A 140 -17.55 2.06 -15.96
N GLU A 141 -17.66 2.95 -16.91
CA GLU A 141 -17.72 4.39 -16.56
C GLU A 141 -18.79 4.62 -15.49
N THR A 142 -19.98 4.12 -15.68
CA THR A 142 -21.03 4.31 -14.65
C THR A 142 -20.66 3.53 -13.39
N SER A 143 -20.17 2.33 -13.54
CA SER A 143 -19.77 1.53 -12.35
C SER A 143 -18.70 2.29 -11.58
N THR A 144 -17.81 2.94 -12.29
CA THR A 144 -16.74 3.72 -11.60
C THR A 144 -17.40 4.85 -10.81
N ASN A 145 -18.41 5.46 -11.38
CA ASN A 145 -19.11 6.57 -10.67
C ASN A 145 -19.66 6.04 -9.34
N SER A 146 -20.19 4.86 -9.33
CA SER A 146 -20.73 4.29 -8.07
C SER A 146 -19.61 4.13 -7.05
N LEU A 147 -18.51 3.54 -7.44
CA LEU A 147 -17.38 3.37 -6.48
C LEU A 147 -16.84 4.75 -6.12
N GLN A 148 -16.69 5.60 -7.09
CA GLN A 148 -16.18 6.97 -6.81
C GLN A 148 -17.20 7.70 -5.93
N LYS A 149 -18.46 7.40 -6.11
CA LYS A 149 -19.51 8.07 -5.29
C LYS A 149 -19.26 7.73 -3.81
N ARG A 150 -18.98 6.50 -3.52
CA ARG A 150 -18.72 6.11 -2.09
C ARG A 150 -17.49 6.86 -1.60
N ILE A 151 -16.47 6.95 -2.42
CA ILE A 151 -15.24 7.67 -2.00
C ILE A 151 -15.60 9.14 -1.76
N LYS A 152 -16.44 9.70 -2.58
CA LYS A 152 -16.82 11.13 -2.39
C LYS A 152 -17.41 11.27 -0.99
N TYR A 153 -18.22 10.32 -0.59
CA TYR A 153 -18.81 10.37 0.77
C TYR A 153 -17.68 10.42 1.79
N CYS A 154 -16.66 9.64 1.59
CA CYS A 154 -15.51 9.64 2.55
C CYS A 154 -14.87 11.03 2.54
N LYS A 155 -14.56 11.54 1.39
CA LYS A 155 -13.95 12.90 1.32
C LYS A 155 -14.93 13.93 1.87
N ILE A 156 -16.20 13.76 1.60
CA ILE A 156 -17.21 14.73 2.11
C ILE A 156 -17.15 14.80 3.63
N TYR A 157 -17.14 13.68 4.29
CA TYR A 157 -17.08 13.70 5.77
C TYR A 157 -15.75 14.33 6.18
N LEU A 158 -14.70 13.98 5.49
CA LEU A 158 -13.37 14.55 5.81
C LEU A 158 -13.44 16.08 5.69
N SER A 159 -14.11 16.57 4.69
CA SER A 159 -14.23 18.04 4.52
C SER A 159 -14.94 18.62 5.75
N LYS A 160 -15.92 17.93 6.27
CA LYS A 160 -16.64 18.43 7.46
C LYS A 160 -15.66 18.59 8.62
N LEU A 161 -14.79 17.64 8.81
CA LEU A 161 -13.79 17.76 9.92
C LEU A 161 -12.80 18.87 9.60
N ALA A 162 -12.50 19.06 8.34
CA ALA A 162 -11.53 20.14 7.97
C ALA A 162 -12.08 21.49 8.42
N LYS A 163 -13.37 21.68 8.31
CA LYS A 163 -13.96 22.98 8.74
C LYS A 163 -14.25 22.92 10.25
N GLY A 164 -14.05 21.78 10.85
CA GLY A 164 -14.31 21.65 12.31
C GLY A 164 -15.76 21.20 12.53
N GLU A 165 -16.51 21.06 11.47
CA GLU A 165 -17.92 20.63 11.61
C GLU A 165 -18.02 19.12 11.41
N ILE A 166 -18.95 18.48 12.07
CA ILE A 166 -19.09 17.00 11.91
C ILE A 166 -20.54 16.67 11.51
N GLY A 167 -20.72 15.78 10.59
CA GLY A 167 -22.10 15.41 10.16
C GLY A 167 -22.66 14.34 11.10
N ASN B 1 33.96 25.48 -16.22
CA ASN B 1 33.05 24.93 -17.26
C ASN B 1 33.70 23.72 -17.91
N VAL B 2 33.88 22.66 -17.18
CA VAL B 2 34.52 21.45 -17.76
C VAL B 2 33.58 20.83 -18.79
N PRO B 3 34.11 20.13 -19.76
CA PRO B 3 33.29 19.47 -20.83
C PRO B 3 32.32 18.44 -20.25
N GLU B 4 32.63 17.88 -19.11
CA GLU B 4 31.72 16.87 -18.50
C GLU B 4 30.98 17.51 -17.33
N ILE B 5 29.71 17.18 -17.16
CA ILE B 5 28.92 17.76 -16.04
C ILE B 5 28.52 16.65 -15.07
N LYS B 6 28.69 16.86 -13.79
CA LYS B 6 28.32 15.81 -12.81
C LYS B 6 26.85 15.97 -12.42
N ALA B 7 26.20 14.89 -12.09
CA ALA B 7 24.76 14.98 -11.71
C ALA B 7 24.49 14.03 -10.54
N LYS B 8 23.49 14.34 -9.74
CA LYS B 8 23.17 13.46 -8.59
C LYS B 8 22.86 12.04 -9.08
N GLU B 9 22.28 11.92 -10.23
CA GLU B 9 21.94 10.57 -10.77
C GLU B 9 23.08 10.09 -11.68
N VAL B 10 23.43 8.83 -11.58
CA VAL B 10 24.52 8.28 -12.44
C VAL B 10 23.95 7.24 -13.40
N ASN B 11 24.40 7.23 -14.62
CA ASN B 11 23.89 6.25 -15.61
C ASN B 11 23.98 4.84 -15.04
N VAL B 12 25.03 4.55 -14.30
CA VAL B 12 25.18 3.19 -13.72
C VAL B 12 24.01 2.91 -12.77
N ASP B 13 23.65 3.86 -11.96
CA ASP B 13 22.52 3.65 -11.01
C ASP B 13 21.23 3.40 -11.81
N ASP B 14 21.10 4.05 -12.92
CA ASP B 14 19.86 3.88 -13.75
C ASP B 14 19.68 2.41 -14.14
N GLU B 15 20.71 1.77 -14.59
CA GLU B 15 20.57 0.34 -15.01
C GLU B 15 20.34 -0.54 -13.78
N LYS B 16 21.07 -0.34 -12.72
CA LYS B 16 20.87 -1.19 -11.51
C LYS B 16 19.42 -1.06 -11.03
N GLU B 17 18.89 0.13 -11.01
CA GLU B 17 17.50 0.32 -10.56
C GLU B 17 16.55 -0.37 -11.55
N ASP B 18 16.87 -0.34 -12.81
CA ASP B 18 15.98 -1.01 -13.81
C ASP B 18 15.86 -2.49 -13.48
N LYS B 19 16.96 -3.12 -13.13
CA LYS B 19 16.90 -4.57 -12.78
C LYS B 19 16.02 -4.76 -11.55
N LEU B 20 16.18 -3.90 -10.57
CA LEU B 20 15.35 -4.04 -9.33
C LEU B 20 13.88 -3.84 -9.71
N ALA B 21 13.60 -2.88 -10.56
CA ALA B 21 12.20 -2.64 -10.97
C ALA B 21 11.68 -3.84 -11.75
N GLN B 22 12.52 -4.47 -12.53
CA GLN B 22 12.06 -5.65 -13.32
C GLN B 22 11.66 -6.76 -12.36
N ARG B 23 12.36 -6.90 -11.26
CA ARG B 23 12.01 -7.97 -10.30
C ARG B 23 10.64 -7.67 -9.68
N LEU B 24 10.41 -6.43 -9.33
CA LEU B 24 9.09 -6.07 -8.72
C LEU B 24 7.98 -6.21 -9.77
N ARG B 25 8.19 -5.69 -10.95
CA ARG B 25 7.15 -5.79 -11.99
C ARG B 25 6.86 -7.27 -12.29
N ALA B 26 7.87 -8.10 -12.25
CA ALA B 26 7.64 -9.54 -12.50
C ALA B 26 6.78 -10.11 -11.37
N LEU B 27 6.99 -9.65 -10.16
CA LEU B 27 6.19 -10.15 -9.02
C LEU B 27 4.71 -9.79 -9.25
N ARG B 28 4.45 -8.64 -9.78
CA ARG B 28 3.03 -8.24 -10.03
C ARG B 28 2.65 -8.59 -11.47
N GLY B 29 3.57 -9.14 -12.22
CA GLY B 29 3.26 -9.50 -13.63
C GLY B 29 3.36 -8.25 -14.52
N MET A 1 3.56 11.73 -0.80
CA MET A 1 5.01 11.87 -1.13
C MET A 1 5.76 10.63 -0.67
N ALA A 2 7.06 10.63 -0.78
CA ALA A 2 7.85 9.44 -0.36
C ALA A 2 7.60 9.19 1.13
N SER A 3 7.51 10.23 1.91
CA SER A 3 7.27 10.04 3.37
C SER A 3 5.89 9.39 3.55
N ASN A 4 4.92 9.79 2.77
CA ASN A 4 3.57 9.17 2.91
C ASN A 4 3.70 7.67 2.71
N ALA A 5 4.52 7.27 1.78
CA ALA A 5 4.72 5.82 1.53
C ALA A 5 5.38 5.20 2.77
N ALA A 6 6.30 5.91 3.36
CA ALA A 6 6.99 5.38 4.57
C ALA A 6 5.96 5.15 5.67
N ARG A 7 5.03 6.06 5.83
CA ARG A 7 3.99 5.88 6.89
C ARG A 7 3.22 4.60 6.59
N VAL A 8 2.87 4.38 5.34
CA VAL A 8 2.13 3.15 4.98
C VAL A 8 2.99 1.93 5.34
N VAL A 9 4.27 2.03 5.14
CA VAL A 9 5.14 0.88 5.48
C VAL A 9 4.99 0.58 6.97
N ALA A 10 4.87 1.59 7.77
CA ALA A 10 4.69 1.35 9.22
C ALA A 10 3.41 0.54 9.42
N THR A 11 2.38 0.88 8.69
CA THR A 11 1.11 0.14 8.82
C THR A 11 1.29 -1.25 8.22
N ALA A 12 2.06 -1.36 7.16
CA ALA A 12 2.28 -2.68 6.53
C ALA A 12 2.81 -3.65 7.58
N LYS A 13 3.80 -3.24 8.32
CA LYS A 13 4.36 -4.13 9.37
C LYS A 13 3.27 -4.38 10.42
N ASP A 14 2.49 -3.38 10.73
CA ASP A 14 1.41 -3.57 11.75
C ASP A 14 0.45 -4.66 11.28
N PHE A 15 0.10 -4.67 10.02
CA PHE A 15 -0.82 -5.72 9.52
C PHE A 15 -0.18 -7.09 9.68
N ASP A 16 1.09 -7.21 9.40
CA ASP A 16 1.76 -8.53 9.55
C ASP A 16 1.62 -8.99 10.99
N LYS A 17 1.77 -8.09 11.93
CA LYS A 17 1.64 -8.47 13.36
C LYS A 17 0.23 -9.01 13.63
N VAL A 18 -0.75 -8.48 12.94
CA VAL A 18 -2.15 -8.94 13.17
C VAL A 18 -2.41 -10.20 12.34
N GLY A 19 -1.50 -10.56 11.48
CA GLY A 19 -1.70 -11.77 10.63
C GLY A 19 -2.41 -11.38 9.34
N LEU A 20 -2.57 -10.11 9.10
CA LEU A 20 -3.24 -9.67 7.86
C LEU A 20 -2.17 -9.33 6.81
N GLY A 21 -1.24 -10.22 6.60
CA GLY A 21 -0.16 -9.96 5.61
C GLY A 21 -0.78 -9.64 4.25
N ILE A 22 -1.94 -10.18 3.96
CA ILE A 22 -2.57 -9.91 2.65
C ILE A 22 -2.77 -8.41 2.46
N ILE A 23 -3.31 -7.74 3.44
CA ILE A 23 -3.53 -6.27 3.32
C ILE A 23 -2.17 -5.57 3.23
N GLY A 24 -1.26 -5.94 4.09
CA GLY A 24 0.08 -5.29 4.07
C GLY A 24 0.74 -5.51 2.71
N TYR A 25 0.55 -6.67 2.14
CA TYR A 25 1.17 -6.94 0.82
C TYR A 25 0.61 -6.01 -0.27
N TYR A 26 -0.69 -5.87 -0.34
CA TYR A 26 -1.27 -5.00 -1.39
C TYR A 26 -0.82 -3.54 -1.22
N LEU A 27 -0.88 -3.02 -0.03
CA LEU A 27 -0.44 -1.60 0.15
C LEU A 27 1.06 -1.50 -0.08
N GLN A 28 1.80 -2.52 0.24
CA GLN A 28 3.27 -2.45 0.01
C GLN A 28 3.50 -2.25 -1.49
N LEU A 29 2.75 -2.94 -2.31
CA LEU A 29 2.89 -2.76 -3.78
C LEU A 29 2.55 -1.31 -4.12
N TYR A 30 1.57 -0.77 -3.44
CA TYR A 30 1.19 0.64 -3.70
C TYR A 30 2.35 1.56 -3.29
N ALA A 31 3.04 1.22 -2.23
CA ALA A 31 4.17 2.08 -1.78
C ALA A 31 5.25 2.17 -2.87
N VAL A 32 5.62 1.07 -3.46
CA VAL A 32 6.66 1.14 -4.53
C VAL A 32 6.12 1.94 -5.71
N GLU A 33 4.88 1.73 -6.09
CA GLU A 33 4.31 2.50 -7.22
C GLU A 33 4.32 3.98 -6.86
N LEU A 34 4.09 4.31 -5.62
CA LEU A 34 4.08 5.73 -5.19
C LEU A 34 5.48 6.34 -5.38
N ILE A 35 6.51 5.62 -5.03
CA ILE A 35 7.88 6.15 -5.18
C ILE A 35 8.19 6.43 -6.65
N LEU A 36 7.90 5.48 -7.50
CA LEU A 36 8.17 5.68 -8.95
C LEU A 36 7.27 6.80 -9.49
N SER A 37 6.06 6.88 -9.01
CA SER A 37 5.14 7.95 -9.47
C SER A 37 5.57 9.28 -8.83
N GLU A 38 6.29 9.19 -7.77
CA GLU A 38 6.75 10.42 -7.06
C GLU A 38 7.97 11.00 -7.78
N GLU A 39 8.15 12.29 -7.71
CA GLU A 39 9.31 12.92 -8.39
C GLU A 39 10.61 12.29 -7.90
N ASP A 40 11.61 12.25 -8.73
CA ASP A 40 12.90 11.62 -8.33
C ASP A 40 13.46 12.31 -7.08
N ARG A 41 14.02 11.54 -6.20
CA ARG A 41 14.61 12.12 -4.95
C ARG A 41 16.09 11.73 -4.86
N SER A 42 16.81 12.31 -3.92
CA SER A 42 18.26 11.99 -3.80
C SER A 42 18.45 10.49 -3.59
N GLN A 43 19.67 10.03 -3.68
CA GLN A 43 19.94 8.57 -3.51
C GLN A 43 19.41 8.06 -2.16
N GLU A 44 19.41 8.89 -1.15
CA GLU A 44 18.90 8.41 0.17
C GLU A 44 17.52 7.77 -0.03
N MET A 45 16.69 8.38 -0.83
CA MET A 45 15.34 7.79 -1.06
C MET A 45 15.51 6.44 -1.77
N THR A 46 16.44 6.36 -2.68
CA THR A 46 16.67 5.09 -3.40
C THR A 46 17.05 4.00 -2.40
N ALA A 47 17.86 4.33 -1.44
CA ALA A 47 18.28 3.31 -0.43
C ALA A 47 17.03 2.81 0.31
N LEU A 48 16.15 3.70 0.68
CA LEU A 48 14.93 3.27 1.39
C LEU A 48 14.11 2.36 0.48
N ALA A 49 14.08 2.65 -0.80
CA ALA A 49 13.30 1.79 -1.73
C ALA A 49 13.89 0.38 -1.70
N THR A 50 15.19 0.26 -1.63
CA THR A 50 15.82 -1.08 -1.57
C THR A 50 15.35 -1.80 -0.32
N GLU A 51 15.27 -1.11 0.78
CA GLU A 51 14.82 -1.75 2.05
C GLU A 51 13.40 -2.29 1.86
N LEU A 52 12.54 -1.53 1.21
CA LEU A 52 11.15 -2.01 1.00
C LEU A 52 11.19 -3.30 0.18
N LEU A 53 12.06 -3.37 -0.79
CA LEU A 53 12.15 -4.61 -1.62
C LEU A 53 12.50 -5.78 -0.70
N ASP A 54 13.38 -5.56 0.22
CA ASP A 54 13.77 -6.66 1.16
C ASP A 54 12.53 -7.13 1.91
N THR A 55 11.70 -6.21 2.30
CA THR A 55 10.45 -6.59 3.04
C THR A 55 9.60 -7.49 2.16
N ILE A 56 9.50 -7.20 0.88
CA ILE A 56 8.68 -8.05 -0.01
C ILE A 56 9.23 -9.48 0.02
N GLU A 57 10.50 -9.63 -0.19
CA GLU A 57 11.09 -10.99 -0.14
C GLU A 57 10.89 -11.55 1.27
N ALA A 58 10.99 -10.69 2.25
CA ALA A 58 10.78 -11.13 3.65
C ALA A 58 9.31 -11.50 3.83
N PHE A 59 8.43 -10.84 3.12
CA PHE A 59 6.98 -11.15 3.25
C PHE A 59 6.76 -12.62 2.91
N LYS A 60 7.20 -13.05 1.76
CA LYS A 60 7.02 -14.48 1.40
C LYS A 60 7.76 -15.35 2.40
N LYS A 61 8.93 -14.93 2.81
CA LYS A 61 9.72 -15.72 3.80
C LYS A 61 9.24 -15.42 5.22
N GLU A 62 8.28 -14.54 5.36
CA GLU A 62 7.79 -14.19 6.72
C GLU A 62 7.48 -15.47 7.52
N ILE A 63 7.08 -16.52 6.86
CA ILE A 63 6.78 -17.78 7.58
C ILE A 63 8.06 -18.37 8.15
N GLY A 64 9.16 -18.22 7.46
CA GLY A 64 10.45 -18.77 7.97
C GLY A 64 10.42 -20.29 7.86
N GLY A 65 9.32 -20.85 7.45
CA GLY A 65 9.21 -22.33 7.32
C GLY A 65 8.61 -22.91 8.60
N GLU A 66 8.29 -22.07 9.54
CA GLU A 66 7.69 -22.58 10.81
C GLU A 66 6.32 -23.21 10.52
N SER A 67 5.53 -22.54 9.74
CA SER A 67 4.18 -23.09 9.40
C SER A 67 4.35 -24.40 8.63
N GLU A 68 5.40 -24.52 7.88
CA GLU A 68 5.63 -25.76 7.09
C GLU A 68 5.72 -26.96 8.04
N ALA A 69 6.17 -26.75 9.25
CA ALA A 69 6.28 -27.89 10.20
C ALA A 69 4.91 -28.51 10.46
N GLU A 70 3.89 -27.71 10.60
CA GLU A 70 2.54 -28.26 10.87
C GLU A 70 1.51 -27.56 9.99
N ASP A 71 0.50 -28.28 9.54
CA ASP A 71 -0.55 -27.65 8.68
C ASP A 71 0.14 -26.87 7.56
N SER A 72 1.16 -27.43 6.97
CA SER A 72 1.87 -26.72 5.88
C SER A 72 0.93 -26.49 4.69
N ASP A 73 0.10 -27.45 4.39
CA ASP A 73 -0.83 -27.29 3.24
C ASP A 73 -1.77 -26.11 3.50
N LYS A 74 -2.27 -26.00 4.71
CA LYS A 74 -3.21 -24.89 5.02
C LYS A 74 -2.50 -23.53 4.90
N SER A 75 -1.31 -23.42 5.44
CA SER A 75 -0.59 -22.12 5.37
C SER A 75 -0.26 -21.77 3.91
N LEU A 76 0.16 -22.73 3.15
CA LEU A 76 0.48 -22.46 1.72
C LEU A 76 -0.79 -22.13 0.94
N HIS A 77 -1.87 -22.80 1.25
CA HIS A 77 -3.14 -22.53 0.52
C HIS A 77 -3.58 -21.08 0.73
N VAL A 78 -3.54 -20.61 1.95
CA VAL A 78 -3.97 -19.21 2.21
C VAL A 78 -2.97 -18.22 1.60
N MET A 79 -1.71 -18.41 1.86
CA MET A 79 -0.70 -17.48 1.30
C MET A 79 -0.62 -17.64 -0.22
N ASN A 80 -0.57 -18.86 -0.69
CA ASN A 80 -0.48 -19.09 -2.16
C ASN A 80 -1.76 -18.64 -2.86
N THR A 81 -2.90 -18.96 -2.32
CA THR A 81 -4.18 -18.59 -2.98
C THR A 81 -4.42 -17.07 -2.96
N LEU A 82 -4.27 -16.45 -1.82
CA LEU A 82 -4.54 -14.99 -1.74
C LEU A 82 -3.44 -14.17 -2.43
N ILE A 83 -2.22 -14.62 -2.38
CA ILE A 83 -1.11 -13.86 -3.02
C ILE A 83 -1.08 -14.08 -4.53
N HIS A 84 -1.25 -15.29 -4.97
CA HIS A 84 -1.20 -15.56 -6.44
C HIS A 84 -2.45 -15.07 -7.15
N ASP A 85 -3.62 -15.37 -6.65
CA ASP A 85 -4.86 -14.92 -7.33
C ASP A 85 -5.21 -13.50 -6.88
N GLN A 86 -5.08 -12.55 -7.76
CA GLN A 86 -5.41 -11.13 -7.41
C GLN A 86 -6.89 -11.02 -7.02
N GLU A 87 -7.75 -11.74 -7.68
CA GLU A 87 -9.20 -11.64 -7.35
C GLU A 87 -9.42 -12.03 -5.88
N LYS A 88 -8.79 -13.07 -5.42
CA LYS A 88 -8.96 -13.47 -4.00
C LYS A 88 -8.41 -12.36 -3.12
N ALA A 89 -7.40 -11.68 -3.56
CA ALA A 89 -6.83 -10.58 -2.74
C ALA A 89 -7.81 -9.41 -2.70
N LYS A 90 -8.44 -9.10 -3.80
CA LYS A 90 -9.39 -7.96 -3.83
C LYS A 90 -10.56 -8.20 -2.87
N ILE A 91 -11.18 -9.34 -2.92
CA ILE A 91 -12.34 -9.57 -2.01
C ILE A 91 -11.83 -9.57 -0.57
N TYR A 92 -10.68 -10.13 -0.33
CA TYR A 92 -10.14 -10.12 1.06
C TYR A 92 -9.91 -8.67 1.47
N MET A 93 -9.35 -7.89 0.59
CA MET A 93 -9.09 -6.46 0.89
C MET A 93 -10.42 -5.69 0.95
N LEU A 94 -11.31 -5.97 0.04
CA LEU A 94 -12.61 -5.24 0.05
C LEU A 94 -13.34 -5.52 1.36
N ASN A 95 -13.28 -6.75 1.83
CA ASN A 95 -13.97 -7.09 3.11
C ASN A 95 -13.32 -6.30 4.25
N PHE A 96 -12.01 -6.27 4.29
CA PHE A 96 -11.33 -5.52 5.38
C PHE A 96 -11.64 -4.03 5.24
N THR A 97 -11.60 -3.50 4.05
CA THR A 97 -11.89 -2.06 3.86
C THR A 97 -13.29 -1.74 4.36
N MET A 98 -14.24 -2.57 4.04
CA MET A 98 -15.63 -2.32 4.50
C MET A 98 -15.67 -2.37 6.03
N SER A 99 -15.03 -3.35 6.60
CA SER A 99 -15.02 -3.46 8.09
C SER A 99 -14.20 -2.33 8.69
N LEU A 100 -13.07 -2.02 8.10
CA LEU A 100 -12.21 -0.94 8.65
C LEU A 100 -12.93 0.40 8.54
N TYR A 101 -13.59 0.65 7.45
CA TYR A 101 -14.30 1.94 7.28
C TYR A 101 -15.42 2.06 8.31
N ASN A 102 -16.19 1.03 8.49
CA ASN A 102 -17.30 1.09 9.48
C ASN A 102 -16.73 1.38 10.87
N GLU A 103 -15.64 0.75 11.21
CA GLU A 103 -15.04 0.99 12.54
C GLU A 103 -14.65 2.46 12.70
N LYS A 104 -14.11 3.05 11.67
CA LYS A 104 -13.73 4.48 11.76
C LYS A 104 -14.96 5.34 12.00
N LEU A 105 -16.05 5.05 11.36
CA LEU A 105 -17.28 5.87 11.57
C LEU A 105 -17.67 5.80 13.05
N LYS A 106 -17.65 4.64 13.63
CA LYS A 106 -18.03 4.53 15.07
C LYS A 106 -17.08 5.36 15.92
N GLN A 107 -15.82 5.38 15.58
CA GLN A 107 -14.84 6.18 16.38
C GLN A 107 -15.21 7.66 16.31
N LEU A 108 -15.63 8.15 15.18
CA LEU A 108 -16.00 9.58 15.07
C LEU A 108 -17.22 9.86 15.94
N LYS A 109 -18.15 8.94 15.97
CA LYS A 109 -19.38 9.16 16.78
C LYS A 109 -19.11 8.91 18.26
N ASP A 110 -18.55 7.78 18.58
CA ASP A 110 -18.28 7.46 20.01
C ASP A 110 -16.88 7.94 20.40
N GLY A 111 -16.00 8.12 19.45
CA GLY A 111 -14.62 8.57 19.79
C GLY A 111 -14.46 10.06 19.48
N PRO A 112 -13.55 10.72 20.15
CA PRO A 112 -13.27 12.17 19.93
C PRO A 112 -12.58 12.43 18.60
N TRP A 113 -12.74 13.60 18.05
CA TRP A 113 -12.08 13.91 16.75
C TRP A 113 -10.66 14.42 17.00
N ASP A 114 -9.67 13.77 16.44
CA ASP A 114 -8.27 14.22 16.64
C ASP A 114 -7.54 14.20 15.29
N VAL A 115 -6.39 14.82 15.23
CA VAL A 115 -5.63 14.85 13.95
C VAL A 115 -5.21 13.42 13.58
N MET A 116 -4.96 12.61 14.57
CA MET A 116 -4.54 11.22 14.29
C MET A 116 -5.62 10.50 13.50
N LEU A 117 -6.86 10.72 13.83
CA LEU A 117 -7.96 10.05 13.08
C LEU A 117 -7.97 10.55 11.64
N LYS A 118 -7.71 11.81 11.43
CA LYS A 118 -7.71 12.34 10.04
C LYS A 118 -6.67 11.59 9.20
N ARG A 119 -5.51 11.37 9.74
CA ARG A 119 -4.48 10.63 8.97
C ARG A 119 -4.94 9.20 8.71
N SER A 120 -5.57 8.59 9.67
CA SER A 120 -6.07 7.19 9.47
C SER A 120 -7.15 7.20 8.39
N LEU A 121 -7.93 8.24 8.33
CA LEU A 121 -9.01 8.30 7.30
C LEU A 121 -8.37 8.34 5.91
N TRP A 122 -7.33 9.12 5.75
CA TRP A 122 -6.66 9.19 4.41
C TRP A 122 -6.14 7.80 4.03
N CYS A 123 -5.60 7.08 4.98
CA CYS A 123 -5.08 5.72 4.65
C CYS A 123 -6.23 4.83 4.17
N CYS A 124 -7.36 4.90 4.83
CA CYS A 124 -8.51 4.04 4.41
C CYS A 124 -8.93 4.41 2.99
N ILE A 125 -9.07 5.68 2.70
CA ILE A 125 -9.48 6.09 1.34
C ILE A 125 -8.44 5.61 0.33
N ASP A 126 -7.19 5.66 0.68
CA ASP A 126 -6.13 5.21 -0.26
C ASP A 126 -6.32 3.71 -0.56
N LEU A 127 -6.66 2.92 0.42
CA LEU A 127 -6.86 1.47 0.18
C LEU A 127 -8.00 1.26 -0.82
N PHE A 128 -9.09 1.95 -0.63
CA PHE A 128 -10.24 1.78 -1.56
C PHE A 128 -9.91 2.41 -2.92
N SER A 129 -9.32 3.58 -2.91
CA SER A 129 -8.97 4.25 -4.18
C SER A 129 -7.94 3.41 -4.96
N CYS A 130 -7.01 2.82 -4.26
CA CYS A 130 -5.98 1.99 -4.96
C CYS A 130 -6.64 0.77 -5.60
N ILE A 131 -7.43 0.05 -4.84
CA ILE A 131 -8.10 -1.15 -5.40
C ILE A 131 -9.05 -0.73 -6.53
N LEU A 132 -9.86 0.26 -6.28
CA LEU A 132 -10.82 0.72 -7.33
C LEU A 132 -10.05 1.21 -8.56
N HIS A 133 -8.95 1.89 -8.36
CA HIS A 133 -8.17 2.40 -9.52
C HIS A 133 -7.71 1.24 -10.40
N LEU A 134 -7.12 0.23 -9.82
CA LEU A 134 -6.65 -0.92 -10.64
C LEU A 134 -7.85 -1.65 -11.25
N TRP A 135 -8.88 -1.85 -10.48
CA TRP A 135 -10.08 -2.56 -11.00
C TRP A 135 -11.02 -1.55 -11.68
N LYS A 136 -10.64 -0.31 -11.73
CA LYS A 136 -11.51 0.72 -12.36
C LYS A 136 -11.95 0.26 -13.76
N GLU A 137 -11.08 -0.36 -14.48
CA GLU A 137 -11.45 -0.82 -15.85
C GLU A 137 -12.51 -1.93 -15.75
N ASN A 138 -12.60 -2.59 -14.62
CA ASN A 138 -13.59 -3.68 -14.48
C ASN A 138 -14.90 -3.14 -13.90
N ILE A 139 -14.94 -1.90 -13.51
CA ILE A 139 -16.19 -1.33 -12.94
C ILE A 139 -16.86 -0.43 -13.97
N SER A 140 -18.16 -0.38 -13.98
CA SER A 140 -18.88 0.49 -14.95
C SER A 140 -18.80 1.94 -14.50
N GLU A 141 -18.90 2.87 -15.40
CA GLU A 141 -18.81 4.31 -15.01
C GLU A 141 -19.87 4.63 -13.96
N THR A 142 -21.06 4.09 -14.09
CA THR A 142 -22.12 4.38 -13.09
C THR A 142 -21.84 3.60 -11.80
N SER A 143 -21.50 2.34 -11.91
CA SER A 143 -21.23 1.52 -10.69
C SER A 143 -20.05 2.11 -9.91
N THR A 144 -18.98 2.44 -10.58
CA THR A 144 -17.82 3.04 -9.86
C THR A 144 -18.24 4.39 -9.30
N ASN A 145 -19.01 5.14 -10.04
CA ASN A 145 -19.47 6.45 -9.54
C ASN A 145 -20.17 6.25 -8.19
N SER A 146 -20.95 5.22 -8.07
CA SER A 146 -21.64 4.96 -6.78
C SER A 146 -20.60 4.71 -5.70
N LEU A 147 -19.61 3.90 -5.98
CA LEU A 147 -18.56 3.62 -4.96
C LEU A 147 -17.79 4.92 -4.69
N GLN A 148 -17.44 5.63 -5.72
CA GLN A 148 -16.71 6.90 -5.53
C GLN A 148 -17.59 7.86 -4.73
N LYS A 149 -18.88 7.79 -4.95
CA LYS A 149 -19.80 8.69 -4.20
C LYS A 149 -19.68 8.38 -2.71
N ARG A 150 -19.60 7.13 -2.35
CA ARG A 150 -19.47 6.78 -0.91
C ARG A 150 -18.19 7.42 -0.37
N ILE A 151 -17.14 7.36 -1.14
CA ILE A 151 -15.87 7.97 -0.69
C ILE A 151 -16.09 9.47 -0.50
N LYS A 152 -16.85 10.08 -1.36
CA LYS A 152 -17.12 11.54 -1.22
C LYS A 152 -17.74 11.77 0.15
N TYR A 153 -18.63 10.92 0.57
CA TYR A 153 -19.25 11.08 1.91
C TYR A 153 -18.16 11.08 2.96
N CYS A 154 -17.21 10.20 2.82
CA CYS A 154 -16.09 10.15 3.81
C CYS A 154 -15.32 11.46 3.74
N LYS A 155 -14.93 11.87 2.56
CA LYS A 155 -14.20 13.16 2.43
C LYS A 155 -15.08 14.32 2.90
N ILE A 156 -16.37 14.22 2.67
CA ILE A 156 -17.27 15.32 3.10
C ILE A 156 -17.15 15.54 4.61
N TYR A 157 -17.23 14.49 5.39
CA TYR A 157 -17.11 14.68 6.86
C TYR A 157 -15.70 15.19 7.16
N LEU A 158 -14.72 14.65 6.49
CA LEU A 158 -13.32 15.08 6.71
C LEU A 158 -13.20 16.58 6.40
N SER A 159 -13.83 17.03 5.35
CA SER A 159 -13.76 18.48 5.01
C SER A 159 -14.35 19.28 6.16
N LYS A 160 -15.41 18.81 6.75
CA LYS A 160 -16.02 19.54 7.89
C LYS A 160 -15.01 19.63 9.02
N LEU A 161 -14.24 18.59 9.23
CA LEU A 161 -13.22 18.63 10.33
C LEU A 161 -12.22 19.74 10.01
N ALA A 162 -11.89 19.91 8.77
CA ALA A 162 -10.91 20.97 8.39
C ALA A 162 -11.51 22.33 8.74
N LYS A 163 -12.79 22.49 8.55
CA LYS A 163 -13.43 23.80 8.87
C LYS A 163 -13.71 23.87 10.37
N GLY A 164 -13.57 22.77 11.07
CA GLY A 164 -13.83 22.78 12.53
C GLY A 164 -15.29 22.41 12.80
N GLU A 165 -16.05 22.15 11.77
CA GLU A 165 -17.48 21.78 11.96
C GLU A 165 -17.63 20.26 12.01
N ILE A 166 -18.57 19.77 12.77
CA ILE A 166 -18.79 18.30 12.87
C ILE A 166 -20.16 17.95 12.33
N GLY A 167 -20.26 16.92 11.52
CA GLY A 167 -21.59 16.53 10.96
C GLY A 167 -22.38 15.79 12.04
N ASN B 1 39.34 21.38 -13.45
CA ASN B 1 39.96 20.04 -13.67
C ASN B 1 39.01 19.16 -14.48
N VAL B 2 39.37 18.81 -15.68
CA VAL B 2 38.50 17.95 -16.53
C VAL B 2 38.42 16.55 -15.90
N PRO B 3 37.24 15.96 -15.82
CA PRO B 3 37.08 14.60 -15.23
C PRO B 3 37.82 13.52 -16.06
N GLU B 4 38.35 12.53 -15.41
CA GLU B 4 39.06 11.45 -16.15
C GLU B 4 38.09 10.77 -17.12
N ILE B 5 36.86 10.61 -16.72
CA ILE B 5 35.86 9.94 -17.60
C ILE B 5 34.73 10.93 -17.93
N LYS B 6 34.41 11.07 -19.19
CA LYS B 6 33.31 12.01 -19.56
C LYS B 6 32.01 11.57 -18.89
N ALA B 7 31.80 10.29 -18.77
CA ALA B 7 30.55 9.80 -18.13
C ALA B 7 30.53 10.21 -16.65
N LYS B 8 29.38 10.50 -16.12
CA LYS B 8 29.30 10.90 -14.68
C LYS B 8 29.05 9.67 -13.82
N GLU B 9 29.64 9.61 -12.66
CA GLU B 9 29.44 8.43 -11.76
C GLU B 9 27.96 8.35 -11.37
N VAL B 10 27.29 9.46 -11.27
CA VAL B 10 25.86 9.44 -10.88
C VAL B 10 25.04 8.73 -11.96
N ASN B 11 25.43 8.86 -13.19
CA ASN B 11 24.69 8.19 -14.29
C ASN B 11 24.62 6.68 -14.02
N VAL B 12 25.66 6.13 -13.46
CA VAL B 12 25.65 4.67 -13.17
C VAL B 12 24.51 4.33 -12.21
N ASP B 13 24.28 5.15 -11.23
CA ASP B 13 23.19 4.87 -10.27
C ASP B 13 21.85 4.84 -11.02
N ASP B 14 21.71 5.63 -12.04
CA ASP B 14 20.44 5.65 -12.81
C ASP B 14 20.10 4.26 -13.34
N GLU B 15 21.05 3.61 -13.95
CA GLU B 15 20.76 2.25 -14.50
C GLU B 15 20.52 1.26 -13.35
N LYS B 16 21.29 1.35 -12.29
CA LYS B 16 21.06 0.40 -11.17
C LYS B 16 19.63 0.53 -10.67
N GLU B 17 19.12 1.74 -10.58
CA GLU B 17 17.72 1.93 -10.12
C GLU B 17 16.77 1.30 -11.13
N ASP B 18 17.08 1.42 -12.40
CA ASP B 18 16.19 0.81 -13.43
C ASP B 18 16.13 -0.70 -13.20
N LYS B 19 17.25 -1.31 -12.87
CA LYS B 19 17.25 -2.78 -12.62
C LYS B 19 16.33 -3.09 -11.44
N LEU B 20 16.36 -2.27 -10.43
CA LEU B 20 15.48 -2.52 -9.25
C LEU B 20 14.02 -2.53 -9.70
N ALA B 21 13.66 -1.63 -10.58
CA ALA B 21 12.26 -1.59 -11.08
C ALA B 21 11.94 -2.90 -11.79
N GLN B 22 12.90 -3.44 -12.50
CA GLN B 22 12.66 -4.73 -13.21
C GLN B 22 12.43 -5.84 -12.18
N ARG B 23 13.11 -5.77 -11.07
CA ARG B 23 12.93 -6.83 -10.03
C ARG B 23 11.49 -6.80 -9.54
N LEU B 24 10.94 -5.62 -9.32
CA LEU B 24 9.54 -5.54 -8.85
C LEU B 24 8.61 -6.13 -9.91
N ARG B 25 8.84 -5.78 -11.15
CA ARG B 25 7.98 -6.31 -12.23
C ARG B 25 8.10 -7.83 -12.26
N ALA B 26 9.27 -8.34 -12.02
CA ALA B 26 9.44 -9.82 -12.01
C ALA B 26 8.65 -10.39 -10.84
N LEU B 27 8.61 -9.69 -9.74
CA LEU B 27 7.85 -10.18 -8.56
C LEU B 27 6.37 -10.36 -8.97
N ARG B 28 5.86 -9.45 -9.74
CA ARG B 28 4.43 -9.57 -10.17
C ARG B 28 4.37 -10.20 -11.56
N GLY B 29 5.50 -10.56 -12.12
CA GLY B 29 5.50 -11.19 -13.47
C GLY B 29 5.31 -10.11 -14.54
N MET A 1 3.51 11.57 -1.41
CA MET A 1 4.84 12.12 -1.02
C MET A 1 5.72 10.97 -0.51
N ALA A 2 7.02 11.13 -0.60
CA ALA A 2 7.93 10.06 -0.11
C ALA A 2 7.67 9.83 1.38
N SER A 3 7.47 10.87 2.13
CA SER A 3 7.21 10.69 3.58
C SER A 3 5.90 9.94 3.76
N ASN A 4 4.93 10.21 2.93
CA ASN A 4 3.63 9.50 3.05
C ASN A 4 3.89 8.00 2.96
N ALA A 5 4.74 7.61 2.06
CA ALA A 5 5.08 6.17 1.91
C ALA A 5 5.75 5.68 3.19
N ALA A 6 6.60 6.49 3.76
CA ALA A 6 7.31 6.06 5.01
C ALA A 6 6.27 5.77 6.10
N ARG A 7 5.28 6.61 6.24
CA ARG A 7 4.24 6.36 7.29
C ARG A 7 3.56 5.04 6.97
N VAL A 8 3.29 4.79 5.73
CA VAL A 8 2.64 3.51 5.35
C VAL A 8 3.54 2.34 5.72
N VAL A 9 4.83 2.49 5.57
CA VAL A 9 5.76 1.39 5.91
C VAL A 9 5.59 1.07 7.39
N ALA A 10 5.44 2.07 8.20
CA ALA A 10 5.27 1.83 9.67
C ALA A 10 3.93 1.12 9.89
N THR A 11 2.89 1.59 9.25
CA THR A 11 1.57 0.94 9.43
C THR A 11 1.63 -0.48 8.86
N ALA A 12 2.40 -0.68 7.82
CA ALA A 12 2.51 -2.04 7.24
C ALA A 12 3.09 -2.98 8.30
N LYS A 13 4.07 -2.52 9.02
CA LYS A 13 4.67 -3.38 10.08
C LYS A 13 3.58 -3.72 11.11
N ASP A 14 2.72 -2.78 11.41
CA ASP A 14 1.65 -3.06 12.40
C ASP A 14 0.79 -4.22 11.91
N PHE A 15 0.48 -4.24 10.63
CA PHE A 15 -0.34 -5.35 10.09
C PHE A 15 0.41 -6.67 10.25
N ASP A 16 1.69 -6.66 10.01
CA ASP A 16 2.49 -7.91 10.15
C ASP A 16 2.35 -8.42 11.59
N LYS A 17 2.32 -7.51 12.54
CA LYS A 17 2.19 -7.92 13.96
C LYS A 17 0.86 -8.65 14.14
N VAL A 18 -0.14 -8.27 13.39
CA VAL A 18 -1.47 -8.93 13.52
C VAL A 18 -1.49 -10.21 12.67
N GLY A 19 -0.53 -10.39 11.82
CA GLY A 19 -0.49 -11.62 10.98
C GLY A 19 -1.25 -11.37 9.68
N LEU A 20 -1.47 -10.14 9.33
CA LEU A 20 -2.21 -9.82 8.09
C LEU A 20 -1.21 -9.55 6.96
N GLY A 21 -0.32 -10.47 6.72
CA GLY A 21 0.70 -10.27 5.65
C GLY A 21 0.01 -9.97 4.32
N ILE A 22 -1.18 -10.46 4.12
CA ILE A 22 -1.89 -10.21 2.84
C ILE A 22 -2.04 -8.69 2.63
N ILE A 23 -2.54 -8.00 3.62
CA ILE A 23 -2.71 -6.53 3.47
C ILE A 23 -1.32 -5.90 3.31
N GLY A 24 -0.37 -6.35 4.09
CA GLY A 24 1.01 -5.78 3.99
C GLY A 24 1.54 -5.97 2.58
N TYR A 25 1.28 -7.11 2.00
CA TYR A 25 1.79 -7.36 0.62
C TYR A 25 1.18 -6.37 -0.39
N TYR A 26 -0.11 -6.18 -0.36
CA TYR A 26 -0.74 -5.26 -1.35
C TYR A 26 -0.26 -3.81 -1.14
N LEU A 27 -0.25 -3.32 0.07
CA LEU A 27 0.18 -1.90 0.28
C LEU A 27 1.67 -1.76 -0.04
N GLN A 28 2.47 -2.76 0.24
CA GLN A 28 3.92 -2.62 -0.10
C GLN A 28 4.04 -2.43 -1.61
N LEU A 29 3.23 -3.11 -2.38
CA LEU A 29 3.28 -2.92 -3.85
C LEU A 29 2.88 -1.49 -4.16
N TYR A 30 1.94 -0.96 -3.41
CA TYR A 30 1.50 0.44 -3.64
C TYR A 30 2.64 1.40 -3.27
N ALA A 31 3.38 1.08 -2.23
CA ALA A 31 4.50 1.97 -1.81
C ALA A 31 5.54 2.09 -2.93
N VAL A 32 5.92 1.00 -3.53
CA VAL A 32 6.94 1.09 -4.63
C VAL A 32 6.34 1.89 -5.78
N GLU A 33 5.10 1.66 -6.12
CA GLU A 33 4.49 2.44 -7.23
C GLU A 33 4.47 3.91 -6.85
N LEU A 34 4.29 4.20 -5.59
CA LEU A 34 4.26 5.62 -5.14
C LEU A 34 5.63 6.27 -5.40
N ILE A 35 6.70 5.58 -5.10
CA ILE A 35 8.04 6.16 -5.32
C ILE A 35 8.27 6.39 -6.82
N LEU A 36 7.98 5.40 -7.62
CA LEU A 36 8.17 5.56 -9.09
C LEU A 36 7.22 6.63 -9.62
N SER A 37 6.03 6.69 -9.08
CA SER A 37 5.06 7.73 -9.54
C SER A 37 5.52 9.08 -9.00
N GLU A 38 6.32 9.05 -7.98
CA GLU A 38 6.83 10.31 -7.38
C GLU A 38 7.97 10.87 -8.25
N GLU A 39 8.15 12.16 -8.25
CA GLU A 39 9.24 12.76 -9.09
C GLU A 39 10.57 12.10 -8.73
N ASP A 40 11.48 12.05 -9.67
CA ASP A 40 12.79 11.40 -9.40
C ASP A 40 13.49 12.10 -8.23
N ARG A 41 13.96 11.33 -7.29
CA ARG A 41 14.66 11.91 -6.10
C ARG A 41 16.07 11.33 -5.99
N SER A 42 16.87 11.86 -5.11
CA SER A 42 18.27 11.35 -4.97
C SER A 42 18.26 9.85 -4.65
N GLN A 43 19.42 9.25 -4.72
CA GLN A 43 19.54 7.79 -4.46
C GLN A 43 19.01 7.42 -3.07
N GLU A 44 18.99 8.35 -2.14
CA GLU A 44 18.51 8.00 -0.78
C GLU A 44 17.16 7.28 -0.88
N MET A 45 16.27 7.76 -1.69
CA MET A 45 14.96 7.07 -1.83
C MET A 45 15.17 5.72 -2.52
N THR A 46 16.08 5.67 -3.46
CA THR A 46 16.35 4.39 -4.17
C THR A 46 16.78 3.33 -3.15
N ALA A 47 17.61 3.69 -2.21
CA ALA A 47 18.05 2.71 -1.20
C ALA A 47 16.84 2.28 -0.37
N LEU A 48 16.02 3.21 0.01
CA LEU A 48 14.81 2.85 0.80
C LEU A 48 13.92 1.93 -0.04
N ALA A 49 13.82 2.19 -1.31
CA ALA A 49 12.96 1.34 -2.17
C ALA A 49 13.47 -0.10 -2.10
N THR A 50 14.76 -0.28 -2.10
CA THR A 50 15.34 -1.64 -2.02
C THR A 50 14.94 -2.27 -0.68
N GLU A 51 14.93 -1.48 0.37
CA GLU A 51 14.55 -2.03 1.70
C GLU A 51 13.13 -2.58 1.66
N LEU A 52 12.22 -1.87 1.07
CA LEU A 52 10.81 -2.37 1.01
C LEU A 52 10.77 -3.66 0.19
N LEU A 53 11.52 -3.72 -0.88
CA LEU A 53 11.53 -4.96 -1.71
C LEU A 53 11.99 -6.13 -0.84
N ASP A 54 12.97 -5.90 -0.01
CA ASP A 54 13.46 -6.98 0.89
C ASP A 54 12.33 -7.42 1.80
N THR A 55 11.54 -6.47 2.25
CA THR A 55 10.40 -6.80 3.15
C THR A 55 9.45 -7.77 2.45
N ILE A 56 9.17 -7.55 1.20
CA ILE A 56 8.25 -8.46 0.47
C ILE A 56 8.80 -9.88 0.53
N GLU A 57 10.04 -10.04 0.19
CA GLU A 57 10.65 -11.41 0.23
C GLU A 57 10.61 -11.91 1.68
N ALA A 58 10.83 -11.04 2.61
CA ALA A 58 10.80 -11.44 4.05
C ALA A 58 9.36 -11.81 4.42
N PHE A 59 8.39 -11.14 3.85
CA PHE A 59 6.97 -11.45 4.18
C PHE A 59 6.69 -12.91 3.83
N LYS A 60 6.96 -13.31 2.61
CA LYS A 60 6.71 -14.72 2.23
C LYS A 60 7.53 -15.65 3.12
N LYS A 61 8.75 -15.29 3.40
CA LYS A 61 9.62 -16.14 4.26
C LYS A 61 9.32 -15.86 5.73
N GLU A 62 8.44 -14.93 6.02
CA GLU A 62 8.13 -14.61 7.43
C GLU A 62 7.83 -15.90 8.20
N ILE A 63 7.22 -16.85 7.57
CA ILE A 63 6.91 -18.12 8.29
C ILE A 63 8.20 -18.88 8.58
N GLY A 64 9.12 -18.89 7.65
CA GLY A 64 10.41 -19.61 7.88
C GLY A 64 10.21 -21.11 7.66
N GLY A 65 8.99 -21.52 7.42
CA GLY A 65 8.72 -22.97 7.18
C GLY A 65 8.38 -23.65 8.51
N GLU A 66 8.44 -22.93 9.60
CA GLU A 66 8.12 -23.57 10.91
C GLU A 66 6.66 -23.98 10.92
N SER A 67 5.81 -23.10 10.49
CA SER A 67 4.36 -23.42 10.43
C SER A 67 4.12 -24.42 9.30
N GLU A 68 4.91 -24.35 8.27
CA GLU A 68 4.76 -25.29 7.13
C GLU A 68 4.89 -26.73 7.61
N ALA A 69 5.63 -26.96 8.66
CA ALA A 69 5.80 -28.35 9.17
C ALA A 69 4.42 -28.95 9.48
N GLU A 70 3.51 -28.15 9.96
CA GLU A 70 2.15 -28.66 10.28
C GLU A 70 1.13 -28.07 9.30
N ASP A 71 0.22 -28.88 8.82
CA ASP A 71 -0.79 -28.34 7.85
C ASP A 71 -0.06 -27.59 6.75
N SER A 72 0.99 -28.17 6.23
CA SER A 72 1.77 -27.49 5.16
C SER A 72 0.86 -27.15 3.97
N ASP A 73 -0.10 -27.98 3.68
CA ASP A 73 -1.00 -27.70 2.52
C ASP A 73 -1.81 -26.43 2.78
N LYS A 74 -2.34 -26.28 3.95
CA LYS A 74 -3.16 -25.07 4.26
C LYS A 74 -2.27 -23.82 4.19
N SER A 75 -1.06 -23.92 4.65
CA SER A 75 -0.16 -22.73 4.63
C SER A 75 0.10 -22.31 3.18
N LEU A 76 0.38 -23.24 2.32
CA LEU A 76 0.65 -22.89 0.90
C LEU A 76 -0.63 -22.37 0.24
N HIS A 77 -1.75 -22.97 0.53
CA HIS A 77 -3.03 -22.51 -0.10
C HIS A 77 -3.29 -21.04 0.24
N VAL A 78 -3.12 -20.65 1.47
CA VAL A 78 -3.37 -19.23 1.85
C VAL A 78 -2.34 -18.32 1.19
N MET A 79 -1.08 -18.64 1.32
CA MET A 79 -0.03 -17.77 0.72
C MET A 79 -0.09 -17.82 -0.81
N ASN A 80 -0.20 -18.99 -1.37
CA ASN A 80 -0.24 -19.10 -2.86
C ASN A 80 -1.54 -18.53 -3.44
N THR A 81 -2.65 -18.82 -2.82
CA THR A 81 -3.95 -18.32 -3.37
C THR A 81 -4.08 -16.80 -3.23
N LEU A 82 -3.83 -16.27 -2.07
CA LEU A 82 -4.00 -14.80 -1.87
C LEU A 82 -2.89 -14.01 -2.57
N ILE A 83 -1.69 -14.54 -2.62
CA ILE A 83 -0.57 -13.79 -3.24
C ILE A 83 -0.62 -13.88 -4.78
N HIS A 84 -0.93 -15.03 -5.32
CA HIS A 84 -0.95 -15.18 -6.81
C HIS A 84 -2.28 -14.69 -7.41
N ASP A 85 -3.38 -14.92 -6.75
CA ASP A 85 -4.68 -14.47 -7.36
C ASP A 85 -4.97 -13.01 -6.99
N GLN A 86 -4.97 -12.15 -7.97
CA GLN A 86 -5.24 -10.71 -7.71
C GLN A 86 -6.64 -10.51 -7.11
N GLU A 87 -7.61 -11.21 -7.62
CA GLU A 87 -9.00 -11.04 -7.10
C GLU A 87 -9.07 -11.45 -5.63
N LYS A 88 -8.40 -12.50 -5.24
CA LYS A 88 -8.44 -12.93 -3.82
C LYS A 88 -7.89 -11.80 -2.95
N ALA A 89 -6.95 -11.05 -3.48
CA ALA A 89 -6.38 -9.93 -2.70
C ALA A 89 -7.43 -8.82 -2.58
N LYS A 90 -8.13 -8.54 -3.64
CA LYS A 90 -9.17 -7.46 -3.58
C LYS A 90 -10.30 -7.84 -2.62
N ILE A 91 -10.83 -9.02 -2.73
CA ILE A 91 -11.93 -9.40 -1.82
C ILE A 91 -11.42 -9.43 -0.39
N TYR A 92 -10.23 -9.95 -0.18
CA TYR A 92 -9.67 -9.97 1.19
C TYR A 92 -9.46 -8.52 1.66
N MET A 93 -8.83 -7.72 0.84
CA MET A 93 -8.61 -6.30 1.23
C MET A 93 -9.94 -5.55 1.26
N LEU A 94 -10.81 -5.82 0.33
CA LEU A 94 -12.13 -5.13 0.34
C LEU A 94 -12.85 -5.46 1.64
N ASN A 95 -12.75 -6.68 2.08
CA ASN A 95 -13.41 -7.06 3.36
C ASN A 95 -12.84 -6.22 4.49
N PHE A 96 -11.53 -6.07 4.52
CA PHE A 96 -10.91 -5.26 5.59
C PHE A 96 -11.34 -3.80 5.45
N THR A 97 -11.34 -3.29 4.25
CA THR A 97 -11.75 -1.88 4.03
C THR A 97 -13.18 -1.68 4.52
N MET A 98 -14.04 -2.61 4.23
CA MET A 98 -15.45 -2.46 4.69
C MET A 98 -15.47 -2.40 6.21
N SER A 99 -14.73 -3.28 6.85
CA SER A 99 -14.70 -3.26 8.34
C SER A 99 -14.00 -1.97 8.81
N LEU A 100 -12.95 -1.59 8.16
CA LEU A 100 -12.23 -0.35 8.56
C LEU A 100 -13.14 0.86 8.35
N TYR A 101 -13.90 0.87 7.29
CA TYR A 101 -14.80 2.02 7.03
C TYR A 101 -15.81 2.16 8.16
N ASN A 102 -16.45 1.09 8.54
CA ASN A 102 -17.45 1.17 9.64
C ASN A 102 -16.75 1.58 10.94
N GLU A 103 -15.65 0.94 11.24
CA GLU A 103 -14.91 1.28 12.49
C GLU A 103 -14.37 2.71 12.39
N LYS A 104 -13.97 3.12 11.21
CA LYS A 104 -13.43 4.50 11.06
C LYS A 104 -14.50 5.51 11.46
N LEU A 105 -15.71 5.34 11.00
CA LEU A 105 -16.79 6.31 11.36
C LEU A 105 -16.98 6.29 12.88
N LYS A 106 -17.05 5.14 13.48
CA LYS A 106 -17.22 5.06 14.95
C LYS A 106 -16.03 5.75 15.62
N GLN A 107 -14.86 5.59 15.08
CA GLN A 107 -13.65 6.22 15.68
C GLN A 107 -13.84 7.75 15.68
N LEU A 108 -14.41 8.29 14.64
CA LEU A 108 -14.62 9.77 14.60
C LEU A 108 -15.57 10.18 15.72
N LYS A 109 -16.62 9.42 15.92
CA LYS A 109 -17.60 9.77 16.99
C LYS A 109 -17.05 9.35 18.36
N ASP A 110 -16.66 8.11 18.48
CA ASP A 110 -16.13 7.61 19.77
C ASP A 110 -14.70 8.09 19.98
N GLY A 111 -14.00 8.39 18.93
CA GLY A 111 -12.58 8.85 19.08
C GLY A 111 -12.49 10.37 18.84
N PRO A 112 -11.49 11.00 19.43
CA PRO A 112 -11.27 12.47 19.28
C PRO A 112 -10.77 12.83 17.88
N TRP A 113 -11.02 14.03 17.44
CA TRP A 113 -10.55 14.44 16.09
C TRP A 113 -9.19 15.13 16.20
N ASP A 114 -8.20 14.60 15.55
CA ASP A 114 -6.85 15.22 15.59
C ASP A 114 -6.27 15.26 14.17
N VAL A 115 -5.26 16.05 13.95
CA VAL A 115 -4.67 16.11 12.59
C VAL A 115 -4.16 14.72 12.22
N MET A 116 -3.64 14.00 13.17
CA MET A 116 -3.13 12.64 12.90
C MET A 116 -4.27 11.77 12.39
N LEU A 117 -5.44 11.91 12.97
CA LEU A 117 -6.59 11.09 12.54
C LEU A 117 -6.92 11.43 11.09
N LYS A 118 -6.84 12.68 10.72
CA LYS A 118 -7.16 13.06 9.31
C LYS A 118 -6.19 12.34 8.37
N ARG A 119 -4.94 12.26 8.75
CA ARG A 119 -3.95 11.55 7.88
C ARG A 119 -4.36 10.09 7.74
N SER A 120 -4.82 9.49 8.81
CA SER A 120 -5.24 8.06 8.74
C SER A 120 -6.43 7.93 7.81
N LEU A 121 -7.31 8.91 7.80
CA LEU A 121 -8.49 8.83 6.90
C LEU A 121 -8.02 8.83 5.44
N TRP A 122 -7.04 9.65 5.13
CA TRP A 122 -6.53 9.69 3.74
C TRP A 122 -5.96 8.32 3.37
N CYS A 123 -5.29 7.69 4.29
CA CYS A 123 -4.70 6.35 3.99
C CYS A 123 -5.83 5.37 3.65
N CYS A 124 -6.91 5.40 4.39
CA CYS A 124 -8.04 4.47 4.11
C CYS A 124 -8.55 4.71 2.69
N ILE A 125 -8.71 5.94 2.32
CA ILE A 125 -9.21 6.24 0.95
C ILE A 125 -8.21 5.68 -0.06
N ASP A 126 -6.94 5.78 0.25
CA ASP A 126 -5.91 5.24 -0.69
C ASP A 126 -6.10 3.73 -0.86
N LEU A 127 -6.41 3.04 0.20
CA LEU A 127 -6.61 1.56 0.09
C LEU A 127 -7.73 1.28 -0.91
N PHE A 128 -8.86 1.92 -0.73
CA PHE A 128 -9.99 1.67 -1.67
C PHE A 128 -9.69 2.33 -3.01
N SER A 129 -9.19 3.54 -2.98
CA SER A 129 -8.88 4.26 -4.26
C SER A 129 -7.79 3.53 -5.03
N CYS A 130 -6.80 3.01 -4.35
CA CYS A 130 -5.71 2.30 -5.08
C CYS A 130 -6.25 1.01 -5.70
N ILE A 131 -6.92 0.19 -4.94
CA ILE A 131 -7.46 -1.07 -5.51
C ILE A 131 -8.46 -0.72 -6.61
N LEU A 132 -9.34 0.19 -6.34
CA LEU A 132 -10.35 0.59 -7.35
C LEU A 132 -9.64 1.13 -8.59
N HIS A 133 -8.57 1.84 -8.39
CA HIS A 133 -7.83 2.42 -9.54
C HIS A 133 -7.36 1.30 -10.48
N LEU A 134 -6.79 0.25 -9.96
CA LEU A 134 -6.30 -0.84 -10.85
C LEU A 134 -7.49 -1.48 -11.58
N TRP A 135 -8.53 -1.79 -10.86
CA TRP A 135 -9.70 -2.44 -11.50
C TRP A 135 -10.68 -1.37 -12.03
N LYS A 136 -10.34 -0.12 -11.93
CA LYS A 136 -11.26 0.94 -12.42
C LYS A 136 -11.64 0.64 -13.88
N GLU A 137 -10.70 0.21 -14.66
CA GLU A 137 -11.02 -0.12 -16.09
C GLU A 137 -11.92 -1.34 -16.15
N ASN A 138 -11.98 -2.09 -15.08
CA ASN A 138 -12.84 -3.30 -15.07
C ASN A 138 -14.26 -2.95 -14.60
N ILE A 139 -14.46 -1.74 -14.14
CA ILE A 139 -15.82 -1.34 -13.68
C ILE A 139 -16.43 -0.35 -14.68
N SER A 140 -17.72 -0.39 -14.85
CA SER A 140 -18.37 0.54 -15.81
C SER A 140 -18.48 1.93 -15.18
N GLU A 141 -18.54 2.95 -15.99
CA GLU A 141 -18.62 4.34 -15.44
C GLU A 141 -19.84 4.46 -14.53
N THR A 142 -20.97 3.91 -14.93
CA THR A 142 -22.18 4.03 -14.07
C THR A 142 -21.94 3.28 -12.75
N SER A 143 -21.42 2.09 -12.82
CA SER A 143 -21.15 1.33 -11.57
C SER A 143 -20.08 2.05 -10.77
N THR A 144 -19.04 2.48 -11.43
CA THR A 144 -17.97 3.21 -10.71
C THR A 144 -18.55 4.51 -10.18
N ASN A 145 -19.39 5.17 -10.95
CA ASN A 145 -20.00 6.44 -10.47
C ASN A 145 -20.57 6.21 -9.08
N SER A 146 -21.27 5.12 -8.89
CA SER A 146 -21.83 4.85 -7.53
C SER A 146 -20.67 4.72 -6.54
N LEU A 147 -19.62 4.05 -6.93
CA LEU A 147 -18.46 3.89 -6.02
C LEU A 147 -17.80 5.26 -5.78
N GLN A 148 -17.71 6.08 -6.80
CA GLN A 148 -17.08 7.41 -6.58
C GLN A 148 -17.90 8.16 -5.53
N LYS A 149 -19.20 8.00 -5.57
CA LYS A 149 -20.06 8.69 -4.57
C LYS A 149 -19.71 8.21 -3.17
N ARG A 150 -19.48 6.93 -3.01
CA ARG A 150 -19.12 6.42 -1.65
C ARG A 150 -17.85 7.14 -1.18
N ILE A 151 -16.90 7.30 -2.06
CA ILE A 151 -15.66 8.01 -1.67
C ILE A 151 -16.01 9.46 -1.34
N LYS A 152 -16.86 10.06 -2.12
CA LYS A 152 -17.26 11.47 -1.85
C LYS A 152 -17.83 11.55 -0.44
N TYR A 153 -18.60 10.58 -0.05
CA TYR A 153 -19.18 10.59 1.33
C TYR A 153 -18.03 10.63 2.34
N CYS A 154 -17.02 9.84 2.13
CA CYS A 154 -15.88 9.84 3.08
C CYS A 154 -15.24 11.23 3.07
N LYS A 155 -14.93 11.74 1.91
CA LYS A 155 -14.32 13.09 1.82
C LYS A 155 -15.29 14.14 2.37
N ILE A 156 -16.57 13.93 2.19
CA ILE A 156 -17.57 14.91 2.69
C ILE A 156 -17.40 15.10 4.20
N TYR A 157 -17.35 14.03 4.94
CA TYR A 157 -17.18 14.17 6.41
C TYR A 157 -15.83 14.81 6.67
N LEU A 158 -14.82 14.36 5.98
CA LEU A 158 -13.46 14.93 6.17
C LEU A 158 -13.49 16.43 5.85
N SER A 159 -14.21 16.82 4.83
CA SER A 159 -14.28 18.25 4.48
C SER A 159 -14.87 19.04 5.65
N LYS A 160 -15.88 18.54 6.28
CA LYS A 160 -16.48 19.27 7.43
C LYS A 160 -15.44 19.39 8.54
N LEU A 161 -14.63 18.37 8.74
CA LEU A 161 -13.59 18.45 9.80
C LEU A 161 -12.68 19.64 9.48
N ALA A 162 -12.38 19.84 8.22
CA ALA A 162 -11.50 20.98 7.85
C ALA A 162 -12.22 22.29 8.18
N LYS A 163 -13.52 22.32 8.04
CA LYS A 163 -14.27 23.55 8.35
C LYS A 163 -14.52 23.62 9.87
N GLY A 164 -14.28 22.55 10.56
CA GLY A 164 -14.49 22.54 12.04
C GLY A 164 -15.90 22.06 12.37
N GLU A 165 -16.68 21.73 11.37
CA GLU A 165 -18.07 21.26 11.64
C GLU A 165 -18.10 19.74 11.68
N ILE A 166 -18.94 19.17 12.51
CA ILE A 166 -19.03 17.68 12.60
C ILE A 166 -20.42 17.24 12.18
N GLY A 167 -20.51 16.20 11.39
CA GLY A 167 -21.84 15.71 10.94
C GLY A 167 -22.68 15.32 12.16
N ASN B 1 25.42 24.43 -15.83
CA ASN B 1 26.43 23.73 -14.98
C ASN B 1 27.42 22.99 -15.88
N VAL B 2 28.65 22.85 -15.43
CA VAL B 2 29.67 22.13 -16.26
C VAL B 2 29.92 20.74 -15.65
N PRO B 3 29.56 19.68 -16.32
CA PRO B 3 29.79 18.30 -15.81
C PRO B 3 31.24 18.09 -15.33
N GLU B 4 31.42 17.33 -14.29
CA GLU B 4 32.79 17.08 -13.78
C GLU B 4 33.19 15.63 -14.07
N ILE B 5 34.46 15.38 -14.22
CA ILE B 5 34.91 13.98 -14.50
C ILE B 5 34.43 13.06 -13.38
N LYS B 6 34.44 13.52 -12.17
CA LYS B 6 33.99 12.67 -11.04
C LYS B 6 32.55 12.22 -11.28
N ALA B 7 31.75 13.05 -11.89
CA ALA B 7 30.34 12.68 -12.16
C ALA B 7 29.66 12.28 -10.86
N LYS B 8 28.72 13.08 -10.40
CA LYS B 8 28.02 12.75 -9.13
C LYS B 8 27.35 11.38 -9.26
N GLU B 9 26.81 11.08 -10.41
CA GLU B 9 26.15 9.76 -10.61
C GLU B 9 26.99 8.89 -11.55
N VAL B 10 26.87 7.60 -11.43
CA VAL B 10 27.67 6.69 -12.30
C VAL B 10 26.73 5.92 -13.22
N ASN B 11 27.06 5.82 -14.48
CA ASN B 11 26.18 5.09 -15.43
C ASN B 11 25.93 3.66 -14.92
N VAL B 12 26.90 3.06 -14.29
CA VAL B 12 26.71 1.67 -13.78
C VAL B 12 25.58 1.66 -12.76
N ASP B 13 25.52 2.64 -11.90
CA ASP B 13 24.44 2.67 -10.88
C ASP B 13 23.07 2.70 -11.59
N ASP B 14 23.00 3.37 -12.70
CA ASP B 14 21.69 3.46 -13.43
C ASP B 14 21.19 2.07 -13.82
N GLU B 15 22.03 1.25 -14.37
CA GLU B 15 21.58 -0.11 -14.78
C GLU B 15 21.23 -0.95 -13.56
N LYS B 16 22.02 -0.88 -12.51
CA LYS B 16 21.70 -1.70 -11.30
C LYS B 16 20.29 -1.34 -10.81
N GLU B 17 19.95 -0.08 -10.83
CA GLU B 17 18.59 0.32 -10.36
C GLU B 17 17.55 -0.26 -11.32
N ASP B 18 17.84 -0.25 -12.59
CA ASP B 18 16.87 -0.81 -13.57
C ASP B 18 16.65 -2.29 -13.28
N LYS B 19 17.70 -3.00 -12.94
CA LYS B 19 17.55 -4.45 -12.63
C LYS B 19 16.61 -4.62 -11.43
N LEU B 20 16.77 -3.79 -10.43
CA LEU B 20 15.89 -3.91 -9.23
C LEU B 20 14.43 -3.73 -9.66
N ALA B 21 14.17 -2.80 -10.54
CA ALA B 21 12.78 -2.59 -11.00
C ALA B 21 12.29 -3.81 -11.77
N GLN B 22 13.14 -4.40 -12.58
CA GLN B 22 12.73 -5.61 -13.35
C GLN B 22 12.43 -6.75 -12.37
N ARG B 23 13.18 -6.85 -11.31
CA ARG B 23 12.93 -7.95 -10.33
C ARG B 23 11.53 -7.79 -9.75
N LEU B 24 11.15 -6.59 -9.39
CA LEU B 24 9.80 -6.37 -8.81
C LEU B 24 8.73 -6.71 -9.86
N ARG B 25 8.93 -6.31 -11.08
CA ARG B 25 7.94 -6.61 -12.13
C ARG B 25 7.78 -8.13 -12.24
N ALA B 26 8.86 -8.85 -12.08
CA ALA B 26 8.76 -10.34 -12.14
C ALA B 26 7.91 -10.82 -10.96
N LEU B 27 8.04 -10.18 -9.84
CA LEU B 27 7.23 -10.57 -8.65
C LEU B 27 5.74 -10.46 -9.01
N ARG B 28 5.38 -9.45 -9.74
CA ARG B 28 3.95 -9.28 -10.11
C ARG B 28 3.71 -9.93 -11.48
N GLY B 29 4.74 -10.45 -12.09
CA GLY B 29 4.56 -11.11 -13.42
C GLY B 29 4.67 -10.06 -14.52
N MET A 1 4.77 13.55 1.69
CA MET A 1 4.55 12.25 0.97
C MET A 1 5.44 11.18 1.61
N ALA A 2 6.71 11.44 1.74
CA ALA A 2 7.61 10.43 2.34
C ALA A 2 7.14 10.11 3.76
N SER A 3 6.70 11.09 4.49
CA SER A 3 6.23 10.82 5.88
C SER A 3 5.00 9.92 5.82
N ASN A 4 4.14 10.13 4.86
CA ASN A 4 2.93 9.27 4.76
C ASN A 4 3.39 7.82 4.58
N ALA A 5 4.42 7.61 3.81
CA ALA A 5 4.93 6.23 3.62
C ALA A 5 5.46 5.71 4.95
N ALA A 6 6.11 6.56 5.70
CA ALA A 6 6.67 6.12 7.01
C ALA A 6 5.54 5.59 7.90
N ARG A 7 4.46 6.31 7.99
CA ARG A 7 3.34 5.84 8.84
C ARG A 7 2.83 4.50 8.31
N VAL A 8 2.75 4.36 7.01
CA VAL A 8 2.26 3.08 6.43
C VAL A 8 3.22 1.95 6.81
N VAL A 9 4.49 2.22 6.81
CA VAL A 9 5.47 1.16 7.18
C VAL A 9 5.19 0.72 8.62
N ALA A 10 4.92 1.64 9.49
CA ALA A 10 4.63 1.27 10.89
C ALA A 10 3.32 0.49 10.94
N THR A 11 2.32 0.98 10.26
CA THR A 11 1.01 0.27 10.26
C THR A 11 1.19 -1.07 9.53
N ALA A 12 2.03 -1.12 8.54
CA ALA A 12 2.24 -2.38 7.80
C ALA A 12 2.76 -3.44 8.78
N LYS A 13 3.69 -3.09 9.62
CA LYS A 13 4.21 -4.07 10.61
C LYS A 13 3.05 -4.51 11.50
N ASP A 14 2.21 -3.59 11.90
CA ASP A 14 1.07 -3.96 12.77
C ASP A 14 0.20 -5.00 12.04
N PHE A 15 0.04 -4.84 10.76
CA PHE A 15 -0.79 -5.80 9.98
C PHE A 15 -0.14 -7.19 10.05
N ASP A 16 1.16 -7.26 9.91
CA ASP A 16 1.84 -8.58 9.96
C ASP A 16 1.54 -9.24 11.31
N LYS A 17 1.53 -8.47 12.36
CA LYS A 17 1.23 -9.04 13.71
C LYS A 17 -0.18 -9.64 13.70
N VAL A 18 -1.07 -9.06 12.95
CA VAL A 18 -2.46 -9.58 12.91
C VAL A 18 -2.56 -10.73 11.89
N GLY A 19 -1.56 -10.87 11.05
CA GLY A 19 -1.60 -11.97 10.04
C GLY A 19 -2.30 -11.48 8.76
N LEU A 20 -2.30 -10.20 8.54
CA LEU A 20 -2.95 -9.65 7.31
C LEU A 20 -1.88 -9.46 6.23
N GLY A 21 -1.15 -10.50 5.93
CA GLY A 21 -0.08 -10.38 4.90
C GLY A 21 -0.68 -10.01 3.54
N ILE A 22 -1.91 -10.36 3.29
CA ILE A 22 -2.52 -10.04 1.97
C ILE A 22 -2.49 -8.53 1.74
N ILE A 23 -3.02 -7.76 2.64
CA ILE A 23 -2.99 -6.29 2.46
C ILE A 23 -1.54 -5.82 2.59
N GLY A 24 -0.78 -6.47 3.42
CA GLY A 24 0.65 -6.07 3.59
C GLY A 24 1.35 -6.19 2.23
N TYR A 25 1.15 -7.27 1.54
CA TYR A 25 1.81 -7.42 0.21
C TYR A 25 1.36 -6.31 -0.73
N TYR A 26 0.08 -6.07 -0.81
CA TYR A 26 -0.42 -5.00 -1.71
C TYR A 26 0.00 -3.63 -1.22
N LEU A 27 -0.15 -3.36 0.06
CA LEU A 27 0.23 -2.01 0.58
C LEU A 27 1.74 -1.82 0.48
N GLN A 28 2.52 -2.84 0.71
CA GLN A 28 4.00 -2.68 0.59
C GLN A 28 4.35 -2.32 -0.85
N LEU A 29 3.70 -2.93 -1.80
CA LEU A 29 3.99 -2.58 -3.22
C LEU A 29 3.66 -1.11 -3.42
N TYR A 30 2.61 -0.63 -2.81
CA TYR A 30 2.25 0.81 -2.95
C TYR A 30 3.35 1.66 -2.31
N ALA A 31 3.91 1.20 -1.23
CA ALA A 31 4.98 2.00 -0.55
C ALA A 31 6.16 2.23 -1.50
N VAL A 32 6.61 1.21 -2.19
CA VAL A 32 7.75 1.41 -3.13
C VAL A 32 7.31 2.34 -4.25
N GLU A 33 6.13 2.15 -4.77
CA GLU A 33 5.65 3.04 -5.85
C GLU A 33 5.59 4.48 -5.33
N LEU A 34 5.23 4.65 -4.09
CA LEU A 34 5.15 6.02 -3.51
C LEU A 34 6.55 6.65 -3.51
N ILE A 35 7.56 5.91 -3.15
CA ILE A 35 8.93 6.46 -3.13
C ILE A 35 9.35 6.86 -4.54
N LEU A 36 9.15 5.99 -5.49
CA LEU A 36 9.53 6.32 -6.89
C LEU A 36 8.69 7.49 -7.40
N SER A 37 7.45 7.54 -6.99
CA SER A 37 6.57 8.67 -7.42
C SER A 37 6.87 9.90 -6.56
N GLU A 38 7.78 9.75 -5.63
CA GLU A 38 8.14 10.88 -4.74
C GLU A 38 9.35 11.62 -5.32
N GLU A 39 9.45 12.90 -5.07
CA GLU A 39 10.61 13.66 -5.60
C GLU A 39 11.91 13.01 -5.14
N ASP A 40 12.95 13.11 -5.92
CA ASP A 40 14.24 12.47 -5.52
C ASP A 40 14.71 13.00 -4.17
N ARG A 41 15.02 12.12 -3.27
CA ARG A 41 15.49 12.53 -1.91
C ARG A 41 16.87 11.93 -1.65
N SER A 42 17.51 12.32 -0.59
CA SER A 42 18.86 11.78 -0.28
C SER A 42 18.81 10.26 -0.18
N GLN A 43 19.96 9.64 -0.08
CA GLN A 43 20.04 8.16 -0.01
C GLN A 43 19.20 7.61 1.15
N GLU A 44 18.93 8.40 2.15
CA GLU A 44 18.13 7.88 3.29
C GLU A 44 16.88 7.18 2.76
N MET A 45 16.23 7.75 1.78
CA MET A 45 15.02 7.09 1.21
C MET A 45 15.44 5.79 0.51
N THR A 46 16.57 5.79 -0.12
CA THR A 46 17.03 4.56 -0.82
C THR A 46 17.14 3.42 0.18
N ALA A 47 17.68 3.67 1.34
CA ALA A 47 17.80 2.59 2.35
C ALA A 47 16.40 2.15 2.78
N LEU A 48 15.51 3.10 2.98
CA LEU A 48 14.13 2.75 3.39
C LEU A 48 13.49 1.87 2.32
N ALA A 49 13.72 2.18 1.07
CA ALA A 49 13.11 1.37 -0.02
C ALA A 49 13.64 -0.07 0.07
N THR A 50 14.91 -0.23 0.35
CA THR A 50 15.47 -1.60 0.46
C THR A 50 14.75 -2.35 1.58
N GLU A 51 14.48 -1.68 2.67
CA GLU A 51 13.78 -2.35 3.80
C GLU A 51 12.39 -2.81 3.34
N LEU A 52 11.71 -2.02 2.55
CA LEU A 52 10.36 -2.42 2.09
C LEU A 52 10.45 -3.69 1.26
N LEU A 53 11.43 -3.80 0.41
CA LEU A 53 11.56 -5.02 -0.43
C LEU A 53 11.79 -6.23 0.50
N ASP A 54 12.61 -6.07 1.49
CA ASP A 54 12.88 -7.20 2.43
C ASP A 54 11.59 -7.60 3.13
N THR A 55 10.81 -6.64 3.52
CA THR A 55 9.53 -6.95 4.22
C THR A 55 8.62 -7.79 3.33
N ILE A 56 8.54 -7.47 2.08
CA ILE A 56 7.67 -8.27 1.17
C ILE A 56 8.16 -9.72 1.16
N GLU A 57 9.43 -9.92 1.02
CA GLU A 57 9.97 -11.31 1.03
C GLU A 57 9.67 -11.93 2.40
N ALA A 58 9.72 -11.13 3.43
CA ALA A 58 9.43 -11.66 4.78
C ALA A 58 7.96 -12.10 4.84
N PHE A 59 7.09 -11.39 4.16
CA PHE A 59 5.66 -11.80 4.17
C PHE A 59 5.53 -13.20 3.59
N LYS A 60 6.03 -13.42 2.40
CA LYS A 60 5.95 -14.78 1.80
C LYS A 60 6.69 -15.76 2.71
N LYS A 61 7.80 -15.35 3.26
CA LYS A 61 8.59 -16.25 4.16
C LYS A 61 7.99 -16.20 5.58
N GLU A 62 6.97 -15.40 5.79
CA GLU A 62 6.37 -15.31 7.14
C GLU A 62 6.09 -16.71 7.70
N ILE A 63 5.79 -17.66 6.85
CA ILE A 63 5.51 -19.02 7.34
C ILE A 63 6.79 -19.63 7.92
N GLY A 64 7.91 -19.39 7.28
CA GLY A 64 9.20 -19.94 7.79
C GLY A 64 9.22 -21.46 7.57
N GLY A 65 8.13 -22.00 7.11
CA GLY A 65 8.08 -23.48 6.86
C GLY A 65 7.61 -24.20 8.13
N GLU A 66 7.50 -23.50 9.22
CA GLU A 66 7.04 -24.17 10.47
C GLU A 66 5.59 -24.60 10.31
N SER A 67 4.76 -23.73 9.81
CA SER A 67 3.34 -24.07 9.60
C SER A 67 3.22 -25.01 8.40
N GLU A 68 4.10 -24.86 7.46
CA GLU A 68 4.06 -25.74 6.25
C GLU A 68 4.18 -27.20 6.65
N ALA A 69 4.87 -27.49 7.72
CA ALA A 69 5.02 -28.91 8.14
C ALA A 69 3.65 -29.55 8.30
N GLU A 70 2.68 -28.81 8.79
CA GLU A 70 1.32 -29.38 8.97
C GLU A 70 0.39 -28.82 7.89
N ASP A 71 -0.39 -29.64 7.27
CA ASP A 71 -1.30 -29.14 6.21
C ASP A 71 -0.48 -28.28 5.24
N SER A 72 0.65 -28.77 4.83
CA SER A 72 1.53 -27.99 3.91
C SER A 72 0.72 -27.50 2.71
N ASP A 73 -0.17 -28.31 2.19
CA ASP A 73 -0.97 -27.88 1.02
C ASP A 73 -1.84 -26.67 1.39
N LYS A 74 -2.42 -26.67 2.56
CA LYS A 74 -3.28 -25.53 2.97
C LYS A 74 -2.43 -24.26 3.05
N SER A 75 -1.23 -24.37 3.54
CA SER A 75 -0.37 -23.15 3.66
C SER A 75 -0.06 -22.60 2.26
N LEU A 76 0.23 -23.45 1.33
CA LEU A 76 0.54 -22.97 -0.05
C LEU A 76 -0.72 -22.40 -0.69
N HIS A 77 -1.84 -23.03 -0.48
CA HIS A 77 -3.10 -22.54 -1.10
C HIS A 77 -3.42 -21.12 -0.61
N VAL A 78 -3.29 -20.88 0.67
CA VAL A 78 -3.61 -19.52 1.19
C VAL A 78 -2.62 -18.49 0.63
N MET A 79 -1.34 -18.77 0.73
CA MET A 79 -0.34 -17.81 0.22
C MET A 79 -0.40 -17.73 -1.31
N ASN A 80 -0.44 -18.85 -1.98
CA ASN A 80 -0.46 -18.84 -3.47
C ASN A 80 -1.79 -18.30 -4.01
N THR A 81 -2.88 -18.70 -3.44
CA THR A 81 -4.21 -18.25 -3.95
C THR A 81 -4.41 -16.75 -3.75
N LEU A 82 -4.17 -16.23 -2.57
CA LEU A 82 -4.39 -14.78 -2.35
C LEU A 82 -3.31 -13.94 -3.03
N ILE A 83 -2.11 -14.44 -3.11
CA ILE A 83 -1.01 -13.66 -3.74
C ILE A 83 -1.08 -13.75 -5.28
N HIS A 84 -1.50 -14.87 -5.81
CA HIS A 84 -1.54 -15.00 -7.30
C HIS A 84 -2.92 -14.62 -7.86
N ASP A 85 -3.97 -14.96 -7.19
CA ASP A 85 -5.33 -14.63 -7.74
C ASP A 85 -5.72 -13.19 -7.36
N GLN A 86 -5.70 -12.30 -8.31
CA GLN A 86 -6.08 -10.89 -8.03
C GLN A 86 -7.54 -10.82 -7.56
N GLU A 87 -8.39 -11.63 -8.11
CA GLU A 87 -9.82 -11.58 -7.68
C GLU A 87 -9.90 -11.92 -6.19
N LYS A 88 -9.20 -12.94 -5.79
CA LYS A 88 -9.21 -13.31 -4.34
C LYS A 88 -8.49 -12.23 -3.55
N ALA A 89 -7.48 -11.64 -4.14
CA ALA A 89 -6.71 -10.57 -3.44
C ALA A 89 -7.55 -9.30 -3.32
N LYS A 90 -8.17 -8.88 -4.40
CA LYS A 90 -8.99 -7.63 -4.34
C LYS A 90 -10.14 -7.79 -3.36
N ILE A 91 -10.87 -8.85 -3.42
CA ILE A 91 -12.00 -9.02 -2.48
C ILE A 91 -11.47 -9.07 -1.06
N TYR A 92 -10.37 -9.75 -0.85
CA TYR A 92 -9.79 -9.81 0.51
C TYR A 92 -9.38 -8.39 0.93
N MET A 93 -8.67 -7.70 0.08
CA MET A 93 -8.25 -6.31 0.41
C MET A 93 -9.48 -5.42 0.50
N LEU A 94 -10.42 -5.58 -0.40
CA LEU A 94 -11.64 -4.75 -0.35
C LEU A 94 -12.39 -5.02 0.96
N ASN A 95 -12.43 -6.25 1.37
CA ASN A 95 -13.14 -6.58 2.64
C ASN A 95 -12.50 -5.81 3.80
N PHE A 96 -11.19 -5.80 3.86
CA PHE A 96 -10.51 -5.07 4.96
C PHE A 96 -10.82 -3.58 4.87
N THR A 97 -10.76 -3.02 3.69
CA THR A 97 -11.03 -1.57 3.54
C THR A 97 -12.48 -1.27 3.95
N MET A 98 -13.41 -2.09 3.57
CA MET A 98 -14.82 -1.85 3.96
C MET A 98 -14.95 -1.96 5.47
N SER A 99 -14.34 -2.96 6.05
CA SER A 99 -14.41 -3.12 7.53
C SER A 99 -13.61 -2.02 8.21
N LEU A 100 -12.46 -1.71 7.69
CA LEU A 100 -11.62 -0.65 8.30
C LEU A 100 -12.35 0.69 8.22
N TYR A 101 -12.94 0.97 7.09
CA TYR A 101 -13.66 2.27 6.94
C TYR A 101 -14.79 2.36 7.96
N ASN A 102 -15.52 1.29 8.15
CA ASN A 102 -16.63 1.32 9.13
C ASN A 102 -16.08 1.66 10.51
N GLU A 103 -14.96 1.11 10.87
CA GLU A 103 -14.37 1.40 12.21
C GLU A 103 -14.04 2.90 12.30
N LYS A 104 -13.54 3.48 11.25
CA LYS A 104 -13.21 4.93 11.29
C LYS A 104 -14.48 5.74 11.54
N LEU A 105 -15.57 5.37 10.92
CA LEU A 105 -16.83 6.13 11.13
C LEU A 105 -17.22 6.08 12.61
N LYS A 106 -17.13 4.94 13.23
CA LYS A 106 -17.49 4.83 14.67
C LYS A 106 -16.59 5.75 15.49
N GLN A 107 -15.32 5.82 15.15
CA GLN A 107 -14.39 6.69 15.93
C GLN A 107 -14.82 8.15 15.81
N LEU A 108 -15.22 8.57 14.65
CA LEU A 108 -15.64 10.00 14.49
C LEU A 108 -16.89 10.26 15.32
N LYS A 109 -17.78 9.30 15.40
CA LYS A 109 -19.04 9.51 16.18
C LYS A 109 -18.77 9.35 17.68
N ASP A 110 -18.20 8.25 18.08
CA ASP A 110 -17.93 8.03 19.52
C ASP A 110 -16.49 8.39 19.88
N GLY A 111 -15.60 8.36 18.92
CA GLY A 111 -14.18 8.68 19.23
C GLY A 111 -13.94 10.19 19.12
N PRO A 112 -12.97 10.71 19.84
CA PRO A 112 -12.63 12.15 19.81
C PRO A 112 -12.02 12.57 18.47
N TRP A 113 -12.16 13.82 18.10
CA TRP A 113 -11.58 14.28 16.81
C TRP A 113 -10.17 14.83 17.04
N ASP A 114 -9.18 14.18 16.48
CA ASP A 114 -7.79 14.67 16.66
C ASP A 114 -7.07 14.62 15.30
N VAL A 115 -5.93 15.24 15.20
CA VAL A 115 -5.17 15.23 13.92
C VAL A 115 -4.79 13.79 13.57
N MET A 116 -4.54 12.98 14.56
CA MET A 116 -4.14 11.57 14.28
C MET A 116 -5.26 10.86 13.50
N LEU A 117 -6.49 11.11 13.84
CA LEU A 117 -7.62 10.45 13.12
C LEU A 117 -7.64 10.93 11.67
N LYS A 118 -7.37 12.18 11.44
CA LYS A 118 -7.37 12.71 10.05
C LYS A 118 -6.32 11.97 9.23
N ARG A 119 -5.15 11.76 9.79
CA ARG A 119 -4.09 11.05 9.04
C ARG A 119 -4.54 9.64 8.70
N SER A 120 -5.17 8.97 9.63
CA SER A 120 -5.63 7.58 9.35
C SER A 120 -6.70 7.59 8.25
N LEU A 121 -7.61 8.51 8.31
CA LEU A 121 -8.67 8.56 7.28
C LEU A 121 -8.04 8.83 5.91
N TRP A 122 -7.10 9.73 5.85
CA TRP A 122 -6.44 10.01 4.54
C TRP A 122 -5.75 8.73 4.05
N CYS A 123 -5.13 8.01 4.95
CA CYS A 123 -4.45 6.75 4.53
C CYS A 123 -5.50 5.77 4.03
N CYS A 124 -6.63 5.69 4.69
CA CYS A 124 -7.69 4.76 4.24
C CYS A 124 -8.11 5.12 2.81
N ILE A 125 -8.29 6.39 2.53
CA ILE A 125 -8.68 6.80 1.17
C ILE A 125 -7.61 6.34 0.18
N ASP A 126 -6.37 6.43 0.56
CA ASP A 126 -5.29 5.99 -0.34
C ASP A 126 -5.47 4.50 -0.66
N LEU A 127 -5.87 3.72 0.30
CA LEU A 127 -6.08 2.27 0.05
C LEU A 127 -7.15 2.09 -1.01
N PHE A 128 -8.22 2.85 -0.91
CA PHE A 128 -9.31 2.72 -1.92
C PHE A 128 -8.81 3.19 -3.29
N SER A 129 -8.10 4.28 -3.32
CA SER A 129 -7.59 4.80 -4.62
C SER A 129 -6.58 3.82 -5.23
N CYS A 130 -5.77 3.21 -4.42
CA CYS A 130 -4.76 2.24 -4.95
C CYS A 130 -5.47 1.02 -5.54
N ILE A 131 -6.36 0.43 -4.80
CA ILE A 131 -7.07 -0.78 -5.32
C ILE A 131 -8.14 -0.38 -6.32
N LEU A 132 -8.89 0.65 -6.03
CA LEU A 132 -9.96 1.07 -6.97
C LEU A 132 -9.34 1.49 -8.30
N HIS A 133 -8.24 2.19 -8.26
CA HIS A 133 -7.59 2.65 -9.52
C HIS A 133 -7.02 1.47 -10.30
N LEU A 134 -6.26 0.61 -9.67
CA LEU A 134 -5.66 -0.53 -10.40
C LEU A 134 -6.74 -1.44 -10.97
N TRP A 135 -7.72 -1.78 -10.18
CA TRP A 135 -8.80 -2.67 -10.68
C TRP A 135 -9.92 -1.85 -11.33
N LYS A 136 -9.73 -0.57 -11.45
CA LYS A 136 -10.78 0.29 -12.08
C LYS A 136 -11.23 -0.34 -13.40
N GLU A 137 -10.30 -0.91 -14.13
CA GLU A 137 -10.68 -1.53 -15.43
C GLU A 137 -11.65 -2.68 -15.18
N ASN A 138 -11.60 -3.27 -14.02
CA ASN A 138 -12.52 -4.40 -13.72
C ASN A 138 -13.81 -3.87 -13.12
N ILE A 139 -13.92 -2.57 -12.96
CA ILE A 139 -15.17 -2.01 -12.37
C ILE A 139 -16.02 -1.40 -13.49
N SER A 140 -17.31 -1.52 -13.40
CA SER A 140 -18.19 -0.95 -14.46
C SER A 140 -18.31 0.57 -14.25
N GLU A 141 -18.57 1.30 -15.30
CA GLU A 141 -18.68 2.78 -15.16
C GLU A 141 -19.73 3.11 -14.09
N THR A 142 -20.83 2.42 -14.07
CA THR A 142 -21.87 2.72 -13.04
C THR A 142 -21.38 2.21 -11.68
N SER A 143 -20.84 1.03 -11.63
CA SER A 143 -20.37 0.48 -10.34
C SER A 143 -19.23 1.36 -9.81
N THR A 144 -18.34 1.78 -10.66
CA THR A 144 -17.22 2.65 -10.20
C THR A 144 -17.83 3.94 -9.66
N ASN A 145 -18.84 4.43 -10.29
CA ASN A 145 -19.50 5.68 -9.82
C ASN A 145 -19.97 5.49 -8.39
N SER A 146 -20.56 4.35 -8.09
CA SER A 146 -21.05 4.11 -6.70
C SER A 146 -19.90 4.16 -5.71
N LEU A 147 -18.82 3.49 -6.01
CA LEU A 147 -17.66 3.52 -5.06
C LEU A 147 -17.13 4.95 -4.97
N GLN A 148 -17.10 5.65 -6.07
CA GLN A 148 -16.60 7.05 -6.04
C GLN A 148 -17.51 7.89 -5.13
N LYS A 149 -18.79 7.63 -5.15
CA LYS A 149 -19.71 8.41 -4.26
C LYS A 149 -19.34 8.16 -2.80
N ARG A 150 -19.06 6.94 -2.44
CA ARG A 150 -18.70 6.64 -1.03
C ARG A 150 -17.40 7.38 -0.68
N ILE A 151 -16.45 7.37 -1.56
CA ILE A 151 -15.16 8.07 -1.30
C ILE A 151 -15.43 9.56 -1.13
N LYS A 152 -16.27 10.11 -1.96
CA LYS A 152 -16.57 11.57 -1.84
C LYS A 152 -17.13 11.85 -0.46
N TYR A 153 -17.98 10.99 0.04
CA TYR A 153 -18.56 11.19 1.39
C TYR A 153 -17.43 11.27 2.41
N CYS A 154 -16.46 10.39 2.31
CA CYS A 154 -15.33 10.42 3.27
C CYS A 154 -14.55 11.73 3.08
N LYS A 155 -14.19 12.03 1.85
CA LYS A 155 -13.44 13.29 1.60
C LYS A 155 -14.31 14.47 2.04
N ILE A 156 -15.59 14.37 1.86
CA ILE A 156 -16.49 15.47 2.29
C ILE A 156 -16.31 15.71 3.79
N TYR A 157 -16.22 14.67 4.56
CA TYR A 157 -16.06 14.86 6.03
C TYR A 157 -14.75 15.59 6.28
N LEU A 158 -13.72 15.25 5.55
CA LEU A 158 -12.41 15.95 5.76
C LEU A 158 -12.60 17.44 5.52
N SER A 159 -13.35 17.81 4.52
CA SER A 159 -13.57 19.26 4.25
C SER A 159 -14.28 19.89 5.44
N LYS A 160 -15.23 19.20 6.02
CA LYS A 160 -15.95 19.76 7.19
C LYS A 160 -14.96 19.98 8.34
N LEU A 161 -14.02 19.09 8.52
CA LEU A 161 -13.03 19.27 9.61
C LEU A 161 -12.23 20.55 9.33
N ALA A 162 -11.93 20.81 8.09
CA ALA A 162 -11.16 22.04 7.75
C ALA A 162 -11.97 23.27 8.15
N LYS A 163 -13.27 23.21 7.98
CA LYS A 163 -14.11 24.38 8.34
C LYS A 163 -14.39 24.36 9.85
N GLY A 164 -14.04 23.28 10.51
CA GLY A 164 -14.28 23.20 11.98
C GLY A 164 -15.67 22.61 12.23
N GLU A 165 -16.36 22.23 11.20
CA GLU A 165 -17.73 21.65 11.39
C GLU A 165 -17.63 20.12 11.44
N ILE A 166 -18.41 19.50 12.29
CA ILE A 166 -18.38 18.01 12.39
C ILE A 166 -19.74 17.45 11.96
N GLY A 167 -19.73 16.43 11.14
CA GLY A 167 -21.03 15.83 10.70
C GLY A 167 -21.81 15.32 11.91
N ASN B 1 36.08 9.35 -24.81
CA ASN B 1 36.29 10.77 -25.20
C ASN B 1 34.96 11.37 -25.67
N VAL B 2 33.87 10.68 -25.45
CA VAL B 2 32.56 11.22 -25.90
C VAL B 2 32.21 12.44 -25.05
N PRO B 3 31.72 13.51 -25.66
CA PRO B 3 31.36 14.74 -24.90
C PRO B 3 30.20 14.51 -23.93
N GLU B 4 30.20 15.20 -22.82
CA GLU B 4 29.10 15.01 -21.83
C GLU B 4 27.79 15.54 -22.41
N ILE B 5 27.85 16.34 -23.43
CA ILE B 5 26.60 16.89 -24.02
C ILE B 5 25.67 15.73 -24.42
N LYS B 6 26.22 14.67 -24.95
CA LYS B 6 25.36 13.52 -25.36
C LYS B 6 24.61 12.97 -24.13
N ALA B 7 25.25 12.93 -23.00
CA ALA B 7 24.57 12.41 -21.78
C ALA B 7 25.20 13.02 -20.53
N LYS B 8 24.47 13.08 -19.45
CA LYS B 8 25.02 13.65 -18.19
C LYS B 8 25.76 12.56 -17.42
N GLU B 9 26.77 12.92 -16.67
CA GLU B 9 27.52 11.90 -15.89
C GLU B 9 26.55 11.14 -14.99
N VAL B 10 26.76 9.85 -14.83
CA VAL B 10 25.86 9.05 -13.96
C VAL B 10 26.68 8.38 -12.85
N ASN B 11 26.17 8.37 -11.65
CA ASN B 11 26.92 7.74 -10.54
C ASN B 11 26.67 6.22 -10.53
N VAL B 12 27.55 5.47 -9.93
CA VAL B 12 27.37 3.99 -9.90
C VAL B 12 26.11 3.64 -9.10
N ASP B 13 25.86 4.34 -8.02
CA ASP B 13 24.65 4.04 -7.22
C ASP B 13 23.39 4.24 -8.08
N ASP B 14 23.41 5.18 -8.97
CA ASP B 14 22.22 5.44 -9.82
C ASP B 14 21.83 4.18 -10.60
N GLU B 15 22.77 3.53 -11.21
CA GLU B 15 22.43 2.30 -11.99
C GLU B 15 22.02 1.17 -11.04
N LYS B 16 22.71 1.01 -9.94
CA LYS B 16 22.32 -0.08 -9.00
C LYS B 16 20.88 0.12 -8.55
N GLU B 17 20.49 1.33 -8.27
CA GLU B 17 19.09 1.58 -7.84
C GLU B 17 18.13 1.23 -8.99
N ASP B 18 18.51 1.55 -10.20
CA ASP B 18 17.64 1.23 -11.35
C ASP B 18 17.39 -0.28 -11.39
N LYS B 19 18.42 -1.05 -11.15
CA LYS B 19 18.25 -2.53 -11.15
C LYS B 19 17.26 -2.93 -10.06
N LEU B 20 17.34 -2.31 -8.92
CA LEU B 20 16.41 -2.66 -7.82
C LEU B 20 14.97 -2.45 -8.28
N ALA B 21 14.72 -1.42 -9.03
CA ALA B 21 13.34 -1.17 -9.52
C ALA B 21 12.90 -2.32 -10.43
N GLN B 22 13.80 -2.78 -11.26
CA GLN B 22 13.43 -3.91 -12.17
C GLN B 22 13.15 -5.15 -11.34
N ARG B 23 13.86 -5.34 -10.26
CA ARG B 23 13.63 -6.53 -9.40
C ARG B 23 12.22 -6.49 -8.85
N LEU B 24 11.78 -5.33 -8.41
CA LEU B 24 10.40 -5.23 -7.85
C LEU B 24 9.38 -5.59 -8.93
N ARG B 25 9.56 -5.08 -10.12
CA ARG B 25 8.59 -5.40 -11.20
C ARG B 25 8.56 -6.90 -11.43
N ALA B 26 9.70 -7.54 -11.33
CA ALA B 26 9.73 -9.02 -11.51
C ALA B 26 8.94 -9.67 -10.37
N LEU B 27 9.02 -9.11 -9.20
CA LEU B 27 8.27 -9.67 -8.04
C LEU B 27 6.77 -9.66 -8.37
N ARG B 28 6.31 -8.62 -9.01
CA ARG B 28 4.87 -8.55 -9.37
C ARG B 28 4.64 -9.24 -10.71
N GLY B 29 5.68 -9.59 -11.40
CA GLY B 29 5.53 -10.27 -12.72
C GLY B 29 5.14 -9.24 -13.78
N MET A 1 7.88 12.26 -0.69
CA MET A 1 6.86 11.31 -0.15
C MET A 1 7.54 10.01 0.30
N ALA A 2 8.84 9.97 0.24
CA ALA A 2 9.56 8.74 0.65
C ALA A 2 9.22 8.43 2.12
N SER A 3 9.17 9.44 2.94
CA SER A 3 8.83 9.20 4.37
C SER A 3 7.42 8.63 4.46
N ASN A 4 6.52 9.11 3.63
CA ASN A 4 5.13 8.59 3.68
C ASN A 4 5.18 7.08 3.44
N ALA A 5 6.03 6.65 2.56
CA ALA A 5 6.16 5.19 2.29
C ALA A 5 6.67 4.51 3.55
N ALA A 6 7.59 5.13 4.23
CA ALA A 6 8.14 4.53 5.48
C ALA A 6 7.01 4.37 6.50
N ARG A 7 6.15 5.35 6.60
CA ARG A 7 5.03 5.25 7.56
C ARG A 7 4.18 4.03 7.20
N VAL A 8 3.95 3.82 5.94
CA VAL A 8 3.13 2.65 5.51
C VAL A 8 3.84 1.37 5.95
N VAL A 9 5.14 1.36 5.89
CA VAL A 9 5.88 0.14 6.31
C VAL A 9 5.56 -0.13 7.79
N ALA A 10 5.46 0.91 8.56
CA ALA A 10 5.14 0.70 9.99
C ALA A 10 3.77 0.03 10.09
N THR A 11 2.84 0.46 9.29
CA THR A 11 1.48 -0.17 9.31
C THR A 11 1.59 -1.58 8.73
N ALA A 12 2.44 -1.77 7.76
CA ALA A 12 2.58 -3.11 7.15
C ALA A 12 2.94 -4.12 8.25
N LYS A 13 3.85 -3.77 9.10
CA LYS A 13 4.23 -4.70 10.19
C LYS A 13 3.02 -4.88 11.13
N ASP A 14 2.33 -3.82 11.43
CA ASP A 14 1.16 -3.92 12.33
C ASP A 14 0.11 -4.86 11.72
N PHE A 15 -0.12 -4.75 10.44
CA PHE A 15 -1.12 -5.64 9.81
C PHE A 15 -0.68 -7.09 9.94
N ASP A 16 0.58 -7.36 9.76
CA ASP A 16 1.07 -8.76 9.89
C ASP A 16 0.76 -9.26 11.31
N LYS A 17 0.89 -8.40 12.28
CA LYS A 17 0.59 -8.82 13.68
C LYS A 17 -0.88 -9.25 13.78
N VAL A 18 -1.74 -8.64 13.00
CA VAL A 18 -3.18 -9.02 13.05
C VAL A 18 -3.42 -10.23 12.15
N GLY A 19 -2.44 -10.63 11.38
CA GLY A 19 -2.62 -11.79 10.49
C GLY A 19 -3.17 -11.33 9.14
N LEU A 20 -3.13 -10.04 8.89
CA LEU A 20 -3.63 -9.52 7.59
C LEU A 20 -2.47 -9.35 6.62
N GLY A 21 -1.65 -10.36 6.51
CA GLY A 21 -0.48 -10.26 5.58
C GLY A 21 -0.96 -9.89 4.17
N ILE A 22 -2.14 -10.29 3.82
CA ILE A 22 -2.65 -9.97 2.47
C ILE A 22 -2.68 -8.46 2.27
N ILE A 23 -3.27 -7.74 3.19
CA ILE A 23 -3.32 -6.27 3.06
C ILE A 23 -1.90 -5.71 3.14
N GLY A 24 -1.11 -6.22 4.04
CA GLY A 24 0.29 -5.74 4.18
C GLY A 24 1.04 -5.95 2.87
N TYR A 25 0.82 -7.06 2.23
CA TYR A 25 1.54 -7.32 0.94
C TYR A 25 1.14 -6.28 -0.11
N TYR A 26 -0.12 -6.02 -0.27
CA TYR A 26 -0.57 -5.05 -1.29
C TYR A 26 0.01 -3.66 -1.04
N LEU A 27 -0.02 -3.19 0.17
CA LEU A 27 0.53 -1.82 0.44
C LEU A 27 2.05 -1.81 0.21
N GLN A 28 2.72 -2.89 0.51
CA GLN A 28 4.20 -2.90 0.26
C GLN A 28 4.44 -2.67 -1.22
N LEU A 29 3.63 -3.28 -2.06
CA LEU A 29 3.79 -3.06 -3.52
C LEU A 29 3.57 -1.58 -3.80
N TYR A 30 2.63 -0.99 -3.12
CA TYR A 30 2.36 0.47 -3.31
C TYR A 30 3.56 1.27 -2.81
N ALA A 31 4.19 0.82 -1.76
CA ALA A 31 5.37 1.56 -1.22
C ALA A 31 6.47 1.66 -2.27
N VAL A 32 6.79 0.58 -2.94
CA VAL A 32 7.86 0.64 -3.97
C VAL A 32 7.40 1.54 -5.11
N GLU A 33 6.17 1.41 -5.53
CA GLU A 33 5.68 2.28 -6.64
C GLU A 33 5.75 3.73 -6.19
N LEU A 34 5.49 3.99 -4.93
CA LEU A 34 5.54 5.39 -4.43
C LEU A 34 6.97 5.93 -4.55
N ILE A 35 7.96 5.15 -4.20
CA ILE A 35 9.36 5.63 -4.28
C ILE A 35 9.71 5.97 -5.73
N LEU A 36 9.40 5.08 -6.65
CA LEU A 36 9.72 5.34 -8.08
C LEU A 36 8.89 6.54 -8.56
N SER A 37 7.67 6.65 -8.09
CA SER A 37 6.82 7.80 -8.52
C SER A 37 7.25 9.05 -7.75
N GLU A 38 7.95 8.86 -6.66
CA GLU A 38 8.41 10.01 -5.84
C GLU A 38 9.47 10.80 -6.60
N GLU A 39 9.54 12.09 -6.37
CA GLU A 39 10.54 12.93 -7.10
C GLU A 39 11.94 12.37 -6.82
N ASP A 40 12.84 12.54 -7.75
CA ASP A 40 14.22 12.01 -7.55
C ASP A 40 14.84 12.64 -6.30
N ARG A 41 15.41 11.81 -5.44
CA ARG A 41 16.04 12.32 -4.20
C ARG A 41 17.50 11.88 -4.15
N SER A 42 18.26 12.39 -3.23
CA SER A 42 19.69 12.00 -3.14
C SER A 42 19.81 10.49 -2.97
N GLN A 43 21.01 9.97 -3.05
CA GLN A 43 21.22 8.50 -2.93
C GLN A 43 20.64 7.99 -1.60
N GLU A 44 20.55 8.82 -0.60
CA GLU A 44 20.00 8.34 0.70
C GLU A 44 18.65 7.66 0.47
N MET A 45 17.83 8.24 -0.38
CA MET A 45 16.51 7.61 -0.66
C MET A 45 16.74 6.25 -1.31
N THR A 46 17.73 6.15 -2.14
CA THR A 46 18.02 4.86 -2.81
C THR A 46 18.30 3.81 -1.75
N ALA A 47 19.02 4.16 -0.72
CA ALA A 47 19.32 3.17 0.36
C ALA A 47 18.00 2.73 0.99
N LEU A 48 17.11 3.66 1.21
CA LEU A 48 15.80 3.29 1.82
C LEU A 48 15.05 2.36 0.88
N ALA A 49 15.18 2.56 -0.40
CA ALA A 49 14.48 1.68 -1.36
C ALA A 49 15.01 0.25 -1.22
N THR A 50 16.30 0.11 -1.04
CA THR A 50 16.88 -1.24 -0.88
C THR A 50 16.31 -1.89 0.37
N GLU A 51 16.17 -1.14 1.44
CA GLU A 51 15.60 -1.72 2.69
C GLU A 51 14.17 -2.18 2.41
N LEU A 52 13.41 -1.42 1.66
CA LEU A 52 12.03 -1.83 1.35
C LEU A 52 12.04 -3.18 0.63
N LEU A 53 12.97 -3.35 -0.27
CA LEU A 53 13.06 -4.65 -1.00
C LEU A 53 13.28 -5.76 0.00
N ASP A 54 14.11 -5.53 0.98
CA ASP A 54 14.36 -6.58 2.02
C ASP A 54 13.04 -6.92 2.70
N THR A 55 12.23 -5.93 2.95
CA THR A 55 10.92 -6.19 3.62
C THR A 55 10.09 -7.14 2.75
N ILE A 56 10.08 -6.95 1.47
CA ILE A 56 9.27 -7.84 0.59
C ILE A 56 9.76 -9.28 0.76
N GLU A 57 11.03 -9.51 0.56
CA GLU A 57 11.57 -10.88 0.73
C GLU A 57 11.36 -11.31 2.19
N ALA A 58 11.54 -10.39 3.10
CA ALA A 58 11.34 -10.72 4.53
C ALA A 58 9.85 -10.97 4.78
N PHE A 59 9.00 -10.29 4.05
CA PHE A 59 7.54 -10.49 4.25
C PHE A 59 7.18 -11.95 4.00
N LYS A 60 7.54 -12.48 2.87
CA LYS A 60 7.22 -13.92 2.60
C LYS A 60 7.94 -14.81 3.63
N LYS A 61 9.18 -14.52 3.92
CA LYS A 61 9.94 -15.34 4.91
C LYS A 61 9.62 -14.87 6.32
N GLU A 62 8.83 -13.85 6.47
CA GLU A 62 8.49 -13.35 7.82
C GLU A 62 8.03 -14.51 8.71
N ILE A 63 7.36 -15.47 8.15
CA ILE A 63 6.89 -16.61 8.97
C ILE A 63 8.08 -17.43 9.45
N GLY A 64 9.04 -17.64 8.60
CA GLY A 64 10.25 -18.43 9.01
C GLY A 64 9.96 -19.93 8.80
N GLY A 65 8.75 -20.26 8.42
CA GLY A 65 8.42 -21.70 8.20
C GLY A 65 7.94 -22.32 9.51
N GLU A 66 7.88 -21.56 10.57
CA GLU A 66 7.44 -22.13 11.87
C GLU A 66 5.95 -22.47 11.79
N SER A 67 5.17 -21.57 11.29
CA SER A 67 3.71 -21.82 11.17
C SER A 67 3.46 -22.97 10.21
N GLU A 68 4.21 -23.02 9.14
CA GLU A 68 4.04 -24.12 8.14
C GLU A 68 4.40 -25.47 8.78
N ALA A 69 5.28 -25.46 9.75
CA ALA A 69 5.69 -26.74 10.39
C ALA A 69 4.46 -27.65 10.56
N GLU A 70 3.33 -27.08 10.88
CA GLU A 70 2.10 -27.91 11.04
C GLU A 70 1.12 -27.58 9.91
N ASP A 71 0.56 -28.57 9.28
CA ASP A 71 -0.40 -28.30 8.17
C ASP A 71 0.23 -27.31 7.19
N SER A 72 1.44 -27.57 6.79
CA SER A 72 2.13 -26.64 5.85
C SER A 72 1.29 -26.49 4.57
N ASP A 73 0.67 -27.54 4.12
CA ASP A 73 -0.15 -27.44 2.88
C ASP A 73 -1.26 -26.40 3.08
N LYS A 74 -1.89 -26.41 4.21
CA LYS A 74 -2.99 -25.43 4.47
C LYS A 74 -2.42 -24.02 4.64
N SER A 75 -1.41 -23.86 5.46
CA SER A 75 -0.84 -22.50 5.67
C SER A 75 -0.30 -21.94 4.35
N LEU A 76 0.40 -22.75 3.60
CA LEU A 76 0.95 -22.26 2.30
C LEU A 76 -0.19 -21.98 1.33
N HIS A 77 -1.23 -22.77 1.37
CA HIS A 77 -2.37 -22.54 0.44
C HIS A 77 -2.97 -21.15 0.68
N VAL A 78 -3.19 -20.79 1.90
CA VAL A 78 -3.78 -19.45 2.18
C VAL A 78 -2.78 -18.35 1.82
N MET A 79 -1.57 -18.46 2.28
CA MET A 79 -0.56 -17.41 1.96
C MET A 79 -0.21 -17.44 0.47
N ASN A 80 0.02 -18.61 -0.06
CA ASN A 80 0.39 -18.71 -1.51
C ASN A 80 -0.79 -18.33 -2.40
N THR A 81 -1.96 -18.80 -2.08
CA THR A 81 -3.15 -18.50 -2.94
C THR A 81 -3.53 -17.02 -2.88
N LEU A 82 -3.62 -16.45 -1.70
CA LEU A 82 -4.03 -15.02 -1.59
C LEU A 82 -2.94 -14.09 -2.12
N ILE A 83 -1.70 -14.45 -1.94
CA ILE A 83 -0.59 -13.58 -2.41
C ILE A 83 -0.38 -13.73 -3.91
N HIS A 84 -0.58 -14.90 -4.45
CA HIS A 84 -0.36 -15.11 -5.91
C HIS A 84 -1.65 -14.88 -6.70
N ASP A 85 -2.79 -15.10 -6.11
CA ASP A 85 -4.06 -14.89 -6.86
C ASP A 85 -4.50 -13.43 -6.74
N GLN A 86 -4.38 -12.68 -7.80
CA GLN A 86 -4.78 -11.24 -7.77
C GLN A 86 -6.28 -11.08 -7.47
N GLU A 87 -7.10 -11.93 -8.04
CA GLU A 87 -8.57 -11.79 -7.81
C GLU A 87 -8.88 -11.96 -6.32
N LYS A 88 -8.30 -12.93 -5.69
CA LYS A 88 -8.57 -13.13 -4.23
C LYS A 88 -8.06 -11.91 -3.46
N ALA A 89 -7.03 -11.29 -3.95
CA ALA A 89 -6.47 -10.10 -3.25
C ALA A 89 -7.45 -8.93 -3.36
N LYS A 90 -7.97 -8.67 -4.53
CA LYS A 90 -8.91 -7.53 -4.67
C LYS A 90 -10.16 -7.74 -3.83
N ILE A 91 -10.76 -8.89 -3.92
CA ILE A 91 -11.99 -9.13 -3.11
C ILE A 91 -11.61 -9.08 -1.63
N TYR A 92 -10.49 -9.63 -1.29
CA TYR A 92 -10.05 -9.60 0.14
C TYR A 92 -9.78 -8.14 0.52
N MET A 93 -9.03 -7.44 -0.29
CA MET A 93 -8.73 -6.01 0.01
C MET A 93 -9.99 -5.17 -0.11
N LEU A 94 -10.82 -5.44 -1.09
CA LEU A 94 -12.06 -4.64 -1.25
C LEU A 94 -12.90 -4.77 0.01
N ASN A 95 -12.99 -5.96 0.55
CA ASN A 95 -13.79 -6.16 1.78
C ASN A 95 -13.17 -5.36 2.92
N PHE A 96 -11.88 -5.40 3.04
CA PHE A 96 -11.19 -4.64 4.13
C PHE A 96 -11.42 -3.14 3.92
N THR A 97 -11.31 -2.68 2.70
CA THR A 97 -11.50 -1.22 2.44
C THR A 97 -12.91 -0.81 2.87
N MET A 98 -13.90 -1.59 2.55
CA MET A 98 -15.28 -1.22 2.95
C MET A 98 -15.38 -1.22 4.48
N SER A 99 -14.80 -2.20 5.12
CA SER A 99 -14.84 -2.25 6.60
C SER A 99 -13.95 -1.15 7.19
N LEU A 100 -12.83 -0.91 6.57
CA LEU A 100 -11.90 0.14 7.09
C LEU A 100 -12.59 1.51 7.05
N TYR A 101 -13.28 1.81 5.99
CA TYR A 101 -13.95 3.13 5.91
C TYR A 101 -15.09 3.22 6.92
N ASN A 102 -15.92 2.22 6.98
CA ASN A 102 -17.05 2.27 7.96
C ASN A 102 -16.49 2.40 9.37
N GLU A 103 -15.49 1.63 9.70
CA GLU A 103 -14.91 1.71 11.06
C GLU A 103 -14.31 3.11 11.28
N LYS A 104 -13.72 3.67 10.27
CA LYS A 104 -13.11 5.03 10.41
C LYS A 104 -14.21 6.03 10.78
N LEU A 105 -15.33 5.98 10.12
CA LEU A 105 -16.42 6.94 10.45
C LEU A 105 -16.83 6.77 11.92
N LYS A 106 -16.92 5.55 12.37
CA LYS A 106 -17.31 5.32 13.80
C LYS A 106 -16.27 5.95 14.72
N GLN A 107 -15.01 5.85 14.36
CA GLN A 107 -13.94 6.44 15.22
C GLN A 107 -14.14 7.96 15.33
N LEU A 108 -14.50 8.61 14.26
CA LEU A 108 -14.70 10.07 14.32
C LEU A 108 -15.88 10.38 15.25
N LYS A 109 -16.91 9.59 15.18
CA LYS A 109 -18.11 9.84 16.04
C LYS A 109 -17.84 9.35 17.47
N ASP A 110 -17.44 8.12 17.62
CA ASP A 110 -17.19 7.58 18.98
C ASP A 110 -15.77 7.93 19.43
N GLY A 111 -14.89 8.18 18.52
CA GLY A 111 -13.48 8.51 18.90
C GLY A 111 -13.18 9.98 18.61
N PRO A 112 -12.22 10.54 19.31
CA PRO A 112 -11.82 11.97 19.12
C PRO A 112 -11.19 12.21 17.75
N TRP A 113 -11.33 13.40 17.23
CA TRP A 113 -10.75 13.69 15.89
C TRP A 113 -9.34 14.24 16.06
N ASP A 114 -8.37 13.63 15.44
CA ASP A 114 -6.96 14.12 15.55
C ASP A 114 -6.32 14.14 14.16
N VAL A 115 -5.20 14.79 14.04
CA VAL A 115 -4.52 14.85 12.71
C VAL A 115 -4.09 13.44 12.31
N MET A 116 -3.75 12.62 13.27
CA MET A 116 -3.31 11.24 12.94
C MET A 116 -4.42 10.50 12.20
N LEU A 117 -5.65 10.69 12.61
CA LEU A 117 -6.77 10.01 11.90
C LEU A 117 -6.85 10.50 10.46
N LYS A 118 -6.61 11.77 10.24
CA LYS A 118 -6.67 12.31 8.86
C LYS A 118 -5.62 11.59 8.00
N ARG A 119 -4.46 11.38 8.54
CA ARG A 119 -3.39 10.68 7.77
C ARG A 119 -3.86 9.26 7.42
N SER A 120 -4.51 8.60 8.33
CA SER A 120 -4.98 7.23 8.06
C SER A 120 -5.98 7.25 6.90
N LEU A 121 -6.86 8.22 6.88
CA LEU A 121 -7.86 8.28 5.78
C LEU A 121 -7.14 8.45 4.46
N TRP A 122 -6.15 9.31 4.41
CA TRP A 122 -5.41 9.50 3.13
C TRP A 122 -4.86 8.15 2.68
N CYS A 123 -4.37 7.37 3.59
CA CYS A 123 -3.83 6.04 3.22
C CYS A 123 -4.99 5.15 2.77
N CYS A 124 -6.10 5.20 3.46
CA CYS A 124 -7.26 4.36 3.07
C CYS A 124 -7.71 4.73 1.65
N ILE A 125 -7.84 6.00 1.37
CA ILE A 125 -8.26 6.41 0.01
C ILE A 125 -7.23 5.90 -0.99
N ASP A 126 -5.98 5.92 -0.63
CA ASP A 126 -4.93 5.41 -1.56
C ASP A 126 -5.18 3.92 -1.85
N LEU A 127 -5.58 3.18 -0.86
CA LEU A 127 -5.85 1.73 -1.09
C LEU A 127 -6.94 1.58 -2.15
N PHE A 128 -7.98 2.35 -2.05
CA PHE A 128 -9.08 2.23 -3.05
C PHE A 128 -8.58 2.74 -4.41
N SER A 129 -7.88 3.84 -4.42
CA SER A 129 -7.38 4.40 -5.71
C SER A 129 -6.38 3.43 -6.36
N CYS A 130 -5.54 2.81 -5.58
CA CYS A 130 -4.54 1.87 -6.16
C CYS A 130 -5.24 0.65 -6.74
N ILE A 131 -6.11 0.04 -5.98
CA ILE A 131 -6.82 -1.17 -6.48
C ILE A 131 -7.73 -0.77 -7.63
N LEU A 132 -8.46 0.30 -7.47
CA LEU A 132 -9.37 0.75 -8.56
C LEU A 132 -8.55 1.13 -9.79
N HIS A 133 -7.42 1.76 -9.61
CA HIS A 133 -6.59 2.16 -10.77
C HIS A 133 -6.22 0.93 -11.59
N LEU A 134 -5.73 -0.10 -10.97
CA LEU A 134 -5.35 -1.32 -11.74
C LEU A 134 -6.60 -1.94 -12.36
N TRP A 135 -7.67 -2.01 -11.63
CA TRP A 135 -8.91 -2.61 -12.16
C TRP A 135 -9.75 -1.55 -12.90
N LYS A 136 -9.28 -0.33 -12.92
CA LYS A 136 -10.05 0.75 -13.60
C LYS A 136 -10.39 0.33 -15.03
N GLU A 137 -9.51 -0.38 -15.67
CA GLU A 137 -9.79 -0.82 -17.07
C GLU A 137 -11.02 -1.72 -17.07
N ASN A 138 -11.29 -2.38 -15.98
CA ASN A 138 -12.46 -3.28 -15.93
C ASN A 138 -13.69 -2.49 -15.45
N ILE A 139 -13.54 -1.23 -15.15
CA ILE A 139 -14.69 -0.42 -14.68
C ILE A 139 -15.15 0.51 -15.81
N SER A 140 -16.43 0.70 -15.95
CA SER A 140 -16.95 1.59 -17.02
C SER A 140 -16.77 3.05 -16.57
N GLU A 141 -16.68 3.96 -17.49
CA GLU A 141 -16.49 5.38 -17.09
C GLU A 141 -17.60 5.81 -16.13
N THR A 142 -18.83 5.44 -16.41
CA THR A 142 -19.93 5.81 -15.49
C THR A 142 -19.80 5.00 -14.21
N SER A 143 -19.51 3.73 -14.32
CA SER A 143 -19.36 2.90 -13.10
C SER A 143 -18.25 3.49 -12.25
N THR A 144 -17.19 3.94 -12.87
CA THR A 144 -16.08 4.56 -12.09
C THR A 144 -16.63 5.78 -11.36
N ASN A 145 -17.50 6.52 -12.01
CA ASN A 145 -18.08 7.71 -11.36
C ASN A 145 -18.78 7.31 -10.06
N SER A 146 -19.48 6.20 -10.08
CA SER A 146 -20.18 5.75 -8.84
C SER A 146 -19.15 5.43 -7.75
N LEU A 147 -18.11 4.71 -8.08
CA LEU A 147 -17.08 4.39 -7.05
C LEU A 147 -16.34 5.67 -6.67
N GLN A 148 -15.99 6.46 -7.65
CA GLN A 148 -15.27 7.73 -7.34
C GLN A 148 -16.20 8.62 -6.51
N LYS A 149 -17.47 8.58 -6.79
CA LYS A 149 -18.43 9.42 -6.01
C LYS A 149 -18.36 9.01 -4.54
N ARG A 150 -18.30 7.73 -4.27
CA ARG A 150 -18.22 7.29 -2.85
C ARG A 150 -16.95 7.88 -2.23
N ILE A 151 -15.88 7.86 -2.95
CA ILE A 151 -14.62 8.42 -2.42
C ILE A 151 -14.81 9.91 -2.16
N LYS A 152 -15.52 10.58 -3.01
CA LYS A 152 -15.76 12.04 -2.79
C LYS A 152 -16.41 12.21 -1.42
N TYR A 153 -17.35 11.36 -1.08
CA TYR A 153 -17.99 11.46 0.25
C TYR A 153 -16.92 11.31 1.32
N CYS A 154 -15.99 10.42 1.11
CA CYS A 154 -14.90 10.24 2.12
C CYS A 154 -14.14 11.57 2.27
N LYS A 155 -13.73 12.14 1.17
CA LYS A 155 -12.99 13.43 1.23
C LYS A 155 -13.90 14.50 1.85
N ILE A 156 -15.18 14.45 1.53
CA ILE A 156 -16.11 15.45 2.10
C ILE A 156 -16.08 15.39 3.63
N TYR A 157 -16.16 14.21 4.17
CA TYR A 157 -16.14 14.10 5.65
C TYR A 157 -14.78 14.59 6.15
N LEU A 158 -13.74 14.28 5.41
CA LEU A 158 -12.38 14.72 5.82
C LEU A 158 -12.34 16.25 5.90
N SER A 159 -12.86 16.91 4.91
CA SER A 159 -12.87 18.40 4.95
C SER A 159 -13.75 18.86 6.13
N LYS A 160 -14.80 18.13 6.39
CA LYS A 160 -15.69 18.50 7.51
C LYS A 160 -14.89 18.47 8.81
N LEU A 161 -14.04 17.48 8.98
CA LEU A 161 -13.21 17.40 10.21
C LEU A 161 -12.27 18.61 10.22
N ALA A 162 -11.80 19.01 9.08
CA ALA A 162 -10.87 20.17 9.01
C ALA A 162 -11.58 21.41 9.55
N LYS A 163 -12.87 21.48 9.37
CA LYS A 163 -13.62 22.67 9.87
C LYS A 163 -13.91 22.49 11.37
N GLY A 164 -13.67 21.31 11.89
CA GLY A 164 -13.93 21.07 13.33
C GLY A 164 -15.35 20.56 13.54
N GLU A 165 -16.10 20.40 12.48
CA GLU A 165 -17.50 19.92 12.63
C GLU A 165 -17.54 18.40 12.45
N ILE A 166 -18.32 17.71 13.23
CA ILE A 166 -18.42 16.23 13.11
C ILE A 166 -19.88 15.83 12.96
N GLY A 167 -20.16 14.94 12.05
CA GLY A 167 -21.58 14.49 11.85
C GLY A 167 -22.49 15.71 11.78
N ASN B 1 12.77 20.81 -9.02
CA ASN B 1 12.09 20.27 -10.25
C ASN B 1 12.65 20.98 -11.49
N VAL B 2 13.84 21.48 -11.42
CA VAL B 2 14.43 22.18 -12.59
C VAL B 2 14.70 21.16 -13.70
N PRO B 3 14.71 21.61 -14.93
CA PRO B 3 14.94 20.73 -16.11
C PRO B 3 16.28 19.98 -16.02
N GLU B 4 17.19 20.48 -15.23
CA GLU B 4 18.51 19.81 -15.10
C GLU B 4 18.29 18.37 -14.62
N ILE B 5 19.10 17.45 -15.09
CA ILE B 5 18.95 16.03 -14.67
C ILE B 5 20.16 15.61 -13.84
N LYS B 6 19.93 14.91 -12.75
CA LYS B 6 21.07 14.46 -11.91
C LYS B 6 21.62 13.15 -12.44
N ALA B 7 22.88 12.87 -12.21
CA ALA B 7 23.47 11.60 -12.71
C ALA B 7 24.36 11.00 -11.62
N LYS B 8 24.58 9.72 -11.65
CA LYS B 8 25.44 9.07 -10.62
C LYS B 8 26.90 9.14 -11.04
N GLU B 9 27.80 9.20 -10.09
CA GLU B 9 29.25 9.29 -10.44
C GLU B 9 29.64 8.09 -11.30
N VAL B 10 29.08 6.94 -11.04
CA VAL B 10 29.43 5.73 -11.85
C VAL B 10 28.16 5.13 -12.46
N ASN B 11 28.20 4.82 -13.72
CA ASN B 11 27.00 4.22 -14.39
C ASN B 11 26.67 2.87 -13.76
N VAL B 12 27.66 2.16 -13.29
CA VAL B 12 27.40 0.82 -12.68
C VAL B 12 26.29 0.91 -11.63
N ASP B 13 26.30 1.92 -10.81
CA ASP B 13 25.24 2.05 -9.78
C ASP B 13 23.88 2.15 -10.46
N ASP B 14 23.81 2.80 -11.59
CA ASP B 14 22.51 2.96 -12.31
C ASP B 14 21.92 1.60 -12.67
N GLU B 15 22.71 0.72 -13.22
CA GLU B 15 22.17 -0.61 -13.60
C GLU B 15 21.78 -1.41 -12.37
N LYS B 16 22.55 -1.35 -11.31
CA LYS B 16 22.17 -2.13 -10.10
C LYS B 16 20.77 -1.73 -9.65
N GLU B 17 20.48 -0.44 -9.65
CA GLU B 17 19.12 0.00 -9.23
C GLU B 17 18.10 -0.52 -10.24
N ASP B 18 18.43 -0.52 -11.50
CA ASP B 18 17.47 -1.02 -12.52
C ASP B 18 17.17 -2.50 -12.24
N LYS B 19 18.18 -3.25 -11.87
CA LYS B 19 17.96 -4.69 -11.58
C LYS B 19 16.98 -4.82 -10.42
N LEU B 20 17.12 -4.00 -9.41
CA LEU B 20 16.19 -4.08 -8.25
C LEU B 20 14.76 -3.85 -8.74
N ALA B 21 14.56 -2.92 -9.61
CA ALA B 21 13.19 -2.65 -10.13
C ALA B 21 12.71 -3.87 -10.91
N GLN B 22 13.56 -4.47 -11.70
CA GLN B 22 13.14 -5.66 -12.47
C GLN B 22 12.83 -6.80 -11.51
N ARG B 23 13.55 -6.90 -10.43
CA ARG B 23 13.27 -7.99 -9.46
C ARG B 23 11.84 -7.85 -8.93
N LEU B 24 11.44 -6.65 -8.61
CA LEU B 24 10.05 -6.44 -8.09
C LEU B 24 9.05 -6.83 -9.17
N ARG B 25 9.30 -6.46 -10.40
CA ARG B 25 8.36 -6.82 -11.49
C ARG B 25 8.22 -8.34 -11.56
N ALA B 26 9.29 -9.05 -11.38
CA ALA B 26 9.21 -10.53 -11.41
C ALA B 26 8.39 -11.01 -10.22
N LEU B 27 8.50 -10.36 -9.11
CA LEU B 27 7.72 -10.76 -7.90
C LEU B 27 6.24 -10.69 -8.22
N ARG B 28 5.82 -9.69 -8.94
CA ARG B 28 4.37 -9.56 -9.28
C ARG B 28 4.15 -10.01 -10.73
N GLY B 29 5.17 -10.49 -11.38
CA GLY B 29 5.02 -10.96 -12.78
C GLY B 29 4.67 -12.44 -12.81
N MET A 1 5.74 11.35 -0.58
CA MET A 1 7.05 11.69 0.03
C MET A 1 7.74 10.41 0.49
N ALA A 2 9.04 10.38 0.46
CA ALA A 2 9.77 9.14 0.90
C ALA A 2 9.40 8.84 2.35
N SER A 3 9.29 9.85 3.17
CA SER A 3 8.93 9.60 4.59
C SER A 3 7.52 9.00 4.65
N ASN A 4 6.63 9.47 3.82
CA ASN A 4 5.25 8.91 3.84
C ASN A 4 5.32 7.41 3.60
N ALA A 5 6.16 7.00 2.69
CA ALA A 5 6.31 5.54 2.42
C ALA A 5 6.90 4.87 3.66
N ALA A 6 7.83 5.51 4.31
CA ALA A 6 8.45 4.91 5.53
C ALA A 6 7.39 4.72 6.60
N ARG A 7 6.54 5.68 6.81
CA ARG A 7 5.48 5.55 7.85
C ARG A 7 4.59 4.36 7.48
N VAL A 8 4.24 4.22 6.23
CA VAL A 8 3.39 3.08 5.81
C VAL A 8 4.13 1.76 6.02
N VAL A 9 5.40 1.74 5.77
CA VAL A 9 6.18 0.48 5.96
C VAL A 9 6.08 0.06 7.42
N ALA A 10 6.13 1.00 8.32
CA ALA A 10 6.04 0.65 9.76
C ALA A 10 4.64 0.10 10.04
N THR A 11 3.64 0.70 9.47
CA THR A 11 2.25 0.20 9.69
C THR A 11 2.09 -1.12 8.96
N ALA A 12 2.76 -1.29 7.84
CA ALA A 12 2.64 -2.57 7.10
C ALA A 12 3.08 -3.71 8.01
N LYS A 13 4.17 -3.54 8.70
CA LYS A 13 4.65 -4.61 9.61
C LYS A 13 3.60 -4.81 10.72
N ASP A 14 3.06 -3.73 11.22
CA ASP A 14 2.03 -3.84 12.28
C ASP A 14 0.84 -4.62 11.75
N PHE A 15 0.46 -4.37 10.52
CA PHE A 15 -0.69 -5.09 9.93
C PHE A 15 -0.39 -6.59 9.90
N ASP A 16 0.81 -6.96 9.53
CA ASP A 16 1.16 -8.41 9.49
C ASP A 16 0.97 -9.00 10.89
N LYS A 17 1.31 -8.25 11.89
CA LYS A 17 1.16 -8.75 13.29
C LYS A 17 -0.33 -9.05 13.55
N VAL A 18 -1.20 -8.34 12.90
CA VAL A 18 -2.66 -8.55 13.11
C VAL A 18 -3.14 -9.71 12.21
N GLY A 19 -2.27 -10.24 11.40
CA GLY A 19 -2.68 -11.36 10.50
C GLY A 19 -3.20 -10.79 9.18
N LEU A 20 -2.99 -9.52 8.96
CA LEU A 20 -3.46 -8.89 7.69
C LEU A 20 -2.32 -8.87 6.69
N GLY A 21 -1.51 -9.90 6.69
CA GLY A 21 -0.36 -9.94 5.74
C GLY A 21 -0.83 -9.64 4.32
N ILE A 22 -2.02 -10.04 3.99
CA ILE A 22 -2.53 -9.78 2.61
C ILE A 22 -2.51 -8.27 2.35
N ILE A 23 -3.03 -7.49 3.26
CA ILE A 23 -3.03 -6.03 3.06
C ILE A 23 -1.59 -5.51 3.03
N GLY A 24 -0.78 -5.98 3.94
CA GLY A 24 0.63 -5.53 3.97
C GLY A 24 1.31 -5.85 2.64
N TYR A 25 1.04 -7.00 2.09
CA TYR A 25 1.68 -7.37 0.80
C TYR A 25 1.26 -6.41 -0.32
N TYR A 26 0.00 -6.12 -0.45
CA TYR A 26 -0.44 -5.19 -1.53
C TYR A 26 0.09 -3.78 -1.28
N LEU A 27 -0.05 -3.28 -0.08
CA LEU A 27 0.43 -1.90 0.20
C LEU A 27 1.95 -1.85 0.15
N GLN A 28 2.63 -2.88 0.58
CA GLN A 28 4.12 -2.87 0.53
C GLN A 28 4.54 -2.71 -0.93
N LEU A 29 3.89 -3.41 -1.83
CA LEU A 29 4.25 -3.28 -3.26
C LEU A 29 4.04 -1.82 -3.68
N TYR A 30 2.97 -1.23 -3.24
CA TYR A 30 2.72 0.19 -3.59
C TYR A 30 3.82 1.06 -2.99
N ALA A 31 4.28 0.71 -1.81
CA ALA A 31 5.36 1.51 -1.16
C ALA A 31 6.57 1.59 -2.10
N VAL A 32 6.96 0.50 -2.69
CA VAL A 32 8.14 0.55 -3.61
C VAL A 32 7.75 1.40 -4.83
N GLU A 33 6.55 1.26 -5.31
CA GLU A 33 6.14 2.07 -6.48
C GLU A 33 6.21 3.55 -6.09
N LEU A 34 5.89 3.85 -4.86
CA LEU A 34 5.95 5.26 -4.40
C LEU A 34 7.39 5.76 -4.46
N ILE A 35 8.33 4.94 -4.07
CA ILE A 35 9.75 5.36 -4.10
C ILE A 35 10.19 5.64 -5.54
N LEU A 36 9.89 4.73 -6.44
CA LEU A 36 10.29 4.95 -7.86
C LEU A 36 9.55 6.18 -8.41
N SER A 37 8.32 6.37 -8.02
CA SER A 37 7.56 7.55 -8.51
C SER A 37 8.07 8.79 -7.79
N GLU A 38 8.69 8.59 -6.65
CA GLU A 38 9.23 9.74 -5.87
C GLU A 38 10.47 10.29 -6.56
N GLU A 39 10.73 11.57 -6.41
CA GLU A 39 11.92 12.18 -7.06
C GLU A 39 13.19 11.42 -6.63
N ASP A 40 14.17 11.38 -7.48
CA ASP A 40 15.42 10.65 -7.16
C ASP A 40 16.06 11.21 -5.87
N ARG A 41 16.51 10.35 -5.02
CA ARG A 41 17.14 10.78 -3.74
C ARG A 41 18.57 10.25 -3.67
N SER A 42 19.33 10.70 -2.71
CA SER A 42 20.74 10.23 -2.58
C SER A 42 20.79 8.70 -2.44
N GLN A 43 21.96 8.14 -2.52
CA GLN A 43 22.11 6.66 -2.42
C GLN A 43 21.50 6.14 -1.12
N GLU A 44 21.47 6.93 -0.08
CA GLU A 44 20.89 6.43 1.19
C GLU A 44 19.50 5.85 0.92
N MET A 45 18.75 6.48 0.06
CA MET A 45 17.39 5.95 -0.27
C MET A 45 17.53 4.58 -0.92
N THR A 46 18.53 4.43 -1.75
CA THR A 46 18.74 3.13 -2.44
C THR A 46 18.93 2.03 -1.39
N ALA A 47 19.67 2.31 -0.35
CA ALA A 47 19.88 1.28 0.70
C ALA A 47 18.54 0.94 1.35
N LEU A 48 17.75 1.94 1.63
CA LEU A 48 16.42 1.67 2.26
C LEU A 48 15.57 0.86 1.28
N ALA A 49 15.67 1.14 0.02
CA ALA A 49 14.86 0.38 -0.97
C ALA A 49 15.26 -1.10 -0.90
N THR A 50 16.53 -1.37 -0.76
CA THR A 50 16.98 -2.78 -0.68
C THR A 50 16.36 -3.44 0.56
N GLU A 51 16.30 -2.74 1.65
CA GLU A 51 15.71 -3.33 2.89
C GLU A 51 14.24 -3.67 2.62
N LEU A 52 13.52 -2.81 1.97
CA LEU A 52 12.08 -3.10 1.69
C LEU A 52 11.99 -4.36 0.82
N LEU A 53 12.89 -4.52 -0.12
CA LEU A 53 12.85 -5.73 -0.99
C LEU A 53 13.01 -6.97 -0.10
N ASP A 54 13.87 -6.89 0.88
CA ASP A 54 14.08 -8.04 1.78
C ASP A 54 12.76 -8.37 2.49
N THR A 55 12.04 -7.34 2.86
CA THR A 55 10.73 -7.57 3.55
C THR A 55 9.80 -8.36 2.62
N ILE A 56 9.78 -8.03 1.37
CA ILE A 56 8.89 -8.77 0.43
C ILE A 56 9.25 -10.25 0.46
N GLU A 57 10.51 -10.56 0.30
CA GLU A 57 10.93 -11.98 0.36
C GLU A 57 10.59 -12.51 1.74
N ALA A 58 10.73 -11.69 2.74
CA ALA A 58 10.39 -12.11 4.12
C ALA A 58 8.89 -12.42 4.18
N PHE A 59 8.10 -11.69 3.43
CA PHE A 59 6.64 -11.93 3.44
C PHE A 59 6.38 -13.37 3.01
N LYS A 60 6.89 -13.75 1.86
CA LYS A 60 6.68 -15.16 1.40
C LYS A 60 7.34 -16.12 2.39
N LYS A 61 8.50 -15.75 2.88
CA LYS A 61 9.21 -16.62 3.87
C LYS A 61 8.66 -16.38 5.26
N GLU A 62 7.71 -15.49 5.38
CA GLU A 62 7.13 -15.17 6.72
C GLU A 62 6.79 -16.47 7.46
N ILE A 63 6.40 -17.49 6.76
CA ILE A 63 6.06 -18.77 7.45
C ILE A 63 7.33 -19.37 8.06
N GLY A 64 8.43 -19.27 7.38
CA GLY A 64 9.70 -19.84 7.90
C GLY A 64 9.63 -21.36 7.84
N GLY A 65 8.50 -21.90 7.45
CA GLY A 65 8.37 -23.38 7.37
C GLY A 65 7.78 -23.92 8.67
N GLU A 66 7.64 -23.08 9.66
CA GLU A 66 7.07 -23.57 10.96
C GLU A 66 5.63 -24.03 10.75
N SER A 67 4.84 -23.24 10.07
CA SER A 67 3.43 -23.65 9.82
C SER A 67 3.41 -24.89 8.93
N GLU A 68 4.37 -25.02 8.07
CA GLU A 68 4.44 -26.20 7.17
C GLU A 68 4.53 -27.48 8.01
N ALA A 69 5.09 -27.39 9.18
CA ALA A 69 5.21 -28.62 10.03
C ALA A 69 3.82 -29.14 10.37
N GLU A 70 2.88 -28.27 10.64
CA GLU A 70 1.51 -28.73 11.00
C GLU A 70 0.47 -27.88 10.25
N ASP A 71 -0.64 -28.48 9.89
CA ASP A 71 -1.70 -27.72 9.17
C ASP A 71 -1.06 -26.94 8.01
N SER A 72 -0.14 -27.54 7.31
CA SER A 72 0.52 -26.84 6.18
C SER A 72 -0.50 -26.55 5.08
N ASP A 73 -1.42 -27.44 4.86
CA ASP A 73 -2.43 -27.20 3.78
C ASP A 73 -3.23 -25.94 4.10
N LYS A 74 -3.61 -25.75 5.33
CA LYS A 74 -4.39 -24.54 5.69
C LYS A 74 -3.54 -23.27 5.52
N SER A 75 -2.34 -23.28 6.02
CA SER A 75 -1.49 -22.05 5.90
C SER A 75 -1.14 -21.81 4.42
N LEU A 76 -0.83 -22.86 3.71
CA LEU A 76 -0.48 -22.69 2.27
C LEU A 76 -1.71 -22.26 1.47
N HIS A 77 -2.85 -22.80 1.77
CA HIS A 77 -4.07 -22.43 1.02
C HIS A 77 -4.38 -20.95 1.18
N VAL A 78 -4.32 -20.43 2.37
CA VAL A 78 -4.63 -18.99 2.58
C VAL A 78 -3.56 -18.12 1.92
N MET A 79 -2.31 -18.39 2.16
CA MET A 79 -1.24 -17.56 1.55
C MET A 79 -1.19 -17.76 0.05
N ASN A 80 -1.21 -18.98 -0.40
CA ASN A 80 -1.13 -19.24 -1.88
C ASN A 80 -2.41 -18.76 -2.58
N THR A 81 -3.55 -18.98 -1.99
CA THR A 81 -4.81 -18.58 -2.65
C THR A 81 -4.93 -17.05 -2.76
N LEU A 82 -4.73 -16.34 -1.68
CA LEU A 82 -4.87 -14.86 -1.74
C LEU A 82 -3.69 -14.20 -2.45
N ILE A 83 -2.52 -14.75 -2.33
CA ILE A 83 -1.34 -14.13 -2.99
C ILE A 83 -1.33 -14.43 -4.49
N HIS A 84 -1.72 -15.61 -4.89
CA HIS A 84 -1.70 -15.96 -6.33
C HIS A 84 -2.96 -15.42 -7.05
N ASP A 85 -4.09 -15.46 -6.40
CA ASP A 85 -5.33 -14.97 -7.07
C ASP A 85 -5.45 -13.46 -6.91
N GLN A 86 -5.25 -12.72 -7.96
CA GLN A 86 -5.35 -11.24 -7.87
C GLN A 86 -6.78 -10.82 -7.50
N GLU A 87 -7.76 -11.50 -8.02
CA GLU A 87 -9.18 -11.13 -7.70
C GLU A 87 -9.44 -11.31 -6.21
N LYS A 88 -9.02 -12.40 -5.65
CA LYS A 88 -9.24 -12.61 -4.19
C LYS A 88 -8.53 -11.52 -3.42
N ALA A 89 -7.44 -11.03 -3.94
CA ALA A 89 -6.69 -9.96 -3.23
C ALA A 89 -7.52 -8.67 -3.21
N LYS A 90 -8.12 -8.32 -4.31
CA LYS A 90 -8.92 -7.06 -4.34
C LYS A 90 -10.12 -7.13 -3.40
N ILE A 91 -10.89 -8.18 -3.44
CA ILE A 91 -12.07 -8.25 -2.53
C ILE A 91 -11.60 -8.26 -1.09
N TYR A 92 -10.53 -8.95 -0.80
CA TYR A 92 -10.04 -8.98 0.60
C TYR A 92 -9.63 -7.56 0.99
N MET A 93 -8.95 -6.88 0.10
CA MET A 93 -8.51 -5.49 0.39
C MET A 93 -9.74 -4.56 0.39
N LEU A 94 -10.63 -4.75 -0.54
CA LEU A 94 -11.84 -3.88 -0.59
C LEU A 94 -12.62 -4.05 0.72
N ASN A 95 -12.73 -5.25 1.20
CA ASN A 95 -13.46 -5.48 2.47
C ASN A 95 -12.75 -4.73 3.60
N PHE A 96 -11.45 -4.77 3.62
CA PHE A 96 -10.69 -4.07 4.69
C PHE A 96 -10.96 -2.56 4.60
N THR A 97 -10.88 -2.01 3.42
CA THR A 97 -11.14 -0.55 3.27
C THR A 97 -12.57 -0.24 3.67
N MET A 98 -13.50 -1.05 3.28
CA MET A 98 -14.92 -0.80 3.63
C MET A 98 -15.08 -0.88 5.16
N SER A 99 -14.47 -1.87 5.77
CA SER A 99 -14.58 -2.00 7.25
C SER A 99 -13.70 -0.95 7.92
N LEU A 100 -12.57 -0.65 7.35
CA LEU A 100 -11.67 0.36 7.98
C LEU A 100 -12.31 1.74 7.91
N TYR A 101 -12.86 2.10 6.78
CA TYR A 101 -13.50 3.43 6.65
C TYR A 101 -14.76 3.50 7.51
N ASN A 102 -15.58 2.49 7.43
CA ASN A 102 -16.84 2.49 8.24
C ASN A 102 -16.49 2.57 9.73
N GLU A 103 -15.56 1.78 10.18
CA GLU A 103 -15.19 1.82 11.62
C GLU A 103 -14.58 3.19 11.93
N LYS A 104 -13.69 3.64 11.10
CA LYS A 104 -13.06 4.97 11.33
C LYS A 104 -14.14 6.04 11.28
N LEU A 105 -15.09 5.88 10.40
CA LEU A 105 -16.18 6.89 10.30
C LEU A 105 -16.87 7.04 11.66
N LYS A 106 -17.19 5.94 12.29
CA LYS A 106 -17.85 6.03 13.62
C LYS A 106 -16.91 6.74 14.59
N GLN A 107 -15.63 6.49 14.50
CA GLN A 107 -14.67 7.16 15.41
C GLN A 107 -14.77 8.68 15.24
N LEU A 108 -14.95 9.14 14.03
CA LEU A 108 -15.06 10.60 13.82
C LEU A 108 -16.34 11.11 14.50
N LYS A 109 -17.38 10.33 14.44
CA LYS A 109 -18.68 10.77 15.06
C LYS A 109 -18.63 10.60 16.58
N ASP A 110 -18.30 9.43 17.05
CA ASP A 110 -18.27 9.19 18.52
C ASP A 110 -16.86 9.38 19.06
N GLY A 111 -15.86 9.26 18.24
CA GLY A 111 -14.46 9.42 18.73
C GLY A 111 -14.01 10.87 18.54
N PRO A 112 -13.05 11.30 19.32
CA PRO A 112 -12.51 12.68 19.24
C PRO A 112 -11.78 12.94 17.92
N TRP A 113 -11.72 14.16 17.47
CA TRP A 113 -11.04 14.46 16.20
C TRP A 113 -9.59 14.86 16.47
N ASP A 114 -8.65 14.18 15.86
CA ASP A 114 -7.22 14.52 16.07
C ASP A 114 -6.49 14.55 14.72
N VAL A 115 -5.31 15.10 14.68
CA VAL A 115 -4.56 15.16 13.40
C VAL A 115 -4.23 13.74 12.96
N MET A 116 -4.03 12.85 13.89
CA MET A 116 -3.69 11.44 13.52
C MET A 116 -4.82 10.86 12.67
N LEU A 117 -6.05 11.17 13.00
CA LEU A 117 -7.19 10.64 12.20
C LEU A 117 -7.10 11.18 10.78
N LYS A 118 -6.70 12.41 10.63
CA LYS A 118 -6.59 12.99 9.26
C LYS A 118 -5.58 12.16 8.45
N ARG A 119 -4.49 11.80 9.07
CA ARG A 119 -3.46 10.99 8.35
C ARG A 119 -4.08 9.65 7.94
N SER A 120 -4.87 9.07 8.80
CA SER A 120 -5.50 7.76 8.45
C SER A 120 -6.42 7.94 7.25
N LEU A 121 -7.13 9.03 7.19
CA LEU A 121 -8.05 9.26 6.04
C LEU A 121 -7.24 9.33 4.74
N TRP A 122 -6.12 9.99 4.76
CA TRP A 122 -5.28 10.09 3.52
C TRP A 122 -4.81 8.69 3.12
N CYS A 123 -4.40 7.90 4.07
CA CYS A 123 -3.92 6.53 3.74
C CYS A 123 -5.06 5.68 3.18
N CYS A 124 -6.24 5.80 3.74
CA CYS A 124 -7.39 4.99 3.23
C CYS A 124 -7.63 5.33 1.75
N ILE A 125 -7.68 6.59 1.43
CA ILE A 125 -7.91 6.97 0.01
C ILE A 125 -6.78 6.42 -0.85
N ASP A 126 -5.59 6.41 -0.34
CA ASP A 126 -4.45 5.86 -1.14
C ASP A 126 -4.75 4.40 -1.48
N LEU A 127 -5.31 3.67 -0.56
CA LEU A 127 -5.63 2.25 -0.85
C LEU A 127 -6.65 2.19 -1.99
N PHE A 128 -7.61 3.06 -1.98
CA PHE A 128 -8.63 3.05 -3.08
C PHE A 128 -7.98 3.43 -4.40
N SER A 129 -7.12 4.41 -4.39
CA SER A 129 -6.47 4.84 -5.67
C SER A 129 -5.53 3.73 -6.17
N CYS A 130 -4.83 3.08 -5.29
CA CYS A 130 -3.90 1.99 -5.72
C CYS A 130 -4.71 0.80 -6.24
N ILE A 131 -5.66 0.35 -5.49
CA ILE A 131 -6.48 -0.82 -5.93
C ILE A 131 -7.37 -0.41 -7.10
N LEU A 132 -8.03 0.71 -7.00
CA LEU A 132 -8.92 1.16 -8.10
C LEU A 132 -8.11 1.36 -9.40
N HIS A 133 -6.95 1.93 -9.30
CA HIS A 133 -6.13 2.18 -10.52
C HIS A 133 -5.70 0.86 -11.17
N LEU A 134 -5.15 -0.04 -10.40
CA LEU A 134 -4.68 -1.32 -11.01
C LEU A 134 -5.86 -2.14 -11.53
N TRP A 135 -6.91 -2.25 -10.77
CA TRP A 135 -8.08 -3.06 -11.23
C TRP A 135 -9.04 -2.20 -12.06
N LYS A 136 -8.70 -0.96 -12.32
CA LYS A 136 -9.62 -0.09 -13.11
C LYS A 136 -10.03 -0.82 -14.39
N GLU A 137 -9.10 -1.46 -15.05
CA GLU A 137 -9.44 -2.18 -16.30
C GLU A 137 -10.32 -3.40 -15.98
N ASN A 138 -10.29 -3.84 -14.76
CA ASN A 138 -11.10 -5.03 -14.38
C ASN A 138 -12.50 -4.58 -13.92
N ILE A 139 -12.73 -3.30 -13.81
CA ILE A 139 -14.06 -2.80 -13.38
C ILE A 139 -14.75 -2.09 -14.55
N SER A 140 -16.04 -2.15 -14.62
CA SER A 140 -16.77 -1.49 -15.74
C SER A 140 -16.84 0.01 -15.47
N GLU A 141 -16.97 0.81 -16.51
CA GLU A 141 -17.03 2.28 -16.33
C GLU A 141 -18.16 2.65 -15.37
N THR A 142 -19.26 1.96 -15.43
CA THR A 142 -20.39 2.29 -14.51
C THR A 142 -20.05 1.79 -13.10
N SER A 143 -19.57 0.58 -12.98
CA SER A 143 -19.22 0.03 -11.65
C SER A 143 -18.08 0.86 -11.03
N THR A 144 -17.06 1.16 -11.79
CA THR A 144 -15.96 1.97 -11.23
C THR A 144 -16.49 3.35 -10.86
N ASN A 145 -17.36 3.90 -11.65
CA ASN A 145 -17.93 5.23 -11.31
C ASN A 145 -18.54 5.16 -9.91
N SER A 146 -19.22 4.10 -9.61
CA SER A 146 -19.83 3.97 -8.26
C SER A 146 -18.73 3.97 -7.21
N LEU A 147 -17.65 3.27 -7.47
CA LEU A 147 -16.52 3.25 -6.50
C LEU A 147 -16.00 4.67 -6.34
N GLN A 148 -15.93 5.41 -7.42
CA GLN A 148 -15.45 6.81 -7.32
C GLN A 148 -16.39 7.59 -6.40
N LYS A 149 -17.66 7.29 -6.44
CA LYS A 149 -18.62 8.00 -5.57
C LYS A 149 -18.25 7.75 -4.10
N ARG A 150 -17.93 6.52 -3.77
CA ARG A 150 -17.56 6.22 -2.36
C ARG A 150 -16.33 7.05 -1.99
N ILE A 151 -15.41 7.17 -2.91
CA ILE A 151 -14.19 7.99 -2.62
C ILE A 151 -14.62 9.43 -2.36
N LYS A 152 -15.58 9.92 -3.09
CA LYS A 152 -16.04 11.30 -2.85
C LYS A 152 -16.53 11.43 -1.41
N TYR A 153 -17.18 10.42 -0.92
CA TYR A 153 -17.68 10.49 0.48
C TYR A 153 -16.48 10.63 1.41
N CYS A 154 -15.43 9.90 1.16
CA CYS A 154 -14.23 10.01 2.03
C CYS A 154 -13.62 11.40 1.87
N LYS A 155 -13.40 11.83 0.66
CA LYS A 155 -12.82 13.19 0.44
C LYS A 155 -13.79 14.24 0.96
N ILE A 156 -15.07 14.03 0.74
CA ILE A 156 -16.08 15.01 1.23
C ILE A 156 -15.99 15.13 2.74
N TYR A 157 -15.95 14.02 3.43
CA TYR A 157 -15.85 14.09 4.91
C TYR A 157 -14.52 14.76 5.27
N LEU A 158 -13.49 14.46 4.52
CA LEU A 158 -12.17 15.08 4.79
C LEU A 158 -12.32 16.60 4.70
N SER A 159 -13.07 17.07 3.74
CA SER A 159 -13.27 18.53 3.60
C SER A 159 -13.96 19.06 4.86
N LYS A 160 -14.87 18.29 5.41
CA LYS A 160 -15.57 18.75 6.64
C LYS A 160 -14.54 18.99 7.75
N LEU A 161 -13.60 18.10 7.89
CA LEU A 161 -12.57 18.28 8.95
C LEU A 161 -11.73 19.52 8.63
N ALA A 162 -11.49 19.78 7.39
CA ALA A 162 -10.67 20.98 7.01
C ALA A 162 -11.38 22.26 7.47
N LYS A 163 -12.69 22.28 7.38
CA LYS A 163 -13.42 23.50 7.82
C LYS A 163 -13.60 23.48 9.33
N GLY A 164 -13.34 22.36 9.96
CA GLY A 164 -13.49 22.25 11.43
C GLY A 164 -14.90 21.77 11.76
N GLU A 165 -15.73 21.61 10.77
CA GLU A 165 -17.12 21.14 11.02
C GLU A 165 -17.18 19.63 10.82
N ILE A 166 -17.94 18.93 11.62
CA ILE A 166 -18.04 17.45 11.46
C ILE A 166 -19.51 17.05 11.31
N GLY A 167 -19.78 16.11 10.45
CA GLY A 167 -21.19 15.67 10.24
C GLY A 167 -22.00 16.81 9.62
N ASN B 1 21.77 20.28 -19.61
CA ASN B 1 23.18 20.40 -19.15
C ASN B 1 23.24 20.17 -17.63
N VAL B 2 22.84 21.13 -16.87
CA VAL B 2 22.87 20.97 -15.38
C VAL B 2 21.86 19.91 -14.96
N PRO B 3 22.08 19.26 -13.85
CA PRO B 3 21.17 18.20 -13.32
C PRO B 3 19.77 18.73 -13.07
N GLU B 4 18.76 17.92 -13.30
CA GLU B 4 17.36 18.38 -13.07
C GLU B 4 17.18 18.73 -11.58
N ILE B 5 17.86 18.02 -10.72
CA ILE B 5 17.74 18.28 -9.27
C ILE B 5 19.09 18.72 -8.70
N LYS B 6 19.09 19.37 -7.57
CA LYS B 6 20.39 19.81 -6.97
C LYS B 6 21.28 18.60 -6.74
N ALA B 7 20.72 17.48 -6.39
CA ALA B 7 21.54 16.25 -6.16
C ALA B 7 22.17 15.81 -7.47
N LYS B 8 23.39 15.32 -7.43
CA LYS B 8 24.05 14.87 -8.69
C LYS B 8 23.56 13.47 -9.06
N GLU B 9 23.17 13.28 -10.29
CA GLU B 9 22.68 11.94 -10.72
C GLU B 9 23.66 11.35 -11.73
N VAL B 10 23.71 10.04 -11.82
CA VAL B 10 24.64 9.39 -12.79
C VAL B 10 23.89 8.33 -13.60
N ASN B 11 24.24 8.18 -14.85
CA ASN B 11 23.55 7.19 -15.72
C ASN B 11 23.65 5.79 -15.10
N VAL B 12 24.75 5.47 -14.47
CA VAL B 12 24.90 4.12 -13.87
C VAL B 12 23.80 3.88 -12.84
N ASP B 13 23.51 4.83 -12.01
CA ASP B 13 22.43 4.64 -11.00
C ASP B 13 21.10 4.39 -11.71
N ASP B 14 20.89 5.03 -12.83
CA ASP B 14 19.61 4.86 -13.56
C ASP B 14 19.39 3.39 -13.93
N GLU B 15 20.38 2.75 -14.46
CA GLU B 15 20.22 1.33 -14.87
C GLU B 15 20.06 0.43 -13.63
N LYS B 16 20.85 0.64 -12.61
CA LYS B 16 20.73 -0.22 -11.40
C LYS B 16 19.31 -0.12 -10.84
N GLU B 17 18.76 1.07 -10.79
CA GLU B 17 17.38 1.22 -10.27
C GLU B 17 16.40 0.52 -11.20
N ASP B 18 16.63 0.59 -12.49
CA ASP B 18 15.72 -0.09 -13.45
C ASP B 18 15.73 -1.59 -13.18
N LYS B 19 16.87 -2.15 -12.92
CA LYS B 19 16.96 -3.61 -12.65
C LYS B 19 16.13 -3.94 -11.40
N LEU B 20 16.23 -3.13 -10.39
CA LEU B 20 15.44 -3.40 -9.15
C LEU B 20 13.95 -3.33 -9.47
N ALA B 21 13.55 -2.38 -10.26
CA ALA B 21 12.11 -2.26 -10.62
C ALA B 21 11.68 -3.51 -11.39
N GLN B 22 12.49 -3.96 -12.31
CA GLN B 22 12.13 -5.17 -13.08
C GLN B 22 12.05 -6.37 -12.14
N ARG B 23 12.90 -6.42 -11.14
CA ARG B 23 12.86 -7.56 -10.20
C ARG B 23 11.49 -7.62 -9.51
N LEU B 24 10.98 -6.48 -9.10
CA LEU B 24 9.65 -6.48 -8.44
C LEU B 24 8.58 -6.94 -9.43
N ARG B 25 8.66 -6.47 -10.65
CA ARG B 25 7.65 -6.89 -11.65
C ARG B 25 7.68 -8.40 -11.80
N ALA B 26 8.85 -8.99 -11.74
CA ALA B 26 8.94 -10.48 -11.86
C ALA B 26 8.27 -11.10 -10.63
N LEU B 27 8.40 -10.46 -9.50
CA LEU B 27 7.78 -11.00 -8.26
C LEU B 27 6.26 -11.09 -8.47
N ARG B 28 5.69 -10.11 -9.12
CA ARG B 28 4.21 -10.12 -9.35
C ARG B 28 3.92 -10.89 -10.65
N GLY B 29 4.94 -11.20 -11.41
CA GLY B 29 4.71 -11.94 -12.68
C GLY B 29 4.33 -10.95 -13.79
N MET A 1 4.88 10.97 -0.77
CA MET A 1 6.33 11.28 -0.70
C MET A 1 7.09 10.05 -0.18
N ALA A 2 8.40 10.08 -0.22
CA ALA A 2 9.18 8.93 0.28
C ALA A 2 8.85 8.69 1.76
N SER A 3 8.72 9.74 2.52
CA SER A 3 8.39 9.57 3.97
C SER A 3 7.00 8.92 4.08
N ASN A 4 6.08 9.31 3.24
CA ASN A 4 4.73 8.71 3.29
C ASN A 4 4.87 7.20 3.14
N ALA A 5 5.75 6.77 2.28
CA ALA A 5 5.96 5.31 2.10
C ALA A 5 6.50 4.72 3.39
N ALA A 6 7.39 5.43 4.04
CA ALA A 6 7.95 4.92 5.33
C ALA A 6 6.82 4.73 6.34
N ARG A 7 5.90 5.66 6.39
CA ARG A 7 4.77 5.52 7.35
C ARG A 7 4.02 4.23 7.02
N VAL A 8 3.81 3.97 5.76
CA VAL A 8 3.09 2.73 5.38
C VAL A 8 3.87 1.51 5.87
N VAL A 9 5.16 1.57 5.81
CA VAL A 9 5.97 0.42 6.28
C VAL A 9 5.69 0.19 7.76
N ALA A 10 5.53 1.25 8.51
CA ALA A 10 5.24 1.09 9.95
C ALA A 10 3.92 0.34 10.10
N THR A 11 2.95 0.68 9.29
CA THR A 11 1.64 -0.02 9.38
C THR A 11 1.79 -1.44 8.81
N ALA A 12 2.64 -1.60 7.84
CA ALA A 12 2.83 -2.95 7.26
C ALA A 12 3.28 -3.91 8.35
N LYS A 13 4.23 -3.52 9.15
CA LYS A 13 4.70 -4.41 10.25
C LYS A 13 3.55 -4.62 11.24
N ASP A 14 2.89 -3.55 11.62
CA ASP A 14 1.76 -3.69 12.57
C ASP A 14 0.67 -4.57 11.96
N PHE A 15 0.43 -4.41 10.69
CA PHE A 15 -0.60 -5.23 10.02
C PHE A 15 -0.23 -6.71 10.14
N ASP A 16 1.01 -7.03 9.93
CA ASP A 16 1.44 -8.46 10.04
C ASP A 16 1.16 -8.95 11.45
N LYS A 17 1.37 -8.11 12.44
CA LYS A 17 1.11 -8.52 13.85
C LYS A 17 -0.36 -8.92 13.98
N VAL A 18 -1.22 -8.33 13.20
CA VAL A 18 -2.67 -8.67 13.29
C VAL A 18 -2.95 -9.92 12.44
N GLY A 19 -1.99 -10.36 11.68
CA GLY A 19 -2.20 -11.56 10.82
C GLY A 19 -2.77 -11.14 9.47
N LEU A 20 -2.65 -9.89 9.14
CA LEU A 20 -3.16 -9.42 7.82
C LEU A 20 -2.02 -9.41 6.80
N GLY A 21 -1.27 -10.47 6.73
CA GLY A 21 -0.13 -10.51 5.76
C GLY A 21 -0.65 -10.20 4.35
N ILE A 22 -1.84 -10.61 4.04
CA ILE A 22 -2.38 -10.34 2.68
C ILE A 22 -2.44 -8.83 2.45
N ILE A 23 -3.04 -8.11 3.36
CA ILE A 23 -3.13 -6.64 3.20
C ILE A 23 -1.72 -6.05 3.23
N GLY A 24 -0.88 -6.52 4.11
CA GLY A 24 0.50 -5.99 4.20
C GLY A 24 1.21 -6.18 2.86
N TYR A 25 0.99 -7.30 2.23
CA TYR A 25 1.66 -7.55 0.92
C TYR A 25 1.20 -6.53 -0.12
N TYR A 26 -0.08 -6.32 -0.22
CA TYR A 26 -0.60 -5.36 -1.23
C TYR A 26 -0.05 -3.94 -0.98
N LEU A 27 -0.05 -3.47 0.23
CA LEU A 27 0.47 -2.09 0.46
C LEU A 27 1.96 -2.04 0.14
N GLN A 28 2.69 -3.11 0.37
CA GLN A 28 4.13 -3.07 0.02
C GLN A 28 4.24 -2.82 -1.48
N LEU A 29 3.37 -3.42 -2.26
CA LEU A 29 3.41 -3.17 -3.72
C LEU A 29 3.15 -1.68 -3.96
N TYR A 30 2.28 -1.12 -3.18
CA TYR A 30 1.97 0.34 -3.33
C TYR A 30 3.21 1.16 -2.95
N ALA A 31 3.95 0.72 -1.96
CA ALA A 31 5.16 1.48 -1.54
C ALA A 31 6.17 1.56 -2.69
N VAL A 32 6.43 0.46 -3.36
CA VAL A 32 7.41 0.51 -4.49
C VAL A 32 6.86 1.40 -5.59
N GLU A 33 5.60 1.27 -5.91
CA GLU A 33 5.02 2.13 -6.99
C GLU A 33 5.13 3.60 -6.57
N LEU A 34 4.99 3.88 -5.29
CA LEU A 34 5.10 5.28 -4.81
C LEU A 34 6.52 5.81 -5.06
N ILE A 35 7.51 5.02 -4.78
CA ILE A 35 8.91 5.48 -4.98
C ILE A 35 9.16 5.78 -6.46
N LEU A 36 8.78 4.89 -7.32
CA LEU A 36 8.98 5.13 -8.77
C LEU A 36 8.19 6.37 -9.21
N SER A 37 7.04 6.56 -8.64
CA SER A 37 6.21 7.75 -9.01
C SER A 37 6.69 8.95 -8.20
N GLU A 38 7.68 8.75 -7.36
CA GLU A 38 8.19 9.86 -6.51
C GLU A 38 9.32 10.59 -7.25
N GLU A 39 9.47 11.86 -6.98
CA GLU A 39 10.54 12.65 -7.66
C GLU A 39 11.90 12.00 -7.38
N ASP A 40 12.83 12.13 -8.28
CA ASP A 40 14.16 11.51 -8.07
C ASP A 40 14.78 12.01 -6.76
N ARG A 41 15.24 11.12 -5.94
CA ARG A 41 15.85 11.50 -4.64
C ARG A 41 17.33 11.08 -4.62
N SER A 42 18.07 11.52 -3.65
CA SER A 42 19.52 11.16 -3.59
C SER A 42 19.71 9.65 -3.58
N GLN A 43 20.91 9.19 -3.80
CA GLN A 43 21.19 7.72 -3.82
C GLN A 43 20.76 7.08 -2.51
N GLU A 44 20.85 7.78 -1.42
CA GLU A 44 20.45 7.16 -0.12
C GLU A 44 19.06 6.55 -0.29
N MET A 45 18.22 7.18 -1.04
CA MET A 45 16.86 6.64 -1.28
C MET A 45 16.99 5.30 -2.02
N THR A 46 17.92 5.21 -2.93
CA THR A 46 18.11 3.95 -3.68
C THR A 46 18.43 2.82 -2.70
N ALA A 47 19.24 3.10 -1.71
CA ALA A 47 19.59 2.04 -0.72
C ALA A 47 18.31 1.61 0.01
N LEU A 48 17.50 2.55 0.40
CA LEU A 48 16.24 2.19 1.10
C LEU A 48 15.35 1.39 0.16
N ALA A 49 15.33 1.74 -1.10
CA ALA A 49 14.49 0.98 -2.06
C ALA A 49 14.95 -0.48 -2.09
N THR A 50 16.24 -0.69 -2.08
CA THR A 50 16.75 -2.08 -2.10
C THR A 50 16.26 -2.81 -0.84
N GLU A 51 16.25 -2.14 0.27
CA GLU A 51 15.77 -2.79 1.53
C GLU A 51 14.31 -3.21 1.35
N LEU A 52 13.51 -2.39 0.74
CA LEU A 52 12.07 -2.76 0.55
C LEU A 52 11.97 -4.04 -0.28
N LEU A 53 12.77 -4.14 -1.32
CA LEU A 53 12.72 -5.39 -2.15
C LEU A 53 13.09 -6.58 -1.28
N ASP A 54 14.05 -6.41 -0.41
CA ASP A 54 14.45 -7.52 0.49
C ASP A 54 13.26 -7.88 1.37
N THR A 55 12.52 -6.89 1.78
CA THR A 55 11.33 -7.16 2.65
C THR A 55 10.36 -8.07 1.93
N ILE A 56 10.14 -7.84 0.66
CA ILE A 56 9.19 -8.72 -0.09
C ILE A 56 9.66 -10.17 0.03
N GLU A 57 10.89 -10.43 -0.32
CA GLU A 57 11.41 -11.81 -0.22
C GLU A 57 11.38 -12.21 1.25
N ALA A 58 11.67 -11.28 2.13
CA ALA A 58 11.64 -11.59 3.58
C ALA A 58 10.19 -11.85 4.00
N PHE A 59 9.25 -11.19 3.37
CA PHE A 59 7.82 -11.41 3.73
C PHE A 59 7.47 -12.88 3.54
N LYS A 60 7.71 -13.40 2.36
CA LYS A 60 7.37 -14.84 2.12
C LYS A 60 8.21 -15.72 3.07
N LYS A 61 9.49 -15.42 3.19
CA LYS A 61 10.36 -16.23 4.08
C LYS A 61 10.24 -15.76 5.53
N GLU A 62 9.45 -14.75 5.78
CA GLU A 62 9.30 -14.24 7.17
C GLU A 62 9.01 -15.41 8.12
N ILE A 63 8.28 -16.38 7.67
CA ILE A 63 7.97 -17.53 8.56
C ILE A 63 9.23 -18.35 8.84
N GLY A 64 10.04 -18.55 7.84
CA GLY A 64 11.29 -19.33 8.03
C GLY A 64 10.97 -20.82 7.90
N GLY A 65 9.72 -21.15 7.76
CA GLY A 65 9.34 -22.58 7.62
C GLY A 65 9.12 -23.21 9.00
N GLU A 66 9.30 -22.45 10.05
CA GLU A 66 9.10 -23.00 11.42
C GLU A 66 7.63 -23.33 11.60
N SER A 67 6.78 -22.42 11.23
CA SER A 67 5.31 -22.65 11.37
C SER A 67 4.88 -23.75 10.39
N GLU A 68 5.55 -23.84 9.28
CA GLU A 68 5.19 -24.88 8.28
C GLU A 68 5.36 -26.27 8.89
N ALA A 69 6.27 -26.42 9.81
CA ALA A 69 6.49 -27.76 10.42
C ALA A 69 5.15 -28.46 10.69
N GLU A 70 4.14 -27.72 11.06
CA GLU A 70 2.82 -28.35 11.33
C GLU A 70 1.80 -27.88 10.29
N ASP A 71 1.04 -28.78 9.74
CA ASP A 71 0.02 -28.37 8.73
C ASP A 71 0.68 -27.48 7.68
N SER A 72 1.80 -27.90 7.16
CA SER A 72 2.51 -27.07 6.15
C SER A 72 1.62 -26.85 4.93
N ASP A 73 0.84 -27.82 4.54
CA ASP A 73 -0.03 -27.66 3.35
C ASP A 73 -1.04 -26.54 3.58
N LYS A 74 -1.67 -26.52 4.73
CA LYS A 74 -2.68 -25.46 5.01
C LYS A 74 -2.04 -24.08 5.03
N SER A 75 -0.87 -23.96 5.63
CA SER A 75 -0.21 -22.63 5.71
C SER A 75 0.11 -22.14 4.29
N LEU A 76 0.65 -22.98 3.46
CA LEU A 76 0.99 -22.55 2.08
C LEU A 76 -0.30 -22.24 1.29
N HIS A 77 -1.33 -23.01 1.51
CA HIS A 77 -2.59 -22.76 0.77
C HIS A 77 -3.13 -21.36 1.07
N VAL A 78 -3.14 -20.96 2.31
CA VAL A 78 -3.66 -19.61 2.63
C VAL A 78 -2.71 -18.53 2.10
N MET A 79 -1.44 -18.64 2.39
CA MET A 79 -0.48 -17.61 1.90
C MET A 79 -0.34 -17.70 0.38
N ASN A 80 -0.17 -18.88 -0.15
CA ASN A 80 -0.01 -19.03 -1.62
C ASN A 80 -1.29 -18.63 -2.36
N THR A 81 -2.41 -19.05 -1.87
CA THR A 81 -3.69 -18.73 -2.57
C THR A 81 -4.03 -17.24 -2.48
N LEU A 82 -3.97 -16.66 -1.32
CA LEU A 82 -4.33 -15.21 -1.20
C LEU A 82 -3.25 -14.32 -1.81
N ILE A 83 -2.01 -14.70 -1.73
CA ILE A 83 -0.92 -13.86 -2.28
C ILE A 83 -0.82 -14.01 -3.81
N HIS A 84 -1.07 -15.19 -4.31
CA HIS A 84 -0.96 -15.39 -5.78
C HIS A 84 -2.31 -15.16 -6.48
N ASP A 85 -3.41 -15.36 -5.81
CA ASP A 85 -4.72 -15.15 -6.48
C ASP A 85 -5.15 -13.68 -6.36
N GLN A 86 -5.05 -12.94 -7.43
CA GLN A 86 -5.44 -11.50 -7.39
C GLN A 86 -6.93 -11.36 -7.06
N GLU A 87 -7.75 -12.25 -7.56
CA GLU A 87 -9.22 -12.15 -7.28
C GLU A 87 -9.46 -12.23 -5.77
N LYS A 88 -8.83 -13.15 -5.12
CA LYS A 88 -9.03 -13.27 -3.64
C LYS A 88 -8.49 -12.01 -2.96
N ALA A 89 -7.44 -11.45 -3.49
CA ALA A 89 -6.88 -10.22 -2.88
C ALA A 89 -7.84 -9.05 -3.11
N LYS A 90 -8.39 -8.95 -4.29
CA LYS A 90 -9.33 -7.83 -4.58
C LYS A 90 -10.54 -7.91 -3.65
N ILE A 91 -11.12 -9.06 -3.52
CA ILE A 91 -12.30 -9.22 -2.63
C ILE A 91 -11.84 -9.17 -1.17
N TYR A 92 -10.75 -9.83 -0.86
CA TYR A 92 -10.26 -9.82 0.54
C TYR A 92 -9.85 -8.39 0.91
N MET A 93 -9.09 -7.74 0.08
CA MET A 93 -8.68 -6.35 0.39
C MET A 93 -9.90 -5.43 0.39
N LEU A 94 -10.83 -5.65 -0.52
CA LEU A 94 -12.03 -4.79 -0.55
C LEU A 94 -12.77 -4.91 0.78
N ASN A 95 -12.87 -6.10 1.30
CA ASN A 95 -13.57 -6.29 2.60
C ASN A 95 -12.84 -5.50 3.70
N PHE A 96 -11.54 -5.55 3.69
CA PHE A 96 -10.75 -4.82 4.73
C PHE A 96 -10.98 -3.31 4.56
N THR A 97 -10.84 -2.81 3.38
CA THR A 97 -11.04 -1.34 3.17
C THR A 97 -12.48 -0.96 3.51
N MET A 98 -13.43 -1.74 3.07
CA MET A 98 -14.84 -1.41 3.38
C MET A 98 -15.08 -1.51 4.88
N SER A 99 -14.53 -2.50 5.52
CA SER A 99 -14.71 -2.64 6.99
C SER A 99 -13.88 -1.58 7.71
N LEU A 100 -12.72 -1.28 7.19
CA LEU A 100 -11.86 -0.26 7.85
C LEU A 100 -12.53 1.12 7.75
N TYR A 101 -13.09 1.42 6.62
CA TYR A 101 -13.75 2.75 6.46
C TYR A 101 -14.96 2.84 7.40
N ASN A 102 -15.75 1.81 7.48
CA ASN A 102 -16.94 1.86 8.36
C ASN A 102 -16.52 2.12 9.81
N GLU A 103 -15.52 1.43 10.27
CA GLU A 103 -15.07 1.65 11.68
C GLU A 103 -14.52 3.07 11.81
N LYS A 104 -13.69 3.48 10.89
CA LYS A 104 -13.13 4.85 10.96
C LYS A 104 -14.27 5.86 10.80
N LEU A 105 -15.23 5.56 9.98
CA LEU A 105 -16.37 6.50 9.77
C LEU A 105 -17.00 6.81 11.14
N LYS A 106 -17.27 5.80 11.91
CA LYS A 106 -17.86 6.05 13.25
C LYS A 106 -16.90 6.88 14.09
N GLN A 107 -15.62 6.64 13.95
CA GLN A 107 -14.63 7.43 14.74
C GLN A 107 -14.75 8.91 14.36
N LEU A 108 -14.96 9.21 13.11
CA LEU A 108 -15.08 10.64 12.72
C LEU A 108 -16.33 11.23 13.36
N LYS A 109 -17.38 10.47 13.44
CA LYS A 109 -18.64 10.99 14.05
C LYS A 109 -18.55 11.01 15.58
N ASP A 110 -18.24 9.90 16.17
CA ASP A 110 -18.15 9.84 17.65
C ASP A 110 -16.71 9.97 18.12
N GLY A 111 -15.76 9.64 17.29
CA GLY A 111 -14.33 9.73 17.71
C GLY A 111 -13.77 11.13 17.41
N PRO A 112 -12.84 11.59 18.20
CA PRO A 112 -12.20 12.92 18.00
C PRO A 112 -11.25 12.93 16.79
N TRP A 113 -11.03 14.07 16.20
CA TRP A 113 -10.11 14.14 15.04
C TRP A 113 -8.67 14.33 15.54
N ASP A 114 -7.79 13.46 15.16
CA ASP A 114 -6.37 13.59 15.60
C ASP A 114 -5.45 13.43 14.39
N VAL A 115 -4.22 13.85 14.50
CA VAL A 115 -3.29 13.72 13.36
C VAL A 115 -3.11 12.24 13.01
N MET A 116 -3.17 11.40 14.01
CA MET A 116 -3.00 9.94 13.75
C MET A 116 -4.10 9.45 12.80
N LEU A 117 -5.31 9.88 13.02
CA LEU A 117 -6.43 9.44 12.14
C LEU A 117 -6.24 10.03 10.75
N LYS A 118 -5.77 11.25 10.67
CA LYS A 118 -5.57 11.88 9.33
C LYS A 118 -4.59 11.05 8.50
N ARG A 119 -3.52 10.60 9.09
CA ARG A 119 -2.54 9.79 8.32
C ARG A 119 -3.15 8.45 7.90
N SER A 120 -3.81 7.78 8.82
CA SER A 120 -4.42 6.47 8.47
C SER A 120 -5.64 6.68 7.57
N LEU A 121 -6.45 7.65 7.86
CA LEU A 121 -7.65 7.89 7.01
C LEU A 121 -7.20 8.33 5.61
N TRP A 122 -6.18 9.14 5.51
CA TRP A 122 -5.71 9.58 4.17
C TRP A 122 -5.31 8.34 3.37
N CYS A 123 -4.59 7.44 3.99
CA CYS A 123 -4.17 6.20 3.28
C CYS A 123 -5.40 5.37 2.94
N CYS A 124 -6.40 5.41 3.79
CA CYS A 124 -7.63 4.61 3.51
C CYS A 124 -8.22 5.03 2.17
N ILE A 125 -8.41 6.30 1.95
CA ILE A 125 -8.97 6.75 0.66
C ILE A 125 -8.03 6.35 -0.48
N ASP A 126 -6.75 6.54 -0.30
CA ASP A 126 -5.78 6.16 -1.37
C ASP A 126 -5.81 4.65 -1.59
N LEU A 127 -5.92 3.89 -0.53
CA LEU A 127 -5.95 2.41 -0.68
C LEU A 127 -7.16 1.99 -1.50
N PHE A 128 -8.31 2.55 -1.19
CA PHE A 128 -9.54 2.18 -1.94
C PHE A 128 -9.42 2.66 -3.39
N SER A 129 -8.93 3.86 -3.58
CA SER A 129 -8.79 4.39 -4.96
C SER A 129 -7.78 3.54 -5.74
N CYS A 130 -6.79 3.03 -5.09
CA CYS A 130 -5.78 2.19 -5.80
C CYS A 130 -6.47 0.91 -6.29
N ILE A 131 -7.27 0.31 -5.46
CA ILE A 131 -7.98 -0.93 -5.88
C ILE A 131 -8.82 -0.64 -7.12
N LEU A 132 -9.53 0.45 -7.13
CA LEU A 132 -10.38 0.78 -8.31
C LEU A 132 -9.49 0.96 -9.54
N HIS A 133 -8.35 1.58 -9.38
CA HIS A 133 -7.44 1.80 -10.55
C HIS A 133 -7.09 0.47 -11.21
N LEU A 134 -6.67 -0.49 -10.45
CA LEU A 134 -6.29 -1.79 -11.06
C LEU A 134 -7.53 -2.45 -11.68
N TRP A 135 -8.62 -2.46 -10.99
CA TRP A 135 -9.86 -3.09 -11.52
C TRP A 135 -10.67 -2.09 -12.35
N LYS A 136 -10.22 -0.86 -12.46
CA LYS A 136 -10.99 0.14 -13.24
C LYS A 136 -11.38 -0.44 -14.60
N GLU A 137 -10.50 -1.17 -15.21
CA GLU A 137 -10.82 -1.76 -16.55
C GLU A 137 -11.95 -2.78 -16.42
N ASN A 138 -12.10 -3.38 -15.26
CA ASN A 138 -13.16 -4.39 -15.08
C ASN A 138 -14.46 -3.73 -14.62
N ILE A 139 -14.44 -2.45 -14.34
CA ILE A 139 -15.69 -1.76 -13.89
C ILE A 139 -16.24 -0.92 -15.04
N SER A 140 -17.54 -0.86 -15.17
CA SER A 140 -18.15 -0.05 -16.27
C SER A 140 -18.10 1.43 -15.90
N GLU A 141 -18.09 2.30 -16.87
CA GLU A 141 -18.04 3.75 -16.56
C GLU A 141 -19.17 4.12 -15.60
N THR A 142 -20.32 3.56 -15.77
CA THR A 142 -21.45 3.89 -14.84
C THR A 142 -21.19 3.26 -13.48
N SER A 143 -20.79 2.01 -13.46
CA SER A 143 -20.52 1.32 -12.16
C SER A 143 -19.36 2.01 -11.45
N THR A 144 -18.30 2.31 -12.16
CA THR A 144 -17.14 2.99 -11.51
C THR A 144 -17.59 4.36 -11.02
N ASN A 145 -18.41 5.03 -11.79
CA ASN A 145 -18.89 6.37 -11.36
C ASN A 145 -19.56 6.25 -9.99
N SER A 146 -20.36 5.23 -9.79
CA SER A 146 -21.03 5.06 -8.48
C SER A 146 -19.98 4.89 -7.39
N LEU A 147 -18.99 4.09 -7.64
CA LEU A 147 -17.92 3.90 -6.62
C LEU A 147 -17.25 5.24 -6.37
N GLN A 148 -17.06 6.01 -7.41
CA GLN A 148 -16.43 7.34 -7.25
C GLN A 148 -17.32 8.21 -6.36
N LYS A 149 -18.61 8.05 -6.47
CA LYS A 149 -19.52 8.86 -5.61
C LYS A 149 -19.24 8.52 -4.14
N ARG A 150 -19.05 7.26 -3.84
CA ARG A 150 -18.75 6.89 -2.42
C ARG A 150 -17.50 7.63 -1.99
N ILE A 151 -16.51 7.67 -2.85
CA ILE A 151 -15.26 8.40 -2.51
C ILE A 151 -15.59 9.88 -2.36
N LYS A 152 -16.47 10.38 -3.18
CA LYS A 152 -16.86 11.80 -3.09
C LYS A 152 -17.39 12.08 -1.68
N TYR A 153 -18.13 11.15 -1.14
CA TYR A 153 -18.67 11.33 0.24
C TYR A 153 -17.48 11.44 1.21
N CYS A 154 -16.53 10.57 1.10
CA CYS A 154 -15.35 10.64 2.00
C CYS A 154 -14.57 11.91 1.66
N LYS A 155 -14.28 12.12 0.41
CA LYS A 155 -13.54 13.34 0.02
C LYS A 155 -14.38 14.55 0.40
N ILE A 156 -15.68 14.43 0.35
CA ILE A 156 -16.54 15.57 0.75
C ILE A 156 -16.19 15.93 2.18
N TYR A 157 -15.92 14.94 2.99
CA TYR A 157 -15.55 15.22 4.39
C TYR A 157 -14.24 16.03 4.36
N LEU A 158 -13.35 15.67 3.48
CA LEU A 158 -12.07 16.43 3.37
C LEU A 158 -12.38 17.90 3.06
N SER A 159 -13.36 18.14 2.23
CA SER A 159 -13.71 19.54 1.88
C SER A 159 -14.15 20.29 3.14
N LYS A 160 -14.96 19.68 3.97
CA LYS A 160 -15.41 20.38 5.20
C LYS A 160 -14.20 20.71 6.08
N LEU A 161 -13.25 19.82 6.15
CA LEU A 161 -12.05 20.12 6.99
C LEU A 161 -11.34 21.35 6.41
N ALA A 162 -11.32 21.47 5.12
CA ALA A 162 -10.65 22.65 4.49
C ALA A 162 -11.41 23.92 4.90
N LYS A 163 -12.70 23.83 5.03
CA LYS A 163 -13.50 25.03 5.43
C LYS A 163 -13.42 25.18 6.95
N GLY A 164 -12.95 24.19 7.64
CA GLY A 164 -12.84 24.28 9.12
C GLY A 164 -14.12 23.73 9.77
N GLU A 165 -15.05 23.27 8.99
CA GLU A 165 -16.31 22.72 9.57
C GLU A 165 -16.19 21.20 9.71
N ILE A 166 -16.72 20.66 10.78
CA ILE A 166 -16.65 19.19 10.99
C ILE A 166 -18.07 18.60 10.98
N GLY A 167 -18.25 17.49 10.33
CA GLY A 167 -19.61 16.86 10.27
C GLY A 167 -20.00 16.39 11.68
N ASN B 1 29.76 24.46 -2.06
CA ASN B 1 30.44 23.14 -2.32
C ASN B 1 29.72 22.41 -3.45
N VAL B 2 29.35 21.17 -3.22
CA VAL B 2 28.65 20.41 -4.28
C VAL B 2 27.24 21.01 -4.50
N PRO B 3 26.70 20.83 -5.67
CA PRO B 3 25.35 21.37 -6.02
C PRO B 3 24.26 20.84 -5.08
N GLU B 4 23.30 21.65 -4.75
CA GLU B 4 22.21 21.19 -3.84
C GLU B 4 21.51 19.99 -4.45
N ILE B 5 21.38 19.96 -5.75
CA ILE B 5 20.72 18.81 -6.43
C ILE B 5 21.67 18.18 -7.43
N LYS B 6 21.73 16.87 -7.48
CA LYS B 6 22.65 16.20 -8.43
C LYS B 6 22.29 16.63 -9.86
N ALA B 7 21.03 16.81 -10.14
CA ALA B 7 20.62 17.23 -11.51
C ALA B 7 21.02 16.15 -12.52
N LYS B 8 22.27 16.12 -12.90
CA LYS B 8 22.71 15.08 -13.88
C LYS B 8 22.63 13.69 -13.24
N GLU B 9 22.11 12.73 -13.97
CA GLU B 9 22.00 11.36 -13.42
C GLU B 9 23.04 10.45 -14.08
N VAL B 10 23.34 9.33 -13.48
CA VAL B 10 24.35 8.41 -14.08
C VAL B 10 23.63 7.22 -14.73
N ASN B 11 24.05 6.83 -15.89
CA ASN B 11 23.40 5.68 -16.59
C ASN B 11 23.42 4.45 -15.68
N VAL B 12 24.45 4.29 -14.88
CA VAL B 12 24.51 3.10 -13.98
C VAL B 12 23.30 3.08 -13.06
N ASP B 13 22.94 4.21 -12.51
CA ASP B 13 21.77 4.25 -11.60
C ASP B 13 20.51 3.81 -12.37
N ASP B 14 20.42 4.17 -13.62
CA ASP B 14 19.22 3.80 -14.41
C ASP B 14 19.05 2.28 -14.48
N GLU B 15 20.10 1.56 -14.74
CA GLU B 15 19.98 0.08 -14.82
C GLU B 15 19.69 -0.52 -13.45
N LYS B 16 20.34 -0.08 -12.42
CA LYS B 16 20.07 -0.66 -11.07
C LYS B 16 18.58 -0.49 -10.74
N GLU B 17 18.03 0.67 -10.99
CA GLU B 17 16.60 0.89 -10.70
C GLU B 17 15.76 -0.06 -11.56
N ASP B 18 16.17 -0.26 -12.79
CA ASP B 18 15.41 -1.17 -13.68
C ASP B 18 15.42 -2.58 -13.08
N LYS B 19 16.53 -2.99 -12.53
CA LYS B 19 16.61 -4.35 -11.93
C LYS B 19 15.57 -4.46 -10.80
N LEU B 20 15.51 -3.50 -9.92
CA LEU B 20 14.52 -3.57 -8.82
C LEU B 20 13.11 -3.47 -9.40
N ALA B 21 12.91 -2.60 -10.36
CA ALA B 21 11.56 -2.45 -10.96
C ALA B 21 11.19 -3.74 -11.71
N GLN B 22 12.10 -4.28 -12.47
CA GLN B 22 11.79 -5.53 -13.21
C GLN B 22 11.55 -6.67 -12.21
N ARG B 23 12.27 -6.68 -11.13
CA ARG B 23 12.07 -7.76 -10.13
C ARG B 23 10.64 -7.71 -9.59
N LEU B 24 10.14 -6.54 -9.32
CA LEU B 24 8.74 -6.42 -8.81
C LEU B 24 7.77 -6.92 -9.87
N ARG B 25 7.99 -6.54 -11.10
CA ARG B 25 7.07 -6.99 -12.18
C ARG B 25 7.06 -8.51 -12.25
N ALA B 26 8.20 -9.13 -12.09
CA ALA B 26 8.26 -10.61 -12.15
C ALA B 26 7.49 -11.17 -10.94
N LEU B 27 7.59 -10.50 -9.82
CA LEU B 27 6.88 -10.96 -8.61
C LEU B 27 5.37 -10.98 -8.88
N ARG B 28 4.88 -10.02 -9.61
CA ARG B 28 3.42 -9.98 -9.91
C ARG B 28 3.15 -10.80 -11.18
N GLY B 29 4.18 -11.19 -11.88
CA GLY B 29 3.97 -11.99 -13.12
C GLY B 29 3.08 -11.20 -14.09
N MET A 1 5.67 10.72 0.50
CA MET A 1 7.11 10.91 0.82
C MET A 1 7.73 9.60 1.31
N ALA A 2 9.02 9.51 1.34
CA ALA A 2 9.66 8.25 1.81
C ALA A 2 9.21 7.96 3.25
N SER A 3 9.11 8.98 4.06
CA SER A 3 8.67 8.76 5.46
C SER A 3 7.23 8.26 5.44
N ASN A 4 6.43 8.73 4.51
CA ASN A 4 5.02 8.26 4.44
C ASN A 4 5.03 6.75 4.26
N ALA A 5 5.90 6.27 3.42
CA ALA A 5 5.99 4.80 3.18
C ALA A 5 6.41 4.12 4.49
N ALA A 6 7.31 4.72 5.22
CA ALA A 6 7.76 4.10 6.50
C ALA A 6 6.55 3.96 7.43
N ARG A 7 5.72 4.96 7.48
CA ARG A 7 4.53 4.87 8.37
C ARG A 7 3.67 3.68 7.93
N VAL A 8 3.54 3.50 6.64
CA VAL A 8 2.74 2.36 6.13
C VAL A 8 3.38 1.06 6.60
N VAL A 9 4.68 1.01 6.63
CA VAL A 9 5.35 -0.23 7.09
C VAL A 9 4.91 -0.52 8.52
N ALA A 10 4.78 0.50 9.31
CA ALA A 10 4.34 0.29 10.72
C ALA A 10 2.96 -0.37 10.68
N THR A 11 2.10 0.10 9.82
CA THR A 11 0.74 -0.51 9.73
C THR A 11 0.88 -1.90 9.13
N ALA A 12 1.80 -2.08 8.22
CA ALA A 12 1.98 -3.43 7.61
C ALA A 12 2.23 -4.45 8.72
N LYS A 13 3.09 -4.13 9.66
CA LYS A 13 3.35 -5.07 10.77
C LYS A 13 2.07 -5.24 11.58
N ASP A 14 1.32 -4.19 11.77
CA ASP A 14 0.05 -4.29 12.55
C ASP A 14 -0.89 -5.29 11.87
N PHE A 15 -1.00 -5.22 10.57
CA PHE A 15 -1.90 -6.17 9.86
C PHE A 15 -1.42 -7.60 10.09
N ASP A 16 -0.14 -7.82 10.04
CA ASP A 16 0.38 -9.20 10.27
C ASP A 16 -0.07 -9.68 11.65
N LYS A 17 -0.06 -8.81 12.62
CA LYS A 17 -0.49 -9.20 13.99
C LYS A 17 -1.94 -9.65 13.95
N VAL A 18 -2.74 -9.07 13.09
CA VAL A 18 -4.16 -9.47 13.00
C VAL A 18 -4.30 -10.70 12.10
N GLY A 19 -3.24 -11.07 11.43
CA GLY A 19 -3.31 -12.26 10.53
C GLY A 19 -3.73 -11.81 9.13
N LEU A 20 -3.76 -10.52 8.90
CA LEU A 20 -4.15 -10.01 7.56
C LEU A 20 -2.87 -9.75 6.75
N GLY A 21 -1.99 -10.71 6.70
CA GLY A 21 -0.72 -10.53 5.94
C GLY A 21 -1.02 -10.17 4.48
N ILE A 22 -2.08 -10.66 3.93
CA ILE A 22 -2.40 -10.34 2.51
C ILE A 22 -2.52 -8.82 2.35
N ILE A 23 -3.26 -8.18 3.20
CA ILE A 23 -3.40 -6.71 3.09
C ILE A 23 -2.03 -6.07 3.28
N GLY A 24 -1.27 -6.55 4.22
CA GLY A 24 0.09 -5.99 4.47
C GLY A 24 0.95 -6.16 3.21
N TYR A 25 0.81 -7.27 2.54
CA TYR A 25 1.63 -7.49 1.32
C TYR A 25 1.29 -6.46 0.24
N TYR A 26 0.03 -6.24 -0.02
CA TYR A 26 -0.37 -5.27 -1.07
C TYR A 26 0.14 -3.86 -0.73
N LEU A 27 -0.03 -3.40 0.48
CA LEU A 27 0.45 -2.02 0.80
C LEU A 27 1.97 -1.96 0.68
N GLN A 28 2.67 -3.02 0.99
CA GLN A 28 4.15 -2.96 0.83
C GLN A 28 4.45 -2.69 -0.64
N LEU A 29 3.71 -3.30 -1.53
CA LEU A 29 3.92 -3.06 -2.97
C LEU A 29 3.67 -1.57 -3.23
N TYR A 30 2.70 -1.02 -2.56
CA TYR A 30 2.40 0.42 -2.74
C TYR A 30 3.57 1.25 -2.20
N ALA A 31 4.20 0.80 -1.14
CA ALA A 31 5.34 1.57 -0.56
C ALA A 31 6.46 1.69 -1.60
N VAL A 32 6.81 0.62 -2.27
CA VAL A 32 7.89 0.74 -3.29
C VAL A 32 7.42 1.64 -4.42
N GLU A 33 6.20 1.50 -4.84
CA GLU A 33 5.69 2.39 -5.93
C GLU A 33 5.74 3.85 -5.45
N LEU A 34 5.49 4.06 -4.18
CA LEU A 34 5.52 5.45 -3.64
C LEU A 34 6.94 6.01 -3.78
N ILE A 35 7.93 5.22 -3.46
CA ILE A 35 9.34 5.72 -3.55
C ILE A 35 9.67 6.06 -5.00
N LEU A 36 9.36 5.20 -5.92
CA LEU A 36 9.65 5.48 -7.35
C LEU A 36 8.80 6.66 -7.82
N SER A 37 7.61 6.78 -7.32
CA SER A 37 6.73 7.92 -7.72
C SER A 37 7.10 9.15 -6.90
N GLU A 38 8.06 9.02 -6.02
CA GLU A 38 8.48 10.17 -5.17
C GLU A 38 9.60 10.93 -5.87
N GLU A 39 9.69 12.21 -5.64
CA GLU A 39 10.75 13.02 -6.30
C GLU A 39 12.13 12.43 -5.95
N ASP A 40 13.08 12.58 -6.83
CA ASP A 40 14.43 12.00 -6.55
C ASP A 40 15.00 12.59 -5.25
N ARG A 41 15.52 11.74 -4.41
CA ARG A 41 16.10 12.22 -3.11
C ARG A 41 17.56 11.77 -3.02
N SER A 42 18.27 12.27 -2.05
CA SER A 42 19.70 11.89 -1.90
C SER A 42 19.81 10.36 -1.75
N GLN A 43 21.01 9.84 -1.78
CA GLN A 43 21.20 8.37 -1.66
C GLN A 43 20.57 7.85 -0.37
N GLU A 44 20.48 8.67 0.64
CA GLU A 44 19.87 8.18 1.92
C GLU A 44 18.53 7.52 1.62
N MET A 45 17.75 8.07 0.74
CA MET A 45 16.44 7.47 0.42
C MET A 45 16.67 6.10 -0.23
N THR A 46 17.70 5.97 -1.02
CA THR A 46 17.98 4.66 -1.67
C THR A 46 18.28 3.62 -0.59
N ALA A 47 18.96 4.02 0.45
CA ALA A 47 19.28 3.06 1.54
C ALA A 47 17.97 2.59 2.17
N LEU A 48 17.05 3.49 2.40
CA LEU A 48 15.76 3.10 3.01
C LEU A 48 15.03 2.15 2.06
N ALA A 49 15.15 2.37 0.78
CA ALA A 49 14.47 1.46 -0.19
C ALA A 49 15.04 0.05 -0.04
N THR A 50 16.33 -0.07 0.13
CA THR A 50 16.94 -1.41 0.29
C THR A 50 16.36 -2.08 1.54
N GLU A 51 16.23 -1.35 2.60
CA GLU A 51 15.66 -1.95 3.84
C GLU A 51 14.22 -2.39 3.57
N LEU A 52 13.47 -1.60 2.85
CA LEU A 52 12.07 -1.98 2.54
C LEU A 52 12.07 -3.30 1.76
N LEU A 53 12.98 -3.44 0.84
CA LEU A 53 13.04 -4.70 0.04
C LEU A 53 13.26 -5.87 1.00
N ASP A 54 14.10 -5.70 1.98
CA ASP A 54 14.35 -6.80 2.95
C ASP A 54 13.04 -7.16 3.63
N THR A 55 12.26 -6.17 3.96
CA THR A 55 10.95 -6.44 4.63
C THR A 55 10.08 -7.31 3.73
N ILE A 56 10.08 -7.05 2.46
CA ILE A 56 9.24 -7.87 1.53
C ILE A 56 9.63 -9.34 1.66
N GLU A 57 10.90 -9.62 1.53
CA GLU A 57 11.36 -11.02 1.66
C GLU A 57 11.08 -11.46 3.10
N ALA A 58 11.23 -10.57 4.04
CA ALA A 58 10.97 -10.91 5.45
C ALA A 58 9.47 -11.17 5.62
N PHE A 59 8.65 -10.48 4.87
CA PHE A 59 7.18 -10.69 4.97
C PHE A 59 6.86 -12.15 4.64
N LYS A 60 7.28 -12.62 3.50
CA LYS A 60 6.98 -14.03 3.14
C LYS A 60 7.63 -14.96 4.18
N LYS A 61 8.85 -14.69 4.55
CA LYS A 61 9.54 -15.56 5.54
C LYS A 61 9.14 -15.16 6.97
N GLU A 62 8.36 -14.14 7.11
CA GLU A 62 7.96 -13.70 8.48
C GLU A 62 7.42 -14.89 9.26
N ILE A 63 6.77 -15.81 8.61
CA ILE A 63 6.24 -16.99 9.34
C ILE A 63 7.40 -17.87 9.83
N GLY A 64 8.43 -17.98 9.05
CA GLY A 64 9.60 -18.82 9.46
C GLY A 64 9.21 -20.28 9.39
N GLY A 65 7.97 -20.56 9.09
CA GLY A 65 7.51 -21.98 9.00
C GLY A 65 7.00 -22.45 10.36
N GLU A 66 7.11 -21.63 11.37
CA GLU A 66 6.63 -22.05 12.72
C GLU A 66 5.12 -22.26 12.68
N SER A 67 4.40 -21.34 12.10
CA SER A 67 2.91 -21.50 12.02
C SER A 67 2.59 -22.70 11.14
N GLU A 68 3.38 -22.93 10.13
CA GLU A 68 3.12 -24.08 9.23
C GLU A 68 3.26 -25.39 10.01
N ALA A 69 4.07 -25.41 11.03
CA ALA A 69 4.25 -26.66 11.82
C ALA A 69 2.91 -27.38 11.98
N GLU A 70 1.85 -26.65 12.15
CA GLU A 70 0.51 -27.29 12.31
C GLU A 70 -0.35 -26.96 11.09
N ASP A 71 -1.01 -27.93 10.53
CA ASP A 71 -1.86 -27.66 9.33
C ASP A 71 -1.04 -26.89 8.29
N SER A 72 0.15 -27.35 8.01
CA SER A 72 0.99 -26.64 7.02
C SER A 72 0.28 -26.56 5.67
N ASP A 73 -0.44 -27.58 5.30
CA ASP A 73 -1.15 -27.55 3.99
C ASP A 73 -2.15 -26.39 3.97
N LYS A 74 -2.90 -26.21 5.03
CA LYS A 74 -3.89 -25.11 5.06
C LYS A 74 -3.19 -23.75 5.09
N SER A 75 -2.19 -23.61 5.91
CA SER A 75 -1.47 -22.30 5.99
C SER A 75 -0.86 -21.94 4.64
N LEU A 76 -0.25 -22.88 3.99
CA LEU A 76 0.37 -22.59 2.66
C LEU A 76 -0.71 -22.31 1.63
N HIS A 77 -1.80 -23.04 1.68
CA HIS A 77 -2.88 -22.83 0.68
C HIS A 77 -3.46 -21.42 0.82
N VAL A 78 -3.73 -20.99 2.03
CA VAL A 78 -4.30 -19.63 2.22
C VAL A 78 -3.26 -18.56 1.88
N MET A 79 -2.08 -18.68 2.41
CA MET A 79 -1.03 -17.65 2.14
C MET A 79 -0.62 -17.66 0.67
N ASN A 80 -0.38 -18.80 0.11
CA ASN A 80 0.06 -18.84 -1.32
C ASN A 80 -1.09 -18.46 -2.26
N THR A 81 -2.28 -18.93 -2.00
CA THR A 81 -3.41 -18.62 -2.90
C THR A 81 -3.71 -17.11 -2.92
N LEU A 82 -3.78 -16.49 -1.78
CA LEU A 82 -4.09 -15.03 -1.76
C LEU A 82 -2.89 -14.20 -2.23
N ILE A 83 -1.70 -14.63 -1.94
CA ILE A 83 -0.50 -13.85 -2.35
C ILE A 83 -0.17 -14.10 -3.83
N HIS A 84 -0.24 -15.32 -4.27
CA HIS A 84 0.09 -15.63 -5.70
C HIS A 84 -1.02 -15.12 -6.64
N ASP A 85 -2.25 -15.41 -6.34
CA ASP A 85 -3.34 -14.96 -7.26
C ASP A 85 -3.74 -13.51 -6.93
N GLN A 86 -3.43 -12.61 -7.81
CA GLN A 86 -3.77 -11.17 -7.58
C GLN A 86 -5.29 -11.00 -7.48
N GLU A 87 -6.04 -11.74 -8.25
CA GLU A 87 -7.52 -11.60 -8.21
C GLU A 87 -8.03 -11.90 -6.80
N LYS A 88 -7.50 -12.89 -6.17
CA LYS A 88 -7.95 -13.21 -4.78
C LYS A 88 -7.65 -12.03 -3.89
N ALA A 89 -6.54 -11.37 -4.12
CA ALA A 89 -6.19 -10.19 -3.30
C ALA A 89 -7.11 -9.02 -3.65
N LYS A 90 -7.44 -8.87 -4.91
CA LYS A 90 -8.32 -7.73 -5.32
C LYS A 90 -9.65 -7.77 -4.57
N ILE A 91 -10.32 -8.89 -4.53
CA ILE A 91 -11.62 -8.93 -3.80
C ILE A 91 -11.35 -9.01 -2.30
N TYR A 92 -10.34 -9.74 -1.91
CA TYR A 92 -10.02 -9.85 -0.47
C TYR A 92 -9.70 -8.46 0.06
N MET A 93 -8.88 -7.72 -0.64
CA MET A 93 -8.54 -6.35 -0.19
C MET A 93 -9.78 -5.47 -0.28
N LEU A 94 -10.58 -5.65 -1.31
CA LEU A 94 -11.80 -4.82 -1.45
C LEU A 94 -12.72 -5.07 -0.26
N ASN A 95 -12.84 -6.30 0.14
CA ASN A 95 -13.73 -6.62 1.30
C ASN A 95 -13.19 -5.96 2.58
N PHE A 96 -11.90 -6.04 2.80
CA PHE A 96 -11.32 -5.43 4.02
C PHE A 96 -11.50 -3.91 3.98
N THR A 97 -11.24 -3.30 2.86
CA THR A 97 -11.39 -1.83 2.77
C THR A 97 -12.84 -1.44 3.02
N MET A 98 -13.77 -2.19 2.48
CA MET A 98 -15.20 -1.87 2.69
C MET A 98 -15.53 -2.03 4.18
N SER A 99 -15.11 -3.11 4.78
CA SER A 99 -15.40 -3.33 6.21
C SER A 99 -14.55 -2.38 7.06
N LEU A 100 -13.33 -2.14 6.66
CA LEU A 100 -12.46 -1.23 7.44
C LEU A 100 -13.01 0.19 7.38
N TYR A 101 -13.48 0.59 6.22
CA TYR A 101 -14.03 1.97 6.09
C TYR A 101 -15.27 2.12 6.97
N ASN A 102 -16.14 1.15 6.95
CA ASN A 102 -17.37 1.25 7.79
C ASN A 102 -16.97 1.39 9.27
N GLU A 103 -15.99 0.65 9.69
CA GLU A 103 -15.55 0.75 11.12
C GLU A 103 -15.07 2.17 11.41
N LYS A 104 -14.36 2.77 10.50
CA LYS A 104 -13.86 4.16 10.73
C LYS A 104 -15.06 5.11 10.88
N LEU A 105 -16.08 4.94 10.08
CA LEU A 105 -17.25 5.85 10.19
C LEU A 105 -17.82 5.74 11.61
N LYS A 106 -17.94 4.56 12.13
CA LYS A 106 -18.49 4.41 13.50
C LYS A 106 -17.58 5.14 14.49
N GLN A 107 -16.30 5.08 14.29
CA GLN A 107 -15.37 5.78 15.22
C GLN A 107 -15.61 7.28 15.16
N LEU A 108 -15.86 7.81 14.00
CA LEU A 108 -16.10 9.28 13.89
C LEU A 108 -17.37 9.65 14.65
N LYS A 109 -18.37 8.80 14.61
CA LYS A 109 -19.65 9.12 15.31
C LYS A 109 -19.51 8.87 16.82
N ASP A 110 -19.09 7.70 17.21
CA ASP A 110 -18.96 7.39 18.65
C ASP A 110 -17.51 7.55 19.12
N GLY A 111 -16.57 7.46 18.23
CA GLY A 111 -15.14 7.59 18.64
C GLY A 111 -14.72 9.06 18.63
N PRO A 112 -13.73 9.40 19.42
CA PRO A 112 -13.20 10.79 19.51
C PRO A 112 -12.47 11.22 18.23
N TRP A 113 -12.42 12.49 17.95
CA TRP A 113 -11.73 12.94 16.71
C TRP A 113 -10.29 13.36 17.05
N ASP A 114 -9.32 12.73 16.43
CA ASP A 114 -7.91 13.11 16.72
C ASP A 114 -7.14 13.20 15.39
N VAL A 115 -5.97 13.78 15.41
CA VAL A 115 -5.16 13.90 14.17
C VAL A 115 -4.79 12.51 13.67
N MET A 116 -4.60 11.57 14.56
CA MET A 116 -4.23 10.20 14.16
C MET A 116 -5.31 9.64 13.23
N LEU A 117 -6.55 9.89 13.52
CA LEU A 117 -7.63 9.38 12.65
C LEU A 117 -7.50 10.01 11.26
N LYS A 118 -7.14 11.26 11.19
CA LYS A 118 -7.00 11.92 9.87
C LYS A 118 -5.96 11.14 9.04
N ARG A 119 -4.88 10.77 9.66
CA ARG A 119 -3.83 10.01 8.93
C ARG A 119 -4.44 8.69 8.43
N SER A 120 -5.25 8.07 9.24
CA SER A 120 -5.87 6.79 8.81
C SER A 120 -6.74 7.02 7.57
N LEU A 121 -7.45 8.11 7.53
CA LEU A 121 -8.32 8.38 6.34
C LEU A 121 -7.45 8.50 5.09
N TRP A 122 -6.32 9.16 5.19
CA TRP A 122 -5.45 9.28 4.00
C TRP A 122 -5.01 7.89 3.53
N CYS A 123 -4.66 7.03 4.44
CA CYS A 123 -4.24 5.66 4.05
C CYS A 123 -5.43 4.88 3.52
N CYS A 124 -6.57 5.01 4.15
CA CYS A 124 -7.77 4.26 3.69
C CYS A 124 -8.16 4.71 2.28
N ILE A 125 -8.27 5.99 2.07
CA ILE A 125 -8.64 6.49 0.71
C ILE A 125 -7.60 6.04 -0.31
N ASP A 126 -6.34 6.13 0.02
CA ASP A 126 -5.29 5.70 -0.94
C ASP A 126 -5.43 4.21 -1.24
N LEU A 127 -5.69 3.41 -0.23
CA LEU A 127 -5.83 1.95 -0.46
C LEU A 127 -7.01 1.67 -1.38
N PHE A 128 -8.11 2.34 -1.16
CA PHE A 128 -9.30 2.10 -2.02
C PHE A 128 -9.00 2.58 -3.44
N SER A 129 -8.40 3.74 -3.58
CA SER A 129 -8.08 4.27 -4.93
C SER A 129 -6.99 3.41 -5.58
N CYS A 130 -6.06 2.94 -4.80
CA CYS A 130 -4.96 2.11 -5.38
C CYS A 130 -5.55 0.85 -6.04
N ILE A 131 -6.40 0.15 -5.35
CA ILE A 131 -7.00 -1.07 -5.95
C ILE A 131 -7.79 -0.70 -7.19
N LEU A 132 -8.66 0.27 -7.10
CA LEU A 132 -9.46 0.67 -8.28
C LEU A 132 -8.56 1.28 -9.35
N HIS A 133 -7.55 2.01 -8.96
CA HIS A 133 -6.65 2.63 -9.97
C HIS A 133 -6.01 1.55 -10.83
N LEU A 134 -5.45 0.54 -10.22
CA LEU A 134 -4.81 -0.55 -11.00
C LEU A 134 -5.90 -1.32 -11.78
N TRP A 135 -6.99 -1.60 -11.14
CA TRP A 135 -8.09 -2.35 -11.81
C TRP A 135 -9.00 -1.37 -12.55
N LYS A 136 -8.66 -0.10 -12.57
CA LYS A 136 -9.52 0.89 -13.27
C LYS A 136 -9.76 0.45 -14.71
N GLU A 137 -8.78 -0.12 -15.34
CA GLU A 137 -8.96 -0.57 -16.75
C GLU A 137 -10.04 -1.65 -16.81
N ASN A 138 -10.26 -2.34 -15.72
CA ASN A 138 -11.28 -3.41 -15.71
C ASN A 138 -12.65 -2.83 -15.32
N ILE A 139 -12.69 -1.58 -14.94
CA ILE A 139 -13.98 -0.94 -14.55
C ILE A 139 -14.36 0.12 -15.60
N SER A 140 -15.63 0.31 -15.82
CA SER A 140 -16.06 1.32 -16.83
C SER A 140 -15.92 2.73 -16.23
N GLU A 141 -15.75 3.72 -17.06
CA GLU A 141 -15.58 5.10 -16.54
C GLU A 141 -16.79 5.49 -15.69
N THR A 142 -17.97 5.11 -16.09
CA THR A 142 -19.16 5.48 -15.27
C THR A 142 -19.14 4.68 -13.96
N SER A 143 -18.88 3.40 -14.04
CA SER A 143 -18.84 2.58 -12.79
C SER A 143 -17.71 3.07 -11.89
N THR A 144 -16.56 3.32 -12.44
CA THR A 144 -15.43 3.81 -11.60
C THR A 144 -15.79 5.19 -11.07
N ASN A 145 -16.42 6.00 -11.88
CA ASN A 145 -16.80 7.36 -11.41
C ASN A 145 -17.64 7.23 -10.14
N SER A 146 -18.53 6.27 -10.10
CA SER A 146 -19.37 6.08 -8.88
C SER A 146 -18.47 5.69 -7.71
N LEU A 147 -17.54 4.82 -7.93
CA LEU A 147 -16.62 4.41 -6.82
C LEU A 147 -15.84 5.64 -6.34
N GLN A 148 -15.35 6.42 -7.26
CA GLN A 148 -14.60 7.64 -6.88
C GLN A 148 -15.55 8.57 -6.11
N LYS A 149 -16.80 8.58 -6.49
CA LYS A 149 -17.78 9.45 -5.78
C LYS A 149 -17.83 9.05 -4.31
N ARG A 150 -17.81 7.78 -4.02
CA ARG A 150 -17.84 7.34 -2.60
C ARG A 150 -16.59 7.87 -1.91
N ILE A 151 -15.47 7.81 -2.58
CA ILE A 151 -14.21 8.32 -1.99
C ILE A 151 -14.39 9.81 -1.71
N LYS A 152 -15.05 10.51 -2.60
CA LYS A 152 -15.26 11.96 -2.40
C LYS A 152 -15.99 12.15 -1.07
N TYR A 153 -16.95 11.31 -0.79
CA TYR A 153 -17.70 11.44 0.50
C TYR A 153 -16.70 11.31 1.65
N CYS A 154 -15.79 10.38 1.56
CA CYS A 154 -14.78 10.22 2.64
C CYS A 154 -13.93 11.49 2.70
N LYS A 155 -13.42 11.91 1.58
CA LYS A 155 -12.59 13.15 1.54
C LYS A 155 -13.43 14.34 2.00
N ILE A 156 -14.70 14.33 1.67
CA ILE A 156 -15.57 15.47 2.09
C ILE A 156 -15.55 15.61 3.61
N TYR A 157 -15.71 14.53 4.33
CA TYR A 157 -15.67 14.62 5.80
C TYR A 157 -14.28 15.10 6.22
N LEU A 158 -13.27 14.60 5.57
CA LEU A 158 -11.88 15.01 5.90
C LEU A 158 -11.75 16.52 5.69
N SER A 159 -12.32 17.04 4.63
CA SER A 159 -12.23 18.50 4.37
C SER A 159 -12.92 19.26 5.51
N LYS A 160 -14.01 18.75 6.02
CA LYS A 160 -14.71 19.44 7.12
C LYS A 160 -13.77 19.54 8.33
N LEU A 161 -13.03 18.50 8.60
CA LEU A 161 -12.09 18.54 9.75
C LEU A 161 -11.00 19.58 9.47
N ALA A 162 -10.60 19.71 8.23
CA ALA A 162 -9.56 20.72 7.89
C ALA A 162 -10.07 22.11 8.23
N LYS A 163 -11.34 22.36 8.01
CA LYS A 163 -11.91 23.70 8.34
C LYS A 163 -12.21 23.76 9.83
N GLY A 164 -12.18 22.65 10.50
CA GLY A 164 -12.47 22.65 11.96
C GLY A 164 -13.95 22.38 12.21
N GLU A 165 -14.72 22.25 11.16
CA GLU A 165 -16.18 21.99 11.33
C GLU A 165 -16.44 20.48 11.26
N ILE A 166 -17.34 20.00 12.08
CA ILE A 166 -17.66 18.54 12.07
C ILE A 166 -19.13 18.34 11.67
N GLY A 167 -19.40 17.41 10.80
CA GLY A 167 -20.81 17.18 10.37
C GLY A 167 -21.62 16.66 11.56
N ASN B 1 21.49 25.65 -14.43
CA ASN B 1 22.76 25.95 -13.71
C ASN B 1 23.48 24.63 -13.38
N VAL B 2 22.82 23.73 -12.71
CA VAL B 2 23.47 22.45 -12.36
C VAL B 2 23.71 21.63 -13.64
N PRO B 3 24.69 20.75 -13.63
CA PRO B 3 25.01 19.91 -14.81
C PRO B 3 23.76 19.31 -15.45
N GLU B 4 23.75 19.18 -16.76
CA GLU B 4 22.55 18.61 -17.44
C GLU B 4 22.89 17.19 -17.93
N ILE B 5 21.91 16.32 -17.94
CA ILE B 5 22.17 14.92 -18.41
C ILE B 5 21.20 14.57 -19.54
N LYS B 6 21.68 13.94 -20.57
CA LYS B 6 20.80 13.57 -21.70
C LYS B 6 20.20 12.19 -21.45
N ALA B 7 19.00 11.95 -21.91
CA ALA B 7 18.37 10.61 -21.69
C ALA B 7 19.24 9.53 -22.32
N LYS B 8 19.87 9.84 -23.42
CA LYS B 8 20.75 8.82 -24.10
C LYS B 8 21.84 8.36 -23.13
N GLU B 9 22.34 9.25 -22.33
CA GLU B 9 23.42 8.87 -21.36
C GLU B 9 22.80 8.53 -20.01
N VAL B 10 23.24 7.47 -19.39
CA VAL B 10 22.67 7.08 -18.07
C VAL B 10 23.80 6.96 -17.04
N ASN B 11 23.59 7.44 -15.85
CA ASN B 11 24.65 7.35 -14.81
C ASN B 11 24.73 5.92 -14.29
N VAL B 12 25.84 5.55 -13.71
CA VAL B 12 25.98 4.16 -13.18
C VAL B 12 24.98 3.95 -12.04
N ASP B 13 24.88 4.87 -11.13
CA ASP B 13 23.92 4.70 -10.01
C ASP B 13 22.49 4.61 -10.55
N ASP B 14 22.21 5.33 -11.60
CA ASP B 14 20.83 5.30 -12.18
C ASP B 14 20.46 3.89 -12.63
N GLU B 15 21.34 3.23 -13.33
CA GLU B 15 21.02 1.86 -13.81
C GLU B 15 20.91 0.89 -12.64
N LYS B 16 21.77 0.98 -11.67
CA LYS B 16 21.67 0.03 -10.51
C LYS B 16 20.29 0.17 -9.87
N GLU B 17 19.80 1.38 -9.75
CA GLU B 17 18.46 1.56 -9.13
C GLU B 17 17.40 0.95 -10.05
N ASP B 18 17.57 1.08 -11.34
CA ASP B 18 16.59 0.50 -12.28
C ASP B 18 16.58 -1.03 -12.13
N LYS B 19 17.74 -1.61 -11.95
CA LYS B 19 17.81 -3.09 -11.78
C LYS B 19 17.00 -3.49 -10.54
N LEU B 20 17.14 -2.75 -9.47
CA LEU B 20 16.38 -3.10 -8.24
C LEU B 20 14.88 -3.04 -8.54
N ALA B 21 14.46 -2.07 -9.30
CA ALA B 21 13.01 -1.98 -9.63
C ALA B 21 12.59 -3.21 -10.41
N GLN B 22 13.42 -3.67 -11.31
CA GLN B 22 13.08 -4.88 -12.10
C GLN B 22 12.99 -6.08 -11.15
N ARG B 23 13.82 -6.11 -10.15
CA ARG B 23 13.78 -7.25 -9.19
C ARG B 23 12.40 -7.30 -8.54
N LEU B 24 11.88 -6.16 -8.15
CA LEU B 24 10.53 -6.14 -7.52
C LEU B 24 9.51 -6.68 -8.52
N ARG B 25 9.64 -6.30 -9.77
CA ARG B 25 8.68 -6.79 -10.79
C ARG B 25 8.74 -8.32 -10.83
N ALA B 26 9.91 -8.87 -10.66
CA ALA B 26 10.02 -10.36 -10.67
C ALA B 26 9.28 -10.90 -9.45
N LEU B 27 9.33 -10.20 -8.35
CA LEU B 27 8.62 -10.66 -7.13
C LEU B 27 7.13 -10.79 -7.45
N ARG B 28 6.59 -9.86 -8.20
CA ARG B 28 5.15 -9.93 -8.55
C ARG B 28 4.98 -10.75 -9.83
N GLY B 29 6.06 -11.12 -10.46
CA GLY B 29 5.96 -11.92 -11.71
C GLY B 29 6.21 -11.03 -12.93
N MET A 1 7.96 12.38 0.29
CA MET A 1 6.83 11.56 0.79
C MET A 1 7.37 10.29 1.45
N ALA A 2 8.66 10.19 1.59
CA ALA A 2 9.24 8.97 2.23
C ALA A 2 8.69 8.84 3.65
N SER A 3 8.52 9.94 4.33
CA SER A 3 7.98 9.86 5.72
C SER A 3 6.57 9.28 5.68
N ASN A 4 5.78 9.67 4.71
CA ASN A 4 4.40 9.12 4.62
C ASN A 4 4.50 7.60 4.52
N ALA A 5 5.43 7.14 3.73
CA ALA A 5 5.61 5.67 3.59
C ALA A 5 6.05 5.08 4.93
N ALA A 6 6.90 5.78 5.64
CA ALA A 6 7.37 5.26 6.95
C ALA A 6 6.17 5.02 7.86
N ARG A 7 5.26 5.95 7.94
CA ARG A 7 4.07 5.75 8.82
C ARG A 7 3.30 4.53 8.33
N VAL A 8 3.18 4.38 7.03
CA VAL A 8 2.44 3.21 6.49
C VAL A 8 3.16 1.94 6.94
N VAL A 9 4.46 1.95 6.95
CA VAL A 9 5.21 0.75 7.38
C VAL A 9 4.85 0.43 8.82
N ALA A 10 4.67 1.43 9.63
CA ALA A 10 4.31 1.16 11.06
C ALA A 10 2.98 0.43 11.08
N THR A 11 2.03 0.89 10.30
CA THR A 11 0.71 0.19 10.26
C THR A 11 0.90 -1.18 9.62
N ALA A 12 1.77 -1.27 8.66
CA ALA A 12 2.00 -2.59 8.00
C ALA A 12 2.46 -3.60 9.04
N LYS A 13 3.34 -3.20 9.92
CA LYS A 13 3.81 -4.14 10.98
C LYS A 13 2.62 -4.53 11.86
N ASP A 14 1.79 -3.59 12.20
CA ASP A 14 0.61 -3.91 13.06
C ASP A 14 -0.27 -4.92 12.33
N PHE A 15 -0.46 -4.75 11.05
CA PHE A 15 -1.32 -5.70 10.29
C PHE A 15 -0.68 -7.08 10.32
N ASP A 16 0.61 -7.16 10.18
CA ASP A 16 1.28 -8.49 10.20
C ASP A 16 0.96 -9.17 11.54
N LYS A 17 0.96 -8.42 12.60
CA LYS A 17 0.65 -9.00 13.93
C LYS A 17 -0.76 -9.58 13.91
N VAL A 18 -1.63 -9.00 13.12
CA VAL A 18 -3.04 -9.50 13.05
C VAL A 18 -3.10 -10.67 12.06
N GLY A 19 -2.08 -10.85 11.26
CA GLY A 19 -2.09 -11.98 10.29
C GLY A 19 -2.70 -11.51 8.97
N LEU A 20 -2.70 -10.23 8.71
CA LEU A 20 -3.28 -9.72 7.44
C LEU A 20 -2.14 -9.56 6.42
N GLY A 21 -1.39 -10.60 6.18
CA GLY A 21 -0.27 -10.50 5.21
C GLY A 21 -0.77 -10.03 3.84
N ILE A 22 -2.00 -10.35 3.50
CA ILE A 22 -2.53 -9.92 2.19
C ILE A 22 -2.46 -8.40 2.07
N ILE A 23 -2.97 -7.69 3.03
CA ILE A 23 -2.93 -6.21 2.97
C ILE A 23 -1.48 -5.75 3.01
N GLY A 24 -0.69 -6.32 3.87
CA GLY A 24 0.73 -5.93 3.97
C GLY A 24 1.42 -6.14 2.63
N TYR A 25 1.13 -7.22 1.97
CA TYR A 25 1.78 -7.49 0.66
C TYR A 25 1.42 -6.39 -0.35
N TYR A 26 0.17 -6.07 -0.47
CA TYR A 26 -0.23 -5.01 -1.45
C TYR A 26 0.27 -3.64 -1.00
N LEU A 27 0.11 -3.31 0.27
CA LEU A 27 0.57 -1.97 0.73
C LEU A 27 2.09 -1.88 0.70
N GLN A 28 2.79 -2.94 1.00
CA GLN A 28 4.28 -2.86 0.95
C GLN A 28 4.72 -2.59 -0.50
N LEU A 29 4.09 -3.21 -1.45
CA LEU A 29 4.45 -2.96 -2.87
C LEU A 29 4.22 -1.48 -3.18
N TYR A 30 3.13 -0.95 -2.69
CA TYR A 30 2.85 0.49 -2.94
C TYR A 30 3.90 1.35 -2.23
N ALA A 31 4.33 0.93 -1.07
CA ALA A 31 5.34 1.74 -0.33
C ALA A 31 6.60 1.91 -1.18
N VAL A 32 7.07 0.87 -1.79
CA VAL A 32 8.29 1.01 -2.64
C VAL A 32 7.95 1.87 -3.85
N GLU A 33 6.79 1.69 -4.42
CA GLU A 33 6.41 2.52 -5.59
C GLU A 33 6.38 3.99 -5.15
N LEU A 34 5.98 4.23 -3.94
CA LEU A 34 5.93 5.63 -3.43
C LEU A 34 7.35 6.20 -3.36
N ILE A 35 8.29 5.41 -2.92
CA ILE A 35 9.69 5.89 -2.82
C ILE A 35 10.22 6.26 -4.20
N LEU A 36 10.03 5.40 -5.16
CA LEU A 36 10.53 5.70 -6.54
C LEU A 36 9.81 6.94 -7.07
N SER A 37 8.54 7.09 -6.76
CA SER A 37 7.79 8.28 -7.24
C SER A 37 8.26 9.50 -6.44
N GLU A 38 8.82 9.24 -5.29
CA GLU A 38 9.31 10.34 -4.41
C GLU A 38 10.61 10.92 -4.99
N GLU A 39 10.88 12.17 -4.75
CA GLU A 39 12.12 12.78 -5.28
C GLU A 39 13.33 11.99 -4.79
N ASP A 40 14.38 11.96 -5.56
CA ASP A 40 15.58 11.17 -5.17
C ASP A 40 16.11 11.66 -3.81
N ARG A 41 16.44 10.74 -2.95
CA ARG A 41 16.98 11.10 -1.61
C ARG A 41 18.34 10.46 -1.42
N SER A 42 19.04 10.82 -0.37
CA SER A 42 20.40 10.23 -0.14
C SER A 42 20.31 8.71 -0.07
N GLN A 43 21.44 8.05 -0.11
CA GLN A 43 21.44 6.56 -0.07
C GLN A 43 20.70 6.03 1.16
N GLU A 44 20.71 6.77 2.24
CA GLU A 44 20.01 6.27 3.46
C GLU A 44 18.57 5.93 3.11
N MET A 45 17.93 6.73 2.30
CA MET A 45 16.53 6.44 1.90
C MET A 45 16.51 5.15 1.08
N THR A 46 17.49 4.97 0.24
CA THR A 46 17.54 3.74 -0.60
C THR A 46 17.77 2.53 0.31
N ALA A 47 18.53 2.70 1.36
CA ALA A 47 18.79 1.57 2.28
C ALA A 47 17.46 1.12 2.90
N LEU A 48 16.64 2.06 3.27
CA LEU A 48 15.32 1.69 3.87
C LEU A 48 14.49 0.96 2.82
N ALA A 49 14.58 1.37 1.58
CA ALA A 49 13.79 0.69 0.52
C ALA A 49 14.22 -0.77 0.45
N THR A 50 15.49 -1.04 0.54
CA THR A 50 15.98 -2.44 0.50
C THR A 50 15.40 -3.21 1.67
N GLU A 51 15.34 -2.59 2.83
CA GLU A 51 14.79 -3.30 4.02
C GLU A 51 13.34 -3.69 3.77
N LEU A 52 12.57 -2.81 3.17
CA LEU A 52 11.15 -3.14 2.89
C LEU A 52 11.08 -4.34 1.94
N LEU A 53 11.95 -4.38 0.97
CA LEU A 53 11.95 -5.54 0.03
C LEU A 53 12.17 -6.83 0.80
N ASP A 54 13.06 -6.80 1.75
CA ASP A 54 13.33 -8.02 2.57
C ASP A 54 12.06 -8.41 3.31
N THR A 55 11.34 -7.44 3.80
CA THR A 55 10.09 -7.74 4.54
C THR A 55 9.11 -8.49 3.64
N ILE A 56 9.00 -8.10 2.40
CA ILE A 56 8.05 -8.82 1.49
C ILE A 56 8.46 -10.29 1.39
N GLU A 57 9.69 -10.55 1.09
CA GLU A 57 10.14 -11.96 1.00
C GLU A 57 10.02 -12.58 2.40
N ALA A 58 10.31 -11.81 3.41
CA ALA A 58 10.19 -12.33 4.80
C ALA A 58 8.71 -12.57 5.11
N PHE A 59 7.84 -11.77 4.57
CA PHE A 59 6.38 -11.96 4.82
C PHE A 59 5.98 -13.36 4.37
N LYS A 60 6.28 -13.72 3.15
CA LYS A 60 5.93 -15.08 2.68
C LYS A 60 6.61 -16.11 3.59
N LYS A 61 7.83 -15.85 3.97
CA LYS A 61 8.56 -16.80 4.85
C LYS A 61 8.18 -16.57 6.32
N GLU A 62 7.33 -15.62 6.57
CA GLU A 62 6.93 -15.33 7.98
C GLU A 62 6.55 -16.62 8.70
N ILE A 63 5.95 -17.55 8.00
CA ILE A 63 5.57 -18.82 8.66
C ILE A 63 6.82 -19.62 9.01
N GLY A 64 7.82 -19.56 8.19
CA GLY A 64 9.07 -20.32 8.48
C GLY A 64 8.83 -21.82 8.23
N GLY A 65 7.62 -22.18 7.94
CA GLY A 65 7.31 -23.62 7.68
C GLY A 65 6.91 -24.31 8.99
N GLU A 66 6.93 -23.59 10.09
CA GLU A 66 6.55 -24.22 11.38
C GLU A 66 5.08 -24.61 11.32
N SER A 67 4.26 -23.71 10.87
CA SER A 67 2.81 -23.99 10.77
C SER A 67 2.58 -25.05 9.69
N GLU A 68 3.41 -25.06 8.68
CA GLU A 68 3.25 -26.05 7.58
C GLU A 68 3.40 -27.47 8.14
N ALA A 69 4.15 -27.64 9.19
CA ALA A 69 4.33 -29.01 9.75
C ALA A 69 2.98 -29.71 9.82
N GLU A 70 1.94 -29.00 10.16
CA GLU A 70 0.59 -29.62 10.23
C GLU A 70 -0.28 -29.06 9.12
N ASP A 71 -1.00 -29.90 8.43
CA ASP A 71 -1.87 -29.41 7.33
C ASP A 71 -1.02 -28.53 6.39
N SER A 72 0.12 -29.02 5.99
CA SER A 72 1.00 -28.23 5.10
C SER A 72 0.25 -27.86 3.82
N ASP A 73 -0.61 -28.72 3.35
CA ASP A 73 -1.36 -28.41 2.10
C ASP A 73 -2.22 -27.16 2.29
N LYS A 74 -2.89 -27.07 3.40
CA LYS A 74 -3.75 -25.89 3.66
C LYS A 74 -2.89 -24.63 3.79
N SER A 75 -1.77 -24.72 4.46
CA SER A 75 -0.91 -23.51 4.63
C SER A 75 -0.46 -22.99 3.26
N LEU A 76 -0.03 -23.86 2.40
CA LEU A 76 0.41 -23.41 1.05
C LEU A 76 -0.80 -22.90 0.26
N HIS A 77 -1.93 -23.53 0.43
CA HIS A 77 -3.14 -23.08 -0.31
C HIS A 77 -3.45 -21.62 0.01
N VAL A 78 -3.41 -21.26 1.27
CA VAL A 78 -3.71 -19.84 1.65
C VAL A 78 -2.63 -18.91 1.09
N MET A 79 -1.38 -19.24 1.29
CA MET A 79 -0.30 -18.35 0.77
C MET A 79 -0.29 -18.38 -0.76
N ASN A 80 -0.36 -19.55 -1.33
CA ASN A 80 -0.33 -19.64 -2.83
C ASN A 80 -1.61 -19.07 -3.44
N THR A 81 -2.74 -19.36 -2.86
CA THR A 81 -4.02 -18.86 -3.44
C THR A 81 -4.16 -17.33 -3.30
N LEU A 82 -3.93 -16.81 -2.12
CA LEU A 82 -4.10 -15.34 -1.92
C LEU A 82 -2.97 -14.56 -2.60
N ILE A 83 -1.78 -15.09 -2.61
CA ILE A 83 -0.64 -14.36 -3.23
C ILE A 83 -0.66 -14.47 -4.76
N HIS A 84 -1.05 -15.59 -5.29
CA HIS A 84 -1.06 -15.75 -6.78
C HIS A 84 -2.38 -15.27 -7.38
N ASP A 85 -3.46 -15.34 -6.65
CA ASP A 85 -4.77 -14.90 -7.23
C ASP A 85 -4.90 -13.38 -7.10
N GLN A 86 -4.65 -12.67 -8.17
CA GLN A 86 -4.75 -11.19 -8.13
C GLN A 86 -6.19 -10.74 -7.83
N GLU A 87 -7.16 -11.40 -8.41
CA GLU A 87 -8.57 -10.99 -8.17
C GLU A 87 -8.92 -11.18 -6.69
N LYS A 88 -8.51 -12.27 -6.11
CA LYS A 88 -8.80 -12.49 -4.68
C LYS A 88 -8.11 -11.38 -3.87
N ALA A 89 -7.00 -10.92 -4.35
CA ALA A 89 -6.27 -9.85 -3.62
C ALA A 89 -7.11 -8.57 -3.58
N LYS A 90 -7.70 -8.20 -4.69
CA LYS A 90 -8.51 -6.95 -4.70
C LYS A 90 -9.73 -7.06 -3.78
N ILE A 91 -10.49 -8.12 -3.89
CA ILE A 91 -11.70 -8.22 -3.01
C ILE A 91 -11.25 -8.33 -1.56
N TYR A 92 -10.20 -9.03 -1.30
CA TYR A 92 -9.72 -9.15 0.11
C TYR A 92 -9.36 -7.74 0.59
N MET A 93 -8.66 -7.00 -0.21
CA MET A 93 -8.29 -5.61 0.19
C MET A 93 -9.53 -4.72 0.19
N LEU A 94 -10.38 -4.86 -0.79
CA LEU A 94 -11.60 -4.02 -0.83
C LEU A 94 -12.44 -4.28 0.42
N ASN A 95 -12.54 -5.51 0.83
CA ASN A 95 -13.34 -5.84 2.04
C ASN A 95 -12.73 -5.17 3.27
N PHE A 96 -11.45 -5.27 3.45
CA PHE A 96 -10.81 -4.65 4.64
C PHE A 96 -10.90 -3.12 4.55
N THR A 97 -10.68 -2.57 3.38
CA THR A 97 -10.76 -1.09 3.24
C THR A 97 -12.16 -0.63 3.59
N MET A 98 -13.17 -1.28 3.09
CA MET A 98 -14.56 -0.86 3.40
C MET A 98 -14.83 -1.06 4.89
N SER A 99 -14.38 -2.17 5.43
CA SER A 99 -14.61 -2.41 6.88
C SER A 99 -13.77 -1.45 7.71
N LEU A 100 -12.60 -1.10 7.24
CA LEU A 100 -11.73 -0.15 7.98
C LEU A 100 -12.42 1.21 8.07
N TYR A 101 -13.00 1.66 7.00
CA TYR A 101 -13.68 2.99 7.03
C TYR A 101 -14.88 2.94 7.97
N ASN A 102 -15.65 1.89 7.92
CA ASN A 102 -16.85 1.81 8.80
C ASN A 102 -16.40 1.88 10.27
N GLU A 103 -15.37 1.16 10.62
CA GLU A 103 -14.91 1.19 12.04
C GLU A 103 -14.40 2.60 12.37
N LYS A 104 -13.61 3.16 11.50
CA LYS A 104 -13.09 4.54 11.76
C LYS A 104 -14.24 5.52 11.77
N LEU A 105 -15.22 5.32 10.92
CA LEU A 105 -16.38 6.23 10.87
C LEU A 105 -17.01 6.32 12.27
N LYS A 106 -17.26 5.19 12.88
CA LYS A 106 -17.85 5.21 14.24
C LYS A 106 -16.90 5.93 15.20
N GLN A 107 -15.61 5.75 15.04
CA GLN A 107 -14.64 6.42 15.94
C GLN A 107 -14.80 7.94 15.83
N LEU A 108 -15.01 8.44 14.64
CA LEU A 108 -15.18 9.91 14.49
C LEU A 108 -16.46 10.35 15.19
N LYS A 109 -17.49 9.55 15.10
CA LYS A 109 -18.77 9.91 15.76
C LYS A 109 -18.70 9.64 17.25
N ASP A 110 -18.33 8.45 17.64
CA ASP A 110 -18.25 8.12 19.08
C ASP A 110 -16.91 8.58 19.67
N GLY A 111 -15.91 8.73 18.84
CA GLY A 111 -14.58 9.15 19.36
C GLY A 111 -14.32 10.63 19.03
N PRO A 112 -13.47 11.27 19.79
CA PRO A 112 -13.12 12.71 19.59
C PRO A 112 -12.36 12.93 18.28
N TRP A 113 -12.44 14.10 17.72
CA TRP A 113 -11.72 14.37 16.46
C TRP A 113 -10.31 14.90 16.75
N ASP A 114 -9.31 14.29 16.20
CA ASP A 114 -7.92 14.76 16.43
C ASP A 114 -7.17 14.80 15.09
N VAL A 115 -6.06 15.47 15.03
CA VAL A 115 -5.30 15.55 13.75
C VAL A 115 -4.85 14.14 13.36
N MET A 116 -4.57 13.32 14.33
CA MET A 116 -4.11 11.94 14.02
C MET A 116 -5.20 11.21 13.22
N LEU A 117 -6.44 11.41 13.58
CA LEU A 117 -7.55 10.73 12.85
C LEU A 117 -7.57 11.23 11.41
N LYS A 118 -7.33 12.50 11.20
CA LYS A 118 -7.34 13.04 9.81
C LYS A 118 -6.29 12.32 8.99
N ARG A 119 -5.14 12.07 9.57
CA ARG A 119 -4.07 11.37 8.84
C ARG A 119 -4.53 9.97 8.46
N SER A 120 -5.25 9.33 9.36
CA SER A 120 -5.73 7.95 9.06
C SER A 120 -6.73 7.99 7.88
N LEU A 121 -7.53 9.01 7.81
CA LEU A 121 -8.51 9.10 6.69
C LEU A 121 -7.76 9.26 5.37
N TRP A 122 -6.72 10.06 5.35
CA TRP A 122 -5.95 10.24 4.09
C TRP A 122 -5.35 8.91 3.65
N CYS A 123 -4.87 8.14 4.57
CA CYS A 123 -4.28 6.81 4.21
C CYS A 123 -5.37 5.90 3.64
N CYS A 124 -6.53 5.91 4.24
CA CYS A 124 -7.64 5.03 3.72
C CYS A 124 -7.98 5.43 2.29
N ILE A 125 -8.16 6.71 2.04
CA ILE A 125 -8.49 7.14 0.67
C ILE A 125 -7.35 6.74 -0.27
N ASP A 126 -6.14 6.80 0.19
CA ASP A 126 -5.00 6.39 -0.67
C ASP A 126 -5.17 4.93 -1.07
N LEU A 127 -5.64 4.11 -0.17
CA LEU A 127 -5.84 2.67 -0.51
C LEU A 127 -6.87 2.56 -1.64
N PHE A 128 -7.94 3.31 -1.54
CA PHE A 128 -8.98 3.24 -2.61
C PHE A 128 -8.41 3.79 -3.93
N SER A 129 -7.71 4.88 -3.86
CA SER A 129 -7.14 5.49 -5.10
C SER A 129 -6.09 4.56 -5.71
N CYS A 130 -5.30 3.92 -4.89
CA CYS A 130 -4.24 3.02 -5.44
C CYS A 130 -4.86 1.81 -6.13
N ILE A 131 -5.77 1.13 -5.46
CA ILE A 131 -6.39 -0.07 -6.08
C ILE A 131 -7.37 0.35 -7.17
N LEU A 132 -8.10 1.41 -6.95
CA LEU A 132 -9.09 1.85 -7.97
C LEU A 132 -8.35 2.17 -9.27
N HIS A 133 -7.22 2.81 -9.20
CA HIS A 133 -6.47 3.16 -10.43
C HIS A 133 -5.90 1.90 -11.10
N LEU A 134 -5.24 1.06 -10.35
CA LEU A 134 -4.65 -0.16 -10.97
C LEU A 134 -5.75 -1.08 -11.54
N TRP A 135 -6.78 -1.32 -10.78
CA TRP A 135 -7.87 -2.20 -11.28
C TRP A 135 -8.91 -1.39 -12.05
N LYS A 136 -8.66 -0.12 -12.27
CA LYS A 136 -9.65 0.71 -13.01
C LYS A 136 -10.07 -0.01 -14.30
N GLU A 137 -9.15 -0.59 -15.00
CA GLU A 137 -9.50 -1.31 -16.26
C GLU A 137 -10.29 -2.58 -15.90
N ASN A 138 -10.16 -3.05 -14.71
CA ASN A 138 -10.89 -4.29 -14.30
C ASN A 138 -12.27 -3.93 -13.74
N ILE A 139 -12.57 -2.67 -13.59
CA ILE A 139 -13.91 -2.28 -13.06
C ILE A 139 -14.72 -1.59 -14.15
N SER A 140 -16.02 -1.76 -14.13
CA SER A 140 -16.87 -1.13 -15.17
C SER A 140 -17.06 0.36 -14.84
N GLU A 141 -17.32 1.16 -15.82
CA GLU A 141 -17.49 2.62 -15.57
C GLU A 141 -18.62 2.84 -14.55
N THR A 142 -19.70 2.11 -14.65
CA THR A 142 -20.80 2.30 -13.67
C THR A 142 -20.38 1.73 -12.32
N SER A 143 -19.76 0.58 -12.32
CA SER A 143 -19.32 -0.01 -11.02
C SER A 143 -18.37 0.96 -10.34
N THR A 144 -17.50 1.58 -11.10
CA THR A 144 -16.56 2.56 -10.50
C THR A 144 -17.36 3.75 -9.99
N ASN A 145 -18.38 4.14 -10.71
CA ASN A 145 -19.20 5.29 -10.27
C ASN A 145 -19.70 5.05 -8.84
N SER A 146 -20.18 3.87 -8.56
CA SER A 146 -20.66 3.58 -7.18
C SER A 146 -19.50 3.66 -6.20
N LEU A 147 -18.39 3.05 -6.54
CA LEU A 147 -17.21 3.09 -5.62
C LEU A 147 -16.71 4.53 -5.51
N GLN A 148 -16.70 5.25 -6.60
CA GLN A 148 -16.21 6.65 -6.55
C GLN A 148 -17.11 7.46 -5.62
N LYS A 149 -18.39 7.23 -5.65
CA LYS A 149 -19.30 7.97 -4.74
C LYS A 149 -18.98 7.64 -3.28
N ARG A 150 -18.64 6.41 -3.00
CA ARG A 150 -18.31 6.05 -1.59
C ARG A 150 -17.10 6.86 -1.14
N ILE A 151 -16.13 7.01 -2.01
CA ILE A 151 -14.93 7.81 -1.65
C ILE A 151 -15.35 9.24 -1.35
N LYS A 152 -16.25 9.77 -2.12
CA LYS A 152 -16.70 11.17 -1.90
C LYS A 152 -17.29 11.27 -0.49
N TYR A 153 -18.04 10.27 -0.08
CA TYR A 153 -18.64 10.30 1.29
C TYR A 153 -17.51 10.40 2.32
N CYS A 154 -16.47 9.64 2.15
CA CYS A 154 -15.34 9.70 3.12
C CYS A 154 -14.71 11.10 3.06
N LYS A 155 -14.41 11.56 1.88
CA LYS A 155 -13.80 12.92 1.74
C LYS A 155 -14.80 13.96 2.26
N ILE A 156 -16.08 13.74 2.07
CA ILE A 156 -17.09 14.71 2.55
C ILE A 156 -16.96 14.90 4.05
N TYR A 157 -16.88 13.83 4.79
CA TYR A 157 -16.74 13.98 6.26
C TYR A 157 -15.41 14.69 6.55
N LEU A 158 -14.39 14.34 5.82
CA LEU A 158 -13.07 14.98 6.01
C LEU A 158 -13.15 16.47 5.69
N SER A 159 -13.84 16.82 4.63
CA SER A 159 -13.96 18.26 4.26
C SER A 159 -14.73 19.01 5.34
N LYS A 160 -15.82 18.46 5.80
CA LYS A 160 -16.61 19.16 6.85
C LYS A 160 -15.75 19.29 8.10
N LEU A 161 -15.04 18.26 8.45
CA LEU A 161 -14.16 18.32 9.65
C LEU A 161 -13.03 19.32 9.40
N ALA A 162 -12.56 19.38 8.18
CA ALA A 162 -11.45 20.33 7.85
C ALA A 162 -11.91 21.76 8.13
N LYS A 163 -13.16 22.06 7.90
CA LYS A 163 -13.66 23.44 8.15
C LYS A 163 -13.96 23.58 9.64
N GLY A 164 -13.91 22.50 10.36
CA GLY A 164 -14.19 22.55 11.83
C GLY A 164 -15.67 22.28 12.09
N GLU A 165 -16.45 22.16 11.04
CA GLU A 165 -17.89 21.87 11.24
C GLU A 165 -18.15 20.37 11.11
N ILE A 166 -18.32 19.68 12.21
CA ILE A 166 -18.57 18.23 12.13
C ILE A 166 -19.61 17.81 13.16
N GLY A 167 -20.41 16.83 12.86
CA GLY A 167 -21.44 16.39 13.84
C GLY A 167 -22.68 15.88 13.09
N ASN B 1 30.93 14.76 -32.22
CA ASN B 1 31.13 15.95 -31.34
C ASN B 1 30.13 15.88 -30.18
N VAL B 2 30.61 15.88 -28.97
CA VAL B 2 29.69 15.83 -27.80
C VAL B 2 28.89 17.12 -27.72
N PRO B 3 27.72 17.08 -27.14
CA PRO B 3 26.84 18.28 -27.00
C PRO B 3 27.51 19.39 -26.19
N GLU B 4 27.27 20.62 -26.56
CA GLU B 4 27.90 21.75 -25.80
C GLU B 4 27.39 21.73 -24.36
N ILE B 5 26.16 21.33 -24.15
CA ILE B 5 25.60 21.28 -22.77
C ILE B 5 25.28 19.83 -22.40
N LYS B 6 25.61 19.43 -21.20
CA LYS B 6 25.33 18.04 -20.78
C LYS B 6 23.88 17.93 -20.31
N ALA B 7 23.22 16.86 -20.62
CA ALA B 7 21.80 16.70 -20.19
C ALA B 7 21.49 15.22 -19.93
N LYS B 8 20.50 14.94 -19.14
CA LYS B 8 20.14 13.53 -18.84
C LYS B 8 21.35 12.78 -18.27
N GLU B 9 22.08 13.43 -17.39
CA GLU B 9 23.27 12.75 -16.79
C GLU B 9 22.82 11.50 -16.03
N VAL B 10 23.60 10.46 -16.06
CA VAL B 10 23.22 9.22 -15.33
C VAL B 10 24.41 8.71 -14.52
N ASN B 11 24.15 8.17 -13.36
CA ASN B 11 25.26 7.66 -12.50
C ASN B 11 25.13 6.14 -12.35
N VAL B 12 26.20 5.48 -11.98
CA VAL B 12 26.14 4.00 -11.81
C VAL B 12 25.10 3.65 -10.75
N ASP B 13 25.04 4.41 -9.69
CA ASP B 13 24.04 4.11 -8.63
C ASP B 13 22.63 4.16 -9.23
N ASP B 14 22.42 5.02 -10.19
CA ASP B 14 21.08 5.13 -10.81
C ASP B 14 20.65 3.80 -11.43
N GLU B 15 21.50 3.17 -12.17
CA GLU B 15 21.12 1.88 -12.81
C GLU B 15 20.94 0.81 -11.73
N LYS B 16 21.77 0.79 -10.72
CA LYS B 16 21.59 -0.24 -9.66
C LYS B 16 20.18 -0.12 -9.07
N GLU B 17 19.73 1.08 -8.84
CA GLU B 17 18.36 1.27 -8.29
C GLU B 17 17.35 0.76 -9.30
N ASP B 18 17.59 0.98 -10.57
CA ASP B 18 16.65 0.50 -11.60
C ASP B 18 16.57 -1.03 -11.54
N LYS B 19 17.69 -1.67 -11.32
CA LYS B 19 17.68 -3.16 -11.24
C LYS B 19 16.78 -3.60 -10.10
N LEU B 20 16.88 -2.96 -8.97
CA LEU B 20 16.02 -3.34 -7.81
C LEU B 20 14.55 -3.16 -8.20
N ALA B 21 14.25 -2.11 -8.91
CA ALA B 21 12.84 -1.86 -9.32
C ALA B 21 12.38 -2.99 -10.24
N GLN B 22 13.22 -3.44 -11.13
CA GLN B 22 12.80 -4.53 -12.05
C GLN B 22 12.55 -5.81 -11.24
N ARG B 23 13.32 -6.04 -10.22
CA ARG B 23 13.12 -7.25 -9.39
C ARG B 23 11.71 -7.20 -8.79
N LEU B 24 11.31 -6.05 -8.30
CA LEU B 24 9.96 -5.92 -7.70
C LEU B 24 8.90 -6.18 -8.77
N ARG B 25 9.10 -5.66 -9.94
CA ARG B 25 8.10 -5.87 -11.02
C ARG B 25 7.92 -7.37 -11.24
N ALA B 26 8.97 -8.13 -11.14
CA ALA B 26 8.84 -9.60 -11.33
C ALA B 26 7.98 -10.16 -10.20
N LEU B 27 8.23 -9.72 -9.00
CA LEU B 27 7.40 -10.21 -7.85
C LEU B 27 5.97 -9.71 -8.02
N ARG B 28 5.81 -8.51 -8.51
CA ARG B 28 4.43 -7.95 -8.69
C ARG B 28 3.91 -8.36 -10.07
N GLY B 29 4.73 -8.96 -10.88
CA GLY B 29 4.29 -9.39 -12.23
C GLY B 29 3.23 -10.48 -12.10
#